data_7SFW
#
_entry.id   7SFW
#
_cell.length_a   1.00
_cell.length_b   1.00
_cell.length_c   1.00
_cell.angle_alpha   90.00
_cell.angle_beta   90.00
_cell.angle_gamma   90.00
#
_symmetry.space_group_name_H-M   'P 1'
#
loop_
_entity.id
_entity.type
_entity.pdbx_description
1 polymer 'Spike glycoprotein E1'
2 polymer 'Spike glycoprotein E2'
3 polymer 'Capsid protein'
4 polymer 'hVEEV-63 Fab heavy chain'
5 polymer 'hVEEV-63 Fab light chain'
6 non-polymer 2-acetamido-2-deoxy-beta-D-glucopyranose
#
loop_
_entity_poly.entity_id
_entity_poly.type
_entity_poly.pdbx_seq_one_letter_code
_entity_poly.pdbx_strand_id
1 'polypeptide(L)'
;YEHATTMPSQAGISYNTIVNRAGYAPLPISITPTKIKLIPTVNLEYVTCHYKTGMDSPAIKCCGSQECTPTYRPDEQCKV
FTGVYPFMWGGAYCFCDTENTQVSKAYVMKSDDCLADHAEAYKAHTASVQAFLNITVGEHSIVTTVYVNGETPVNFNGVK
ITAGPLSTAWTPFDRKIVQYAGEIYNYDFPEYGAGQPGAFGDIQSRTVSSSDLYANTNLVLQRPKAGAIHVPYTQAPSGF
EQWKKDKAPSLKFTAPFGCEIYTNPIRAENCAVGSIPLAFDIPDALFTRVSETPTLSAAECTLNECVYSSDFGGIATVKY
SASKSGKCAVHVPSGTATLKEAAVELTEQGSATIHFSTANIHPEFRLQICTSYVTCKGDCHPPKDHIVTHPQYHAQTFTA
AVSKTAWTWLTSLLGGSAVIIIIGLVLATIVAMYVLTNQKHN
;
A,D,G,J
2 'polypeptide(L)'
;STEELFNEYKLTRPYMARCIRCAVGSCHSPIAIEAVKSDGHDGYVRLQTSSQYGLDSSGNLKGRTMRYDMHGTIKEIPLH
QVSLYTSRPCHIVDGHGYFLLARCPAGDSITMEFKKDSVRHSCSVPYEVKFNPVGRELYTHPPEHGVEQACQVYAHDAQN
RGAYVEMHLPGSEVDSSLVSLSGSSVTVTPPDGTSALVECECGGTKISETINKTKQFSQCTKKEQCRAYRLQNDKWVYNS
DKLPKAAGATLKGKLHVPFLLADGKCTVPLAPEPMITFGFRSVSLKLHPKNPTYLITRQLADEPHYTHELISEPAVRNFT
VTEKGWEFVWGNHPPKRFWAQETAPGNPHGLPHEVITHYYHRYPMSTILGLSICAAIATVSVAASTWLFCRSRVACLTPY
RLTPNARIPFCLAVLCCARTARA
;
B,E,H,K
3 'polypeptide(L)'
;MFPFQPMYPMQPMPYRNPFAAPRRPWFPRTDPFLAMQVQELTRSMANLTFKQRRDAPPEGPSAKKPKKEASQKQKGGGQG
KKKKNQGKKKAKTGPPNPKAQNGNKKKTNKKPGKRQRMVMKLESDKTFPIMLEGKINGYACVVGGKLFRPMHVEGKIDND
VLAALKTKKASKYDLEYADVPQNMRADTFKYTHEKPQGYYSWHHGAVQYENGRFTVPKGVGAKGDSGRPILDNQGRVVAI
VLGGVNEGSRTALSVVMWNEKGVTVKYTPENCEQW
;
C,F,I,L
4 'polypeptide(L)'
;QVQLVQSGAEVKKPGASVKVSCKSSGYTFTNYIIHWVRQAPGQRLEWMGWINAGNGNTKYSQKFQGRISVTRDTSASAAY
MELSSLKSEDTALYYCATLQMDYGGNGDLDYWGQGTLVTVSS
;
M,O,Q,S
5 'polypeptide(L)'
;YELTQPPSVSVSPGQTARITCSGDALPKQYVYWYQQKPGQAPVLVIYKDSERPSGIPERFSGSSSGTTVTLTISGVQAED
DADYYCQAADSSNTEYVFGTGTKVTVL
;
N,P,R,T
#
# COMPACT_ATOMS: atom_id res chain seq x y z
N TYR A 1 -12.23 -17.41 -26.44
CA TYR A 1 -12.64 -18.79 -26.28
C TYR A 1 -11.64 -19.57 -25.43
N GLU A 2 -12.15 -20.32 -24.45
CA GLU A 2 -11.32 -21.12 -23.56
C GLU A 2 -11.48 -22.59 -23.92
N HIS A 3 -10.38 -23.22 -24.33
CA HIS A 3 -10.36 -24.63 -24.66
C HIS A 3 -9.48 -25.37 -23.66
N ALA A 4 -9.84 -26.61 -23.38
CA ALA A 4 -9.09 -27.44 -22.45
C ALA A 4 -8.90 -28.83 -23.03
N THR A 5 -7.72 -29.39 -22.82
CA THR A 5 -7.42 -30.74 -23.30
C THR A 5 -6.41 -31.37 -22.37
N THR A 6 -6.10 -32.64 -22.62
CA THR A 6 -5.16 -33.40 -21.80
C THR A 6 -4.28 -34.22 -22.73
N MET A 7 -3.03 -33.80 -22.88
CA MET A 7 -2.10 -34.48 -23.79
C MET A 7 -1.24 -35.46 -23.01
N PRO A 8 -1.19 -36.73 -23.38
CA PRO A 8 -0.31 -37.66 -22.67
C PRO A 8 1.15 -37.25 -22.79
N SER A 9 1.89 -37.44 -21.70
CA SER A 9 3.30 -37.06 -21.64
C SER A 9 4.12 -38.16 -22.32
N GLN A 10 4.28 -38.02 -23.64
CA GLN A 10 5.06 -38.96 -24.43
C GLN A 10 5.77 -38.17 -25.52
N ALA A 11 7.08 -38.04 -25.40
CA ALA A 11 7.85 -37.26 -26.36
C ALA A 11 7.90 -37.95 -27.72
N GLY A 12 7.86 -37.14 -28.78
CA GLY A 12 7.97 -37.64 -30.13
C GLY A 12 6.67 -38.03 -30.79
N ILE A 13 5.56 -38.01 -30.05
CA ILE A 13 4.25 -38.38 -30.58
C ILE A 13 3.38 -37.13 -30.59
N SER A 14 2.87 -36.78 -31.77
CA SER A 14 2.03 -35.59 -31.90
C SER A 14 0.68 -35.81 -31.24
N TYR A 15 0.04 -34.69 -30.91
CA TYR A 15 -1.31 -34.69 -30.36
C TYR A 15 -2.13 -33.67 -31.14
N ASN A 16 -3.09 -34.16 -31.92
CA ASN A 16 -3.91 -33.33 -32.79
C ASN A 16 -5.32 -33.27 -32.24
N THR A 17 -5.85 -32.05 -32.09
CA THR A 17 -7.21 -31.84 -31.66
C THR A 17 -7.83 -30.75 -32.51
N ILE A 18 -9.13 -30.54 -32.31
CA ILE A 18 -9.89 -29.58 -33.10
C ILE A 18 -10.80 -28.81 -32.16
N VAL A 19 -10.97 -27.52 -32.44
CA VAL A 19 -11.86 -26.64 -31.69
C VAL A 19 -13.02 -26.28 -32.61
N ASN A 20 -14.22 -26.70 -32.22
CA ASN A 20 -15.42 -26.48 -33.02
C ASN A 20 -16.30 -25.44 -32.32
N ARG A 21 -16.38 -24.25 -32.91
CA ARG A 21 -17.39 -23.30 -32.49
C ARG A 21 -18.75 -23.71 -33.03
N ALA A 22 -19.80 -23.10 -32.48
CA ALA A 22 -21.15 -23.48 -32.87
C ALA A 22 -21.41 -23.19 -34.34
N GLY A 23 -20.94 -22.05 -34.85
CA GLY A 23 -21.21 -21.68 -36.22
C GLY A 23 -20.01 -21.10 -36.95
N TYR A 24 -18.81 -21.59 -36.64
CA TYR A 24 -17.59 -21.07 -37.23
C TYR A 24 -16.70 -22.21 -37.67
N ALA A 25 -15.74 -21.88 -38.54
CA ALA A 25 -14.89 -22.91 -39.13
C ALA A 25 -14.06 -23.59 -38.04
N PRO A 26 -13.88 -24.91 -38.13
CA PRO A 26 -13.09 -25.61 -37.11
C PRO A 26 -11.65 -25.13 -37.09
N LEU A 27 -11.07 -25.13 -35.90
CA LEU A 27 -9.70 -24.67 -35.72
C LEU A 27 -8.80 -25.83 -35.33
N PRO A 28 -7.82 -26.20 -36.16
CA PRO A 28 -6.95 -27.33 -35.82
C PRO A 28 -5.83 -26.92 -34.87
N ILE A 29 -5.52 -27.79 -33.93
CA ILE A 29 -4.46 -27.57 -32.95
C ILE A 29 -3.57 -28.81 -32.93
N SER A 30 -2.26 -28.60 -32.94
CA SER A 30 -1.31 -29.72 -32.87
C SER A 30 -0.21 -29.37 -31.89
N ILE A 31 0.07 -30.29 -30.97
CA ILE A 31 1.14 -30.15 -29.99
C ILE A 31 2.10 -31.32 -30.18
N THR A 32 3.37 -31.02 -30.42
CA THR A 32 4.39 -32.05 -30.61
C THR A 32 5.46 -31.90 -29.54
N PRO A 33 5.47 -32.76 -28.52
CA PRO A 33 6.52 -32.70 -27.50
C PRO A 33 7.81 -33.33 -28.02
N THR A 34 8.84 -32.50 -28.15
CA THR A 34 10.15 -33.01 -28.55
C THR A 34 10.99 -33.45 -27.37
N LYS A 35 10.74 -32.90 -26.19
CA LYS A 35 11.49 -33.27 -24.99
C LYS A 35 10.72 -32.79 -23.77
N ILE A 36 10.61 -33.65 -22.76
CA ILE A 36 9.98 -33.32 -21.49
C ILE A 36 11.02 -33.52 -20.40
N LYS A 37 11.35 -32.46 -19.68
CA LYS A 37 12.43 -32.47 -18.70
C LYS A 37 11.87 -32.28 -17.30
N LEU A 38 12.32 -33.13 -16.37
CA LEU A 38 11.98 -33.06 -14.96
C LEU A 38 13.27 -32.75 -14.21
N ILE A 39 13.37 -31.53 -13.67
CA ILE A 39 14.60 -31.06 -13.04
C ILE A 39 14.36 -30.88 -11.54
N PRO A 40 14.85 -31.78 -10.69
CA PRO A 40 14.69 -31.59 -9.25
C PRO A 40 15.57 -30.45 -8.75
N THR A 41 15.14 -29.85 -7.64
CA THR A 41 15.90 -28.81 -6.98
C THR A 41 16.92 -29.48 -6.06
N VAL A 42 18.17 -29.50 -6.47
CA VAL A 42 19.23 -30.21 -5.75
C VAL A 42 20.14 -29.19 -5.10
N ASN A 43 20.48 -29.41 -3.84
CA ASN A 43 21.48 -28.62 -3.13
C ASN A 43 22.62 -29.53 -2.70
N LEU A 44 23.84 -29.04 -2.88
CA LEU A 44 25.01 -29.85 -2.60
C LEU A 44 25.19 -30.02 -1.09
N GLU A 45 25.41 -31.26 -0.67
CA GLU A 45 25.71 -31.54 0.74
C GLU A 45 27.21 -31.55 1.00
N TYR A 46 27.95 -32.38 0.26
CA TYR A 46 29.40 -32.42 0.36
C TYR A 46 29.95 -33.11 -0.88
N VAL A 47 31.27 -33.27 -0.90
CA VAL A 47 31.99 -33.89 -2.00
C VAL A 47 33.00 -34.88 -1.43
N THR A 48 33.10 -36.05 -2.06
CA THR A 48 33.94 -37.13 -1.57
C THR A 48 34.93 -37.54 -2.65
N CYS A 49 36.13 -37.93 -2.25
CA CYS A 49 37.13 -38.42 -3.17
C CYS A 49 38.07 -39.36 -2.42
N HIS A 50 39.00 -39.96 -3.15
CA HIS A 50 40.04 -40.76 -2.51
C HIS A 50 40.85 -39.88 -1.57
N TYR A 51 41.28 -40.43 -0.46
CA TYR A 51 42.06 -39.68 0.50
C TYR A 51 43.54 -40.03 0.38
N LYS A 52 44.38 -39.09 0.80
CA LYS A 52 45.82 -39.29 0.86
C LYS A 52 46.26 -39.13 2.31
N THR A 53 46.97 -40.13 2.82
CA THR A 53 47.44 -40.10 4.20
C THR A 53 48.79 -39.41 4.25
N GLY A 54 48.75 -38.08 4.19
CA GLY A 54 49.95 -37.29 4.31
C GLY A 54 50.44 -37.31 5.74
N MET A 55 51.64 -37.82 5.96
CA MET A 55 52.17 -38.02 7.30
C MET A 55 53.49 -37.27 7.44
N ASP A 56 53.64 -36.54 8.55
CA ASP A 56 54.83 -35.74 8.75
C ASP A 56 56.04 -36.63 9.01
N SER A 57 57.21 -36.04 8.82
CA SER A 57 58.46 -36.76 9.02
C SER A 57 58.61 -37.12 10.51
N PRO A 58 59.24 -38.27 10.80
CA PRO A 58 59.44 -38.68 12.19
C PRO A 58 60.51 -37.82 12.84
N ALA A 59 60.17 -37.18 13.96
CA ALA A 59 61.16 -36.40 14.70
C ALA A 59 61.81 -37.31 15.74
N ILE A 60 63.11 -37.53 15.59
CA ILE A 60 63.87 -38.40 16.48
C ILE A 60 64.69 -37.54 17.42
N LYS A 61 64.54 -37.78 18.72
CA LYS A 61 65.35 -37.14 19.74
C LYS A 61 66.21 -38.21 20.40
N CYS A 62 67.52 -37.97 20.42
CA CYS A 62 68.48 -38.89 21.00
C CYS A 62 68.67 -38.63 22.48
N CYS A 63 68.76 -39.71 23.25
CA CYS A 63 69.16 -39.68 24.65
C CYS A 63 68.18 -38.86 25.50
N GLY A 64 66.98 -38.61 24.99
CA GLY A 64 66.05 -37.72 25.66
C GLY A 64 64.59 -38.11 25.52
N SER A 65 63.69 -37.14 25.67
CA SER A 65 62.26 -37.40 25.61
C SER A 65 61.56 -36.27 24.86
N GLN A 66 60.39 -36.60 24.30
CA GLN A 66 59.62 -35.66 23.50
C GLN A 66 58.16 -35.70 23.93
N GLU A 67 57.43 -34.64 23.56
CA GLU A 67 56.01 -34.54 23.82
C GLU A 67 55.26 -34.29 22.52
N CYS A 68 53.97 -34.60 22.53
CA CYS A 68 53.13 -34.55 21.34
C CYS A 68 52.29 -33.28 21.32
N THR A 69 52.12 -32.70 20.14
CA THR A 69 51.29 -31.53 19.93
C THR A 69 50.13 -31.86 19.01
N PRO A 70 48.93 -31.29 19.24
CA PRO A 70 47.76 -31.67 18.43
C PRO A 70 47.86 -31.26 16.97
N THR A 71 48.12 -29.97 16.71
CA THR A 71 48.35 -29.39 15.39
C THR A 71 47.05 -29.30 14.57
N TYR A 72 45.97 -29.89 15.08
CA TYR A 72 44.61 -29.67 14.58
C TYR A 72 44.51 -29.91 13.06
N ARG A 73 44.73 -31.16 12.68
CA ARG A 73 44.59 -31.57 11.29
C ARG A 73 43.59 -32.72 11.19
N PRO A 74 42.94 -32.89 10.03
CA PRO A 74 41.85 -33.88 9.93
C PRO A 74 42.31 -35.29 10.27
N ASP A 75 41.66 -35.88 11.27
CA ASP A 75 41.93 -37.26 11.70
C ASP A 75 43.41 -37.46 12.00
N GLU A 76 44.03 -36.47 12.64
CA GLU A 76 45.44 -36.54 12.96
C GLU A 76 45.69 -37.42 14.17
N GLN A 77 46.70 -38.27 14.07
CA GLN A 77 47.15 -39.10 15.17
C GLN A 77 48.63 -38.87 15.37
N CYS A 78 49.02 -38.50 16.58
CA CYS A 78 50.41 -38.25 16.93
C CYS A 78 50.79 -39.18 18.07
N LYS A 79 51.95 -39.82 17.97
CA LYS A 79 52.38 -40.75 19.00
C LYS A 79 53.89 -40.77 19.09
N VAL A 80 54.40 -40.90 20.31
CA VAL A 80 55.84 -40.96 20.56
C VAL A 80 56.19 -42.35 21.04
N PHE A 81 57.21 -42.95 20.41
CA PHE A 81 57.69 -44.28 20.76
C PHE A 81 59.06 -44.15 21.40
N THR A 82 59.24 -44.81 22.54
CA THR A 82 60.48 -44.76 23.30
C THR A 82 61.23 -46.08 23.15
N GLY A 83 62.52 -45.99 22.89
CA GLY A 83 63.35 -47.16 22.73
C GLY A 83 63.72 -47.50 21.30
N VAL A 84 63.85 -46.51 20.43
CA VAL A 84 64.15 -46.75 19.02
C VAL A 84 65.66 -46.63 18.81
N TYR A 85 66.16 -47.36 17.82
CA TYR A 85 67.56 -47.31 17.41
C TYR A 85 67.61 -47.18 15.89
N PRO A 86 67.28 -46.01 15.36
CA PRO A 86 67.16 -45.85 13.90
C PRO A 86 68.49 -46.01 13.19
N PHE A 87 68.42 -46.47 11.95
CA PHE A 87 69.57 -46.67 11.09
C PHE A 87 69.37 -45.93 9.79
N MET A 88 70.39 -45.19 9.36
CA MET A 88 70.40 -44.55 8.05
C MET A 88 71.26 -45.38 7.10
N TRP A 89 71.49 -44.83 5.90
CA TRP A 89 72.45 -45.44 4.99
C TRP A 89 73.87 -45.29 5.51
N GLY A 90 74.14 -44.24 6.29
CA GLY A 90 75.47 -44.02 6.81
C GLY A 90 75.82 -44.82 8.06
N GLY A 91 74.85 -45.47 8.67
CA GLY A 91 75.07 -46.26 9.86
C GLY A 91 74.06 -45.92 10.92
N ALA A 92 74.40 -46.20 12.17
CA ALA A 92 73.51 -45.93 13.28
C ALA A 92 73.31 -44.43 13.44
N TYR A 93 72.04 -44.02 13.50
CA TYR A 93 71.72 -42.60 13.57
C TYR A 93 71.90 -42.04 14.98
N CYS A 94 71.79 -42.88 16.00
CA CYS A 94 71.73 -42.39 17.37
C CYS A 94 72.77 -43.10 18.23
N PHE A 95 73.26 -42.39 19.24
CA PHE A 95 74.38 -42.87 20.07
C PHE A 95 73.97 -43.30 21.47
N CYS A 96 72.67 -43.34 21.77
CA CYS A 96 72.16 -43.97 22.98
C CYS A 96 71.43 -45.25 22.62
N ASP A 97 71.78 -46.35 23.29
CA ASP A 97 71.15 -47.63 22.99
C ASP A 97 69.67 -47.60 23.30
N THR A 98 69.28 -46.92 24.38
CA THR A 98 67.88 -46.82 24.78
C THR A 98 67.48 -45.35 24.94
N GLU A 99 66.29 -45.12 25.51
CA GLU A 99 65.79 -43.79 25.85
C GLU A 99 65.88 -42.80 24.69
N ASN A 100 65.86 -43.31 23.47
CA ASN A 100 65.71 -42.48 22.28
C ASN A 100 64.24 -42.46 21.88
N THR A 101 63.71 -41.26 21.66
CA THR A 101 62.29 -41.13 21.33
C THR A 101 62.12 -40.79 19.86
N GLN A 102 61.01 -41.26 19.29
CA GLN A 102 60.64 -40.93 17.93
C GLN A 102 59.16 -40.57 17.92
N VAL A 103 58.84 -39.32 17.62
CA VAL A 103 57.46 -38.87 17.54
C VAL A 103 57.04 -38.86 16.07
N SER A 104 55.90 -39.49 15.80
CA SER A 104 55.38 -39.66 14.45
C SER A 104 53.96 -39.14 14.40
N LYS A 105 53.67 -38.40 13.32
CA LYS A 105 52.36 -37.82 13.07
C LYS A 105 51.78 -38.41 11.80
N ALA A 106 50.46 -38.52 11.75
CA ALA A 106 49.79 -39.02 10.55
C ALA A 106 48.42 -38.39 10.47
N TYR A 107 48.20 -37.56 9.45
CA TYR A 107 46.91 -36.97 9.16
C TYR A 107 46.46 -37.43 7.78
N VAL A 108 45.30 -36.94 7.35
CA VAL A 108 44.70 -37.33 6.09
C VAL A 108 44.11 -36.09 5.42
N MET A 109 44.31 -35.99 4.10
CA MET A 109 43.73 -34.91 3.32
C MET A 109 43.17 -35.49 2.02
N LYS A 110 42.55 -34.63 1.23
CA LYS A 110 42.05 -35.04 -0.08
C LYS A 110 43.21 -35.38 -1.00
N SER A 111 42.98 -36.32 -1.90
CA SER A 111 44.02 -36.73 -2.83
C SER A 111 44.31 -35.61 -3.82
N ASP A 112 45.43 -35.76 -4.53
CA ASP A 112 45.83 -34.75 -5.51
C ASP A 112 44.87 -34.69 -6.69
N ASP A 113 44.06 -35.72 -6.90
CA ASP A 113 43.15 -35.80 -8.03
C ASP A 113 41.71 -35.47 -7.65
N CYS A 114 41.47 -34.92 -6.46
CA CYS A 114 40.11 -34.63 -6.02
C CYS A 114 39.46 -33.53 -6.86
N LEU A 115 40.21 -32.80 -7.67
CA LEU A 115 39.63 -31.76 -8.50
C LEU A 115 38.91 -32.33 -9.72
N ALA A 116 39.16 -33.59 -10.06
CA ALA A 116 38.52 -34.24 -11.19
C ALA A 116 37.79 -35.52 -10.83
N ASP A 117 38.33 -36.32 -9.91
CA ASP A 117 37.74 -37.60 -9.52
C ASP A 117 37.07 -37.42 -8.16
N HIS A 118 35.82 -36.96 -8.18
CA HIS A 118 35.07 -36.78 -6.95
C HIS A 118 33.59 -37.03 -7.21
N ALA A 119 32.88 -37.40 -6.15
CA ALA A 119 31.45 -37.64 -6.20
C ALA A 119 30.75 -36.63 -5.31
N GLU A 120 29.72 -35.99 -5.83
CA GLU A 120 28.98 -34.96 -5.11
C GLU A 120 27.69 -35.55 -4.56
N ALA A 121 27.41 -35.26 -3.30
CA ALA A 121 26.20 -35.75 -2.64
C ALA A 121 25.16 -34.65 -2.63
N TYR A 122 24.03 -34.89 -3.28
CA TYR A 122 22.96 -33.92 -3.42
C TYR A 122 21.71 -34.38 -2.68
N LYS A 123 20.89 -33.42 -2.29
CA LYS A 123 19.55 -33.68 -1.79
C LYS A 123 18.54 -33.09 -2.76
N ALA A 124 17.60 -33.92 -3.21
CA ALA A 124 16.65 -33.53 -4.25
C ALA A 124 15.24 -33.45 -3.70
N HIS A 125 14.50 -32.43 -4.12
CA HIS A 125 13.11 -32.25 -3.72
C HIS A 125 12.45 -31.25 -4.67
N THR A 126 11.11 -31.26 -4.65
CA THR A 126 10.28 -30.31 -5.39
C THR A 126 10.72 -30.18 -6.84
N ALA A 127 10.58 -31.29 -7.56
CA ALA A 127 10.96 -31.34 -8.96
C ALA A 127 10.11 -30.40 -9.80
N SER A 128 10.73 -29.76 -10.78
CA SER A 128 10.05 -28.87 -11.71
C SER A 128 10.11 -29.46 -13.11
N VAL A 129 9.02 -29.32 -13.86
CA VAL A 129 8.86 -29.96 -15.16
C VAL A 129 8.89 -28.90 -16.24
N GLN A 130 9.63 -29.16 -17.32
CA GLN A 130 9.66 -28.32 -18.50
C GLN A 130 9.46 -29.20 -19.73
N ALA A 131 8.94 -28.59 -20.81
CA ALA A 131 8.64 -29.34 -22.01
C ALA A 131 8.97 -28.50 -23.24
N PHE A 132 9.68 -29.08 -24.19
CA PHE A 132 9.92 -28.44 -25.48
C PHE A 132 8.79 -28.81 -26.41
N LEU A 133 8.03 -27.82 -26.86
CA LEU A 133 6.81 -28.05 -27.61
C LEU A 133 6.88 -27.35 -28.96
N ASN A 134 6.47 -28.07 -30.00
CA ASN A 134 6.15 -27.49 -31.30
C ASN A 134 4.64 -27.38 -31.39
N ILE A 135 4.13 -26.16 -31.31
CA ILE A 135 2.69 -25.88 -31.28
C ILE A 135 2.27 -25.28 -32.60
N THR A 136 1.15 -25.73 -33.12
CA THR A 136 0.57 -25.17 -34.34
C THR A 136 -0.93 -25.00 -34.11
N VAL A 137 -1.37 -23.75 -34.00
CA VAL A 137 -2.78 -23.42 -33.81
C VAL A 137 -3.20 -22.52 -34.98
N GLY A 138 -4.09 -23.02 -35.83
CA GLY A 138 -4.63 -22.24 -36.92
C GLY A 138 -3.58 -21.69 -37.85
N GLU A 139 -2.64 -22.55 -38.26
CA GLU A 139 -1.51 -22.25 -39.13
C GLU A 139 -0.46 -21.38 -38.42
N HIS A 140 -0.74 -20.90 -37.21
CA HIS A 140 0.22 -20.12 -36.44
C HIS A 140 1.11 -21.09 -35.68
N SER A 141 2.40 -21.09 -35.99
CA SER A 141 3.33 -22.07 -35.45
C SER A 141 4.32 -21.42 -34.49
N ILE A 142 4.82 -22.23 -33.56
CA ILE A 142 5.83 -21.79 -32.59
C ILE A 142 6.57 -23.01 -32.10
N VAL A 143 7.84 -22.83 -31.75
CA VAL A 143 8.64 -23.85 -31.08
C VAL A 143 9.21 -23.20 -29.82
N THR A 144 8.83 -23.71 -28.66
CA THR A 144 9.17 -23.00 -27.43
C THR A 144 9.27 -23.97 -26.26
N THR A 145 9.97 -23.52 -25.22
CA THR A 145 10.07 -24.23 -23.97
C THR A 145 9.01 -23.71 -23.01
N VAL A 146 8.11 -24.58 -22.57
CA VAL A 146 7.02 -24.21 -21.68
C VAL A 146 7.26 -24.89 -20.33
N TYR A 147 7.12 -24.11 -19.27
CA TYR A 147 7.18 -24.66 -17.92
C TYR A 147 5.83 -25.30 -17.59
N VAL A 148 5.88 -26.53 -17.09
CA VAL A 148 4.69 -27.37 -17.04
C VAL A 148 3.98 -27.13 -15.72
N ASN A 149 4.34 -26.06 -15.02
CA ASN A 149 3.48 -25.56 -13.97
C ASN A 149 2.22 -24.97 -14.59
N GLY A 150 1.07 -25.27 -13.98
CA GLY A 150 -0.21 -24.95 -14.61
C GLY A 150 -0.47 -23.48 -14.82
N GLU A 151 0.44 -22.61 -14.40
CA GLU A 151 0.19 -21.18 -14.34
C GLU A 151 1.08 -20.34 -15.24
N THR A 152 2.28 -20.79 -15.59
CA THR A 152 3.14 -19.99 -16.48
C THR A 152 2.64 -20.06 -17.91
N PRO A 153 2.30 -18.94 -18.54
CA PRO A 153 1.76 -18.96 -19.90
C PRO A 153 2.81 -18.76 -20.97
N VAL A 154 2.57 -19.38 -22.12
CA VAL A 154 3.29 -19.08 -23.35
C VAL A 154 2.29 -18.47 -24.33
N ASN A 155 2.64 -17.32 -24.89
CA ASN A 155 1.70 -16.54 -25.68
C ASN A 155 2.29 -16.24 -27.06
N PHE A 156 1.45 -16.37 -28.08
CA PHE A 156 1.87 -16.08 -29.45
C PHE A 156 0.62 -15.82 -30.30
N ASN A 157 0.68 -14.77 -31.12
CA ASN A 157 -0.41 -14.38 -32.00
C ASN A 157 -1.72 -14.17 -31.24
N GLY A 158 -1.62 -13.69 -29.99
CA GLY A 158 -2.78 -13.47 -29.17
C GLY A 158 -3.29 -14.70 -28.46
N VAL A 159 -2.80 -15.88 -28.80
CA VAL A 159 -3.24 -17.13 -28.19
C VAL A 159 -2.35 -17.43 -27.00
N LYS A 160 -2.97 -17.77 -25.87
CA LYS A 160 -2.26 -18.13 -24.65
C LYS A 160 -2.39 -19.63 -24.40
N ILE A 161 -1.32 -20.25 -23.93
CA ILE A 161 -1.31 -21.67 -23.61
C ILE A 161 -0.66 -21.84 -22.25
N THR A 162 -1.36 -22.50 -21.33
CA THR A 162 -0.81 -22.87 -20.03
C THR A 162 -0.81 -24.39 -19.93
N ALA A 163 0.36 -24.97 -19.69
CA ALA A 163 0.52 -26.41 -19.62
C ALA A 163 0.64 -26.86 -18.18
N GLY A 164 0.25 -28.10 -17.93
CA GLY A 164 0.38 -28.69 -16.62
C GLY A 164 -0.67 -28.20 -15.64
N PRO A 165 -0.50 -28.51 -14.35
CA PRO A 165 0.64 -29.26 -13.81
C PRO A 165 0.56 -30.75 -14.12
N LEU A 166 1.72 -31.42 -14.13
CA LEU A 166 1.74 -32.84 -14.45
C LEU A 166 0.86 -33.61 -13.47
N SER A 167 0.09 -34.56 -13.99
CA SER A 167 -0.89 -35.26 -13.18
C SER A 167 -0.26 -36.06 -12.04
N THR A 168 1.02 -36.39 -12.15
CA THR A 168 1.71 -37.17 -11.13
C THR A 168 2.88 -36.36 -10.57
N ALA A 169 3.15 -36.58 -9.29
CA ALA A 169 4.30 -35.98 -8.62
C ALA A 169 5.48 -36.94 -8.53
N TRP A 170 5.42 -38.05 -9.25
CA TRP A 170 6.49 -39.04 -9.20
C TRP A 170 7.77 -38.48 -9.81
N THR A 171 8.89 -38.77 -9.16
CA THR A 171 10.21 -38.37 -9.66
C THR A 171 11.16 -39.56 -9.50
N PRO A 172 12.05 -39.78 -10.47
CA PRO A 172 12.96 -40.92 -10.37
C PRO A 172 13.97 -40.83 -9.24
N PHE A 173 14.23 -39.64 -8.73
CA PHE A 173 15.25 -39.44 -7.70
C PHE A 173 14.65 -39.57 -6.31
N ASP A 174 15.41 -40.17 -5.40
CA ASP A 174 15.05 -40.21 -3.99
C ASP A 174 15.44 -38.89 -3.36
N ARG A 175 15.34 -38.80 -2.03
CA ARG A 175 15.69 -37.57 -1.34
C ARG A 175 17.19 -37.32 -1.32
N LYS A 176 18.01 -38.36 -1.49
CA LYS A 176 19.46 -38.25 -1.52
C LYS A 176 19.99 -38.92 -2.76
N ILE A 177 20.83 -38.22 -3.52
CA ILE A 177 21.43 -38.77 -4.72
C ILE A 177 22.93 -38.50 -4.68
N VAL A 178 23.67 -39.29 -5.46
CA VAL A 178 25.12 -39.17 -5.55
C VAL A 178 25.49 -39.09 -7.02
N GLN A 179 26.10 -37.99 -7.42
CA GLN A 179 26.51 -37.77 -8.80
C GLN A 179 28.01 -38.01 -8.91
N TYR A 180 28.39 -38.99 -9.73
CA TYR A 180 29.79 -39.33 -9.95
C TYR A 180 30.00 -39.67 -11.40
N ALA A 181 31.05 -39.10 -12.00
CA ALA A 181 31.41 -39.34 -13.40
C ALA A 181 30.24 -39.00 -14.32
N GLY A 182 29.53 -37.92 -14.00
CA GLY A 182 28.40 -37.51 -14.82
C GLY A 182 27.32 -38.54 -14.91
N GLU A 183 26.99 -39.18 -13.78
CA GLU A 183 26.05 -40.30 -13.78
C GLU A 183 25.43 -40.40 -12.39
N ILE A 184 24.10 -40.30 -12.32
CA ILE A 184 23.41 -40.13 -11.05
C ILE A 184 23.16 -41.49 -10.41
N TYR A 185 23.53 -41.63 -9.15
CA TYR A 185 23.25 -42.83 -8.36
C TYR A 185 22.28 -42.49 -7.25
N ASN A 186 21.39 -43.42 -6.94
CA ASN A 186 20.36 -43.21 -5.93
C ASN A 186 20.86 -43.84 -4.62
N TYR A 187 21.70 -43.09 -3.93
CA TYR A 187 22.43 -43.58 -2.76
C TYR A 187 22.02 -42.81 -1.52
N ASP A 188 21.99 -43.50 -0.38
CA ASP A 188 21.66 -42.91 0.91
C ASP A 188 22.96 -42.60 1.65
N PHE A 189 23.61 -41.53 1.24
CA PHE A 189 24.92 -41.20 1.77
C PHE A 189 24.81 -40.72 3.22
N PRO A 190 25.88 -40.88 4.00
CA PRO A 190 25.86 -40.35 5.37
C PRO A 190 25.82 -38.83 5.37
N GLU A 191 25.23 -38.28 6.43
CA GLU A 191 25.20 -36.84 6.60
C GLU A 191 26.61 -36.29 6.82
N TYR A 192 26.77 -34.99 6.59
CA TYR A 192 28.06 -34.36 6.82
C TYR A 192 28.43 -34.44 8.29
N GLY A 193 29.68 -34.79 8.55
CA GLY A 193 30.13 -35.01 9.91
C GLY A 193 29.69 -36.32 10.52
N ALA A 194 29.15 -37.24 9.72
CA ALA A 194 28.71 -38.53 10.21
C ALA A 194 29.24 -39.68 9.35
N GLY A 195 30.31 -39.45 8.59
CA GLY A 195 30.88 -40.50 7.78
C GLY A 195 31.53 -41.59 8.62
N GLN A 196 31.64 -42.76 8.02
CA GLN A 196 32.22 -43.91 8.69
C GLN A 196 33.36 -44.49 7.86
N PRO A 197 34.37 -45.04 8.52
CA PRO A 197 35.52 -45.59 7.78
C PRO A 197 35.10 -46.75 6.88
N GLY A 198 35.76 -46.84 5.73
CA GLY A 198 35.53 -47.93 4.81
C GLY A 198 34.27 -47.84 3.98
N ALA A 199 33.53 -46.74 4.08
CA ALA A 199 32.28 -46.58 3.36
C ALA A 199 32.26 -45.21 2.69
N PHE A 200 31.25 -45.00 1.85
CA PHE A 200 31.13 -43.74 1.11
C PHE A 200 31.05 -42.56 2.08
N GLY A 201 31.82 -41.52 1.80
CA GLY A 201 31.82 -40.35 2.65
C GLY A 201 32.63 -40.48 3.91
N ASP A 202 33.66 -41.34 3.93
CA ASP A 202 34.54 -41.39 5.08
C ASP A 202 35.25 -40.07 5.29
N ILE A 203 35.70 -39.44 4.20
CA ILE A 203 36.16 -38.06 4.22
C ILE A 203 35.15 -37.22 3.46
N GLN A 204 34.80 -36.07 4.03
CA GLN A 204 33.78 -35.20 3.46
C GLN A 204 34.29 -33.76 3.45
N SER A 205 34.07 -33.08 2.34
CA SER A 205 34.37 -31.66 2.22
C SER A 205 33.12 -30.95 1.74
N ARG A 206 32.82 -29.79 2.34
CA ARG A 206 31.60 -29.07 1.99
C ARG A 206 31.60 -28.65 0.53
N THR A 207 32.77 -28.40 -0.05
CA THR A 207 32.89 -28.02 -1.44
C THR A 207 34.24 -28.51 -1.95
N VAL A 208 34.38 -28.54 -3.27
CA VAL A 208 35.62 -29.05 -3.88
C VAL A 208 36.82 -28.23 -3.41
N SER A 209 36.64 -26.91 -3.29
CA SER A 209 37.71 -26.01 -2.87
C SER A 209 37.59 -25.60 -1.41
N SER A 210 36.69 -26.21 -0.65
CA SER A 210 36.48 -25.81 0.74
C SER A 210 37.68 -26.18 1.60
N SER A 211 37.94 -25.35 2.60
CA SER A 211 39.08 -25.57 3.50
C SER A 211 38.79 -26.68 4.51
N ASP A 212 37.56 -26.75 5.01
CA ASP A 212 37.22 -27.76 6.00
C ASP A 212 37.19 -29.14 5.37
N LEU A 213 37.50 -30.16 6.19
CA LEU A 213 37.51 -31.54 5.70
C LEU A 213 37.27 -32.46 6.90
N TYR A 214 36.05 -32.98 7.02
CA TYR A 214 35.80 -34.05 7.96
C TYR A 214 36.45 -35.32 7.46
N ALA A 215 37.06 -36.08 8.37
CA ALA A 215 37.75 -37.31 7.99
C ALA A 215 37.67 -38.31 9.13
N ASN A 216 37.07 -39.47 8.85
CA ASN A 216 36.95 -40.55 9.84
C ASN A 216 37.34 -41.84 9.11
N THR A 217 38.63 -42.16 9.12
CA THR A 217 39.16 -43.29 8.37
C THR A 217 39.78 -44.35 9.27
N ASN A 218 39.52 -44.30 10.57
CA ASN A 218 40.01 -45.30 11.52
C ASN A 218 41.54 -45.41 11.46
N LEU A 219 42.20 -44.25 11.49
CA LEU A 219 43.65 -44.20 11.40
C LEU A 219 44.29 -44.41 12.76
N VAL A 220 45.21 -45.37 12.85
CA VAL A 220 45.99 -45.61 14.05
C VAL A 220 47.46 -45.72 13.66
N LEU A 221 48.32 -45.62 14.66
CA LEU A 221 49.76 -45.65 14.46
C LEU A 221 50.36 -46.89 15.11
N GLN A 222 51.33 -47.49 14.44
CA GLN A 222 52.01 -48.68 14.92
C GLN A 222 53.46 -48.37 15.24
N ARG A 223 54.05 -49.21 16.09
CA ARG A 223 55.44 -49.01 16.48
C ARG A 223 56.36 -49.23 15.28
N PRO A 224 57.34 -48.37 15.05
CA PRO A 224 58.24 -48.56 13.92
C PRO A 224 59.07 -49.84 14.09
N LYS A 225 59.37 -50.47 12.95
CA LYS A 225 60.25 -51.63 12.97
C LYS A 225 61.62 -51.22 13.49
N ALA A 226 62.22 -52.10 14.29
CA ALA A 226 63.50 -51.79 14.91
C ALA A 226 64.55 -51.51 13.84
N GLY A 227 65.30 -50.42 14.03
CA GLY A 227 66.29 -50.01 13.05
C GLY A 227 65.71 -49.53 11.74
N ALA A 228 64.62 -48.76 11.78
CA ALA A 228 64.01 -48.24 10.58
C ALA A 228 63.34 -46.91 10.89
N ILE A 229 63.42 -45.98 9.94
CA ILE A 229 62.81 -44.67 10.08
C ILE A 229 61.62 -44.63 9.13
N HIS A 230 60.41 -44.76 9.68
CA HIS A 230 59.19 -44.69 8.91
C HIS A 230 58.03 -44.56 9.89
N VAL A 231 56.86 -44.23 9.36
CA VAL A 231 55.64 -44.07 10.15
C VAL A 231 54.66 -45.16 9.72
N PRO A 232 54.61 -46.27 10.44
CA PRO A 232 53.65 -47.33 10.10
C PRO A 232 52.27 -46.98 10.60
N TYR A 233 51.26 -47.16 9.75
CA TYR A 233 49.89 -46.86 10.09
C TYR A 233 49.00 -47.95 9.49
N THR A 234 47.86 -48.18 10.14
CA THR A 234 46.87 -49.12 9.63
C THR A 234 45.50 -48.46 9.74
N GLN A 235 44.93 -48.08 8.60
CA GLN A 235 43.59 -47.49 8.55
C GLN A 235 42.74 -48.25 7.54
N ALA A 236 41.43 -48.11 7.69
CA ALA A 236 40.51 -48.78 6.80
C ALA A 236 40.70 -48.25 5.38
N PRO A 237 40.62 -49.10 4.36
CA PRO A 237 40.81 -48.65 2.98
C PRO A 237 39.81 -47.57 2.60
N SER A 238 40.07 -46.96 1.45
CA SER A 238 39.26 -45.82 1.01
C SER A 238 37.81 -46.23 0.85
N GLY A 239 36.91 -45.41 1.39
CA GLY A 239 35.50 -45.68 1.24
C GLY A 239 34.98 -45.34 -0.14
N PHE A 240 35.62 -44.38 -0.82
CA PHE A 240 35.22 -44.04 -2.18
C PHE A 240 35.52 -45.18 -3.14
N GLU A 241 36.71 -45.76 -3.03
CA GLU A 241 37.06 -46.89 -3.89
C GLU A 241 36.19 -48.11 -3.58
N GLN A 242 35.89 -48.33 -2.30
CA GLN A 242 35.01 -49.44 -1.95
C GLN A 242 33.60 -49.22 -2.50
N TRP A 243 33.10 -47.98 -2.45
CA TRP A 243 31.80 -47.69 -3.04
C TRP A 243 31.82 -47.90 -4.54
N LYS A 244 32.90 -47.49 -5.20
CA LYS A 244 32.98 -47.67 -6.64
C LYS A 244 33.12 -49.14 -7.02
N LYS A 245 33.71 -49.96 -6.16
CA LYS A 245 33.81 -51.39 -6.45
C LYS A 245 32.44 -52.04 -6.51
N ASP A 246 31.47 -51.52 -5.78
CA ASP A 246 30.11 -52.06 -5.78
C ASP A 246 29.10 -50.94 -5.53
N LYS A 247 28.48 -50.46 -6.61
CA LYS A 247 27.55 -49.34 -6.50
C LYS A 247 26.25 -49.55 -7.26
N ALA A 248 26.07 -50.69 -7.94
CA ALA A 248 24.88 -51.03 -8.70
C ALA A 248 24.71 -50.12 -9.90
N PRO A 249 23.94 -50.51 -10.92
CA PRO A 249 23.75 -49.62 -12.07
C PRO A 249 23.07 -48.33 -11.66
N SER A 250 23.42 -47.26 -12.37
CA SER A 250 22.89 -45.94 -12.08
C SER A 250 21.43 -45.83 -12.52
N LEU A 251 20.86 -44.64 -12.35
CA LEU A 251 19.49 -44.40 -12.77
C LEU A 251 19.33 -44.38 -14.28
N LYS A 252 20.42 -44.33 -15.04
CA LYS A 252 20.30 -44.50 -16.49
C LYS A 252 19.70 -45.85 -16.84
N PHE A 253 19.95 -46.85 -16.00
CA PHE A 253 19.56 -48.22 -16.28
C PHE A 253 18.52 -48.77 -15.33
N THR A 254 18.17 -48.03 -14.27
CA THR A 254 17.23 -48.51 -13.27
C THR A 254 16.01 -47.63 -13.07
N ALA A 255 15.98 -46.43 -13.66
CA ALA A 255 14.85 -45.54 -13.44
C ALA A 255 13.59 -46.10 -14.09
N PRO A 256 12.45 -46.05 -13.41
CA PRO A 256 11.20 -46.53 -14.01
C PRO A 256 10.75 -45.61 -15.12
N PHE A 257 9.81 -46.12 -15.93
CA PHE A 257 9.19 -45.42 -17.05
C PHE A 257 10.18 -45.11 -18.16
N GLY A 258 11.37 -45.70 -18.14
CA GLY A 258 12.35 -45.44 -19.18
C GLY A 258 12.83 -44.01 -19.22
N CYS A 259 13.06 -43.41 -18.05
CA CYS A 259 13.60 -42.06 -18.01
C CYS A 259 15.05 -42.04 -18.43
N GLU A 260 15.45 -40.99 -19.14
CA GLU A 260 16.86 -40.77 -19.43
C GLU A 260 17.43 -39.80 -18.40
N ILE A 261 18.53 -40.18 -17.77
CA ILE A 261 19.07 -39.42 -16.65
C ILE A 261 20.30 -38.66 -17.15
N TYR A 262 20.27 -37.33 -17.00
CA TYR A 262 21.34 -36.47 -17.49
C TYR A 262 21.83 -35.57 -16.36
N THR A 263 23.04 -35.06 -16.53
CA THR A 263 23.71 -34.24 -15.53
C THR A 263 24.01 -32.87 -16.11
N ASN A 264 24.12 -31.88 -15.22
CA ASN A 264 24.42 -30.49 -15.56
C ASN A 264 23.37 -29.90 -16.50
N PRO A 265 22.15 -29.63 -16.01
CA PRO A 265 21.69 -29.89 -14.65
C PRO A 265 21.18 -31.31 -14.46
N ILE A 266 21.14 -31.79 -13.22
CA ILE A 266 20.61 -33.11 -12.95
C ILE A 266 19.14 -33.13 -13.34
N ARG A 267 18.79 -33.95 -14.33
CA ARG A 267 17.43 -33.96 -14.83
C ARG A 267 17.08 -35.34 -15.38
N ALA A 268 15.78 -35.59 -15.49
CA ALA A 268 15.24 -36.76 -16.16
C ALA A 268 14.50 -36.30 -17.41
N GLU A 269 14.52 -37.15 -18.44
CA GLU A 269 13.95 -36.78 -19.72
C GLU A 269 13.11 -37.92 -20.26
N ASN A 270 12.01 -37.53 -20.92
CA ASN A 270 11.14 -38.48 -21.62
C ASN A 270 10.61 -39.56 -20.69
N CYS A 271 10.18 -39.16 -19.50
CA CYS A 271 9.52 -40.07 -18.57
C CYS A 271 8.07 -40.24 -19.02
N ALA A 272 7.71 -41.46 -19.42
CA ALA A 272 6.38 -41.72 -19.96
C ALA A 272 5.40 -42.04 -18.82
N VAL A 273 5.18 -41.06 -17.97
CA VAL A 273 4.26 -41.17 -16.85
C VAL A 273 3.41 -39.90 -16.79
N GLY A 274 2.12 -40.08 -16.55
CA GLY A 274 1.21 -38.96 -16.38
C GLY A 274 0.86 -38.28 -17.69
N SER A 275 0.04 -37.24 -17.56
CA SER A 275 -0.40 -36.45 -18.71
C SER A 275 -0.38 -34.98 -18.34
N ILE A 276 -0.17 -34.14 -19.34
CA ILE A 276 -0.09 -32.69 -19.16
C ILE A 276 -1.45 -32.11 -19.55
N PRO A 277 -2.17 -31.45 -18.64
CA PRO A 277 -3.41 -30.76 -19.00
C PRO A 277 -3.09 -29.41 -19.64
N LEU A 278 -3.51 -29.24 -20.89
CA LEU A 278 -3.28 -28.02 -21.65
C LEU A 278 -4.52 -27.14 -21.60
N ALA A 279 -4.31 -25.84 -21.41
CA ALA A 279 -5.38 -24.86 -21.43
C ALA A 279 -5.06 -23.80 -22.48
N PHE A 280 -5.91 -23.70 -23.49
CA PHE A 280 -5.78 -22.72 -24.56
C PHE A 280 -6.75 -21.58 -24.34
N ASP A 281 -6.30 -20.36 -24.62
CA ASP A 281 -7.15 -19.19 -24.70
C ASP A 281 -6.94 -18.60 -26.09
N ILE A 282 -7.94 -18.78 -26.95
CA ILE A 282 -7.90 -18.32 -28.33
C ILE A 282 -8.78 -17.08 -28.43
N PRO A 283 -8.24 -15.94 -28.87
CA PRO A 283 -9.09 -14.76 -29.07
C PRO A 283 -10.11 -15.01 -30.18
N ASP A 284 -11.24 -14.30 -30.09
CA ASP A 284 -12.32 -14.51 -31.04
C ASP A 284 -11.93 -14.16 -32.46
N ALA A 285 -10.84 -13.40 -32.64
CA ALA A 285 -10.46 -12.96 -33.98
C ALA A 285 -10.00 -14.14 -34.85
N LEU A 286 -9.45 -15.19 -34.24
CA LEU A 286 -8.93 -16.30 -35.02
C LEU A 286 -10.01 -17.19 -35.61
N PHE A 287 -11.24 -17.08 -35.11
CA PHE A 287 -12.34 -17.93 -35.60
C PHE A 287 -12.98 -17.25 -36.80
N THR A 288 -12.70 -17.77 -37.99
CA THR A 288 -13.21 -17.19 -39.23
C THR A 288 -14.63 -17.69 -39.48
N ARG A 289 -15.19 -17.34 -40.63
CA ARG A 289 -16.55 -17.70 -40.98
C ARG A 289 -16.58 -19.05 -41.68
N VAL A 290 -17.76 -19.68 -41.66
CA VAL A 290 -17.92 -20.99 -42.28
C VAL A 290 -17.81 -20.88 -43.80
N SER A 291 -18.34 -19.81 -44.38
CA SER A 291 -18.33 -19.67 -45.83
C SER A 291 -16.92 -19.57 -46.37
N GLU A 292 -16.00 -18.96 -45.62
CA GLU A 292 -14.63 -18.80 -46.10
C GLU A 292 -13.93 -20.16 -46.23
N THR A 293 -14.12 -21.05 -45.26
CA THR A 293 -13.54 -22.38 -45.36
C THR A 293 -14.36 -23.24 -46.32
N PRO A 294 -13.74 -24.25 -46.93
CA PRO A 294 -14.53 -25.17 -47.78
C PRO A 294 -15.61 -25.87 -46.98
N THR A 295 -16.77 -26.04 -47.62
CA THR A 295 -17.90 -26.74 -47.03
C THR A 295 -18.12 -28.04 -47.79
N LEU A 296 -18.21 -29.14 -47.04
CA LEU A 296 -18.25 -30.46 -47.64
C LEU A 296 -19.68 -30.94 -47.83
N SER A 297 -19.92 -31.61 -48.96
CA SER A 297 -21.22 -32.20 -49.25
C SER A 297 -21.01 -33.52 -50.00
N ALA A 298 -21.81 -34.52 -49.66
CA ALA A 298 -21.81 -35.83 -50.31
C ALA A 298 -20.42 -36.48 -50.22
N ALA A 299 -20.05 -36.79 -48.98
CA ALA A 299 -18.79 -37.47 -48.68
C ALA A 299 -19.06 -38.80 -48.00
N GLU A 300 -18.29 -39.82 -48.38
CA GLU A 300 -18.41 -41.15 -47.79
C GLU A 300 -17.03 -41.71 -47.51
N CYS A 301 -16.92 -42.50 -46.44
CA CYS A 301 -15.65 -43.09 -46.02
C CYS A 301 -15.58 -44.55 -46.43
N THR A 302 -14.47 -44.93 -47.06
CA THR A 302 -14.23 -46.32 -47.45
C THR A 302 -12.89 -46.73 -46.87
N LEU A 303 -12.89 -47.82 -46.09
CA LEU A 303 -11.68 -48.32 -45.45
C LEU A 303 -11.03 -49.33 -46.40
N ASN A 304 -9.99 -48.88 -47.11
CA ASN A 304 -9.33 -49.76 -48.07
C ASN A 304 -8.74 -50.98 -47.39
N GLU A 305 -7.94 -50.77 -46.35
CA GLU A 305 -7.42 -51.86 -45.55
C GLU A 305 -7.05 -51.32 -44.18
N CYS A 306 -7.22 -52.14 -43.17
CA CYS A 306 -6.87 -51.78 -41.80
C CYS A 306 -6.05 -52.90 -41.17
N VAL A 307 -4.93 -52.54 -40.57
CA VAL A 307 -4.13 -53.43 -39.75
C VAL A 307 -3.83 -52.72 -38.45
N TYR A 308 -4.27 -53.29 -37.33
CA TYR A 308 -4.21 -52.59 -36.05
C TYR A 308 -2.83 -52.78 -35.42
N SER A 309 -1.84 -52.16 -36.07
CA SER A 309 -0.47 -52.17 -35.59
C SER A 309 -0.23 -50.94 -34.72
N SER A 310 0.98 -50.85 -34.15
CA SER A 310 1.32 -49.70 -33.33
C SER A 310 1.37 -48.43 -34.16
N ASP A 311 1.96 -48.50 -35.35
CA ASP A 311 2.09 -47.33 -36.21
C ASP A 311 0.78 -47.06 -36.95
N PHE A 312 0.82 -46.15 -37.91
CA PHE A 312 -0.35 -45.80 -38.72
C PHE A 312 -0.53 -46.88 -39.78
N GLY A 313 -1.22 -47.95 -39.41
CA GLY A 313 -1.44 -49.07 -40.32
C GLY A 313 -2.73 -49.03 -41.10
N GLY A 314 -3.65 -48.15 -40.75
CA GLY A 314 -4.93 -48.05 -41.43
C GLY A 314 -4.94 -46.88 -42.40
N ILE A 315 -5.64 -47.07 -43.52
CA ILE A 315 -5.79 -46.04 -44.55
C ILE A 315 -7.25 -46.00 -44.97
N ALA A 316 -7.75 -44.80 -45.23
CA ALA A 316 -9.13 -44.61 -45.63
C ALA A 316 -9.19 -43.61 -46.77
N THR A 317 -10.23 -43.73 -47.60
CA THR A 317 -10.47 -42.81 -48.70
C THR A 317 -11.87 -42.23 -48.57
N VAL A 318 -11.97 -40.91 -48.63
CA VAL A 318 -13.24 -40.21 -48.50
C VAL A 318 -13.60 -39.64 -49.87
N LYS A 319 -14.73 -40.09 -50.40
CA LYS A 319 -15.31 -39.54 -51.62
C LYS A 319 -16.03 -38.25 -51.26
N TYR A 320 -15.53 -37.11 -51.76
CA TYR A 320 -16.00 -35.81 -51.36
C TYR A 320 -16.30 -34.93 -52.57
N SER A 321 -17.28 -34.05 -52.41
CA SER A 321 -17.66 -33.04 -53.39
C SER A 321 -17.75 -31.71 -52.64
N ALA A 322 -16.62 -31.02 -52.53
CA ALA A 322 -16.56 -29.80 -51.72
C ALA A 322 -17.03 -28.59 -52.51
N SER A 323 -17.34 -27.52 -51.78
CA SER A 323 -17.75 -26.28 -52.41
C SER A 323 -16.58 -25.58 -53.10
N LYS A 324 -15.37 -25.70 -52.56
CA LYS A 324 -14.20 -25.09 -53.15
C LYS A 324 -12.96 -25.79 -52.62
N SER A 325 -11.82 -25.47 -53.22
CA SER A 325 -10.55 -26.05 -52.83
C SER A 325 -9.99 -25.33 -51.59
N GLY A 326 -8.95 -25.92 -51.00
CA GLY A 326 -8.29 -25.32 -49.87
C GLY A 326 -7.96 -26.30 -48.76
N LYS A 327 -7.38 -25.78 -47.67
CA LYS A 327 -7.09 -26.63 -46.53
C LYS A 327 -8.37 -26.99 -45.78
N CYS A 328 -8.42 -28.21 -45.26
CA CYS A 328 -9.58 -28.67 -44.51
C CYS A 328 -9.11 -29.51 -43.33
N ALA A 329 -9.69 -29.25 -42.16
CA ALA A 329 -9.31 -29.98 -40.97
C ALA A 329 -10.04 -31.32 -40.88
N VAL A 330 -9.32 -32.34 -40.46
CA VAL A 330 -9.88 -33.67 -40.25
C VAL A 330 -9.57 -34.10 -38.82
N HIS A 331 -10.51 -34.82 -38.22
CA HIS A 331 -10.37 -35.22 -36.83
C HIS A 331 -11.20 -36.47 -36.58
N VAL A 332 -10.94 -37.12 -35.45
CA VAL A 332 -11.75 -38.22 -34.97
C VAL A 332 -12.13 -37.95 -33.52
N PRO A 333 -13.34 -37.44 -33.25
CA PRO A 333 -13.71 -37.14 -31.86
C PRO A 333 -13.63 -38.33 -30.93
N SER A 334 -13.96 -39.52 -31.42
CA SER A 334 -13.85 -40.72 -30.59
C SER A 334 -12.39 -41.10 -30.38
N GLY A 335 -12.17 -41.97 -29.40
CA GLY A 335 -10.82 -42.42 -29.10
C GLY A 335 -10.46 -43.73 -29.77
N THR A 336 -11.24 -44.12 -30.78
CA THR A 336 -11.05 -45.39 -31.46
C THR A 336 -10.09 -45.31 -32.63
N ALA A 337 -9.61 -44.11 -32.99
CA ALA A 337 -8.66 -43.98 -34.08
C ALA A 337 -7.95 -42.64 -33.94
N THR A 338 -6.71 -42.60 -34.39
CA THR A 338 -5.90 -41.38 -34.38
C THR A 338 -5.34 -41.15 -35.76
N LEU A 339 -5.67 -40.02 -36.37
CA LEU A 339 -5.19 -39.70 -37.71
C LEU A 339 -3.74 -39.24 -37.66
N LYS A 340 -3.00 -39.56 -38.71
CA LYS A 340 -1.63 -39.07 -38.83
C LYS A 340 -1.59 -37.56 -38.98
N GLU A 341 -2.48 -37.00 -39.79
CA GLU A 341 -2.50 -35.58 -40.10
C GLU A 341 -3.80 -34.95 -39.63
N ALA A 342 -3.73 -33.69 -39.25
CA ALA A 342 -4.88 -32.93 -38.81
C ALA A 342 -5.42 -32.00 -39.89
N ALA A 343 -4.89 -32.09 -41.11
CA ALA A 343 -5.35 -31.25 -42.21
C ALA A 343 -5.08 -31.95 -43.52
N VAL A 344 -5.82 -31.54 -44.55
CA VAL A 344 -5.70 -32.14 -45.88
C VAL A 344 -6.12 -31.12 -46.92
N GLU A 345 -5.43 -31.12 -48.05
CA GLU A 345 -5.86 -30.31 -49.18
C GLU A 345 -7.12 -30.91 -49.80
N LEU A 346 -8.05 -30.05 -50.21
CA LEU A 346 -9.34 -30.49 -50.68
C LEU A 346 -9.68 -29.78 -51.98
N THR A 347 -10.14 -30.54 -52.96
CA THR A 347 -10.54 -29.99 -54.25
C THR A 347 -12.07 -29.92 -54.34
N GLU A 348 -12.56 -29.51 -55.50
CA GLU A 348 -14.01 -29.41 -55.70
C GLU A 348 -14.65 -30.80 -55.71
N GLN A 349 -13.99 -31.78 -56.32
CA GLN A 349 -14.54 -33.11 -56.46
C GLN A 349 -13.40 -34.11 -56.44
N GLY A 350 -13.55 -35.19 -55.68
CA GLY A 350 -12.52 -36.21 -55.73
C GLY A 350 -12.56 -37.12 -54.52
N SER A 351 -11.39 -37.67 -54.19
CA SER A 351 -11.23 -38.56 -53.06
C SER A 351 -9.98 -38.16 -52.28
N ALA A 352 -10.09 -38.16 -50.97
CA ALA A 352 -9.01 -37.77 -50.07
C ALA A 352 -8.52 -38.97 -49.29
N THR A 353 -7.20 -39.12 -49.20
CA THR A 353 -6.57 -40.24 -48.52
C THR A 353 -6.16 -39.81 -47.12
N ILE A 354 -6.53 -40.61 -46.11
CA ILE A 354 -6.28 -40.30 -44.71
C ILE A 354 -5.65 -41.51 -44.05
N HIS A 355 -4.51 -41.31 -43.40
CA HIS A 355 -3.82 -42.36 -42.67
C HIS A 355 -4.16 -42.26 -41.19
N PHE A 356 -4.42 -43.41 -40.56
CA PHE A 356 -4.82 -43.44 -39.17
C PHE A 356 -4.36 -44.73 -38.53
N SER A 357 -4.30 -44.72 -37.20
CA SER A 357 -3.94 -45.88 -36.41
C SER A 357 -5.06 -46.19 -35.43
N THR A 358 -5.35 -47.48 -35.28
CA THR A 358 -6.45 -47.91 -34.42
C THR A 358 -6.09 -49.24 -33.78
N ALA A 359 -6.77 -49.54 -32.67
CA ALA A 359 -6.61 -50.80 -31.96
C ALA A 359 -7.84 -51.68 -32.07
N ASN A 360 -8.82 -51.29 -32.87
CA ASN A 360 -10.06 -52.03 -33.02
C ASN A 360 -9.92 -53.09 -34.10
N ILE A 361 -10.52 -54.26 -33.86
CA ILE A 361 -10.65 -55.23 -34.93
C ILE A 361 -11.68 -54.75 -35.96
N HIS A 362 -12.77 -54.18 -35.48
CA HIS A 362 -13.82 -53.62 -36.36
C HIS A 362 -14.00 -52.15 -36.03
N PRO A 363 -13.42 -51.23 -36.80
CA PRO A 363 -13.54 -49.80 -36.46
C PRO A 363 -14.92 -49.27 -36.79
N GLU A 364 -15.49 -48.52 -35.86
CA GLU A 364 -16.70 -47.73 -36.08
C GLU A 364 -16.40 -46.33 -35.58
N PHE A 365 -15.81 -45.49 -36.41
CA PHE A 365 -15.38 -44.18 -35.93
C PHE A 365 -16.00 -43.05 -36.76
N ARG A 366 -16.39 -41.99 -36.06
CA ARG A 366 -17.15 -40.89 -36.63
C ARG A 366 -16.17 -39.80 -37.05
N LEU A 367 -15.58 -39.99 -38.23
CA LEU A 367 -14.59 -39.05 -38.73
C LEU A 367 -15.26 -37.71 -39.02
N GLN A 368 -14.54 -36.62 -38.76
CA GLN A 368 -15.03 -35.28 -39.03
C GLN A 368 -14.12 -34.60 -40.04
N ILE A 369 -14.74 -34.00 -41.06
CA ILE A 369 -14.08 -33.27 -42.12
C ILE A 369 -14.64 -31.86 -42.03
N CYS A 370 -14.38 -31.02 -43.04
CA CYS A 370 -14.55 -29.57 -42.93
C CYS A 370 -15.72 -29.17 -42.04
N THR A 371 -16.91 -29.68 -42.33
CA THR A 371 -18.04 -29.55 -41.41
C THR A 371 -18.84 -30.83 -41.24
N SER A 372 -18.82 -31.74 -42.20
CA SER A 372 -19.64 -32.94 -42.15
C SER A 372 -19.03 -33.99 -41.23
N TYR A 373 -19.87 -34.95 -40.84
CA TYR A 373 -19.47 -36.07 -39.98
C TYR A 373 -19.77 -37.35 -40.74
N VAL A 374 -18.73 -38.08 -41.13
CA VAL A 374 -18.88 -39.31 -41.90
C VAL A 374 -18.52 -40.49 -41.01
N THR A 375 -19.41 -41.47 -40.94
CA THR A 375 -19.15 -42.69 -40.19
C THR A 375 -18.31 -43.62 -41.04
N CYS A 376 -17.22 -44.13 -40.48
CA CYS A 376 -16.30 -44.98 -41.20
C CYS A 376 -16.22 -46.32 -40.48
N LYS A 377 -16.33 -47.41 -41.26
CA LYS A 377 -16.43 -48.76 -40.74
C LYS A 377 -15.38 -49.65 -41.37
N GLY A 378 -15.46 -50.95 -41.15
CA GLY A 378 -14.59 -51.89 -41.81
C GLY A 378 -14.11 -52.95 -40.84
N ASP A 379 -13.06 -53.67 -41.25
CA ASP A 379 -12.43 -54.71 -40.46
C ASP A 379 -10.93 -54.55 -40.48
N CYS A 380 -10.27 -55.05 -39.44
CA CYS A 380 -8.83 -54.98 -39.34
C CYS A 380 -8.24 -56.37 -39.14
N HIS A 381 -6.96 -56.49 -39.46
CA HIS A 381 -6.24 -57.75 -39.41
C HIS A 381 -4.97 -57.59 -38.58
N PRO A 382 -4.50 -58.66 -37.94
CA PRO A 382 -3.33 -58.53 -37.08
C PRO A 382 -2.10 -58.15 -37.88
N PRO A 383 -1.17 -57.42 -37.28
CA PRO A 383 0.05 -57.04 -38.00
C PRO A 383 0.99 -58.23 -38.19
N LYS A 384 1.97 -58.03 -39.06
CA LYS A 384 2.86 -59.10 -39.49
C LYS A 384 4.17 -59.16 -38.71
N ASP A 385 4.36 -58.29 -37.73
CA ASP A 385 5.58 -58.28 -36.91
C ASP A 385 5.21 -58.35 -35.43
N HIS A 386 5.89 -59.24 -34.71
CA HIS A 386 5.55 -59.45 -33.30
C HIS A 386 6.01 -58.30 -32.42
N ILE A 387 7.22 -57.80 -32.67
CA ILE A 387 7.85 -56.80 -31.82
C ILE A 387 8.30 -55.64 -32.70
N VAL A 388 8.00 -54.41 -32.26
CA VAL A 388 8.40 -53.22 -33.00
C VAL A 388 9.35 -52.39 -32.14
N THR A 389 9.83 -51.28 -32.70
CA THR A 389 10.81 -50.43 -32.03
C THR A 389 10.28 -49.04 -31.72
N HIS A 390 8.97 -48.82 -31.84
CA HIS A 390 8.37 -47.52 -31.59
C HIS A 390 7.16 -47.67 -30.68
N PRO A 391 6.84 -46.66 -29.89
CA PRO A 391 5.72 -46.78 -28.96
C PRO A 391 4.39 -46.79 -29.69
N GLN A 392 3.34 -47.14 -28.93
CA GLN A 392 2.00 -47.20 -29.48
C GLN A 392 1.50 -45.80 -29.81
N TYR A 393 0.88 -45.67 -31.00
CA TYR A 393 0.43 -44.38 -31.49
C TYR A 393 -1.05 -44.11 -31.18
N HIS A 394 -1.71 -44.99 -30.44
CA HIS A 394 -3.12 -44.82 -30.14
C HIS A 394 -3.37 -45.25 -28.69
N ALA A 395 -4.63 -45.19 -28.30
CA ALA A 395 -5.08 -45.64 -26.98
C ALA A 395 -6.14 -46.71 -27.15
N GLN A 396 -6.03 -47.78 -26.38
CA GLN A 396 -6.95 -48.91 -26.48
C GLN A 396 -8.00 -48.86 -25.38
N THR A 397 -9.06 -49.64 -25.58
CA THR A 397 -10.15 -49.75 -24.63
C THR A 397 -10.37 -51.23 -24.30
N PHE A 398 -11.07 -51.47 -23.19
CA PHE A 398 -11.30 -52.85 -22.76
C PHE A 398 -12.17 -53.62 -23.74
N THR A 399 -13.01 -52.94 -24.52
CA THR A 399 -13.88 -53.57 -25.50
C THR A 399 -13.37 -53.36 -26.93
N ALA A 400 -12.11 -52.99 -27.08
CA ALA A 400 -11.58 -52.70 -28.41
C ALA A 400 -11.34 -53.97 -29.20
N ALA A 401 -10.83 -55.02 -28.55
CA ALA A 401 -10.38 -56.22 -29.24
C ALA A 401 -11.45 -57.30 -29.31
N VAL A 402 -12.68 -57.01 -28.89
CA VAL A 402 -13.76 -57.98 -28.99
C VAL A 402 -14.33 -57.92 -30.40
N SER A 403 -14.13 -58.99 -31.16
CA SER A 403 -14.61 -59.07 -32.52
C SER A 403 -16.08 -59.49 -32.56
N LYS A 404 -16.69 -59.33 -33.73
CA LYS A 404 -18.10 -59.70 -33.91
C LYS A 404 -18.33 -61.15 -33.55
N THR A 405 -17.31 -62.00 -33.78
CA THR A 405 -17.36 -63.38 -33.34
C THR A 405 -17.51 -63.49 -31.82
N ALA A 406 -16.67 -62.76 -31.08
CA ALA A 406 -16.79 -62.78 -29.64
C ALA A 406 -18.12 -62.18 -29.20
N TRP A 407 -18.59 -61.15 -29.90
CA TRP A 407 -19.90 -60.58 -29.56
C TRP A 407 -21.02 -61.59 -29.76
N THR A 408 -20.96 -62.38 -30.84
CA THR A 408 -22.02 -63.35 -31.09
C THR A 408 -22.02 -64.46 -30.05
N TRP A 409 -20.86 -65.10 -29.84
CA TRP A 409 -20.78 -66.12 -28.78
C TRP A 409 -20.73 -65.55 -27.36
N LEU A 410 -20.86 -64.25 -27.16
CA LEU A 410 -21.15 -63.73 -25.83
C LEU A 410 -22.61 -63.34 -25.65
N THR A 411 -23.24 -62.80 -26.70
CA THR A 411 -24.64 -62.39 -26.61
C THR A 411 -25.57 -63.60 -26.66
N SER A 412 -25.27 -64.58 -27.52
CA SER A 412 -26.14 -65.74 -27.63
C SER A 412 -26.18 -66.53 -26.32
N LEU A 413 -25.04 -66.66 -25.65
CA LEU A 413 -25.01 -67.39 -24.39
C LEU A 413 -25.68 -66.59 -23.27
N LEU A 414 -25.39 -65.30 -23.17
CA LEU A 414 -26.01 -64.47 -22.16
C LEU A 414 -27.47 -64.18 -22.50
N GLY A 415 -27.76 -63.89 -23.77
CA GLY A 415 -29.15 -63.70 -24.17
C GLY A 415 -29.96 -64.97 -24.03
N GLY A 416 -29.41 -66.10 -24.47
CA GLY A 416 -30.07 -67.37 -24.27
C GLY A 416 -30.26 -67.71 -22.81
N SER A 417 -29.34 -67.26 -21.95
CA SER A 417 -29.52 -67.43 -20.52
C SER A 417 -30.76 -66.70 -20.02
N ALA A 418 -31.00 -65.49 -20.53
CA ALA A 418 -32.17 -64.73 -20.12
C ALA A 418 -33.46 -65.24 -20.78
N VAL A 419 -33.37 -65.69 -22.02
CA VAL A 419 -34.56 -66.11 -22.75
C VAL A 419 -35.21 -67.32 -22.08
N ILE A 420 -34.41 -68.30 -21.68
CA ILE A 420 -34.96 -69.48 -21.03
C ILE A 420 -35.57 -69.12 -19.69
N ILE A 421 -34.94 -68.19 -18.96
CA ILE A 421 -35.51 -67.74 -17.69
C ILE A 421 -36.85 -67.06 -17.90
N ILE A 422 -36.95 -66.21 -18.92
CA ILE A 422 -38.21 -65.53 -19.20
C ILE A 422 -39.28 -66.55 -19.60
N ILE A 423 -38.89 -67.56 -20.37
CA ILE A 423 -39.83 -68.62 -20.74
C ILE A 423 -40.32 -69.36 -19.49
N GLY A 424 -39.40 -69.64 -18.56
CA GLY A 424 -39.80 -70.32 -17.33
C GLY A 424 -40.76 -69.50 -16.50
N LEU A 425 -40.47 -68.20 -16.34
CA LEU A 425 -41.38 -67.34 -15.59
C LEU A 425 -42.75 -67.24 -16.28
N VAL A 426 -42.76 -67.12 -17.60
CA VAL A 426 -44.03 -67.05 -18.32
C VAL A 426 -44.84 -68.33 -18.13
N LEU A 427 -44.18 -69.48 -18.23
CA LEU A 427 -44.87 -70.75 -18.02
C LEU A 427 -45.41 -70.86 -16.60
N ALA A 428 -44.61 -70.44 -15.61
CA ALA A 428 -45.06 -70.49 -14.23
C ALA A 428 -46.28 -69.62 -14.01
N THR A 429 -46.26 -68.40 -14.55
CA THR A 429 -47.42 -67.51 -14.42
C THR A 429 -48.64 -68.09 -15.11
N ILE A 430 -48.46 -68.66 -16.30
CA ILE A 430 -49.59 -69.21 -17.04
C ILE A 430 -50.22 -70.36 -16.28
N VAL A 431 -49.39 -71.28 -15.76
CA VAL A 431 -49.96 -72.42 -15.05
C VAL A 431 -50.56 -71.99 -13.71
N ALA A 432 -49.99 -70.97 -13.07
CA ALA A 432 -50.61 -70.46 -11.85
C ALA A 432 -51.99 -69.88 -12.12
N MET A 433 -52.11 -69.08 -13.18
CA MET A 433 -53.42 -68.55 -13.56
C MET A 433 -54.39 -69.68 -13.88
N TYR A 434 -53.90 -70.72 -14.58
CA TYR A 434 -54.76 -71.85 -14.90
C TYR A 434 -55.23 -72.55 -13.63
N VAL A 435 -54.34 -72.70 -12.64
CA VAL A 435 -54.71 -73.35 -11.40
C VAL A 435 -55.76 -72.54 -10.65
N LEU A 436 -55.57 -71.22 -10.55
CA LEU A 436 -56.60 -70.40 -9.91
C LEU A 436 -57.93 -70.43 -10.66
N THR A 437 -57.88 -70.49 -11.99
CA THR A 437 -59.13 -70.65 -12.74
C THR A 437 -59.76 -72.02 -12.51
N ASN A 438 -58.97 -73.04 -12.15
CA ASN A 438 -59.55 -74.33 -11.82
C ASN A 438 -60.37 -74.31 -10.54
N GLN A 439 -60.21 -73.28 -9.71
CA GLN A 439 -60.89 -73.21 -8.42
C GLN A 439 -62.36 -72.91 -8.64
N LYS A 440 -63.12 -73.97 -8.93
CA LYS A 440 -64.55 -73.89 -9.18
C LYS A 440 -64.89 -72.92 -10.30
N SER B 1 57.79 -26.15 -21.73
CA SER B 1 58.23 -26.46 -20.37
C SER B 1 59.11 -25.34 -19.82
N THR B 2 60.23 -25.10 -20.49
CA THR B 2 61.23 -24.14 -20.04
C THR B 2 61.61 -24.42 -18.60
N GLU B 3 61.84 -23.36 -17.81
CA GLU B 3 62.10 -23.51 -16.39
C GLU B 3 60.88 -23.14 -15.55
N GLU B 4 59.79 -22.73 -16.18
CA GLU B 4 58.60 -22.35 -15.42
C GLU B 4 58.06 -23.52 -14.62
N LEU B 5 58.06 -24.73 -15.20
CA LEU B 5 57.60 -25.90 -14.48
C LEU B 5 58.61 -26.33 -13.42
N PHE B 6 59.89 -26.11 -13.67
CA PHE B 6 60.96 -26.60 -12.80
C PHE B 6 61.44 -25.57 -11.79
N ASN B 7 60.77 -24.41 -11.68
CA ASN B 7 61.20 -23.39 -10.73
C ASN B 7 61.45 -23.97 -9.34
N GLU B 8 60.43 -24.58 -8.75
CA GLU B 8 60.58 -25.10 -7.39
C GLU B 8 61.39 -26.39 -7.38
N TYR B 9 61.29 -27.20 -8.43
CA TYR B 9 61.99 -28.48 -8.44
C TYR B 9 63.49 -28.33 -8.53
N LYS B 10 63.98 -27.22 -9.09
CA LYS B 10 65.42 -26.99 -9.12
C LYS B 10 65.99 -26.80 -7.72
N LEU B 11 65.15 -26.40 -6.77
CA LEU B 11 65.59 -26.18 -5.40
C LEU B 11 65.54 -27.44 -4.54
N THR B 12 65.18 -28.57 -5.12
CA THR B 12 65.01 -29.81 -4.36
C THR B 12 66.12 -30.80 -4.68
N ARG B 13 66.25 -31.80 -3.81
CA ARG B 13 67.29 -32.80 -3.87
C ARG B 13 66.69 -34.21 -3.79
N PRO B 14 67.13 -35.13 -4.63
CA PRO B 14 66.78 -36.54 -4.43
C PRO B 14 67.32 -37.04 -3.10
N TYR B 15 66.60 -37.97 -2.50
CA TYR B 15 66.99 -38.54 -1.22
C TYR B 15 67.02 -40.06 -1.29
N MET B 16 67.62 -40.66 -0.28
CA MET B 16 67.68 -42.11 -0.12
C MET B 16 66.72 -42.53 0.98
N ALA B 17 65.87 -43.50 0.69
CA ALA B 17 64.85 -43.92 1.64
C ALA B 17 64.80 -45.43 1.70
N ARG B 18 64.28 -45.95 2.81
CA ARG B 18 64.30 -47.38 3.04
C ARG B 18 63.37 -48.11 2.08
N CYS B 19 63.89 -49.17 1.46
CA CYS B 19 63.09 -50.08 0.65
C CYS B 19 63.09 -51.44 1.30
N ILE B 20 61.89 -51.97 1.54
CA ILE B 20 61.73 -53.21 2.29
C ILE B 20 62.20 -54.41 1.47
N ARG B 21 61.90 -54.41 0.18
CA ARG B 21 62.27 -55.52 -0.70
C ARG B 21 63.31 -55.00 -1.68
N CYS B 22 64.58 -55.11 -1.28
CA CYS B 22 65.71 -54.66 -2.06
C CYS B 22 66.21 -55.80 -2.96
N ALA B 23 67.38 -55.60 -3.56
CA ALA B 23 67.95 -56.65 -4.40
C ALA B 23 68.39 -57.86 -3.59
N VAL B 24 68.87 -57.63 -2.36
CA VAL B 24 69.45 -58.71 -1.57
C VAL B 24 68.82 -58.72 -0.18
N GLY B 25 67.79 -57.90 0.02
CA GLY B 25 67.15 -57.82 1.31
C GLY B 25 66.36 -56.54 1.52
N SER B 26 66.66 -55.83 2.61
CA SER B 26 66.09 -54.51 2.88
C SER B 26 67.22 -53.49 2.83
N CYS B 27 67.06 -52.47 2.00
CA CYS B 27 68.13 -51.52 1.76
C CYS B 27 67.67 -50.11 2.08
N HIS B 28 68.60 -49.17 1.95
CA HIS B 28 68.28 -47.75 1.83
C HIS B 28 68.50 -47.40 0.37
N SER B 29 67.45 -47.48 -0.42
CA SER B 29 67.55 -47.35 -1.86
C SER B 29 67.43 -45.89 -2.28
N PRO B 30 68.07 -45.53 -3.39
CA PRO B 30 67.90 -44.20 -3.97
C PRO B 30 66.65 -44.07 -4.84
N ILE B 31 65.93 -45.17 -5.07
CA ILE B 31 64.77 -45.17 -5.95
C ILE B 31 63.55 -45.63 -5.16
N ALA B 32 63.50 -45.32 -3.87
CA ALA B 32 62.42 -45.79 -3.03
C ALA B 32 61.10 -45.18 -3.44
N ILE B 33 60.10 -46.04 -3.63
CA ILE B 33 58.74 -45.63 -4.03
C ILE B 33 57.91 -45.50 -2.77
N GLU B 34 57.18 -44.39 -2.63
CA GLU B 34 56.29 -44.27 -1.48
C GLU B 34 54.87 -43.84 -1.85
N ALA B 35 54.51 -43.89 -3.13
CA ALA B 35 53.14 -43.63 -3.54
C ALA B 35 52.96 -44.15 -4.95
N VAL B 36 51.91 -44.96 -5.16
CA VAL B 36 51.57 -45.51 -6.47
C VAL B 36 50.08 -45.26 -6.66
N LYS B 37 49.74 -44.17 -7.34
CA LYS B 37 48.34 -43.84 -7.60
C LYS B 37 47.93 -44.44 -8.93
N SER B 38 47.03 -45.41 -8.89
CA SER B 38 46.58 -46.13 -10.07
C SER B 38 45.07 -45.98 -10.26
N ASP B 39 44.56 -44.77 -10.04
CA ASP B 39 43.15 -44.49 -10.24
C ASP B 39 42.80 -44.16 -11.68
N GLY B 40 43.80 -44.04 -12.56
CA GLY B 40 43.52 -43.85 -13.96
C GLY B 40 42.98 -45.11 -14.59
N HIS B 41 42.41 -44.96 -15.79
CA HIS B 41 41.65 -46.06 -16.37
C HIS B 41 42.55 -47.07 -17.07
N ASP B 42 43.24 -46.66 -18.14
CA ASP B 42 43.92 -47.62 -19.00
C ASP B 42 45.33 -47.96 -18.50
N GLY B 43 45.43 -48.37 -17.25
CA GLY B 43 46.70 -48.86 -16.73
C GLY B 43 47.76 -47.82 -16.48
N TYR B 44 47.41 -46.54 -16.53
CA TYR B 44 48.39 -45.49 -16.29
C TYR B 44 48.54 -45.24 -14.80
N VAL B 45 49.78 -45.16 -14.33
CA VAL B 45 50.10 -44.98 -12.92
C VAL B 45 51.01 -43.77 -12.77
N ARG B 46 50.79 -43.00 -11.72
CA ARG B 46 51.65 -41.87 -11.35
C ARG B 46 52.42 -42.28 -10.12
N LEU B 47 53.53 -42.97 -10.33
CA LEU B 47 54.36 -43.45 -9.24
C LEU B 47 55.16 -42.30 -8.65
N GLN B 48 55.18 -42.19 -7.32
CA GLN B 48 55.90 -41.12 -6.65
C GLN B 48 57.04 -41.74 -5.86
N THR B 49 58.26 -41.34 -6.18
CA THR B 49 59.47 -41.99 -5.70
C THR B 49 60.43 -40.95 -5.13
N SER B 50 61.50 -41.43 -4.53
CA SER B 50 62.49 -40.56 -3.90
C SER B 50 63.33 -39.84 -4.94
N SER B 51 63.70 -40.52 -6.02
CA SER B 51 64.53 -39.92 -7.06
C SER B 51 63.78 -38.81 -7.76
N GLN B 52 64.50 -38.08 -8.62
CA GLN B 52 63.92 -36.99 -9.38
C GLN B 52 64.23 -37.15 -10.86
N TYR B 53 63.40 -36.55 -11.70
CA TYR B 53 63.45 -36.75 -13.14
C TYR B 53 63.43 -35.41 -13.85
N GLY B 54 64.21 -35.31 -14.93
CA GLY B 54 64.11 -34.16 -15.81
C GLY B 54 65.29 -33.22 -15.80
N LEU B 55 66.32 -33.53 -15.02
CA LEU B 55 67.48 -32.66 -14.92
C LEU B 55 68.67 -33.46 -14.40
N ASP B 56 69.86 -32.91 -14.61
CA ASP B 56 71.10 -33.62 -14.30
C ASP B 56 71.54 -33.33 -12.87
N SER B 57 72.76 -33.74 -12.53
CA SER B 57 73.28 -33.48 -11.20
C SER B 57 73.45 -31.98 -10.95
N SER B 58 73.94 -31.25 -11.95
CA SER B 58 74.23 -29.83 -11.81
C SER B 58 73.01 -28.95 -12.02
N GLY B 59 71.81 -29.51 -11.95
CA GLY B 59 70.60 -28.71 -12.05
C GLY B 59 70.36 -28.05 -13.39
N ASN B 60 70.60 -28.76 -14.49
CA ASN B 60 70.30 -28.28 -15.82
C ASN B 60 69.31 -29.22 -16.48
N LEU B 61 68.37 -28.65 -17.23
CA LEU B 61 67.29 -29.45 -17.80
C LEU B 61 67.84 -30.51 -18.76
N LYS B 62 67.25 -31.70 -18.69
CA LYS B 62 67.55 -32.78 -19.61
C LYS B 62 66.25 -33.51 -19.92
N GLY B 63 66.11 -33.95 -21.16
CA GLY B 63 64.80 -34.40 -21.64
C GLY B 63 64.32 -35.68 -20.98
N ARG B 64 65.14 -36.72 -21.03
CA ARG B 64 64.72 -38.07 -20.65
C ARG B 64 65.72 -38.69 -19.69
N THR B 65 66.07 -37.96 -18.64
CA THR B 65 67.09 -38.40 -17.70
C THR B 65 66.46 -38.74 -16.35
N MET B 66 67.30 -39.13 -15.40
CA MET B 66 66.88 -39.46 -14.05
C MET B 66 68.01 -39.09 -13.09
N ARG B 67 67.66 -38.38 -12.02
CA ARG B 67 68.61 -37.92 -11.03
C ARG B 67 68.35 -38.63 -9.71
N TYR B 68 69.40 -39.20 -9.12
CA TYR B 68 69.29 -39.89 -7.85
C TYR B 68 70.57 -39.70 -7.08
N ASP B 69 70.50 -39.81 -5.75
CA ASP B 69 71.71 -39.65 -4.95
C ASP B 69 72.16 -40.99 -4.36
N MET B 70 73.48 -41.15 -4.26
CA MET B 70 74.10 -42.29 -3.61
C MET B 70 75.01 -41.75 -2.51
N HIS B 71 74.62 -41.99 -1.26
CA HIS B 71 75.41 -41.61 -0.10
C HIS B 71 75.80 -40.13 -0.14
N GLY B 72 74.85 -39.29 -0.57
CA GLY B 72 75.05 -37.87 -0.61
C GLY B 72 75.58 -37.32 -1.91
N THR B 73 76.06 -38.17 -2.82
CA THR B 73 76.59 -37.73 -4.09
C THR B 73 75.52 -37.87 -5.16
N ILE B 74 75.18 -36.76 -5.81
CA ILE B 74 74.14 -36.75 -6.84
C ILE B 74 74.70 -37.37 -8.12
N LYS B 75 73.95 -38.30 -8.71
CA LYS B 75 74.33 -39.01 -9.90
C LYS B 75 73.15 -39.04 -10.86
N GLU B 76 73.43 -39.42 -12.11
CA GLU B 76 72.49 -39.33 -13.21
C GLU B 76 72.51 -40.63 -14.00
N ILE B 77 71.36 -40.97 -14.59
CA ILE B 77 71.29 -42.04 -15.57
C ILE B 77 70.14 -41.78 -16.54
N PRO B 78 70.28 -42.10 -17.82
CA PRO B 78 69.15 -41.92 -18.75
C PRO B 78 67.96 -42.77 -18.34
N LEU B 79 66.76 -42.25 -18.63
CA LEU B 79 65.53 -42.89 -18.20
C LEU B 79 65.32 -44.25 -18.87
N HIS B 80 65.97 -44.51 -20.00
CA HIS B 80 65.78 -45.77 -20.69
C HIS B 80 66.51 -46.93 -20.04
N GLN B 81 67.37 -46.67 -19.04
CA GLN B 81 68.08 -47.73 -18.35
C GLN B 81 67.30 -48.26 -17.15
N VAL B 82 66.57 -47.40 -16.45
CA VAL B 82 65.74 -47.82 -15.33
C VAL B 82 64.43 -48.40 -15.87
N SER B 83 63.91 -49.43 -15.20
CA SER B 83 62.71 -50.09 -15.68
C SER B 83 61.89 -50.57 -14.49
N LEU B 84 60.65 -50.12 -14.39
CA LEU B 84 59.74 -50.62 -13.38
C LEU B 84 58.83 -51.67 -14.01
N TYR B 85 58.30 -52.55 -13.17
CA TYR B 85 57.39 -53.58 -13.66
C TYR B 85 56.51 -54.10 -12.53
N THR B 86 55.69 -55.08 -12.90
CA THR B 86 54.63 -55.72 -12.12
C THR B 86 54.59 -57.17 -12.60
N SER B 87 53.45 -57.82 -12.42
CA SER B 87 53.20 -59.12 -13.05
C SER B 87 53.78 -59.19 -14.46
N ARG B 88 53.58 -58.13 -15.24
CA ARG B 88 54.19 -57.97 -16.55
C ARG B 88 54.96 -56.66 -16.60
N PRO B 89 55.95 -56.55 -17.50
CA PRO B 89 56.74 -55.31 -17.56
C PRO B 89 55.90 -54.09 -17.90
N CYS B 90 56.32 -52.95 -17.36
CA CYS B 90 55.69 -51.67 -17.62
C CYS B 90 56.47 -50.89 -18.67
N HIS B 91 55.92 -49.74 -19.05
CA HIS B 91 56.53 -48.86 -20.03
C HIS B 91 56.44 -47.43 -19.53
N ILE B 92 57.61 -46.81 -19.27
CA ILE B 92 57.64 -45.45 -18.76
C ILE B 92 57.18 -44.49 -19.85
N VAL B 93 56.25 -43.61 -19.50
CA VAL B 93 55.79 -42.57 -20.40
C VAL B 93 56.57 -41.28 -20.20
N ASP B 94 56.71 -40.83 -18.96
CA ASP B 94 57.39 -39.56 -18.71
C ASP B 94 57.83 -39.50 -17.25
N GLY B 95 58.69 -38.54 -16.95
CA GLY B 95 59.09 -38.27 -15.59
C GLY B 95 59.23 -36.79 -15.33
N HIS B 96 58.77 -36.32 -14.17
CA HIS B 96 58.85 -34.90 -13.83
C HIS B 96 58.88 -34.77 -12.32
N GLY B 97 59.85 -34.02 -11.81
CA GLY B 97 60.02 -33.93 -10.38
C GLY B 97 60.28 -35.31 -9.79
N TYR B 98 59.67 -35.55 -8.63
CA TYR B 98 59.71 -36.89 -8.05
C TYR B 98 58.84 -37.86 -8.82
N PHE B 99 57.81 -37.36 -9.50
CA PHE B 99 56.76 -38.21 -10.04
C PHE B 99 57.17 -38.81 -11.39
N LEU B 100 56.64 -40.00 -11.66
CA LEU B 100 56.92 -40.75 -12.89
C LEU B 100 55.61 -41.32 -13.41
N LEU B 101 55.24 -40.94 -14.63
CA LEU B 101 54.04 -41.45 -15.27
C LEU B 101 54.41 -42.65 -16.13
N ALA B 102 53.83 -43.81 -15.79
CA ALA B 102 54.14 -45.06 -16.48
C ALA B 102 52.85 -45.75 -16.89
N ARG B 103 52.98 -46.72 -17.78
CA ARG B 103 51.85 -47.51 -18.26
C ARG B 103 52.06 -48.95 -17.80
N CYS B 104 51.39 -49.31 -16.71
CA CYS B 104 51.59 -50.59 -16.06
C CYS B 104 50.37 -51.50 -16.19
N PRO B 105 50.56 -52.81 -16.22
CA PRO B 105 49.43 -53.73 -16.15
C PRO B 105 49.06 -53.98 -14.69
N ALA B 106 48.03 -54.81 -14.49
CA ALA B 106 47.61 -55.16 -13.15
C ALA B 106 48.69 -55.95 -12.43
N GLY B 107 48.84 -55.68 -11.14
CA GLY B 107 49.83 -56.38 -10.36
C GLY B 107 49.61 -56.12 -8.89
N ASP B 108 50.25 -56.95 -8.07
CA ASP B 108 50.12 -56.85 -6.62
C ASP B 108 51.30 -56.17 -5.94
N SER B 109 52.37 -55.87 -6.68
CA SER B 109 53.55 -55.24 -6.08
C SER B 109 54.32 -54.54 -7.19
N ILE B 110 54.46 -53.22 -7.09
CA ILE B 110 55.21 -52.46 -8.07
C ILE B 110 56.69 -52.51 -7.71
N THR B 111 57.53 -52.83 -8.69
CA THR B 111 58.96 -52.91 -8.44
C THR B 111 59.70 -52.08 -9.47
N MET B 112 60.92 -51.68 -9.10
CA MET B 112 61.73 -50.80 -9.93
C MET B 112 63.15 -51.35 -9.96
N GLU B 113 63.58 -51.85 -11.11
CA GLU B 113 64.93 -52.30 -11.35
C GLU B 113 65.74 -51.16 -11.96
N PHE B 114 67.03 -51.13 -11.63
CA PHE B 114 67.91 -50.08 -12.09
C PHE B 114 69.34 -50.61 -12.06
N LYS B 115 70.09 -50.35 -13.12
CA LYS B 115 71.39 -50.99 -13.32
C LYS B 115 72.49 -49.96 -13.40
N LYS B 116 73.61 -50.27 -12.76
CA LYS B 116 74.81 -49.45 -12.80
C LYS B 116 75.96 -50.33 -13.31
N ASP B 117 77.18 -49.80 -13.26
CA ASP B 117 78.34 -50.51 -13.81
C ASP B 117 78.52 -51.88 -13.16
N SER B 118 78.44 -51.94 -11.85
CA SER B 118 78.61 -53.21 -11.15
C SER B 118 77.47 -53.52 -10.19
N VAL B 119 76.93 -52.52 -9.51
CA VAL B 119 75.87 -52.71 -8.54
C VAL B 119 74.52 -52.62 -9.24
N ARG B 120 73.59 -53.46 -8.83
CA ARG B 120 72.24 -53.47 -9.37
C ARG B 120 71.28 -53.08 -8.25
N HIS B 121 70.57 -51.96 -8.44
CA HIS B 121 69.64 -51.45 -7.44
C HIS B 121 68.23 -51.88 -7.79
N SER B 122 67.44 -52.15 -6.75
CA SER B 122 66.06 -52.58 -6.93
C SER B 122 65.24 -52.06 -5.77
N CYS B 123 63.96 -51.83 -6.02
CA CYS B 123 63.04 -51.44 -4.96
C CYS B 123 61.67 -51.99 -5.30
N SER B 124 61.22 -52.99 -4.54
CA SER B 124 59.92 -53.61 -4.73
C SER B 124 59.04 -53.25 -3.54
N VAL B 125 57.89 -52.66 -3.81
CA VAL B 125 56.96 -52.27 -2.74
C VAL B 125 55.59 -52.86 -3.04
N PRO B 126 54.86 -53.32 -2.03
CA PRO B 126 53.58 -53.99 -2.24
C PRO B 126 52.38 -53.03 -2.27
N TYR B 127 52.42 -52.08 -3.19
CA TYR B 127 51.27 -51.24 -3.46
C TYR B 127 50.51 -51.81 -4.65
N GLU B 128 49.20 -51.99 -4.49
CA GLU B 128 48.40 -52.60 -5.52
C GLU B 128 48.35 -51.71 -6.75
N VAL B 129 48.58 -52.31 -7.92
CA VAL B 129 48.42 -51.64 -9.20
C VAL B 129 47.28 -52.34 -9.92
N LYS B 130 46.20 -51.60 -10.18
CA LYS B 130 44.97 -52.17 -10.73
C LYS B 130 44.71 -51.59 -12.10
N PHE B 131 44.41 -52.48 -13.06
CA PHE B 131 43.95 -52.07 -14.38
C PHE B 131 42.43 -52.14 -14.37
N ASN B 132 41.78 -50.98 -14.40
CA ASN B 132 40.33 -50.91 -14.42
C ASN B 132 39.84 -50.41 -15.77
N PRO B 133 39.01 -51.18 -16.48
CA PRO B 133 38.63 -50.81 -17.84
C PRO B 133 37.67 -49.64 -17.90
N VAL B 134 37.24 -49.29 -19.11
CA VAL B 134 36.25 -48.25 -19.34
C VAL B 134 35.04 -48.87 -20.01
N GLY B 135 33.86 -48.50 -19.53
CA GLY B 135 32.64 -48.99 -20.12
C GLY B 135 32.16 -50.28 -19.48
N ARG B 136 31.20 -50.91 -20.16
CA ARG B 136 30.53 -52.09 -19.65
C ARG B 136 31.13 -53.39 -20.17
N GLU B 137 32.21 -53.34 -20.93
CA GLU B 137 32.93 -54.52 -21.38
C GLU B 137 34.27 -54.57 -20.68
N LEU B 138 34.54 -55.66 -19.97
CA LEU B 138 35.70 -55.77 -19.08
C LEU B 138 36.85 -56.39 -19.84
N TYR B 139 37.77 -55.55 -20.31
CA TYR B 139 38.96 -56.01 -21.00
C TYR B 139 40.19 -55.88 -20.10
N THR B 140 41.17 -56.74 -20.33
CA THR B 140 42.43 -56.71 -19.62
C THR B 140 43.54 -56.05 -20.43
N HIS B 141 43.20 -55.49 -21.59
CA HIS B 141 44.14 -54.79 -22.45
C HIS B 141 43.35 -53.90 -23.37
N PRO B 142 43.75 -52.65 -23.59
CA PRO B 142 42.96 -51.74 -24.43
C PRO B 142 42.77 -52.31 -25.82
N PRO B 143 41.61 -52.08 -26.43
CA PRO B 143 41.31 -52.70 -27.71
C PRO B 143 41.91 -51.92 -28.87
N GLU B 144 41.94 -52.58 -30.03
CA GLU B 144 42.46 -51.96 -31.24
C GLU B 144 41.49 -50.94 -31.83
N HIS B 145 40.19 -51.16 -31.66
CA HIS B 145 39.18 -50.32 -32.27
C HIS B 145 37.95 -50.30 -31.38
N GLY B 146 36.87 -49.71 -31.88
CA GLY B 146 35.61 -49.62 -31.17
C GLY B 146 35.21 -48.19 -30.89
N VAL B 147 34.03 -48.04 -30.30
CA VAL B 147 33.56 -46.72 -29.92
C VAL B 147 34.41 -46.19 -28.76
N GLU B 148 34.33 -44.89 -28.55
CA GLU B 148 35.08 -44.23 -27.50
C GLU B 148 34.17 -43.30 -26.71
N GLN B 149 34.45 -43.17 -25.42
CA GLN B 149 33.69 -42.25 -24.59
C GLN B 149 34.58 -41.72 -23.47
N ALA B 150 33.97 -41.09 -22.48
CA ALA B 150 34.70 -40.38 -21.45
C ALA B 150 35.52 -41.32 -20.59
N CYS B 151 36.74 -40.90 -20.27
CA CYS B 151 37.67 -41.67 -19.46
C CYS B 151 38.48 -40.70 -18.60
N GLN B 152 38.96 -41.21 -17.47
CA GLN B 152 39.86 -40.47 -16.60
C GLN B 152 41.24 -41.10 -16.70
N VAL B 153 42.22 -40.34 -17.18
CA VAL B 153 43.58 -40.84 -17.35
C VAL B 153 44.57 -39.86 -16.76
N TYR B 154 45.68 -40.38 -16.26
CA TYR B 154 46.76 -39.53 -15.79
C TYR B 154 47.41 -38.85 -16.99
N ALA B 155 47.17 -37.55 -17.13
CA ALA B 155 47.54 -36.84 -18.33
C ALA B 155 49.06 -36.82 -18.52
N HIS B 156 49.48 -36.61 -19.77
CA HIS B 156 50.88 -36.53 -20.11
C HIS B 156 51.42 -35.10 -20.08
N ASP B 157 50.87 -34.26 -19.23
CA ASP B 157 51.33 -32.89 -19.08
C ASP B 157 51.83 -32.64 -17.66
N ALA B 158 52.79 -31.72 -17.54
CA ALA B 158 53.36 -31.36 -16.25
C ALA B 158 53.00 -29.93 -15.86
N GLN B 159 51.99 -29.35 -16.49
CA GLN B 159 51.60 -27.98 -16.18
C GLN B 159 51.10 -27.86 -14.74
N ASN B 160 51.29 -26.68 -14.17
CA ASN B 160 51.00 -26.44 -12.76
C ASN B 160 49.48 -26.38 -12.59
N ARG B 161 48.90 -27.49 -12.16
CA ARG B 161 47.48 -27.55 -11.85
C ARG B 161 47.27 -27.22 -10.37
N GLY B 162 46.07 -27.50 -9.86
CA GLY B 162 45.73 -27.05 -8.52
C GLY B 162 46.53 -27.72 -7.41
N ALA B 163 46.80 -29.02 -7.55
CA ALA B 163 47.36 -29.78 -6.45
C ALA B 163 48.83 -29.45 -6.22
N TYR B 164 49.25 -29.55 -4.96
CA TYR B 164 50.60 -29.19 -4.54
C TYR B 164 51.05 -30.11 -3.42
N VAL B 165 52.30 -30.58 -3.49
CA VAL B 165 52.95 -31.24 -2.37
C VAL B 165 53.89 -30.24 -1.71
N GLU B 166 54.39 -30.58 -0.53
CA GLU B 166 55.20 -29.67 0.26
C GLU B 166 56.67 -30.08 0.22
N MET B 167 57.54 -29.09 0.02
CA MET B 167 58.98 -29.27 0.14
C MET B 167 59.48 -28.61 1.40
N HIS B 168 60.28 -29.36 2.17
CA HIS B 168 60.66 -29.02 3.53
C HIS B 168 62.18 -28.92 3.64
N LEU B 169 62.62 -28.33 4.73
CA LEU B 169 64.05 -28.23 5.01
C LEU B 169 64.58 -29.60 5.43
N PRO B 170 65.63 -30.10 4.79
CA PRO B 170 66.06 -31.48 5.05
C PRO B 170 66.65 -31.65 6.45
N GLY B 171 66.58 -32.89 6.94
CA GLY B 171 67.22 -33.25 8.17
C GLY B 171 68.70 -33.52 7.98
N SER B 172 69.38 -33.77 9.10
CA SER B 172 70.80 -34.08 9.10
C SER B 172 70.98 -35.59 8.94
N GLU B 173 71.74 -35.99 7.93
CA GLU B 173 71.94 -37.40 7.61
C GLU B 173 73.27 -37.87 8.20
N VAL B 174 73.21 -38.88 9.06
CA VAL B 174 74.41 -39.41 9.68
C VAL B 174 75.30 -40.07 8.63
N ASP B 175 76.61 -40.01 8.85
CA ASP B 175 77.57 -40.62 7.94
C ASP B 175 78.75 -41.10 8.76
N SER B 176 78.85 -42.43 8.92
CA SER B 176 79.97 -43.00 9.67
C SER B 176 81.24 -43.12 8.84
N SER B 177 81.17 -42.82 7.54
CA SER B 177 82.37 -42.84 6.71
C SER B 177 83.26 -41.64 7.00
N LEU B 178 82.65 -40.52 7.42
CA LEU B 178 83.45 -39.34 7.74
C LEU B 178 84.37 -39.60 8.93
N VAL B 179 83.87 -40.30 9.94
CA VAL B 179 84.66 -40.57 11.14
C VAL B 179 85.68 -41.65 10.83
N SER B 180 86.95 -41.27 10.73
CA SER B 180 88.05 -42.22 10.60
C SER B 180 88.75 -42.35 11.94
N LEU B 181 89.73 -43.24 12.01
CA LEU B 181 90.44 -43.51 13.25
C LEU B 181 91.93 -43.27 13.04
N SER B 182 92.45 -42.21 13.65
CA SER B 182 93.88 -42.07 13.83
C SER B 182 94.30 -42.84 15.08
N GLY B 183 95.61 -42.90 15.32
CA GLY B 183 96.11 -43.70 16.42
C GLY B 183 95.46 -43.35 17.74
N SER B 184 94.59 -44.24 18.23
CA SER B 184 93.87 -44.07 19.48
C SER B 184 93.14 -42.73 19.53
N SER B 185 92.57 -42.32 18.40
CA SER B 185 91.82 -41.07 18.34
C SER B 185 90.86 -41.12 17.15
N VAL B 186 89.79 -40.35 17.24
CA VAL B 186 88.84 -40.25 16.14
C VAL B 186 89.19 -39.02 15.32
N THR B 187 88.81 -39.03 14.04
CA THR B 187 89.13 -37.94 13.12
C THR B 187 87.92 -37.70 12.23
N VAL B 188 87.25 -36.56 12.44
CA VAL B 188 86.14 -36.19 11.58
C VAL B 188 86.70 -35.40 10.39
N THR B 189 86.44 -35.90 9.19
CA THR B 189 86.94 -35.30 7.95
C THR B 189 85.74 -35.05 7.04
N PRO B 190 85.05 -33.93 7.22
CA PRO B 190 83.84 -33.68 6.44
C PRO B 190 84.18 -33.50 4.97
N PRO B 191 83.22 -33.74 4.07
CA PRO B 191 83.47 -33.53 2.65
C PRO B 191 83.70 -32.05 2.35
N ASP B 192 84.39 -31.80 1.24
CA ASP B 192 84.75 -30.46 0.86
C ASP B 192 83.51 -29.58 0.69
N GLY B 193 83.52 -28.41 1.30
CA GLY B 193 82.40 -27.49 1.21
C GLY B 193 81.21 -27.85 2.08
N THR B 194 81.34 -28.81 2.98
CA THR B 194 80.23 -29.27 3.81
C THR B 194 80.72 -29.45 5.24
N SER B 195 79.87 -29.09 6.20
CA SER B 195 80.17 -29.24 7.61
C SER B 195 79.64 -30.58 8.11
N ALA B 196 79.94 -30.89 9.38
CA ALA B 196 79.50 -32.15 9.97
C ALA B 196 79.44 -31.98 11.48
N LEU B 197 78.22 -31.90 12.01
CA LEU B 197 78.07 -31.73 13.45
C LEU B 197 78.38 -33.04 14.17
N VAL B 198 79.04 -32.96 15.32
CA VAL B 198 79.55 -34.17 15.95
C VAL B 198 79.04 -34.37 17.37
N GLU B 199 78.09 -35.27 17.55
CA GLU B 199 77.81 -35.76 18.90
C GLU B 199 78.84 -36.82 19.27
N CYS B 200 79.31 -36.78 20.51
CA CYS B 200 80.42 -37.67 20.82
C CYS B 200 80.59 -37.73 22.34
N GLU B 201 80.52 -38.92 22.93
CA GLU B 201 80.13 -39.04 24.33
C GLU B 201 81.04 -39.98 25.12
N CYS B 202 82.36 -39.89 24.93
CA CYS B 202 83.24 -40.69 25.77
C CYS B 202 83.56 -39.96 27.07
N GLY B 203 84.19 -38.79 26.97
CA GLY B 203 84.32 -37.92 28.12
C GLY B 203 83.71 -36.57 27.85
N GLY B 204 82.57 -36.28 28.46
CA GLY B 204 81.89 -35.03 28.23
C GLY B 204 81.21 -34.97 26.88
N THR B 205 80.10 -34.25 26.78
CA THR B 205 79.47 -34.04 25.48
C THR B 205 80.35 -33.14 24.62
N LYS B 206 80.64 -33.60 23.40
CA LYS B 206 81.61 -32.96 22.53
C LYS B 206 80.98 -32.37 21.27
N ILE B 207 79.76 -31.84 21.37
CA ILE B 207 79.09 -31.28 20.20
C ILE B 207 79.89 -30.10 19.66
N SER B 208 80.24 -30.16 18.38
CA SER B 208 81.03 -29.11 17.73
C SER B 208 80.57 -29.04 16.27
N GLU B 209 79.69 -28.08 15.98
CA GLU B 209 79.05 -28.03 14.67
C GLU B 209 80.05 -27.69 13.57
N THR B 210 80.85 -26.64 13.76
CA THR B 210 81.64 -26.06 12.68
C THR B 210 82.92 -26.89 12.44
N ILE B 211 82.70 -28.15 12.09
CA ILE B 211 83.77 -29.02 11.62
C ILE B 211 83.68 -29.04 10.10
N ASN B 212 84.52 -28.26 9.43
CA ASN B 212 84.44 -28.11 7.99
C ASN B 212 85.73 -28.43 7.25
N LYS B 213 86.86 -28.57 7.94
CA LYS B 213 88.08 -28.95 7.25
C LYS B 213 88.59 -30.31 7.70
N THR B 214 88.87 -30.45 9.00
CA THR B 214 89.31 -31.68 9.62
C THR B 214 89.38 -31.43 11.13
N LYS B 215 89.12 -32.44 11.94
CA LYS B 215 89.28 -32.29 13.38
C LYS B 215 89.60 -33.63 14.01
N GLN B 216 90.70 -33.69 14.76
CA GLN B 216 91.06 -34.87 15.52
C GLN B 216 90.58 -34.71 16.96
N PHE B 217 89.85 -35.71 17.45
CA PHE B 217 89.43 -35.77 18.85
C PHE B 217 90.14 -36.95 19.51
N SER B 218 90.99 -36.65 20.49
CA SER B 218 91.77 -37.66 21.18
C SER B 218 91.11 -38.14 22.47
N GLN B 219 90.00 -37.53 22.88
CA GLN B 219 89.30 -37.99 24.08
C GLN B 219 88.71 -39.38 23.86
N CYS B 220 88.19 -39.65 22.67
CA CYS B 220 87.46 -40.88 22.38
C CYS B 220 88.38 -41.81 21.61
N THR B 221 88.43 -43.08 22.03
CA THR B 221 89.30 -44.06 21.40
C THR B 221 88.60 -44.87 20.32
N LYS B 222 87.30 -45.14 20.48
CA LYS B 222 86.57 -46.01 19.58
C LYS B 222 85.65 -45.22 18.66
N LYS B 223 85.44 -45.75 17.46
CA LYS B 223 84.63 -45.08 16.45
C LYS B 223 83.15 -45.06 16.84
N GLU B 224 82.67 -46.15 17.43
CA GLU B 224 81.22 -46.35 17.56
C GLU B 224 80.58 -45.29 18.46
N GLN B 225 81.24 -44.92 19.54
CA GLN B 225 80.66 -43.99 20.50
C GLN B 225 80.60 -42.56 19.98
N CYS B 226 81.24 -42.25 18.86
CA CYS B 226 81.37 -40.89 18.37
C CYS B 226 80.72 -40.79 17.00
N ARG B 227 79.67 -39.97 16.88
CA ARG B 227 78.82 -39.91 15.70
C ARG B 227 78.89 -38.53 15.07
N ALA B 228 78.94 -38.49 13.74
CA ALA B 228 79.01 -37.25 12.99
C ALA B 228 77.88 -37.22 11.97
N TYR B 229 77.00 -36.22 12.10
CA TYR B 229 75.90 -36.01 11.17
C TYR B 229 76.32 -35.02 10.10
N ARG B 230 76.22 -35.43 8.85
CA ARG B 230 76.48 -34.52 7.74
C ARG B 230 75.40 -33.44 7.70
N LEU B 231 75.82 -32.19 7.49
CA LEU B 231 74.92 -31.05 7.54
C LEU B 231 75.06 -30.27 6.23
N GLN B 232 73.98 -30.22 5.46
CA GLN B 232 73.95 -29.45 4.22
C GLN B 232 72.96 -28.29 4.25
N ASN B 233 71.69 -28.55 4.57
CA ASN B 233 70.68 -27.50 4.77
C ASN B 233 70.67 -26.47 3.65
N ASP B 234 70.91 -26.91 2.42
CA ASP B 234 70.91 -26.02 1.27
C ASP B 234 69.83 -26.36 0.25
N LYS B 235 69.65 -27.63 -0.07
CA LYS B 235 68.62 -28.06 -1.02
C LYS B 235 67.49 -28.73 -0.25
N TRP B 236 66.26 -28.29 -0.51
CA TRP B 236 65.10 -28.76 0.22
C TRP B 236 64.66 -30.14 -0.27
N VAL B 237 63.83 -30.80 0.54
CA VAL B 237 63.45 -32.18 0.30
C VAL B 237 61.96 -32.33 0.58
N TYR B 238 61.38 -33.39 0.05
CA TYR B 238 59.97 -33.71 0.32
C TYR B 238 59.81 -34.22 1.75
N ASN B 239 58.61 -34.04 2.30
CA ASN B 239 58.29 -34.45 3.66
C ASN B 239 58.08 -35.97 3.73
N SER B 240 59.14 -36.70 3.46
CA SER B 240 59.06 -38.14 3.31
C SER B 240 58.98 -38.83 4.67
N ASP B 241 58.62 -40.11 4.63
CA ASP B 241 58.54 -40.91 5.84
C ASP B 241 59.92 -41.26 6.37
N LYS B 242 60.89 -41.42 5.47
CA LYS B 242 62.21 -41.92 5.83
C LYS B 242 63.21 -40.82 6.10
N LEU B 243 62.79 -39.56 6.05
CA LEU B 243 63.67 -38.44 6.35
C LEU B 243 63.35 -37.89 7.73
N PRO B 244 64.32 -37.82 8.63
CA PRO B 244 64.04 -37.27 9.97
C PRO B 244 63.62 -35.81 9.89
N LYS B 245 62.75 -35.42 10.81
CA LYS B 245 62.32 -34.04 10.91
C LYS B 245 63.48 -33.17 11.36
N ALA B 246 63.53 -31.95 10.82
CA ALA B 246 64.56 -30.99 11.17
C ALA B 246 64.07 -30.05 12.25
N ALA B 247 65.02 -29.52 13.02
CA ALA B 247 64.67 -28.64 14.14
C ALA B 247 64.01 -27.36 13.64
N GLY B 248 63.00 -26.91 14.38
CA GLY B 248 62.29 -25.70 14.05
C GLY B 248 61.29 -25.90 12.92
N ALA B 249 60.76 -24.78 12.44
CA ALA B 249 59.82 -24.82 11.32
C ALA B 249 60.56 -25.23 10.05
N THR B 250 60.02 -26.24 9.36
CA THR B 250 60.69 -26.83 8.22
C THR B 250 60.03 -26.56 6.89
N LEU B 251 58.76 -26.17 6.86
CA LEU B 251 58.08 -25.96 5.60
C LEU B 251 58.75 -24.83 4.82
N LYS B 252 59.11 -25.11 3.57
CA LYS B 252 59.83 -24.14 2.75
C LYS B 252 59.18 -23.85 1.41
N GLY B 253 58.28 -24.69 0.92
CA GLY B 253 57.58 -24.32 -0.30
C GLY B 253 56.63 -25.41 -0.76
N LYS B 254 56.03 -25.18 -1.92
CA LYS B 254 55.11 -26.12 -2.53
C LYS B 254 55.60 -26.46 -3.93
N LEU B 255 55.73 -27.76 -4.20
CA LEU B 255 56.00 -28.27 -5.53
C LEU B 255 54.70 -28.68 -6.20
N HIS B 256 54.49 -28.23 -7.43
CA HIS B 256 53.33 -28.71 -8.15
C HIS B 256 53.50 -30.19 -8.49
N VAL B 257 52.38 -30.86 -8.68
CA VAL B 257 52.36 -32.30 -8.99
C VAL B 257 51.97 -32.46 -10.45
N PRO B 258 52.77 -33.17 -11.24
CA PRO B 258 52.44 -33.37 -12.66
C PRO B 258 51.59 -34.62 -12.85
N PHE B 259 51.12 -34.79 -14.09
CA PHE B 259 50.36 -35.98 -14.48
C PHE B 259 49.11 -36.14 -13.61
N LEU B 260 48.40 -35.05 -13.38
CA LEU B 260 47.15 -35.14 -12.65
C LEU B 260 46.07 -35.76 -13.52
N LEU B 261 45.09 -36.36 -12.86
CA LEU B 261 44.03 -37.09 -13.54
C LEU B 261 43.15 -36.11 -14.32
N ALA B 262 42.91 -36.42 -15.60
CA ALA B 262 42.19 -35.53 -16.48
C ALA B 262 41.17 -36.33 -17.29
N ASP B 263 40.12 -35.63 -17.71
CA ASP B 263 39.04 -36.23 -18.49
C ASP B 263 39.37 -36.15 -19.97
N GLY B 264 39.18 -37.27 -20.67
CA GLY B 264 39.38 -37.31 -22.11
C GLY B 264 38.46 -38.31 -22.76
N LYS B 265 38.67 -38.59 -24.04
CA LYS B 265 37.92 -39.63 -24.75
C LYS B 265 38.86 -40.78 -25.05
N CYS B 266 38.50 -41.98 -24.59
CA CYS B 266 39.29 -43.16 -24.85
C CYS B 266 38.38 -44.27 -25.36
N THR B 267 39.00 -45.21 -26.09
CA THR B 267 38.29 -46.21 -26.88
C THR B 267 37.96 -47.43 -26.04
N VAL B 268 36.74 -47.95 -26.24
CA VAL B 268 36.28 -49.15 -25.55
C VAL B 268 35.84 -50.16 -26.61
N PRO B 269 35.91 -51.46 -26.33
CA PRO B 269 35.50 -52.45 -27.33
C PRO B 269 34.01 -52.43 -27.56
N LEU B 270 33.61 -52.87 -28.76
CA LEU B 270 32.21 -52.99 -29.14
C LEU B 270 31.87 -54.48 -29.24
N ALA B 271 30.89 -54.91 -28.46
CA ALA B 271 30.52 -56.32 -28.44
C ALA B 271 29.85 -56.71 -29.76
N PRO B 272 29.98 -57.97 -30.16
CA PRO B 272 29.29 -58.42 -31.38
C PRO B 272 27.77 -58.29 -31.25
N GLU B 273 27.13 -57.99 -32.37
CA GLU B 273 25.69 -57.75 -32.36
C GLU B 273 24.95 -59.02 -31.90
N PRO B 274 24.07 -58.92 -30.91
CA PRO B 274 23.31 -60.10 -30.49
C PRO B 274 22.32 -60.52 -31.56
N MET B 275 22.04 -61.82 -31.60
CA MET B 275 21.02 -62.36 -32.49
C MET B 275 19.67 -62.29 -31.76
N ILE B 276 18.74 -61.53 -32.31
CA ILE B 276 17.48 -61.23 -31.65
C ILE B 276 16.38 -61.99 -32.38
N THR B 277 15.63 -62.80 -31.64
CA THR B 277 14.49 -63.55 -32.15
C THR B 277 13.23 -63.01 -31.50
N PHE B 278 12.19 -62.78 -32.30
CA PHE B 278 10.96 -62.16 -31.83
C PHE B 278 9.86 -63.19 -31.72
N GLY B 279 9.17 -63.20 -30.57
CA GLY B 279 7.98 -63.99 -30.41
C GLY B 279 6.91 -63.17 -29.72
N PHE B 280 5.71 -63.74 -29.64
CA PHE B 280 4.58 -63.03 -29.07
C PHE B 280 4.90 -62.58 -27.65
N ARG B 281 5.08 -61.28 -27.47
CA ARG B 281 5.44 -60.69 -26.17
C ARG B 281 6.72 -61.33 -25.62
N SER B 282 7.72 -61.49 -26.48
CA SER B 282 8.96 -62.12 -26.03
C SER B 282 10.09 -61.74 -26.98
N VAL B 283 11.25 -61.44 -26.40
CA VAL B 283 12.47 -61.18 -27.15
C VAL B 283 13.55 -62.11 -26.65
N SER B 284 14.18 -62.84 -27.57
CA SER B 284 15.23 -63.79 -27.26
C SER B 284 16.56 -63.25 -27.77
N LEU B 285 17.55 -63.14 -26.89
CA LEU B 285 18.87 -62.67 -27.24
C LEU B 285 19.82 -63.86 -27.16
N LYS B 286 20.25 -64.36 -28.32
CA LYS B 286 21.32 -65.35 -28.40
C LYS B 286 22.59 -64.56 -28.69
N LEU B 287 23.49 -64.51 -27.70
CA LEU B 287 24.59 -63.55 -27.75
C LEU B 287 25.86 -64.21 -27.24
N HIS B 288 26.97 -63.94 -27.94
CA HIS B 288 28.26 -64.58 -27.70
C HIS B 288 29.29 -63.50 -27.40
N PRO B 289 29.56 -63.22 -26.13
CA PRO B 289 30.53 -62.17 -25.80
C PRO B 289 31.93 -62.56 -26.21
N LYS B 290 32.72 -61.53 -26.56
CA LYS B 290 34.15 -61.70 -26.78
C LYS B 290 34.96 -61.42 -25.53
N ASN B 291 34.46 -60.56 -24.66
CA ASN B 291 35.03 -60.25 -23.36
C ASN B 291 33.89 -60.29 -22.34
N PRO B 292 34.21 -60.50 -21.06
CA PRO B 292 33.16 -60.43 -20.03
C PRO B 292 32.37 -59.13 -20.14
N THR B 293 31.11 -59.25 -20.52
CA THR B 293 30.30 -58.11 -20.94
C THR B 293 29.04 -58.01 -20.10
N TYR B 294 28.64 -56.79 -19.76
CA TYR B 294 27.48 -56.56 -18.92
C TYR B 294 26.25 -56.35 -19.78
N LEU B 295 25.21 -57.13 -19.52
CA LEU B 295 23.90 -56.94 -20.11
C LEU B 295 22.98 -56.33 -19.06
N ILE B 296 22.42 -55.16 -19.37
CA ILE B 296 21.49 -54.50 -18.48
C ILE B 296 20.14 -54.41 -19.19
N THR B 297 19.08 -54.70 -18.43
CA THR B 297 17.74 -54.80 -18.99
C THR B 297 16.76 -54.11 -18.05
N ARG B 298 15.75 -53.46 -18.61
CA ARG B 298 14.74 -52.81 -17.79
C ARG B 298 13.46 -52.69 -18.59
N GLN B 299 12.38 -52.35 -17.90
CA GLN B 299 11.07 -52.23 -18.50
C GLN B 299 10.61 -50.77 -18.47
N LEU B 300 9.71 -50.44 -19.39
CA LEU B 300 9.16 -49.11 -19.55
C LEU B 300 7.91 -48.89 -18.69
N ALA B 301 7.72 -49.68 -17.65
CA ALA B 301 6.57 -49.60 -16.78
C ALA B 301 6.97 -49.06 -15.41
N ASP B 302 5.99 -48.96 -14.50
CA ASP B 302 6.28 -48.45 -13.17
C ASP B 302 7.04 -49.45 -12.32
N GLU B 303 7.13 -50.71 -12.73
CA GLU B 303 8.17 -51.60 -12.19
C GLU B 303 9.21 -51.82 -13.28
N PRO B 304 10.45 -51.40 -13.07
CA PRO B 304 11.47 -51.58 -14.11
C PRO B 304 11.96 -53.02 -14.21
N HIS B 305 12.07 -53.69 -13.07
CA HIS B 305 12.55 -55.08 -13.02
C HIS B 305 13.89 -55.23 -13.73
N TYR B 306 14.79 -54.30 -13.47
CA TYR B 306 16.07 -54.28 -14.16
C TYR B 306 16.91 -55.49 -13.77
N THR B 307 17.54 -56.10 -14.77
CA THR B 307 18.47 -57.20 -14.57
C THR B 307 19.84 -56.78 -15.11
N HIS B 308 20.86 -56.89 -14.26
CA HIS B 308 22.20 -56.43 -14.57
C HIS B 308 23.14 -57.61 -14.36
N GLU B 309 23.52 -58.28 -15.45
CA GLU B 309 24.30 -59.50 -15.33
C GLU B 309 25.53 -59.46 -16.22
N LEU B 310 26.65 -59.95 -15.69
CA LEU B 310 27.88 -60.06 -16.46
C LEU B 310 27.96 -61.46 -17.06
N ILE B 311 28.01 -61.54 -18.38
CA ILE B 311 28.11 -62.81 -19.08
C ILE B 311 29.43 -62.82 -19.86
N SER B 312 30.15 -63.93 -19.77
CA SER B 312 31.43 -64.08 -20.44
C SER B 312 31.48 -65.28 -21.37
N GLU B 313 30.43 -66.08 -21.41
CA GLU B 313 30.31 -67.24 -22.30
C GLU B 313 29.06 -67.07 -23.16
N PRO B 314 29.02 -67.70 -24.33
CA PRO B 314 27.83 -67.61 -25.17
C PRO B 314 26.59 -68.07 -24.41
N ALA B 315 25.51 -67.31 -24.54
CA ALA B 315 24.32 -67.59 -23.77
C ALA B 315 23.09 -67.05 -24.48
N VAL B 316 21.93 -67.60 -24.11
CA VAL B 316 20.64 -67.19 -24.64
C VAL B 316 19.79 -66.72 -23.47
N ARG B 317 19.46 -65.44 -23.45
CA ARG B 317 18.60 -64.86 -22.43
C ARG B 317 17.31 -64.39 -23.08
N ASN B 318 16.18 -64.85 -22.56
CA ASN B 318 14.89 -64.60 -23.20
C ASN B 318 13.99 -63.88 -22.22
N PHE B 319 13.55 -62.69 -22.61
CA PHE B 319 12.80 -61.78 -21.75
C PHE B 319 11.39 -61.59 -22.28
N THR B 320 10.50 -61.20 -21.37
CA THR B 320 9.10 -60.92 -21.71
C THR B 320 8.95 -59.42 -21.97
N VAL B 321 8.44 -59.07 -23.14
CA VAL B 321 8.24 -57.68 -23.54
C VAL B 321 6.75 -57.44 -23.65
N THR B 322 6.25 -56.47 -22.90
CA THR B 322 4.84 -56.17 -22.84
C THR B 322 4.52 -54.95 -23.71
N GLU B 323 3.27 -54.49 -23.64
CA GLU B 323 2.86 -53.33 -24.41
C GLU B 323 3.52 -52.05 -23.90
N LYS B 324 3.88 -52.01 -22.61
CA LYS B 324 4.50 -50.80 -22.06
C LYS B 324 5.83 -50.51 -22.72
N GLY B 325 6.67 -51.52 -22.85
CA GLY B 325 7.96 -51.35 -23.51
C GLY B 325 9.00 -52.23 -22.86
N TRP B 326 10.22 -52.13 -23.40
CA TRP B 326 11.35 -52.91 -22.90
C TRP B 326 12.62 -52.28 -23.43
N GLU B 327 13.67 -52.24 -22.60
CA GLU B 327 14.93 -51.65 -23.02
C GLU B 327 16.08 -52.52 -22.56
N PHE B 328 17.10 -52.65 -23.41
CA PHE B 328 18.28 -53.41 -23.05
C PHE B 328 19.52 -52.76 -23.64
N VAL B 329 20.57 -52.70 -22.83
CA VAL B 329 21.89 -52.24 -23.26
C VAL B 329 22.87 -53.38 -23.10
N TRP B 330 23.63 -53.64 -24.16
CA TRP B 330 24.52 -54.80 -24.24
C TRP B 330 25.93 -54.29 -24.52
N GLY B 331 26.79 -54.34 -23.52
CA GLY B 331 28.12 -53.81 -23.69
C GLY B 331 28.10 -52.30 -23.82
N ASN B 332 28.85 -51.79 -24.79
CA ASN B 332 28.94 -50.37 -25.06
C ASN B 332 28.02 -49.93 -26.19
N HIS B 333 27.13 -50.80 -26.64
CA HIS B 333 26.16 -50.42 -27.65
C HIS B 333 25.15 -49.44 -27.05
N PRO B 334 24.57 -48.57 -27.87
CA PRO B 334 23.49 -47.73 -27.38
C PRO B 334 22.30 -48.56 -26.99
N PRO B 335 21.52 -48.12 -26.00
CA PRO B 335 20.37 -48.92 -25.56
C PRO B 335 19.35 -49.09 -26.68
N LYS B 336 18.75 -50.28 -26.72
CA LYS B 336 17.74 -50.62 -27.71
C LYS B 336 16.41 -50.84 -27.02
N ARG B 337 15.36 -50.22 -27.56
CA ARG B 337 14.02 -50.29 -27.01
C ARG B 337 13.10 -51.05 -27.97
N PHE B 338 12.29 -51.92 -27.41
CA PHE B 338 11.34 -52.74 -28.15
C PHE B 338 9.97 -52.66 -27.50
N TRP B 339 8.94 -52.74 -28.34
CA TRP B 339 7.55 -52.72 -27.89
C TRP B 339 6.81 -53.89 -28.51
N ALA B 340 5.88 -54.45 -27.76
CA ALA B 340 5.14 -55.62 -28.20
C ALA B 340 3.83 -55.22 -28.86
N GLN B 341 3.49 -55.90 -29.94
CA GLN B 341 2.24 -55.72 -30.65
C GLN B 341 1.29 -56.87 -30.33
N GLU B 342 0.03 -56.71 -30.73
CA GLU B 342 -1.01 -57.65 -30.35
C GLU B 342 -1.10 -58.85 -31.28
N THR B 343 -0.04 -59.17 -32.03
CA THR B 343 0.00 -60.41 -32.80
C THR B 343 -0.02 -61.59 -31.84
N ALA B 344 -1.13 -62.32 -31.82
CA ALA B 344 -1.33 -63.37 -30.82
C ALA B 344 -1.74 -64.63 -31.54
N PRO B 345 -1.44 -65.81 -30.98
CA PRO B 345 -1.80 -67.06 -31.66
C PRO B 345 -3.28 -67.35 -31.56
N GLY B 346 -3.76 -68.17 -32.49
CA GLY B 346 -5.17 -68.41 -32.63
C GLY B 346 -5.82 -67.45 -33.61
N ASN B 347 -7.13 -67.62 -33.76
CA ASN B 347 -7.91 -66.83 -34.70
C ASN B 347 -9.10 -66.24 -33.96
N PRO B 348 -9.28 -64.92 -33.96
CA PRO B 348 -10.44 -64.33 -33.28
C PRO B 348 -11.74 -64.45 -34.05
N HIS B 349 -11.70 -64.84 -35.33
CA HIS B 349 -12.89 -65.13 -36.12
C HIS B 349 -12.76 -66.58 -36.59
N GLY B 350 -13.27 -67.51 -35.80
CA GLY B 350 -13.19 -68.91 -36.16
C GLY B 350 -13.92 -69.83 -35.21
N LEU B 351 -13.39 -71.04 -35.03
CA LEU B 351 -13.99 -72.01 -34.14
C LEU B 351 -13.89 -71.51 -32.69
N PRO B 352 -14.83 -71.92 -31.84
CA PRO B 352 -14.82 -71.42 -30.45
C PRO B 352 -13.52 -71.71 -29.72
N HIS B 353 -12.91 -72.88 -29.94
CA HIS B 353 -11.66 -73.17 -29.25
C HIS B 353 -10.55 -72.24 -29.69
N GLU B 354 -10.51 -71.89 -30.99
CA GLU B 354 -9.51 -70.94 -31.46
C GLU B 354 -9.71 -69.57 -30.80
N VAL B 355 -10.96 -69.14 -30.66
CA VAL B 355 -11.24 -67.87 -30.00
C VAL B 355 -10.79 -67.91 -28.54
N ILE B 356 -11.07 -69.02 -27.86
CA ILE B 356 -10.66 -69.13 -26.46
C ILE B 356 -9.15 -69.09 -26.33
N THR B 357 -8.42 -69.80 -27.21
CA THR B 357 -6.97 -69.74 -27.15
C THR B 357 -6.46 -68.34 -27.45
N HIS B 358 -7.06 -67.66 -28.41
CA HIS B 358 -6.61 -66.31 -28.77
C HIS B 358 -6.81 -65.35 -27.60
N TYR B 359 -7.99 -65.37 -26.98
CA TYR B 359 -8.24 -64.44 -25.89
C TYR B 359 -7.67 -64.93 -24.56
N TYR B 360 -7.15 -66.15 -24.51
CA TYR B 360 -6.40 -66.56 -23.33
C TYR B 360 -4.94 -66.16 -23.44
N HIS B 361 -4.33 -66.37 -24.61
CA HIS B 361 -2.94 -65.97 -24.79
C HIS B 361 -2.80 -64.45 -24.75
N ARG B 362 -3.74 -63.73 -25.34
CA ARG B 362 -3.91 -62.31 -25.06
C ARG B 362 -4.74 -62.19 -23.79
N TYR B 363 -4.74 -61.01 -23.17
CA TYR B 363 -5.56 -60.68 -22.00
C TYR B 363 -5.63 -61.81 -20.97
N PRO B 364 -4.52 -62.18 -20.34
CA PRO B 364 -4.59 -63.20 -19.28
C PRO B 364 -5.40 -62.71 -18.10
N MET B 365 -6.02 -63.66 -17.40
CA MET B 365 -6.82 -63.48 -16.20
C MET B 365 -8.17 -62.82 -16.46
N SER B 366 -8.44 -62.40 -17.70
CA SER B 366 -9.76 -61.92 -18.05
C SER B 366 -10.57 -62.93 -18.84
N THR B 367 -9.91 -63.84 -19.55
CA THR B 367 -10.58 -64.94 -20.23
C THR B 367 -10.83 -66.12 -19.31
N ILE B 368 -10.19 -66.15 -18.15
CA ILE B 368 -10.44 -67.19 -17.16
C ILE B 368 -11.60 -66.73 -16.28
N LEU B 369 -11.45 -65.56 -15.66
CA LEU B 369 -12.50 -65.03 -14.80
C LEU B 369 -13.78 -64.77 -15.57
N GLY B 370 -13.68 -64.14 -16.73
CA GLY B 370 -14.87 -63.81 -17.51
C GLY B 370 -15.62 -65.04 -17.98
N LEU B 371 -14.88 -66.01 -18.53
CA LEU B 371 -15.50 -67.24 -18.99
C LEU B 371 -16.10 -68.03 -17.82
N SER B 372 -15.41 -68.06 -16.67
CA SER B 372 -15.96 -68.74 -15.51
C SER B 372 -17.26 -68.09 -15.04
N ILE B 373 -17.29 -66.76 -15.00
CA ILE B 373 -18.52 -66.06 -14.59
C ILE B 373 -19.64 -66.33 -15.59
N CYS B 374 -19.33 -66.30 -16.88
CA CYS B 374 -20.35 -66.53 -17.90
C CYS B 374 -20.90 -67.96 -17.80
N ALA B 375 -20.01 -68.94 -17.60
CA ALA B 375 -20.47 -70.32 -17.44
C ALA B 375 -21.30 -70.50 -16.19
N ALA B 376 -20.91 -69.84 -15.09
CA ALA B 376 -21.70 -69.92 -13.87
C ALA B 376 -23.08 -69.33 -14.07
N ILE B 377 -23.17 -68.20 -14.77
CA ILE B 377 -24.46 -67.59 -15.06
C ILE B 377 -25.31 -68.52 -15.92
N ALA B 378 -24.70 -69.12 -16.94
CA ALA B 378 -25.44 -70.04 -17.81
C ALA B 378 -25.96 -71.24 -17.03
N THR B 379 -25.12 -71.83 -16.18
CA THR B 379 -25.55 -72.98 -15.39
C THR B 379 -26.64 -72.61 -14.41
N VAL B 380 -26.53 -71.45 -13.77
CA VAL B 380 -27.54 -71.01 -12.82
C VAL B 380 -28.87 -70.80 -13.54
N SER B 381 -28.84 -70.16 -14.71
CA SER B 381 -30.07 -69.94 -15.47
C SER B 381 -30.69 -71.26 -15.91
N VAL B 382 -29.87 -72.20 -16.38
CA VAL B 382 -30.40 -73.48 -16.83
C VAL B 382 -31.03 -74.23 -15.65
N ALA B 383 -30.35 -74.24 -14.50
CA ALA B 383 -30.89 -74.93 -13.33
C ALA B 383 -32.19 -74.28 -12.86
N ALA B 384 -32.24 -72.95 -12.83
CA ALA B 384 -33.45 -72.26 -12.41
C ALA B 384 -34.60 -72.54 -13.37
N SER B 385 -34.33 -72.53 -14.67
CA SER B 385 -35.38 -72.81 -15.65
C SER B 385 -35.88 -74.25 -15.53
N THR B 386 -34.97 -75.20 -15.31
CA THR B 386 -35.38 -76.59 -15.14
C THR B 386 -36.23 -76.75 -13.88
N TRP B 387 -35.82 -76.10 -12.79
CA TRP B 387 -36.59 -76.17 -11.55
C TRP B 387 -37.97 -75.56 -11.74
N LEU B 388 -38.04 -74.42 -12.43
CA LEU B 388 -39.33 -73.79 -12.69
C LEU B 388 -40.22 -74.68 -13.56
N PHE B 389 -39.64 -75.32 -14.57
CA PHE B 389 -40.42 -76.22 -15.43
C PHE B 389 -40.94 -77.41 -14.63
N CYS B 390 -40.10 -77.99 -13.78
CA CYS B 390 -40.56 -79.12 -12.97
C CYS B 390 -41.66 -78.70 -12.00
N ARG B 391 -41.50 -77.54 -11.36
CA ARG B 391 -42.54 -77.04 -10.46
C ARG B 391 -43.83 -76.77 -11.20
N SER B 392 -43.74 -76.19 -12.40
CA SER B 392 -44.93 -75.93 -13.20
C SER B 392 -45.62 -77.22 -13.60
N ARG B 393 -44.86 -78.24 -14.01
CA ARG B 393 -45.45 -79.52 -14.36
C ARG B 393 -46.13 -80.16 -13.17
N VAL B 394 -45.50 -80.09 -12.00
CA VAL B 394 -46.12 -80.64 -10.80
C VAL B 394 -47.41 -79.90 -10.47
N ALA B 395 -47.38 -78.57 -10.54
CA ALA B 395 -48.57 -77.78 -10.21
C ALA B 395 -49.69 -78.01 -11.20
N CYS B 396 -49.35 -78.31 -12.46
CA CYS B 396 -50.37 -78.53 -13.48
C CYS B 396 -50.83 -79.99 -13.54
N LEU B 397 -50.11 -80.92 -12.94
CA LEU B 397 -50.48 -82.32 -12.99
C LEU B 397 -51.11 -82.84 -11.70
N THR B 398 -50.60 -82.43 -10.53
CA THR B 398 -51.12 -82.95 -9.27
C THR B 398 -52.62 -82.78 -9.09
N PRO B 399 -53.28 -81.69 -9.52
CA PRO B 399 -54.74 -81.64 -9.42
C PRO B 399 -55.43 -82.76 -10.19
N TYR B 400 -54.77 -83.34 -11.20
CA TYR B 400 -55.35 -84.43 -11.96
C TYR B 400 -54.84 -85.80 -11.54
N ARG B 401 -53.60 -85.89 -11.05
CA ARG B 401 -53.02 -87.20 -10.74
C ARG B 401 -53.75 -87.86 -9.57
N LEU B 402 -54.12 -87.10 -8.55
CA LEU B 402 -54.67 -87.69 -7.34
C LEU B 402 -56.17 -87.96 -7.42
N THR B 403 -56.81 -87.67 -8.55
CA THR B 403 -58.19 -88.07 -8.73
C THR B 403 -58.30 -89.59 -8.78
N PRO B 404 -59.30 -90.18 -8.12
CA PRO B 404 -59.52 -91.63 -8.28
C PRO B 404 -59.80 -92.02 -9.72
N ASN B 405 -60.47 -91.16 -10.49
CA ASN B 405 -60.70 -91.44 -11.90
C ASN B 405 -59.41 -91.32 -12.70
N ALA B 406 -58.47 -90.49 -12.24
CA ALA B 406 -57.18 -90.28 -12.90
C ALA B 406 -57.38 -89.81 -14.34
N ARG B 407 -57.98 -88.62 -14.47
CA ARG B 407 -58.20 -88.02 -15.78
C ARG B 407 -56.95 -87.28 -16.24
N ILE B 408 -55.80 -87.94 -16.19
CA ILE B 408 -54.56 -87.33 -16.67
C ILE B 408 -54.60 -87.01 -18.15
N PRO B 409 -55.08 -87.90 -19.05
CA PRO B 409 -54.93 -87.63 -20.50
C PRO B 409 -55.50 -86.32 -20.98
N PHE B 410 -56.34 -85.63 -20.19
CA PHE B 410 -56.80 -84.31 -20.61
C PHE B 410 -55.64 -83.33 -20.73
N CYS B 411 -54.83 -83.22 -19.67
CA CYS B 411 -53.67 -82.33 -19.72
C CYS B 411 -52.61 -82.86 -20.67
N LEU B 412 -52.43 -84.19 -20.71
CA LEU B 412 -51.47 -84.80 -21.63
C LEU B 412 -51.90 -84.65 -23.08
N ALA B 413 -53.17 -84.31 -23.33
CA ALA B 413 -53.65 -84.09 -24.68
C ALA B 413 -53.74 -82.63 -25.06
N VAL B 414 -53.92 -81.73 -24.10
CA VAL B 414 -53.96 -80.30 -24.44
C VAL B 414 -52.56 -79.73 -24.57
N LEU B 415 -51.58 -80.23 -23.80
CA LEU B 415 -50.23 -79.70 -23.85
C LEU B 415 -49.12 -80.75 -23.89
N CYS B 416 -49.42 -82.02 -23.62
CA CYS B 416 -48.42 -83.09 -23.62
C CYS B 416 -47.29 -82.77 -22.64
N CYS B 417 -47.66 -82.34 -21.42
CA CYS B 417 -46.66 -82.01 -20.42
C CYS B 417 -45.86 -83.23 -20.00
N ALA B 418 -46.54 -84.37 -19.79
CA ALA B 418 -45.87 -85.59 -19.38
C ALA B 418 -45.36 -86.37 -20.59
N ARG C 117 -78.96 -90.80 15.44
CA ARG C 117 -78.81 -92.25 15.32
C ARG C 117 -78.47 -92.66 13.90
N MET C 118 -79.32 -92.25 12.95
CA MET C 118 -79.11 -92.64 11.56
C MET C 118 -77.86 -91.99 10.97
N VAL C 119 -77.48 -90.81 11.45
CA VAL C 119 -76.32 -90.12 10.89
C VAL C 119 -75.03 -90.88 11.20
N MET C 120 -75.00 -91.63 12.30
CA MET C 120 -73.81 -92.37 12.69
C MET C 120 -73.84 -93.84 12.28
N LYS C 121 -75.02 -94.37 11.91
CA LYS C 121 -75.10 -95.77 11.51
C LYS C 121 -74.42 -96.04 10.17
N LEU C 122 -74.15 -95.00 9.38
CA LEU C 122 -73.42 -95.15 8.13
C LEU C 122 -71.94 -95.35 8.47
N GLU C 123 -71.62 -96.59 8.86
CA GLU C 123 -70.30 -96.95 9.33
C GLU C 123 -69.60 -97.80 8.27
N SER C 124 -68.37 -97.43 7.93
CA SER C 124 -67.55 -98.16 6.99
C SER C 124 -66.17 -98.40 7.59
N ASP C 125 -65.64 -99.60 7.37
CA ASP C 125 -64.36 -100.01 7.95
C ASP C 125 -63.18 -99.71 7.04
N LYS C 126 -63.40 -99.04 5.91
CA LYS C 126 -62.30 -98.74 4.99
C LYS C 126 -61.32 -97.74 5.59
N THR C 127 -61.80 -96.82 6.43
CA THR C 127 -60.91 -95.86 7.07
C THR C 127 -59.99 -96.58 8.05
N PHE C 128 -58.74 -96.13 8.12
CA PHE C 128 -57.71 -96.79 8.91
C PHE C 128 -56.98 -95.77 9.76
N PRO C 129 -56.99 -95.90 11.08
CA PRO C 129 -56.21 -94.98 11.93
C PRO C 129 -54.71 -95.12 11.66
N ILE C 130 -54.00 -94.01 11.88
CA ILE C 130 -52.54 -93.99 11.83
C ILE C 130 -51.99 -94.08 13.24
N MET C 131 -51.01 -94.95 13.46
CA MET C 131 -50.47 -95.25 14.78
C MET C 131 -49.08 -94.68 14.93
N LEU C 132 -48.91 -93.77 15.90
CA LEU C 132 -47.59 -93.41 16.40
C LEU C 132 -47.80 -92.77 17.77
N GLU C 133 -46.85 -93.01 18.68
CA GLU C 133 -47.00 -92.85 20.12
C GLU C 133 -48.05 -93.79 20.71
N GLY C 134 -48.51 -94.78 19.94
CA GLY C 134 -49.54 -95.69 20.41
C GLY C 134 -50.86 -95.02 20.73
N LYS C 135 -51.31 -94.11 19.86
CA LYS C 135 -52.54 -93.39 20.10
C LYS C 135 -53.13 -92.92 18.77
N ILE C 136 -54.39 -92.50 18.82
CA ILE C 136 -55.09 -91.99 17.64
C ILE C 136 -54.61 -90.57 17.35
N ASN C 137 -54.24 -90.32 16.09
CA ASN C 137 -53.92 -88.98 15.64
C ASN C 137 -54.54 -88.63 14.31
N GLY C 138 -55.10 -89.59 13.58
CA GLY C 138 -55.77 -89.28 12.33
C GLY C 138 -56.13 -90.55 11.58
N TYR C 139 -56.91 -90.36 10.52
CA TYR C 139 -57.44 -91.45 9.73
C TYR C 139 -57.01 -91.29 8.28
N ALA C 140 -56.60 -92.40 7.66
CA ALA C 140 -56.29 -92.47 6.24
C ALA C 140 -57.39 -93.26 5.55
N CYS C 141 -57.83 -92.77 4.39
CA CYS C 141 -59.02 -93.31 3.74
C CYS C 141 -58.71 -93.77 2.33
N VAL C 142 -59.27 -94.92 1.95
CA VAL C 142 -59.12 -95.45 0.60
C VAL C 142 -60.37 -95.10 -0.20
N VAL C 143 -60.18 -94.31 -1.26
CA VAL C 143 -61.27 -93.83 -2.11
C VAL C 143 -60.90 -94.10 -3.56
N GLY C 144 -61.79 -94.79 -4.27
CA GLY C 144 -61.65 -94.94 -5.71
C GLY C 144 -60.35 -95.56 -6.17
N GLY C 145 -59.71 -96.34 -5.31
CA GLY C 145 -58.45 -96.96 -5.66
C GLY C 145 -57.21 -96.20 -5.26
N LYS C 146 -57.33 -95.16 -4.44
CA LYS C 146 -56.19 -94.43 -3.93
C LYS C 146 -56.34 -94.20 -2.43
N LEU C 147 -55.25 -94.39 -1.69
CA LEU C 147 -55.24 -94.21 -0.25
C LEU C 147 -54.70 -92.82 0.07
N PHE C 148 -55.47 -92.04 0.82
CA PHE C 148 -55.15 -90.65 1.14
C PHE C 148 -54.85 -90.51 2.62
N ARG C 149 -53.84 -89.72 2.93
CA ARG C 149 -53.56 -89.30 4.31
C ARG C 149 -52.81 -87.99 4.27
N PRO C 150 -52.96 -87.14 5.29
CA PRO C 150 -52.33 -85.81 5.25
C PRO C 150 -50.87 -85.85 5.68
N MET C 151 -50.21 -84.69 5.55
CA MET C 151 -48.89 -84.51 6.16
C MET C 151 -48.95 -84.69 7.67
N HIS C 152 -50.04 -84.26 8.29
CA HIS C 152 -50.06 -84.00 9.73
C HIS C 152 -49.84 -85.29 10.53
N VAL C 153 -50.46 -86.38 10.11
CA VAL C 153 -50.40 -87.62 10.85
C VAL C 153 -49.12 -88.36 10.48
N GLU C 154 -48.34 -88.73 11.49
CA GLU C 154 -47.12 -89.49 11.31
C GLU C 154 -47.28 -90.85 11.97
N GLY C 155 -46.63 -91.86 11.38
CA GLY C 155 -46.71 -93.22 11.86
C GLY C 155 -47.02 -94.16 10.72
N LYS C 156 -47.53 -95.34 11.08
CA LYS C 156 -47.84 -96.39 10.12
C LYS C 156 -49.34 -96.67 10.14
N ILE C 157 -49.89 -96.91 8.94
CA ILE C 157 -51.28 -97.31 8.84
C ILE C 157 -51.46 -98.68 9.50
N ASP C 158 -52.63 -98.90 10.10
CA ASP C 158 -52.90 -100.16 10.78
C ASP C 158 -52.78 -101.34 9.84
N ASN C 159 -53.29 -101.20 8.61
CA ASN C 159 -53.16 -102.26 7.61
C ASN C 159 -51.69 -102.37 7.19
N ASP C 160 -51.09 -103.54 7.41
CA ASP C 160 -49.68 -103.72 7.14
C ASP C 160 -49.37 -103.56 5.66
N VAL C 161 -50.25 -104.09 4.79
CA VAL C 161 -50.01 -104.01 3.35
C VAL C 161 -50.00 -102.55 2.90
N LEU C 162 -50.89 -101.73 3.44
CA LEU C 162 -50.88 -100.30 3.13
C LEU C 162 -49.78 -99.57 3.89
N ALA C 163 -49.40 -100.08 5.07
CA ALA C 163 -48.30 -99.47 5.81
C ALA C 163 -46.99 -99.58 5.05
N ALA C 164 -46.76 -100.70 4.39
CA ALA C 164 -45.57 -100.90 3.58
C ALA C 164 -45.69 -100.32 2.18
N LEU C 165 -46.85 -99.75 1.83
CA LEU C 165 -47.06 -99.22 0.49
C LEU C 165 -46.47 -97.81 0.38
N LYS C 166 -45.65 -97.59 -0.65
CA LYS C 166 -45.01 -96.30 -0.84
C LYS C 166 -46.04 -95.23 -1.22
N THR C 167 -45.81 -94.01 -0.76
CA THR C 167 -46.71 -92.89 -0.97
C THR C 167 -46.00 -91.76 -1.71
N LYS C 168 -46.75 -91.08 -2.56
CA LYS C 168 -46.25 -89.91 -3.28
C LYS C 168 -46.79 -88.65 -2.61
N LYS C 169 -45.89 -87.70 -2.35
CA LYS C 169 -46.23 -86.52 -1.56
C LYS C 169 -46.75 -85.40 -2.44
N ALA C 170 -47.80 -84.73 -1.97
CA ALA C 170 -48.36 -83.53 -2.61
C ALA C 170 -48.49 -82.49 -1.50
N SER C 171 -47.40 -81.75 -1.25
CA SER C 171 -47.36 -80.84 -0.10
C SER C 171 -48.36 -79.70 -0.25
N LYS C 172 -48.53 -79.18 -1.46
CA LYS C 172 -49.39 -78.01 -1.65
C LYS C 172 -50.85 -78.33 -1.37
N TYR C 173 -51.28 -79.57 -1.62
CA TYR C 173 -52.65 -79.97 -1.38
C TYR C 173 -52.85 -80.64 -0.02
N ASP C 174 -51.80 -80.74 0.78
CA ASP C 174 -51.88 -81.25 2.15
C ASP C 174 -52.47 -82.66 2.19
N LEU C 175 -51.98 -83.52 1.29
CA LEU C 175 -52.35 -84.92 1.28
C LEU C 175 -51.40 -85.73 0.41
N GLU C 176 -50.85 -86.82 0.93
CA GLU C 176 -50.14 -87.79 0.11
C GLU C 176 -51.04 -89.00 -0.14
N TYR C 177 -50.89 -89.55 -1.34
CA TYR C 177 -51.74 -90.63 -1.83
C TYR C 177 -50.86 -91.78 -2.29
N ALA C 178 -51.42 -92.98 -2.19
CA ALA C 178 -50.75 -94.20 -2.62
C ALA C 178 -51.70 -95.03 -3.48
N ASP C 179 -51.15 -95.66 -4.52
CA ASP C 179 -51.95 -96.51 -5.39
C ASP C 179 -52.11 -97.88 -4.75
N VAL C 180 -53.35 -98.26 -4.48
CA VAL C 180 -53.65 -99.53 -3.82
C VAL C 180 -53.40 -100.66 -4.81
N PRO C 181 -53.20 -101.90 -4.33
CA PRO C 181 -53.06 -103.03 -5.27
C PRO C 181 -54.35 -103.27 -6.04
N GLN C 182 -54.21 -103.92 -7.19
CA GLN C 182 -55.33 -104.11 -8.09
C GLN C 182 -56.46 -104.91 -7.43
N ASN C 183 -56.12 -105.81 -6.51
CA ASN C 183 -57.15 -106.65 -5.88
C ASN C 183 -58.07 -105.84 -4.98
N MET C 184 -57.54 -104.82 -4.32
CA MET C 184 -58.33 -104.05 -3.34
C MET C 184 -59.18 -102.96 -3.98
N ARG C 185 -59.10 -102.77 -5.29
CA ARG C 185 -59.93 -101.75 -5.94
C ARG C 185 -61.41 -102.11 -5.90
N ALA C 186 -61.75 -103.38 -5.65
CA ALA C 186 -63.15 -103.78 -5.63
C ALA C 186 -63.91 -103.13 -4.46
N ASP C 187 -63.29 -103.07 -3.29
CA ASP C 187 -63.92 -102.55 -2.08
C ASP C 187 -63.24 -101.25 -1.67
N THR C 188 -63.84 -100.12 -2.04
CA THR C 188 -63.33 -98.82 -1.67
C THR C 188 -64.47 -97.80 -1.78
N PHE C 189 -64.24 -96.64 -1.19
CA PHE C 189 -65.23 -95.57 -1.28
C PHE C 189 -65.33 -95.05 -2.71
N LYS C 190 -66.50 -94.53 -3.05
CA LYS C 190 -66.76 -93.94 -4.36
C LYS C 190 -66.79 -92.43 -4.25
N TYR C 191 -66.00 -91.76 -5.07
CA TYR C 191 -65.94 -90.30 -5.02
C TYR C 191 -67.20 -89.68 -5.60
N THR C 192 -67.39 -88.40 -5.28
CA THR C 192 -68.56 -87.64 -5.70
C THR C 192 -68.13 -86.30 -6.24
N HIS C 193 -68.75 -85.88 -7.35
CA HIS C 193 -68.40 -84.61 -7.98
C HIS C 193 -69.46 -83.53 -7.83
N GLU C 194 -70.72 -83.90 -7.61
CA GLU C 194 -71.78 -82.93 -7.35
C GLU C 194 -71.98 -82.78 -5.85
N LYS C 195 -72.25 -81.56 -5.41
CA LYS C 195 -72.37 -81.21 -4.00
C LYS C 195 -73.70 -80.49 -3.78
N PRO C 196 -74.80 -81.25 -3.68
CA PRO C 196 -76.09 -80.61 -3.38
C PRO C 196 -76.08 -79.91 -2.04
N GLN C 197 -76.85 -78.82 -1.96
CA GLN C 197 -76.93 -78.01 -0.76
C GLN C 197 -77.53 -78.83 0.39
N GLY C 198 -77.06 -78.56 1.61
CA GLY C 198 -77.74 -79.17 2.75
C GLY C 198 -76.92 -80.11 3.61
N TYR C 199 -77.59 -81.00 4.34
CA TYR C 199 -76.92 -81.82 5.34
C TYR C 199 -76.33 -83.09 4.73
N TYR C 200 -75.21 -83.54 5.31
CA TYR C 200 -74.47 -84.70 4.85
C TYR C 200 -74.12 -85.58 6.05
N SER C 201 -74.00 -86.88 5.79
CA SER C 201 -73.62 -87.81 6.84
C SER C 201 -72.13 -87.68 7.14
N TRP C 202 -71.76 -88.08 8.35
CA TRP C 202 -70.37 -88.05 8.80
C TRP C 202 -70.23 -89.01 9.97
N HIS C 203 -68.99 -89.21 10.40
CA HIS C 203 -68.73 -90.10 11.54
C HIS C 203 -69.35 -89.54 12.82
N HIS C 204 -69.27 -88.22 13.01
CA HIS C 204 -69.78 -87.60 14.23
C HIS C 204 -71.25 -87.23 14.11
N GLY C 205 -71.57 -86.36 13.14
CA GLY C 205 -72.94 -85.92 12.99
C GLY C 205 -73.14 -85.24 11.66
N ALA C 206 -74.32 -84.64 11.50
CA ALA C 206 -74.67 -83.99 10.24
C ALA C 206 -73.75 -82.81 9.97
N VAL C 207 -73.29 -82.71 8.73
CA VAL C 207 -72.40 -81.63 8.30
C VAL C 207 -73.13 -80.83 7.23
N GLN C 208 -73.25 -79.53 7.45
CA GLN C 208 -74.04 -78.68 6.56
C GLN C 208 -73.15 -78.08 5.48
N TYR C 209 -73.51 -78.34 4.22
CA TYR C 209 -72.87 -77.70 3.08
C TYR C 209 -73.72 -76.49 2.70
N GLU C 210 -73.17 -75.30 2.94
CA GLU C 210 -73.86 -74.05 2.66
C GLU C 210 -72.87 -73.05 2.10
N ASN C 211 -73.28 -72.33 1.05
CA ASN C 211 -72.46 -71.28 0.44
C ASN C 211 -71.09 -71.80 0.04
N GLY C 212 -71.05 -73.04 -0.45
CA GLY C 212 -69.77 -73.65 -0.80
C GLY C 212 -68.84 -73.84 0.38
N ARG C 213 -69.39 -74.24 1.52
CA ARG C 213 -68.58 -74.40 2.72
C ARG C 213 -69.18 -75.50 3.59
N PHE C 214 -68.30 -76.37 4.10
CA PHE C 214 -68.69 -77.43 5.02
C PHE C 214 -68.60 -76.93 6.46
N THR C 215 -69.67 -77.13 7.23
CA THR C 215 -69.74 -76.63 8.59
C THR C 215 -70.28 -77.71 9.51
N VAL C 216 -69.80 -77.70 10.76
CA VAL C 216 -70.26 -78.65 11.76
C VAL C 216 -70.67 -77.88 13.01
N PRO C 217 -71.53 -78.47 13.85
CA PRO C 217 -71.94 -77.77 15.08
C PRO C 217 -70.80 -77.57 16.07
N LYS C 218 -71.12 -76.95 17.20
CA LYS C 218 -70.12 -76.65 18.21
C LYS C 218 -69.50 -77.93 18.78
N GLY C 219 -68.21 -77.86 19.08
CA GLY C 219 -67.50 -78.94 19.75
C GLY C 219 -67.20 -80.15 18.90
N VAL C 220 -67.92 -80.37 17.81
CA VAL C 220 -67.69 -81.54 16.97
C VAL C 220 -66.39 -81.36 16.21
N GLY C 221 -65.50 -82.34 16.31
CA GLY C 221 -64.21 -82.28 15.64
C GLY C 221 -63.14 -81.66 16.51
N ALA C 222 -62.00 -82.32 16.60
CA ALA C 222 -60.89 -81.84 17.42
C ALA C 222 -59.59 -82.44 16.86
N LYS C 223 -58.52 -82.33 17.64
CA LYS C 223 -57.25 -82.93 17.25
C LYS C 223 -57.38 -84.45 17.18
N GLY C 224 -56.74 -85.04 16.19
CA GLY C 224 -56.84 -86.47 15.95
C GLY C 224 -58.01 -86.89 15.11
N ASP C 225 -58.89 -85.95 14.74
CA ASP C 225 -60.05 -86.24 13.92
C ASP C 225 -59.77 -85.95 12.44
N SER C 226 -58.58 -85.42 12.14
CA SER C 226 -58.24 -85.06 10.77
C SER C 226 -58.14 -86.30 9.88
N GLY C 227 -58.51 -86.12 8.61
CA GLY C 227 -58.45 -87.18 7.63
C GLY C 227 -59.73 -87.99 7.48
N ARG C 228 -60.72 -87.77 8.33
CA ARG C 228 -61.97 -88.49 8.20
C ARG C 228 -62.72 -88.07 6.95
N PRO C 229 -63.48 -88.97 6.34
CA PRO C 229 -64.20 -88.61 5.10
C PRO C 229 -65.63 -88.14 5.37
N ILE C 230 -66.03 -87.11 4.64
CA ILE C 230 -67.40 -86.64 4.64
C ILE C 230 -68.12 -87.30 3.48
N LEU C 231 -69.21 -88.01 3.78
CA LEU C 231 -70.02 -88.72 2.82
C LEU C 231 -71.37 -88.01 2.66
N ASP C 232 -72.18 -88.53 1.75
CA ASP C 232 -73.52 -88.04 1.50
C ASP C 232 -74.56 -89.03 2.02
N ASN C 233 -75.83 -88.69 1.83
CA ASN C 233 -76.90 -89.58 2.26
C ASN C 233 -76.91 -90.89 1.50
N GLN C 234 -76.39 -90.89 0.26
CA GLN C 234 -76.33 -92.12 -0.51
C GLN C 234 -75.40 -93.14 0.13
N GLY C 235 -74.27 -92.68 0.67
CA GLY C 235 -73.33 -93.57 1.33
C GLY C 235 -71.98 -93.61 0.64
N ARG C 236 -71.62 -92.55 -0.06
CA ARG C 236 -70.34 -92.45 -0.74
C ARG C 236 -69.64 -91.16 -0.34
N VAL C 237 -68.31 -91.21 -0.33
CA VAL C 237 -67.51 -90.07 0.11
C VAL C 237 -67.68 -88.92 -0.87
N VAL C 238 -67.94 -87.73 -0.34
CA VAL C 238 -68.07 -86.54 -1.17
C VAL C 238 -66.85 -85.66 -0.99
N ALA C 239 -66.19 -85.77 0.17
CA ALA C 239 -64.98 -84.99 0.40
C ALA C 239 -64.20 -85.61 1.55
N ILE C 240 -63.02 -85.07 1.81
CA ILE C 240 -62.22 -85.48 2.96
C ILE C 240 -61.65 -84.24 3.65
N VAL C 241 -61.71 -84.23 4.98
CA VAL C 241 -61.33 -83.05 5.74
C VAL C 241 -59.87 -83.17 6.19
N LEU C 242 -59.25 -82.00 6.42
CA LEU C 242 -57.89 -81.94 6.92
C LEU C 242 -57.73 -81.04 8.14
N GLY C 243 -58.75 -80.26 8.48
CA GLY C 243 -58.66 -79.37 9.64
C GLY C 243 -59.95 -78.59 9.79
N GLY C 244 -60.08 -77.95 10.94
CA GLY C 244 -61.28 -77.20 11.24
C GLY C 244 -61.04 -75.94 12.05
N VAL C 245 -61.76 -74.87 11.73
CA VAL C 245 -61.63 -73.59 12.41
C VAL C 245 -62.96 -73.24 13.06
N ASN C 246 -62.92 -72.82 14.32
CA ASN C 246 -64.11 -72.49 15.07
C ASN C 246 -64.56 -71.09 14.69
N GLU C 247 -65.70 -70.97 14.03
CA GLU C 247 -66.26 -69.69 13.64
C GLU C 247 -67.31 -69.18 14.62
N GLY C 248 -67.53 -69.88 15.73
CA GLY C 248 -68.57 -69.49 16.68
C GLY C 248 -69.48 -70.65 17.02
N SER C 249 -70.79 -70.39 17.03
CA SER C 249 -71.76 -71.47 17.26
C SER C 249 -71.69 -72.53 16.17
N ARG C 250 -71.19 -72.18 14.99
CA ARG C 250 -71.03 -73.10 13.87
C ARG C 250 -69.55 -73.13 13.50
N THR C 251 -69.01 -74.32 13.31
CA THR C 251 -67.58 -74.52 13.07
C THR C 251 -67.34 -74.84 11.60
N ALA C 252 -66.45 -74.08 10.97
CA ALA C 252 -66.08 -74.32 9.58
C ALA C 252 -64.93 -75.33 9.50
N LEU C 253 -64.86 -76.00 8.36
CA LEU C 253 -63.91 -77.09 8.15
C LEU C 253 -63.05 -76.82 6.93
N SER C 254 -61.75 -77.12 7.06
CA SER C 254 -60.86 -77.17 5.91
C SER C 254 -60.96 -78.55 5.29
N VAL C 255 -61.31 -78.62 4.01
CA VAL C 255 -61.71 -79.87 3.39
C VAL C 255 -61.42 -79.79 1.90
N VAL C 256 -61.03 -80.92 1.32
CA VAL C 256 -60.80 -81.04 -0.12
C VAL C 256 -61.86 -81.97 -0.70
N MET C 257 -62.46 -81.54 -1.81
CA MET C 257 -63.53 -82.26 -2.48
C MET C 257 -63.11 -82.59 -3.91
N TRP C 258 -64.05 -83.10 -4.70
CA TRP C 258 -63.79 -83.56 -6.05
C TRP C 258 -64.74 -82.84 -7.00
N ASN C 259 -64.21 -82.34 -8.10
CA ASN C 259 -65.00 -81.60 -9.08
C ASN C 259 -65.35 -82.48 -10.27
N GLU C 260 -66.22 -81.95 -11.13
CA GLU C 260 -66.65 -82.70 -12.31
C GLU C 260 -65.51 -82.90 -13.29
N LYS C 261 -64.59 -81.95 -13.39
CA LYS C 261 -63.42 -82.06 -14.25
C LYS C 261 -62.24 -82.72 -13.56
N GLY C 262 -62.41 -83.14 -12.31
CA GLY C 262 -61.31 -83.76 -11.57
C GLY C 262 -60.16 -82.83 -11.27
N VAL C 263 -60.46 -81.60 -10.85
CA VAL C 263 -59.39 -80.67 -10.48
C VAL C 263 -59.11 -80.67 -8.98
N THR C 264 -59.99 -81.24 -8.16
CA THR C 264 -59.79 -81.41 -6.72
C THR C 264 -59.51 -80.08 -6.04
N VAL C 265 -60.49 -79.19 -6.09
CA VAL C 265 -60.37 -77.90 -5.43
C VAL C 265 -60.44 -78.10 -3.92
N LYS C 266 -59.47 -77.54 -3.21
CA LYS C 266 -59.44 -77.59 -1.76
C LYS C 266 -59.85 -76.24 -1.19
N TYR C 267 -60.58 -76.27 -0.08
CA TYR C 267 -61.08 -75.06 0.56
C TYR C 267 -60.43 -74.92 1.93
N THR C 268 -59.60 -73.90 2.09
CA THR C 268 -58.91 -73.63 3.34
C THR C 268 -59.37 -72.30 3.91
N PRO C 269 -60.17 -72.29 4.97
CA PRO C 269 -60.62 -71.02 5.55
C PRO C 269 -59.46 -70.23 6.15
N GLU C 270 -59.76 -68.97 6.46
CA GLU C 270 -58.76 -68.09 7.03
C GLU C 270 -58.30 -68.59 8.40
N ASN C 271 -57.02 -68.38 8.69
CA ASN C 271 -56.31 -68.75 9.92
C ASN C 271 -56.90 -69.99 10.59
N CYS C 272 -57.06 -71.06 9.82
CA CYS C 272 -57.68 -72.27 10.33
C CYS C 272 -56.80 -72.92 11.40
N GLU C 273 -57.41 -73.29 12.52
CA GLU C 273 -56.74 -74.13 13.50
C GLU C 273 -56.50 -75.50 12.89
N GLN C 274 -55.23 -75.89 12.76
CA GLN C 274 -54.87 -77.03 11.92
C GLN C 274 -54.95 -78.30 12.77
N TRP C 275 -55.90 -79.17 12.45
CA TRP C 275 -56.07 -80.42 13.18
C TRP C 275 -54.95 -81.40 12.87
N TYR D 1 23.70 -44.68 25.64
CA TYR D 1 22.52 -44.02 26.19
C TYR D 1 21.98 -42.98 25.23
N GLU D 2 20.68 -43.02 24.98
CA GLU D 2 20.00 -42.07 24.09
C GLU D 2 18.92 -41.34 24.88
N HIS D 3 18.96 -40.01 24.84
CA HIS D 3 18.02 -39.18 25.56
C HIS D 3 17.23 -38.32 24.57
N ALA D 4 15.92 -38.47 24.58
CA ALA D 4 15.04 -37.73 23.68
C ALA D 4 14.23 -36.73 24.48
N THR D 5 14.22 -35.47 24.04
CA THR D 5 13.48 -34.42 24.71
C THR D 5 12.94 -33.46 23.65
N THR D 6 12.32 -32.38 24.11
CA THR D 6 11.82 -31.34 23.23
C THR D 6 12.17 -29.98 23.83
N MET D 7 12.28 -28.98 22.97
CA MET D 7 12.63 -27.64 23.41
C MET D 7 11.72 -26.62 22.73
N PRO D 8 11.14 -25.69 23.48
CA PRO D 8 10.35 -24.64 22.83
C PRO D 8 11.21 -23.78 21.93
N SER D 9 10.65 -23.40 20.78
CA SER D 9 11.39 -22.61 19.79
C SER D 9 11.26 -21.13 20.13
N GLN D 10 11.92 -20.76 21.23
CA GLN D 10 11.94 -19.37 21.69
C GLN D 10 13.40 -18.96 21.88
N ALA D 11 13.84 -17.99 21.09
CA ALA D 11 15.23 -17.55 21.15
C ALA D 11 15.50 -16.82 22.45
N GLY D 12 16.68 -17.06 23.01
CA GLY D 12 17.11 -16.36 24.19
C GLY D 12 16.88 -17.11 25.48
N ILE D 13 15.74 -17.78 25.60
CA ILE D 13 15.38 -18.47 26.83
C ILE D 13 16.09 -19.83 26.87
N SER D 14 16.90 -20.04 27.90
CA SER D 14 17.65 -21.27 28.04
C SER D 14 16.76 -22.42 28.47
N TYR D 15 17.06 -23.61 27.97
CA TYR D 15 16.35 -24.83 28.31
C TYR D 15 17.31 -25.73 29.09
N ASN D 16 16.90 -26.14 30.29
CA ASN D 16 17.73 -26.92 31.19
C ASN D 16 17.07 -28.26 31.49
N THR D 17 17.88 -29.32 31.52
CA THR D 17 17.39 -30.66 31.74
C THR D 17 18.44 -31.44 32.51
N ILE D 18 18.02 -32.52 33.14
CA ILE D 18 18.92 -33.47 33.80
C ILE D 18 18.60 -34.86 33.26
N VAL D 19 19.64 -35.58 32.84
CA VAL D 19 19.52 -37.00 32.51
C VAL D 19 19.99 -37.81 33.70
N ASN D 20 19.17 -38.76 34.13
CA ASN D 20 19.38 -39.52 35.36
C ASN D 20 19.60 -40.98 35.00
N ARG D 21 20.82 -41.46 35.21
CA ARG D 21 21.07 -42.87 35.05
C ARG D 21 20.69 -43.63 36.32
N ALA D 22 20.74 -44.96 36.24
CA ALA D 22 20.27 -45.80 37.33
C ALA D 22 21.09 -45.58 38.60
N GLY D 23 22.41 -45.68 38.49
CA GLY D 23 23.26 -45.55 39.66
C GLY D 23 24.42 -44.60 39.46
N TYR D 24 24.38 -43.82 38.39
CA TYR D 24 25.45 -42.88 38.06
C TYR D 24 24.99 -41.45 38.36
N ALA D 25 25.96 -40.55 38.35
CA ALA D 25 25.68 -39.16 38.71
C ALA D 25 24.79 -38.52 37.65
N PRO D 26 23.82 -37.70 38.07
CA PRO D 26 22.99 -36.98 37.09
C PRO D 26 23.82 -36.06 36.23
N LEU D 27 23.44 -35.96 34.95
CA LEU D 27 24.21 -35.16 34.00
C LEU D 27 23.36 -34.02 33.48
N PRO D 28 23.86 -32.78 33.51
CA PRO D 28 23.05 -31.64 33.08
C PRO D 28 23.15 -31.33 31.60
N ILE D 29 22.05 -30.83 31.06
CA ILE D 29 21.93 -30.38 29.68
C ILE D 29 21.45 -28.94 29.71
N SER D 30 22.12 -28.08 28.96
CA SER D 30 21.72 -26.67 28.88
C SER D 30 21.83 -26.21 27.43
N ILE D 31 20.69 -25.89 26.82
CA ILE D 31 20.65 -25.46 25.43
C ILE D 31 20.13 -24.03 25.39
N THR D 32 20.92 -23.13 24.84
CA THR D 32 20.51 -21.74 24.66
C THR D 32 20.39 -21.45 23.17
N PRO D 33 19.17 -21.30 22.63
CA PRO D 33 19.03 -20.89 21.23
C PRO D 33 19.21 -19.38 21.10
N THR D 34 20.35 -18.97 20.57
CA THR D 34 20.61 -17.55 20.40
C THR D 34 19.85 -16.97 19.21
N LYS D 35 19.60 -17.78 18.18
CA LYS D 35 18.97 -17.30 16.97
C LYS D 35 18.44 -18.49 16.18
N ILE D 36 17.22 -18.38 15.69
CA ILE D 36 16.57 -19.43 14.90
C ILE D 36 16.21 -18.84 13.54
N LYS D 37 16.67 -19.49 12.47
CA LYS D 37 16.43 -19.04 11.11
C LYS D 37 15.51 -20.00 10.39
N LEU D 38 14.62 -19.45 9.57
CA LEU D 38 13.75 -20.22 8.68
C LEU D 38 13.98 -19.68 7.28
N ILE D 39 14.66 -20.47 6.45
CA ILE D 39 15.15 -20.01 5.15
C ILE D 39 14.44 -20.74 4.03
N PRO D 40 13.46 -20.13 3.38
CA PRO D 40 12.78 -20.79 2.26
C PRO D 40 13.68 -20.87 1.05
N THR D 41 13.38 -21.84 0.18
CA THR D 41 14.04 -21.97 -1.11
C THR D 41 13.33 -21.06 -2.11
N VAL D 42 14.07 -20.14 -2.71
CA VAL D 42 13.51 -19.11 -3.56
C VAL D 42 14.07 -19.26 -4.97
N ASN D 43 13.18 -19.21 -5.96
CA ASN D 43 13.56 -19.19 -7.36
C ASN D 43 13.19 -17.83 -7.93
N LEU D 44 14.17 -17.17 -8.56
CA LEU D 44 13.94 -15.87 -9.17
C LEU D 44 13.53 -16.06 -10.62
N GLU D 45 12.33 -15.58 -10.96
CA GLU D 45 11.88 -15.69 -12.34
C GLU D 45 11.84 -14.38 -13.10
N TYR D 46 11.76 -13.23 -12.43
CA TYR D 46 11.96 -11.97 -13.12
C TYR D 46 12.18 -10.84 -12.12
N VAL D 47 12.60 -9.70 -12.65
CA VAL D 47 12.79 -8.47 -11.91
C VAL D 47 12.05 -7.36 -12.64
N THR D 48 11.69 -6.32 -11.89
CA THR D 48 10.92 -5.22 -12.43
C THR D 48 11.49 -3.90 -11.92
N CYS D 49 11.52 -2.90 -12.80
CA CYS D 49 11.94 -1.56 -12.43
C CYS D 49 11.11 -0.56 -13.22
N HIS D 50 11.39 0.71 -13.03
CA HIS D 50 10.76 1.73 -13.86
C HIS D 50 11.23 1.57 -15.30
N TYR D 51 10.31 1.72 -16.24
CA TYR D 51 10.70 1.64 -17.64
C TYR D 51 11.08 3.01 -18.17
N LYS D 52 11.72 3.01 -19.33
CA LYS D 52 12.04 4.23 -20.06
C LYS D 52 11.56 4.05 -21.49
N THR D 53 10.68 4.93 -21.93
CA THR D 53 10.14 4.84 -23.27
C THR D 53 11.12 5.51 -24.22
N GLY D 54 11.88 4.69 -24.94
CA GLY D 54 12.79 5.22 -25.93
C GLY D 54 12.07 5.51 -27.23
N MET D 55 12.52 6.57 -27.91
CA MET D 55 11.94 6.99 -29.17
C MET D 55 13.06 7.24 -30.18
N ASP D 56 12.90 6.69 -31.37
CA ASP D 56 13.82 7.03 -32.45
C ASP D 56 13.49 8.41 -32.99
N SER D 57 14.51 9.09 -33.50
CA SER D 57 14.29 10.38 -34.12
C SER D 57 13.40 10.20 -35.35
N PRO D 58 12.43 11.09 -35.54
CA PRO D 58 11.48 10.92 -36.65
C PRO D 58 12.18 10.96 -38.00
N ALA D 59 11.73 10.10 -38.90
CA ALA D 59 12.25 10.06 -40.26
C ALA D 59 11.30 10.85 -41.16
N ILE D 60 11.74 12.00 -41.64
CA ILE D 60 10.89 12.93 -42.38
C ILE D 60 11.26 12.86 -43.85
N LYS D 61 10.26 12.73 -44.72
CA LYS D 61 10.45 12.67 -46.15
C LYS D 61 9.54 13.71 -46.81
N CYS D 62 10.13 14.61 -47.59
CA CYS D 62 9.41 15.69 -48.25
C CYS D 62 9.00 15.26 -49.65
N CYS D 63 7.74 15.45 -50.00
CA CYS D 63 7.14 14.95 -51.23
C CYS D 63 7.51 13.46 -51.43
N GLY D 64 7.06 12.64 -50.49
CA GLY D 64 7.35 11.23 -50.58
C GLY D 64 6.49 10.42 -49.64
N SER D 65 6.79 9.13 -49.57
CA SER D 65 6.09 8.21 -48.68
C SER D 65 7.11 7.22 -48.11
N GLN D 66 6.76 6.64 -46.97
CA GLN D 66 7.63 5.71 -46.27
C GLN D 66 6.82 4.51 -45.79
N GLU D 67 7.54 3.47 -45.37
CA GLU D 67 6.94 2.23 -44.91
C GLU D 67 7.46 1.86 -43.54
N CYS D 68 6.64 1.15 -42.77
CA CYS D 68 6.97 0.82 -41.40
C CYS D 68 7.94 -0.35 -41.34
N THR D 69 9.03 -0.18 -40.60
CA THR D 69 9.98 -1.27 -40.39
C THR D 69 9.37 -2.30 -39.42
N PRO D 70 9.62 -3.59 -39.64
CA PRO D 70 9.11 -4.60 -38.71
C PRO D 70 9.59 -4.38 -37.29
N THR D 71 8.73 -4.69 -36.34
CA THR D 71 9.02 -4.49 -34.92
C THR D 71 9.99 -5.56 -34.41
N TYR D 72 11.00 -5.12 -33.68
CA TYR D 72 12.01 -6.03 -33.14
C TYR D 72 12.46 -5.70 -31.72
N ARG D 73 11.80 -4.77 -31.05
CA ARG D 73 12.19 -4.29 -29.73
C ARG D 73 11.01 -4.36 -28.78
N PRO D 74 11.26 -4.38 -27.46
CA PRO D 74 10.15 -4.56 -26.50
C PRO D 74 9.08 -3.49 -26.64
N ASP D 75 7.86 -3.95 -26.93
CA ASP D 75 6.70 -3.08 -27.15
C ASP D 75 6.93 -2.06 -28.25
N GLU D 76 7.88 -2.34 -29.16
CA GLU D 76 8.20 -1.39 -30.21
C GLU D 76 7.07 -1.32 -31.21
N GLN D 77 6.81 -0.11 -31.71
CA GLN D 77 5.76 0.09 -32.69
C GLN D 77 6.05 1.35 -33.49
N CYS D 78 5.62 1.34 -34.74
CA CYS D 78 5.94 2.39 -35.70
C CYS D 78 4.65 2.91 -36.33
N LYS D 79 4.70 4.16 -36.80
CA LYS D 79 3.57 4.75 -37.48
C LYS D 79 4.06 5.82 -38.44
N VAL D 80 3.47 5.85 -39.62
CA VAL D 80 3.80 6.83 -40.67
C VAL D 80 2.64 7.81 -40.75
N PHE D 81 2.91 9.06 -40.40
CA PHE D 81 1.92 10.13 -40.44
C PHE D 81 2.14 10.94 -41.71
N THR D 82 1.10 11.03 -42.53
CA THR D 82 1.18 11.70 -43.82
C THR D 82 0.55 13.08 -43.73
N GLY D 83 1.12 14.02 -44.46
CA GLY D 83 0.62 15.39 -44.45
C GLY D 83 1.23 16.27 -43.38
N VAL D 84 2.42 15.94 -42.90
CA VAL D 84 3.10 16.73 -41.90
C VAL D 84 3.88 17.85 -42.59
N TYR D 85 4.06 18.95 -41.87
CA TYR D 85 4.86 20.09 -42.35
C TYR D 85 5.84 20.46 -41.23
N PRO D 86 6.92 19.71 -41.08
CA PRO D 86 7.86 19.98 -40.00
C PRO D 86 8.47 21.36 -40.14
N PHE D 87 8.80 21.96 -38.99
CA PHE D 87 9.21 23.36 -38.93
C PHE D 87 10.35 23.46 -37.93
N MET D 88 11.59 23.39 -38.42
CA MET D 88 12.77 23.41 -37.58
C MET D 88 13.04 24.83 -37.09
N TRP D 89 14.16 25.01 -36.39
CA TRP D 89 14.53 26.35 -35.94
C TRP D 89 14.93 27.24 -37.12
N GLY D 90 15.51 26.66 -38.16
CA GLY D 90 15.85 27.42 -39.34
C GLY D 90 14.78 27.36 -40.41
N GLY D 91 13.56 27.74 -40.04
CA GLY D 91 12.47 27.75 -40.99
C GLY D 91 11.87 26.38 -41.22
N ALA D 92 10.97 26.33 -42.21
CA ALA D 92 10.28 25.09 -42.53
C ALA D 92 11.27 24.05 -43.04
N TYR D 93 11.08 22.80 -42.62
CA TYR D 93 12.00 21.74 -43.02
C TYR D 93 11.76 21.32 -44.46
N CYS D 94 10.50 21.21 -44.88
CA CYS D 94 10.15 20.76 -46.21
C CYS D 94 9.61 21.93 -47.03
N PHE D 95 9.92 21.92 -48.32
CA PHE D 95 9.36 22.87 -49.29
C PHE D 95 8.06 22.37 -49.88
N CYS D 96 7.45 21.35 -49.29
CA CYS D 96 6.41 20.56 -49.94
C CYS D 96 5.18 20.61 -49.05
N ASP D 97 4.10 21.20 -49.56
CA ASP D 97 2.97 21.56 -48.70
C ASP D 97 2.33 20.33 -48.06
N THR D 98 2.17 19.27 -48.82
CA THR D 98 1.58 18.04 -48.31
C THR D 98 2.37 16.88 -48.91
N GLU D 99 1.80 15.66 -48.84
CA GLU D 99 2.48 14.41 -49.20
C GLU D 99 3.88 14.32 -48.59
N ASN D 100 4.05 14.89 -47.40
CA ASN D 100 5.25 14.70 -46.60
C ASN D 100 4.96 13.70 -45.50
N THR D 101 5.81 12.70 -45.35
CA THR D 101 5.55 11.62 -44.41
C THR D 101 6.59 11.60 -43.31
N GLN D 102 6.13 11.49 -42.07
CA GLN D 102 7.00 11.38 -40.91
C GLN D 102 6.81 10.01 -40.28
N VAL D 103 7.88 9.26 -40.16
CA VAL D 103 7.87 7.96 -39.49
C VAL D 103 8.30 8.16 -38.05
N SER D 104 7.45 7.76 -37.12
CA SER D 104 7.77 7.84 -35.69
C SER D 104 7.56 6.47 -35.07
N LYS D 105 8.55 5.99 -34.36
CA LYS D 105 8.48 4.70 -33.69
C LYS D 105 8.97 4.85 -32.25
N ALA D 106 8.46 3.98 -31.39
CA ALA D 106 8.79 4.02 -29.97
C ALA D 106 8.87 2.60 -29.44
N TYR D 107 9.55 2.46 -28.30
CA TYR D 107 9.72 1.17 -27.66
C TYR D 107 10.03 1.40 -26.19
N VAL D 108 10.14 0.31 -25.45
CA VAL D 108 10.35 0.37 -24.00
C VAL D 108 11.66 -0.33 -23.66
N MET D 109 12.43 0.29 -22.76
CA MET D 109 13.63 -0.31 -22.22
C MET D 109 13.59 -0.22 -20.70
N LYS D 110 14.57 -0.85 -20.06
CA LYS D 110 14.75 -0.68 -18.63
C LYS D 110 15.36 0.69 -18.36
N SER D 111 15.00 1.27 -17.21
CA SER D 111 15.56 2.56 -16.85
C SER D 111 17.05 2.41 -16.52
N ASP D 112 17.75 3.54 -16.55
CA ASP D 112 19.18 3.53 -16.30
C ASP D 112 19.52 3.12 -14.86
N ASP D 113 18.55 3.19 -13.95
CA ASP D 113 18.75 2.87 -12.55
C ASP D 113 18.20 1.50 -12.18
N CYS D 114 17.96 0.63 -13.17
CA CYS D 114 17.44 -0.70 -12.89
C CYS D 114 18.44 -1.59 -12.16
N LEU D 115 19.72 -1.22 -12.12
CA LEU D 115 20.70 -2.03 -11.41
C LEU D 115 20.50 -1.95 -9.90
N ALA D 116 20.05 -0.82 -9.39
CA ALA D 116 19.83 -0.63 -7.96
C ALA D 116 18.36 -0.52 -7.58
N ASP D 117 17.56 0.22 -8.35
CA ASP D 117 16.15 0.42 -8.01
C ASP D 117 15.31 -0.58 -8.82
N HIS D 118 15.30 -1.82 -8.34
CA HIS D 118 14.49 -2.87 -8.93
C HIS D 118 13.97 -3.77 -7.84
N ALA D 119 12.83 -4.40 -8.10
CA ALA D 119 12.24 -5.39 -7.20
C ALA D 119 12.25 -6.74 -7.90
N GLU D 120 12.71 -7.76 -7.19
CA GLU D 120 12.85 -9.09 -7.77
C GLU D 120 11.79 -10.03 -7.22
N ALA D 121 11.12 -10.75 -8.11
CA ALA D 121 10.01 -11.61 -7.75
C ALA D 121 10.51 -13.04 -7.60
N TYR D 122 10.21 -13.64 -6.44
CA TYR D 122 10.65 -14.98 -6.09
C TYR D 122 9.45 -15.89 -5.88
N LYS D 123 9.69 -17.18 -6.02
CA LYS D 123 8.75 -18.21 -5.58
C LYS D 123 9.39 -18.96 -4.43
N ALA D 124 8.68 -19.03 -3.30
CA ALA D 124 9.22 -19.57 -2.06
C ALA D 124 8.50 -20.85 -1.69
N HIS D 125 9.28 -21.86 -1.30
CA HIS D 125 8.72 -23.13 -0.87
C HIS D 125 9.79 -23.89 -0.10
N THR D 126 9.33 -24.87 0.70
CA THR D 126 10.21 -25.81 1.41
C THR D 126 11.23 -25.06 2.27
N ALA D 127 10.68 -24.41 3.30
CA ALA D 127 11.53 -23.67 4.23
C ALA D 127 12.47 -24.61 4.96
N SER D 128 13.71 -24.16 5.16
CA SER D 128 14.76 -24.94 5.81
C SER D 128 15.09 -24.27 7.14
N VAL D 129 14.69 -24.91 8.23
CA VAL D 129 14.90 -24.34 9.55
C VAL D 129 16.34 -24.54 9.98
N GLN D 130 16.93 -23.49 10.55
CA GLN D 130 18.26 -23.53 11.12
C GLN D 130 18.22 -22.87 12.48
N ALA D 131 19.18 -23.24 13.34
CA ALA D 131 19.24 -22.66 14.67
C ALA D 131 20.69 -22.41 15.04
N PHE D 132 20.91 -21.46 15.93
CA PHE D 132 22.22 -21.23 16.53
C PHE D 132 22.11 -21.62 17.99
N LEU D 133 22.79 -22.70 18.37
CA LEU D 133 22.64 -23.27 19.70
C LEU D 133 23.95 -23.22 20.45
N ASN D 134 23.89 -22.76 21.69
CA ASN D 134 24.98 -22.89 22.64
C ASN D 134 24.61 -23.98 23.63
N ILE D 135 25.26 -25.13 23.50
CA ILE D 135 24.90 -26.35 24.23
C ILE D 135 25.99 -26.64 25.26
N THR D 136 25.58 -27.13 26.42
CA THR D 136 26.50 -27.49 27.50
C THR D 136 26.04 -28.80 28.12
N VAL D 137 26.92 -29.81 28.10
CA VAL D 137 26.70 -31.07 28.77
C VAL D 137 27.96 -31.45 29.52
N GLY D 138 27.82 -31.78 30.81
CA GLY D 138 28.95 -32.23 31.59
C GLY D 138 30.12 -31.28 31.63
N GLU D 139 29.86 -29.99 31.81
CA GLU D 139 30.85 -28.92 31.82
C GLU D 139 31.58 -28.76 30.49
N HIS D 140 31.13 -29.47 29.46
CA HIS D 140 31.68 -29.35 28.10
C HIS D 140 30.68 -28.60 27.24
N SER D 141 31.13 -27.51 26.62
CA SER D 141 30.23 -26.62 25.91
C SER D 141 30.68 -26.43 24.47
N ILE D 142 29.72 -26.06 23.63
CA ILE D 142 29.99 -25.75 22.23
C ILE D 142 28.89 -24.82 21.73
N VAL D 143 29.30 -23.78 21.00
CA VAL D 143 28.37 -22.89 20.30
C VAL D 143 28.49 -23.21 18.81
N THR D 144 27.35 -23.49 18.18
CA THR D 144 27.38 -24.01 16.82
C THR D 144 26.08 -23.66 16.12
N THR D 145 26.02 -24.00 14.84
CA THR D 145 24.83 -23.87 14.02
C THR D 145 24.30 -25.27 13.74
N VAL D 146 23.02 -25.50 14.05
CA VAL D 146 22.39 -26.80 13.94
C VAL D 146 21.30 -26.71 12.89
N TYR D 147 21.39 -27.56 11.88
CA TYR D 147 20.32 -27.68 10.91
C TYR D 147 19.19 -28.51 11.53
N VAL D 148 17.98 -27.97 11.49
CA VAL D 148 16.89 -28.48 12.31
C VAL D 148 16.16 -29.56 11.50
N ASN D 149 16.79 -30.02 10.41
CA ASN D 149 16.34 -31.26 9.82
C ASN D 149 16.63 -32.41 10.78
N GLY D 150 15.81 -33.45 10.69
CA GLY D 150 15.88 -34.49 11.70
C GLY D 150 17.02 -35.46 11.58
N GLU D 151 18.00 -35.19 10.72
CA GLU D 151 19.05 -36.15 10.43
C GLU D 151 20.46 -35.62 10.67
N THR D 152 20.74 -34.36 10.36
CA THR D 152 22.09 -33.85 10.44
C THR D 152 22.56 -33.82 11.89
N PRO D 153 23.62 -34.53 12.25
CA PRO D 153 24.11 -34.51 13.63
C PRO D 153 25.23 -33.49 13.84
N VAL D 154 25.33 -33.03 15.09
CA VAL D 154 26.45 -32.22 15.53
C VAL D 154 27.23 -33.01 16.56
N ASN D 155 28.56 -33.05 16.38
CA ASN D 155 29.45 -33.89 17.15
C ASN D 155 30.28 -33.00 18.07
N PHE D 156 30.37 -33.38 19.35
CA PHE D 156 31.39 -32.76 20.20
C PHE D 156 31.63 -33.64 21.41
N ASN D 157 32.91 -33.89 21.71
CA ASN D 157 33.32 -34.69 22.85
C ASN D 157 32.65 -36.07 22.83
N GLY D 158 32.54 -36.64 21.64
CA GLY D 158 31.94 -37.95 21.48
C GLY D 158 30.43 -37.96 21.57
N VAL D 159 29.80 -36.80 21.76
CA VAL D 159 28.36 -36.69 21.93
C VAL D 159 27.74 -36.32 20.59
N LYS D 160 26.68 -37.03 20.22
CA LYS D 160 25.86 -36.73 19.06
C LYS D 160 24.66 -35.92 19.50
N ILE D 161 24.32 -34.87 18.77
CA ILE D 161 23.07 -34.15 18.99
C ILE D 161 22.37 -33.98 17.65
N THR D 162 21.10 -34.37 17.60
CA THR D 162 20.27 -34.19 16.42
C THR D 162 19.01 -33.44 16.81
N ALA D 163 18.77 -32.30 16.17
CA ALA D 163 17.63 -31.46 16.48
C ALA D 163 16.65 -31.45 15.30
N GLY D 164 15.36 -31.46 15.62
CA GLY D 164 14.34 -31.38 14.61
C GLY D 164 13.78 -32.73 14.22
N PRO D 165 12.87 -32.75 13.23
CA PRO D 165 12.38 -31.59 12.49
C PRO D 165 11.38 -30.76 13.28
N LEU D 166 11.22 -29.50 12.91
CA LEU D 166 10.33 -28.60 13.64
C LEU D 166 8.92 -29.16 13.68
N SER D 167 8.25 -29.01 14.83
CA SER D 167 6.94 -29.60 15.02
C SER D 167 5.89 -29.02 14.08
N THR D 168 6.15 -27.84 13.51
CA THR D 168 5.20 -27.20 12.60
C THR D 168 5.89 -26.84 11.30
N ALA D 169 5.11 -26.83 10.22
CA ALA D 169 5.61 -26.46 8.90
C ALA D 169 5.21 -25.04 8.52
N TRP D 170 4.73 -24.25 9.49
CA TRP D 170 4.29 -22.89 9.21
C TRP D 170 5.46 -22.04 8.72
N THR D 171 5.22 -21.26 7.66
CA THR D 171 6.17 -20.30 7.16
C THR D 171 5.47 -18.99 6.87
N PRO D 172 6.13 -17.85 7.08
CA PRO D 172 5.46 -16.56 6.83
C PRO D 172 5.40 -16.18 5.36
N PHE D 173 6.24 -16.76 4.51
CA PHE D 173 6.28 -16.40 3.10
C PHE D 173 5.24 -17.20 2.33
N ASP D 174 4.52 -16.52 1.46
CA ASP D 174 3.51 -17.17 0.63
C ASP D 174 4.21 -17.89 -0.53
N ARG D 175 3.43 -18.38 -1.49
CA ARG D 175 4.01 -19.04 -2.64
C ARG D 175 4.83 -18.07 -3.48
N LYS D 176 4.35 -16.85 -3.65
CA LYS D 176 5.00 -15.83 -4.45
C LYS D 176 5.34 -14.63 -3.56
N ILE D 177 6.60 -14.23 -3.56
CA ILE D 177 7.06 -13.09 -2.76
C ILE D 177 7.80 -12.12 -3.66
N VAL D 178 7.95 -10.89 -3.17
CA VAL D 178 8.67 -9.84 -3.88
C VAL D 178 9.67 -9.22 -2.91
N GLN D 179 10.92 -9.09 -3.34
CA GLN D 179 11.93 -8.42 -2.54
C GLN D 179 12.25 -7.07 -3.15
N TYR D 180 12.14 -6.01 -2.35
CA TYR D 180 12.47 -4.66 -2.80
C TYR D 180 13.07 -3.88 -1.65
N ALA D 181 14.25 -3.30 -1.87
CA ALA D 181 14.91 -2.41 -0.91
C ALA D 181 15.08 -3.09 0.44
N GLY D 182 15.40 -4.38 0.42
CA GLY D 182 15.61 -5.12 1.65
C GLY D 182 14.35 -5.51 2.40
N GLU D 183 13.18 -5.39 1.78
CA GLU D 183 11.91 -5.74 2.41
C GLU D 183 11.17 -6.76 1.56
N ILE D 184 10.52 -7.72 2.22
CA ILE D 184 9.84 -8.82 1.57
C ILE D 184 8.33 -8.60 1.67
N TYR D 185 7.65 -8.73 0.54
CA TYR D 185 6.21 -8.54 0.46
C TYR D 185 5.57 -9.82 -0.07
N ASN D 186 4.43 -10.19 0.51
CA ASN D 186 3.66 -11.34 0.05
C ASN D 186 2.72 -10.88 -1.06
N TYR D 187 3.28 -10.80 -2.28
CA TYR D 187 2.57 -10.26 -3.43
C TYR D 187 2.36 -11.35 -4.47
N ASP D 188 1.12 -11.45 -4.97
CA ASP D 188 0.77 -12.41 -6.01
C ASP D 188 0.95 -11.74 -7.37
N PHE D 189 2.21 -11.62 -7.76
CA PHE D 189 2.56 -10.91 -8.98
C PHE D 189 2.18 -11.73 -10.21
N PRO D 190 1.96 -11.08 -11.35
CA PRO D 190 1.80 -11.82 -12.60
C PRO D 190 3.13 -12.41 -13.03
N GLU D 191 3.08 -13.60 -13.62
CA GLU D 191 4.32 -14.28 -13.99
C GLU D 191 4.83 -13.78 -15.34
N TYR D 192 6.04 -14.23 -15.68
CA TYR D 192 6.73 -13.75 -16.87
C TYR D 192 5.88 -14.00 -18.11
N GLY D 193 5.76 -12.98 -18.95
CA GLY D 193 4.91 -13.06 -20.11
C GLY D 193 3.45 -12.75 -19.86
N ALA D 194 3.07 -12.44 -18.61
CA ALA D 194 1.69 -12.13 -18.30
C ALA D 194 1.55 -10.79 -17.59
N GLY D 195 2.56 -9.93 -17.67
CA GLY D 195 2.45 -8.63 -17.05
C GLY D 195 1.44 -7.74 -17.75
N GLN D 196 0.79 -6.88 -16.96
CA GLN D 196 -0.25 -6.02 -17.46
C GLN D 196 0.14 -4.56 -17.32
N PRO D 197 -0.31 -3.70 -18.24
CA PRO D 197 0.07 -2.28 -18.16
C PRO D 197 -0.45 -1.62 -16.90
N GLY D 198 0.35 -0.71 -16.35
CA GLY D 198 -0.04 0.07 -15.20
C GLY D 198 0.01 -0.65 -13.87
N ALA D 199 0.46 -1.90 -13.85
CA ALA D 199 0.53 -2.68 -12.62
C ALA D 199 1.93 -3.27 -12.50
N PHE D 200 2.21 -3.82 -11.32
CA PHE D 200 3.52 -4.40 -11.06
C PHE D 200 3.83 -5.48 -12.09
N GLY D 201 5.05 -5.44 -12.61
CA GLY D 201 5.43 -6.39 -13.64
C GLY D 201 4.97 -6.04 -15.03
N ASP D 202 4.66 -4.78 -15.31
CA ASP D 202 4.30 -4.40 -16.67
C ASP D 202 5.45 -4.63 -17.63
N ILE D 203 6.68 -4.35 -17.19
CA ILE D 203 7.88 -4.76 -17.90
C ILE D 203 8.59 -5.80 -17.03
N GLN D 204 9.08 -6.86 -17.67
CA GLN D 204 9.67 -7.99 -16.97
C GLN D 204 10.97 -8.40 -17.65
N SER D 205 12.01 -8.61 -16.85
CA SER D 205 13.28 -9.12 -17.33
C SER D 205 13.65 -10.33 -16.48
N ARG D 206 14.14 -11.39 -17.14
CA ARG D 206 14.41 -12.64 -16.44
C ARG D 206 15.43 -12.44 -15.32
N THR D 207 16.51 -11.73 -15.62
CA THR D 207 17.49 -11.30 -14.62
C THR D 207 17.80 -9.83 -14.84
N VAL D 208 18.63 -9.27 -13.96
CA VAL D 208 19.02 -7.87 -14.09
C VAL D 208 19.85 -7.68 -15.35
N SER D 209 20.76 -8.61 -15.63
CA SER D 209 21.67 -8.50 -16.76
C SER D 209 21.15 -9.16 -18.03
N SER D 210 19.96 -9.76 -17.99
CA SER D 210 19.43 -10.46 -19.15
C SER D 210 19.10 -9.47 -20.26
N SER D 211 19.30 -9.90 -21.50
CA SER D 211 19.03 -9.08 -22.67
C SER D 211 17.58 -9.12 -23.11
N ASP D 212 16.77 -9.98 -22.51
CA ASP D 212 15.36 -10.08 -22.83
C ASP D 212 14.55 -9.13 -21.96
N LEU D 213 13.42 -8.68 -22.48
CA LEU D 213 12.54 -7.79 -21.74
C LEU D 213 11.13 -7.91 -22.31
N TYR D 214 10.20 -8.38 -21.49
CA TYR D 214 8.79 -8.40 -21.85
C TYR D 214 8.16 -7.09 -21.38
N ALA D 215 7.64 -6.30 -22.32
CA ALA D 215 7.05 -5.01 -22.01
C ALA D 215 5.60 -4.98 -22.51
N ASN D 216 4.70 -4.50 -21.65
CA ASN D 216 3.29 -4.36 -21.99
C ASN D 216 2.76 -3.14 -21.25
N THR D 217 2.77 -1.98 -21.93
CA THR D 217 2.44 -0.72 -21.27
C THR D 217 1.38 0.10 -22.00
N ASN D 218 0.69 -0.48 -22.98
CA ASN D 218 -0.24 0.26 -23.84
C ASN D 218 0.41 1.48 -24.47
N LEU D 219 1.64 1.30 -24.95
CA LEU D 219 2.29 2.37 -25.70
C LEU D 219 1.53 2.59 -27.00
N VAL D 220 1.05 3.82 -27.21
CA VAL D 220 0.29 4.18 -28.40
C VAL D 220 0.86 5.47 -28.96
N LEU D 221 1.15 5.48 -30.26
CA LEU D 221 1.70 6.66 -30.91
C LEU D 221 0.58 7.55 -31.42
N GLN D 222 0.73 8.85 -31.18
CA GLN D 222 -0.26 9.85 -31.57
C GLN D 222 0.29 10.72 -32.69
N ARG D 223 -0.61 11.42 -33.37
CA ARG D 223 -0.22 12.26 -34.49
C ARG D 223 0.54 13.49 -34.00
N PRO D 224 1.66 13.84 -34.61
CA PRO D 224 2.42 15.01 -34.16
C PRO D 224 1.64 16.30 -34.36
N LYS D 225 1.90 17.26 -33.47
CA LYS D 225 1.32 18.57 -33.62
C LYS D 225 1.83 19.23 -34.90
N ALA D 226 0.97 20.04 -35.51
CA ALA D 226 1.32 20.67 -36.78
C ALA D 226 2.55 21.55 -36.63
N GLY D 227 3.50 21.38 -37.53
CA GLY D 227 4.72 22.17 -37.50
C GLY D 227 5.68 21.85 -36.39
N ALA D 228 5.63 20.63 -35.85
CA ALA D 228 6.50 20.23 -34.76
C ALA D 228 7.14 18.89 -35.07
N ILE D 229 8.43 18.78 -34.80
CA ILE D 229 9.18 17.55 -34.95
C ILE D 229 9.31 16.93 -33.57
N HIS D 230 8.46 15.95 -33.28
CA HIS D 230 8.53 15.21 -32.03
C HIS D 230 7.72 13.94 -32.19
N VAL D 231 7.91 13.01 -31.26
CA VAL D 231 7.18 11.74 -31.27
C VAL D 231 6.20 11.74 -30.12
N PRO D 232 4.93 12.07 -30.36
CA PRO D 232 3.94 12.02 -29.28
C PRO D 232 3.44 10.60 -29.07
N TYR D 233 3.53 10.13 -27.84
CA TYR D 233 3.10 8.78 -27.49
C TYR D 233 2.20 8.85 -26.27
N THR D 234 1.52 7.74 -26.01
CA THR D 234 0.65 7.62 -24.86
C THR D 234 0.76 6.20 -24.32
N GLN D 235 0.98 6.08 -23.01
CA GLN D 235 1.06 4.77 -22.39
C GLN D 235 0.64 4.85 -20.94
N ALA D 236 0.31 3.70 -20.37
CA ALA D 236 -0.11 3.65 -18.99
C ALA D 236 1.06 4.01 -18.08
N PRO D 237 0.82 4.72 -16.98
CA PRO D 237 1.91 5.08 -16.08
C PRO D 237 2.57 3.84 -15.50
N SER D 238 3.85 3.98 -15.15
CA SER D 238 4.67 2.84 -14.78
C SER D 238 4.05 2.06 -13.64
N GLY D 239 4.01 0.74 -13.80
CA GLY D 239 3.41 -0.10 -12.78
C GLY D 239 4.28 -0.27 -11.55
N PHE D 240 5.59 -0.15 -11.71
CA PHE D 240 6.49 -0.24 -10.57
C PHE D 240 6.29 0.93 -9.62
N GLU D 241 6.19 2.15 -10.16
CA GLU D 241 5.92 3.31 -9.34
C GLU D 241 4.56 3.20 -8.66
N GLN D 242 3.55 2.76 -9.40
CA GLN D 242 2.22 2.59 -8.81
C GLN D 242 2.24 1.58 -7.68
N TRP D 243 2.94 0.45 -7.88
CA TRP D 243 3.06 -0.54 -6.82
C TRP D 243 3.76 0.03 -5.61
N LYS D 244 4.81 0.82 -5.83
CA LYS D 244 5.52 1.44 -4.72
C LYS D 244 4.63 2.40 -3.95
N LYS D 245 3.72 3.08 -4.65
CA LYS D 245 2.84 4.05 -3.97
C LYS D 245 1.97 3.37 -2.92
N ASP D 246 1.37 2.23 -3.26
CA ASP D 246 0.49 1.50 -2.36
C ASP D 246 0.84 0.01 -2.41
N LYS D 247 1.75 -0.41 -1.54
CA LYS D 247 2.19 -1.80 -1.49
C LYS D 247 1.96 -2.47 -0.15
N ALA D 248 1.44 -1.76 0.84
CA ALA D 248 1.17 -2.27 2.18
C ALA D 248 2.47 -2.57 2.92
N PRO D 249 2.47 -2.57 4.25
CA PRO D 249 3.71 -2.83 4.98
C PRO D 249 4.27 -4.22 4.64
N SER D 250 5.59 -4.31 4.62
CA SER D 250 6.25 -5.55 4.26
C SER D 250 6.02 -6.60 5.36
N LEU D 251 6.55 -7.79 5.13
CA LEU D 251 6.40 -8.87 6.10
C LEU D 251 7.03 -8.53 7.44
N LYS D 252 8.00 -7.62 7.45
CA LYS D 252 8.67 -7.23 8.69
C LYS D 252 7.70 -6.70 9.72
N PHE D 253 6.54 -6.18 9.30
CA PHE D 253 5.58 -5.57 10.20
C PHE D 253 4.29 -6.36 10.32
N THR D 254 4.03 -7.32 9.44
CA THR D 254 2.77 -8.04 9.42
C THR D 254 2.90 -9.53 9.67
N ALA D 255 4.11 -10.06 9.80
CA ALA D 255 4.28 -11.50 9.92
C ALA D 255 3.78 -11.98 11.28
N PRO D 256 3.09 -13.11 11.32
CA PRO D 256 2.63 -13.66 12.61
C PRO D 256 3.80 -14.21 13.42
N PHE D 257 3.53 -14.43 14.70
CA PHE D 257 4.47 -15.02 15.66
C PHE D 257 5.69 -14.15 15.88
N GLY D 258 5.62 -12.87 15.53
CA GLY D 258 6.73 -11.97 15.78
C GLY D 258 8.00 -12.32 15.03
N CYS D 259 7.86 -12.76 13.78
CA CYS D 259 9.04 -13.08 12.98
C CYS D 259 9.74 -11.80 12.54
N GLU D 260 11.06 -11.91 12.35
CA GLU D 260 11.88 -10.82 11.84
C GLU D 260 12.40 -11.24 10.48
N ILE D 261 11.85 -10.68 9.42
CA ILE D 261 12.22 -11.07 8.05
C ILE D 261 13.42 -10.27 7.60
N TYR D 262 14.49 -10.98 7.25
CA TYR D 262 15.72 -10.40 6.75
C TYR D 262 15.96 -10.88 5.32
N THR D 263 16.92 -10.24 4.68
CA THR D 263 17.21 -10.47 3.27
C THR D 263 18.69 -10.79 3.11
N ASN D 264 19.02 -11.54 2.05
CA ASN D 264 20.38 -11.98 1.73
C ASN D 264 20.95 -12.84 2.85
N PRO D 265 20.48 -14.08 3.02
CA PRO D 265 19.39 -14.70 2.26
C PRO D 265 18.01 -14.31 2.79
N ILE D 266 16.97 -14.52 1.98
CA ILE D 266 15.61 -14.24 2.43
C ILE D 266 15.27 -15.23 3.54
N ARG D 267 15.08 -14.74 4.76
CA ARG D 267 14.87 -15.61 5.89
C ARG D 267 13.94 -14.94 6.88
N ALA D 268 13.37 -15.76 7.77
CA ALA D 268 12.58 -15.29 8.90
C ALA D 268 13.25 -15.76 10.17
N GLU D 269 13.60 -14.83 11.05
CA GLU D 269 14.35 -15.15 12.26
C GLU D 269 13.48 -14.96 13.49
N ASN D 270 13.67 -15.84 14.48
CA ASN D 270 13.07 -15.73 15.80
C ASN D 270 11.55 -15.70 15.74
N CYS D 271 10.98 -16.79 15.21
CA CYS D 271 9.55 -16.99 15.22
C CYS D 271 9.16 -17.84 16.42
N ALA D 272 8.19 -17.36 17.20
CA ALA D 272 7.78 -18.05 18.42
C ALA D 272 6.66 -19.04 18.10
N VAL D 273 7.01 -20.05 17.31
CA VAL D 273 6.06 -21.07 16.87
C VAL D 273 6.76 -22.43 16.88
N GLY D 274 6.03 -23.45 17.29
CA GLY D 274 6.52 -24.82 17.20
C GLY D 274 7.54 -25.15 18.29
N SER D 275 7.98 -26.41 18.24
CA SER D 275 8.98 -26.92 19.16
C SER D 275 9.97 -27.77 18.39
N ILE D 276 11.19 -27.84 18.91
CA ILE D 276 12.31 -28.55 18.28
C ILE D 276 12.55 -29.83 19.06
N PRO D 277 12.33 -31.00 18.48
CA PRO D 277 12.72 -32.24 19.16
C PRO D 277 14.22 -32.42 19.14
N LEU D 278 14.77 -32.87 20.27
CA LEU D 278 16.20 -33.04 20.45
C LEU D 278 16.49 -34.49 20.81
N ALA D 279 17.57 -35.03 20.25
CA ALA D 279 18.02 -36.38 20.56
C ALA D 279 19.51 -36.34 20.82
N PHE D 280 19.92 -36.73 22.02
CA PHE D 280 21.32 -36.79 22.41
C PHE D 280 21.76 -38.25 22.46
N ASP D 281 22.89 -38.54 21.84
CA ASP D 281 23.61 -39.80 22.02
C ASP D 281 24.83 -39.47 22.86
N ILE D 282 24.80 -39.84 24.13
CA ILE D 282 25.87 -39.56 25.08
C ILE D 282 26.69 -40.84 25.24
N PRO D 283 27.99 -40.83 24.94
CA PRO D 283 28.80 -42.02 25.20
C PRO D 283 28.85 -42.30 26.69
N ASP D 284 28.93 -43.60 27.02
CA ASP D 284 28.86 -44.04 28.41
C ASP D 284 30.04 -43.59 29.25
N ALA D 285 31.10 -43.09 28.63
CA ALA D 285 32.26 -42.62 29.40
C ALA D 285 31.96 -41.34 30.17
N LEU D 286 30.94 -40.58 29.78
CA LEU D 286 30.63 -39.33 30.46
C LEU D 286 29.95 -39.57 31.81
N PHE D 287 29.16 -40.62 31.95
CA PHE D 287 28.47 -40.88 33.20
C PHE D 287 29.47 -41.34 34.26
N THR D 288 29.41 -40.70 35.43
CA THR D 288 30.27 -41.04 36.55
C THR D 288 29.43 -41.52 37.73
N ARG D 289 30.07 -42.30 38.59
CA ARG D 289 29.36 -42.88 39.72
C ARG D 289 28.96 -41.81 40.73
N VAL D 290 27.96 -42.15 41.55
CA VAL D 290 27.46 -41.22 42.56
C VAL D 290 28.55 -40.91 43.59
N SER D 291 29.50 -41.83 43.78
CA SER D 291 30.57 -41.60 44.74
C SER D 291 31.41 -40.39 44.35
N GLU D 292 31.64 -40.20 43.06
CA GLU D 292 32.45 -39.08 42.61
C GLU D 292 31.74 -37.74 42.83
N THR D 293 30.47 -37.66 42.45
CA THR D 293 29.71 -36.44 42.69
C THR D 293 29.45 -36.27 44.19
N PRO D 294 29.35 -35.04 44.68
CA PRO D 294 29.09 -34.85 46.11
C PRO D 294 27.67 -35.22 46.50
N THR D 295 27.53 -36.35 47.19
CA THR D 295 26.22 -36.80 47.62
C THR D 295 25.70 -35.91 48.75
N LEU D 296 24.38 -35.83 48.86
CA LEU D 296 23.73 -34.92 49.78
C LEU D 296 22.67 -35.67 50.58
N SER D 297 22.48 -35.24 51.82
CA SER D 297 21.47 -35.83 52.69
C SER D 297 20.97 -34.76 53.65
N ALA D 298 19.75 -34.98 54.16
CA ALA D 298 19.12 -34.12 55.16
C ALA D 298 18.99 -32.68 54.64
N ALA D 299 18.16 -32.53 53.61
CA ALA D 299 17.88 -31.23 53.02
C ALA D 299 16.39 -30.96 52.99
N GLU D 300 16.05 -29.68 53.09
CA GLU D 300 14.67 -29.22 52.98
C GLU D 300 14.65 -27.89 52.24
N CYS D 301 13.52 -27.60 51.60
CA CYS D 301 13.32 -26.33 50.91
C CYS D 301 12.38 -25.44 51.70
N THR D 302 12.84 -24.23 52.00
CA THR D 302 11.99 -23.17 52.52
C THR D 302 11.87 -22.07 51.48
N LEU D 303 10.66 -21.59 51.27
CA LEU D 303 10.39 -20.60 50.23
C LEU D 303 10.58 -19.22 50.83
N ASN D 304 11.70 -18.57 50.49
CA ASN D 304 11.97 -17.24 51.02
C ASN D 304 10.90 -16.24 50.56
N GLU D 305 10.80 -16.02 49.26
CA GLU D 305 9.81 -15.07 48.76
C GLU D 305 9.44 -15.42 47.33
N CYS D 306 8.16 -15.59 47.07
CA CYS D 306 7.68 -15.95 45.74
C CYS D 306 6.75 -14.89 45.21
N VAL D 307 6.98 -14.47 43.97
CA VAL D 307 6.05 -13.67 43.20
C VAL D 307 5.97 -14.27 41.81
N TYR D 308 4.75 -14.54 41.34
CA TYR D 308 4.60 -15.26 40.07
C TYR D 308 4.57 -14.25 38.91
N SER D 309 5.73 -13.65 38.69
CA SER D 309 5.94 -12.75 37.58
C SER D 309 6.52 -13.54 36.40
N SER D 310 6.66 -12.86 35.25
CA SER D 310 7.23 -13.50 34.07
C SER D 310 8.68 -13.89 34.32
N ASP D 311 9.45 -13.02 34.97
CA ASP D 311 10.86 -13.29 35.22
C ASP D 311 11.01 -14.22 36.42
N PHE D 312 12.25 -14.37 36.91
CA PHE D 312 12.54 -15.27 38.03
C PHE D 312 12.15 -14.59 39.34
N GLY D 313 10.84 -14.55 39.57
CA GLY D 313 10.32 -13.87 40.75
C GLY D 313 10.64 -14.57 42.05
N GLY D 314 10.59 -15.90 42.05
CA GLY D 314 10.71 -16.66 43.29
C GLY D 314 12.15 -16.93 43.69
N ILE D 315 12.40 -16.79 45.00
CA ILE D 315 13.69 -17.11 45.60
C ILE D 315 13.44 -18.05 46.77
N ALA D 316 14.17 -19.17 46.79
CA ALA D 316 14.09 -20.15 47.86
C ALA D 316 15.51 -20.52 48.31
N THR D 317 15.60 -21.19 49.45
CA THR D 317 16.87 -21.71 49.93
C THR D 317 16.71 -23.13 50.42
N VAL D 318 17.77 -23.91 50.24
CA VAL D 318 17.81 -25.32 50.66
C VAL D 318 18.95 -25.45 51.66
N LYS D 319 18.62 -25.97 52.85
CA LYS D 319 19.64 -26.24 53.87
C LYS D 319 20.21 -27.63 53.63
N TYR D 320 21.49 -27.68 53.27
CA TYR D 320 22.13 -28.90 52.83
C TYR D 320 23.23 -29.32 53.79
N SER D 321 23.37 -30.63 53.96
CA SER D 321 24.43 -31.27 54.72
C SER D 321 25.09 -32.26 53.77
N ALA D 322 26.05 -31.77 52.98
CA ALA D 322 26.66 -32.56 51.93
C ALA D 322 27.88 -33.31 52.46
N SER D 323 28.19 -34.44 51.82
CA SER D 323 29.38 -35.20 52.18
C SER D 323 30.64 -34.43 51.85
N LYS D 324 30.65 -33.71 50.72
CA LYS D 324 31.82 -32.96 50.31
C LYS D 324 31.39 -31.81 49.41
N SER D 325 32.29 -30.86 49.22
CA SER D 325 32.04 -29.70 48.37
C SER D 325 32.15 -30.08 46.90
N GLY D 326 31.54 -29.26 46.06
CA GLY D 326 31.69 -29.40 44.63
C GLY D 326 30.44 -28.96 43.89
N LYS D 327 30.48 -29.16 42.58
CA LYS D 327 29.34 -28.91 41.70
C LYS D 327 28.24 -29.92 41.97
N CYS D 328 26.99 -29.48 41.87
CA CYS D 328 25.87 -30.38 42.06
C CYS D 328 24.66 -29.80 41.34
N ALA D 329 24.01 -30.61 40.52
CA ALA D 329 22.94 -30.15 39.65
C ALA D 329 21.62 -30.03 40.40
N VAL D 330 20.80 -29.08 39.96
CA VAL D 330 19.46 -28.86 40.52
C VAL D 330 18.48 -28.67 39.37
N HIS D 331 17.29 -29.24 39.51
CA HIS D 331 16.30 -29.14 38.44
C HIS D 331 14.92 -29.49 38.98
N VAL D 332 13.90 -28.92 38.35
CA VAL D 332 12.51 -29.26 38.67
C VAL D 332 11.98 -30.16 37.56
N PRO D 333 11.73 -31.45 37.83
CA PRO D 333 11.22 -32.33 36.77
C PRO D 333 9.88 -31.88 36.21
N SER D 334 9.02 -31.31 37.05
CA SER D 334 7.72 -30.85 36.58
C SER D 334 7.85 -29.52 35.86
N GLY D 335 6.73 -29.03 35.33
CA GLY D 335 6.69 -27.75 34.65
C GLY D 335 6.09 -26.63 35.47
N THR D 336 5.88 -26.83 36.77
CA THR D 336 5.29 -25.80 37.62
C THR D 336 6.32 -24.79 38.13
N ALA D 337 7.60 -24.99 37.82
CA ALA D 337 8.63 -24.03 38.20
C ALA D 337 9.85 -24.27 37.33
N THR D 338 10.44 -23.20 36.81
CA THR D 338 11.65 -23.29 36.01
C THR D 338 12.78 -22.58 36.74
N LEU D 339 13.88 -23.30 36.97
CA LEU D 339 15.00 -22.75 37.71
C LEU D 339 15.81 -21.80 36.86
N LYS D 340 16.49 -20.87 37.52
CA LYS D 340 17.35 -19.92 36.82
C LYS D 340 18.63 -20.60 36.34
N GLU D 341 19.23 -21.44 37.16
CA GLU D 341 20.47 -22.13 36.85
C GLU D 341 20.25 -23.63 36.86
N ALA D 342 21.27 -24.36 36.41
CA ALA D 342 21.22 -25.82 36.35
C ALA D 342 22.28 -26.48 37.24
N ALA D 343 23.02 -25.70 38.02
CA ALA D 343 24.04 -26.26 38.89
C ALA D 343 24.30 -25.28 40.02
N VAL D 344 24.89 -25.79 41.11
CA VAL D 344 25.17 -24.98 42.29
C VAL D 344 26.39 -25.56 42.99
N GLU D 345 27.14 -24.69 43.66
CA GLU D 345 28.28 -25.10 44.47
C GLU D 345 27.82 -25.44 45.87
N LEU D 346 28.20 -26.63 46.35
CA LEU D 346 27.84 -27.08 47.68
C LEU D 346 29.08 -27.23 48.54
N THR D 347 28.99 -26.77 49.78
CA THR D 347 30.05 -26.93 50.76
C THR D 347 29.72 -28.15 51.64
N GLU D 348 30.51 -28.33 52.71
CA GLU D 348 30.25 -29.43 53.63
C GLU D 348 28.89 -29.26 54.32
N GLN D 349 28.57 -28.03 54.71
CA GLN D 349 27.32 -27.74 55.40
C GLN D 349 26.89 -26.32 55.04
N GLY D 350 25.60 -26.07 55.04
CA GLY D 350 25.17 -24.70 54.90
C GLY D 350 23.82 -24.61 54.21
N SER D 351 23.64 -23.50 53.48
CA SER D 351 22.40 -23.24 52.75
C SER D 351 22.74 -22.69 51.38
N ALA D 352 21.98 -23.14 50.38
CA ALA D 352 22.18 -22.72 48.99
C ALA D 352 20.90 -22.05 48.48
N THR D 353 21.07 -20.93 47.79
CA THR D 353 19.95 -20.15 47.30
C THR D 353 19.65 -20.52 45.84
N ILE D 354 18.36 -20.58 45.52
CA ILE D 354 17.88 -20.96 44.19
C ILE D 354 16.86 -19.93 43.74
N HIS D 355 16.97 -19.52 42.48
CA HIS D 355 16.03 -18.60 41.86
C HIS D 355 15.19 -19.36 40.84
N PHE D 356 13.87 -19.22 40.93
CA PHE D 356 12.95 -19.94 40.08
C PHE D 356 11.81 -19.04 39.66
N SER D 357 11.19 -19.38 38.53
CA SER D 357 10.02 -18.68 38.02
C SER D 357 8.84 -19.65 37.98
N THR D 358 7.72 -19.23 38.54
CA THR D 358 6.53 -20.06 38.65
C THR D 358 5.30 -19.26 38.24
N ALA D 359 4.26 -19.98 37.85
CA ALA D 359 3.02 -19.37 37.39
C ALA D 359 1.84 -19.63 38.32
N ASN D 360 2.02 -20.39 39.39
CA ASN D 360 0.95 -20.78 40.28
C ASN D 360 1.03 -20.01 41.59
N ILE D 361 -0.14 -19.76 42.18
CA ILE D 361 -0.19 -19.01 43.43
C ILE D 361 0.50 -19.79 44.56
N HIS D 362 0.24 -21.08 44.63
CA HIS D 362 0.86 -21.95 45.65
C HIS D 362 1.80 -22.92 44.96
N PRO D 363 3.10 -22.67 44.96
CA PRO D 363 4.02 -23.57 44.26
C PRO D 363 4.37 -24.81 45.07
N GLU D 364 3.82 -25.95 44.68
CA GLU D 364 4.21 -27.24 45.23
C GLU D 364 5.10 -27.92 44.20
N PHE D 365 6.42 -27.73 44.30
CA PHE D 365 7.28 -28.24 43.26
C PHE D 365 8.33 -29.17 43.85
N ARG D 366 8.61 -30.24 43.10
CA ARG D 366 9.39 -31.38 43.58
C ARG D 366 10.83 -31.21 43.10
N LEU D 367 11.55 -30.32 43.78
CA LEU D 367 12.90 -29.98 43.38
C LEU D 367 13.81 -31.19 43.50
N GLN D 368 14.76 -31.29 42.58
CA GLN D 368 15.67 -32.43 42.48
C GLN D 368 17.08 -31.88 42.57
N ILE D 369 17.72 -32.07 43.71
CA ILE D 369 19.15 -31.80 43.84
C ILE D 369 19.85 -33.00 43.21
N CYS D 370 21.15 -32.89 42.97
CA CYS D 370 21.88 -33.92 42.25
C CYS D 370 21.76 -35.29 42.91
N THR D 371 21.58 -35.36 44.22
CA THR D 371 21.31 -36.64 44.87
C THR D 371 19.97 -36.68 45.58
N SER D 372 19.74 -35.75 46.50
CA SER D 372 18.52 -35.76 47.30
C SER D 372 17.40 -34.99 46.60
N TYR D 373 16.17 -35.41 46.85
CA TYR D 373 14.99 -34.80 46.26
C TYR D 373 14.17 -34.17 47.36
N VAL D 374 13.83 -32.89 47.20
CA VAL D 374 13.13 -32.14 48.23
C VAL D 374 11.85 -31.54 47.65
N THR D 375 10.75 -31.71 48.37
CA THR D 375 9.48 -31.09 48.00
C THR D 375 9.42 -29.70 48.62
N CYS D 376 9.21 -28.68 47.79
CA CYS D 376 9.33 -27.30 48.20
C CYS D 376 7.98 -26.62 47.99
N LYS D 377 7.53 -25.88 49.01
CA LYS D 377 6.16 -25.42 49.10
C LYS D 377 6.12 -23.99 49.64
N GLY D 378 5.03 -23.30 49.33
CA GLY D 378 4.83 -21.97 49.86
C GLY D 378 3.66 -21.27 49.22
N ASP D 379 3.67 -19.94 49.30
CA ASP D 379 2.65 -19.09 48.70
C ASP D 379 3.33 -17.98 47.91
N CYS D 380 2.59 -17.42 46.96
CA CYS D 380 3.09 -16.36 46.10
C CYS D 380 2.11 -15.20 46.05
N HIS D 381 2.64 -14.01 45.78
CA HIS D 381 1.92 -12.77 45.62
C HIS D 381 1.92 -12.35 44.16
N PRO D 382 0.93 -11.57 43.71
CA PRO D 382 0.95 -11.12 42.31
C PRO D 382 2.02 -10.08 42.11
N PRO D 383 2.55 -9.95 40.89
CA PRO D 383 3.57 -8.93 40.63
C PRO D 383 2.97 -7.54 40.59
N LYS D 384 3.86 -6.54 40.75
CA LYS D 384 3.40 -5.16 40.87
C LYS D 384 3.00 -4.55 39.54
N ASP D 385 3.70 -4.88 38.46
CA ASP D 385 3.54 -4.20 37.19
C ASP D 385 2.69 -4.99 36.20
N HIS D 386 1.86 -4.26 35.44
CA HIS D 386 0.94 -4.90 34.51
C HIS D 386 1.60 -5.39 33.24
N ILE D 387 2.62 -4.68 32.76
CA ILE D 387 3.25 -4.97 31.48
C ILE D 387 4.76 -5.03 31.67
N VAL D 388 5.39 -6.03 31.07
CA VAL D 388 6.83 -6.20 31.10
C VAL D 388 7.35 -6.38 29.68
N THR D 389 8.65 -6.14 29.52
CA THR D 389 9.30 -6.25 28.23
C THR D 389 9.96 -7.61 28.01
N HIS D 390 9.77 -8.54 28.93
CA HIS D 390 10.31 -9.88 28.82
C HIS D 390 9.22 -10.85 28.40
N PRO D 391 9.55 -11.90 27.65
CA PRO D 391 8.59 -12.98 27.41
C PRO D 391 8.42 -13.82 28.67
N GLN D 392 7.47 -14.76 28.60
CA GLN D 392 7.14 -15.60 29.74
C GLN D 392 8.22 -16.67 29.90
N TYR D 393 8.86 -16.71 31.06
CA TYR D 393 9.95 -17.64 31.33
C TYR D 393 9.48 -18.98 31.88
N HIS D 394 8.18 -19.16 32.08
CA HIS D 394 7.64 -20.39 32.65
C HIS D 394 6.48 -20.88 31.80
N ALA D 395 6.05 -22.10 32.09
CA ALA D 395 4.90 -22.71 31.43
C ALA D 395 3.76 -22.84 32.44
N GLN D 396 2.60 -22.32 32.10
CA GLN D 396 1.46 -22.33 33.00
C GLN D 396 0.49 -23.43 32.62
N THR D 397 -0.16 -23.99 33.63
CA THR D 397 -1.20 -25.00 33.45
C THR D 397 -2.57 -24.39 33.64
N PHE D 398 -3.60 -25.13 33.22
CA PHE D 398 -4.95 -24.62 33.31
C PHE D 398 -5.43 -24.49 34.75
N THR D 399 -4.83 -25.23 35.68
CA THR D 399 -5.24 -25.24 37.08
C THR D 399 -4.18 -24.66 38.01
N ALA D 400 -3.25 -23.86 37.48
CA ALA D 400 -2.19 -23.30 38.31
C ALA D 400 -2.63 -22.03 39.02
N ALA D 401 -3.59 -21.29 38.46
CA ALA D 401 -4.00 -20.01 39.02
C ALA D 401 -5.13 -20.13 40.03
N VAL D 402 -5.53 -21.36 40.37
CA VAL D 402 -6.61 -21.57 41.32
C VAL D 402 -6.04 -21.52 42.73
N SER D 403 -6.55 -20.60 43.55
CA SER D 403 -6.09 -20.43 44.91
C SER D 403 -6.78 -21.42 45.83
N LYS D 404 -6.27 -21.53 47.06
CA LYS D 404 -6.85 -22.46 48.03
C LYS D 404 -8.30 -22.13 48.31
N THR D 405 -8.63 -20.84 48.38
CA THR D 405 -10.02 -20.45 48.64
C THR D 405 -10.95 -20.95 47.55
N ALA D 406 -10.52 -20.83 46.28
CA ALA D 406 -11.33 -21.34 45.19
C ALA D 406 -11.45 -22.87 45.25
N TRP D 407 -10.38 -23.55 45.66
CA TRP D 407 -10.46 -25.00 45.82
C TRP D 407 -11.47 -25.37 46.90
N THR D 408 -11.45 -24.66 48.03
CA THR D 408 -12.42 -24.95 49.07
C THR D 408 -13.84 -24.69 48.60
N TRP D 409 -14.06 -23.59 47.88
CA TRP D 409 -15.40 -23.30 47.40
C TRP D 409 -15.88 -24.33 46.38
N LEU D 410 -15.03 -24.78 45.46
CA LEU D 410 -15.43 -25.80 44.51
C LEU D 410 -15.66 -27.15 45.17
N THR D 411 -14.73 -27.60 46.02
CA THR D 411 -14.90 -28.89 46.69
C THR D 411 -16.00 -28.83 47.73
N SER D 412 -16.47 -27.63 48.08
CA SER D 412 -17.68 -27.52 48.86
C SER D 412 -18.90 -27.68 47.97
N LEU D 413 -19.11 -26.76 47.03
CA LEU D 413 -20.30 -26.81 46.18
C LEU D 413 -20.42 -28.16 45.50
N LEU D 414 -19.51 -28.45 44.57
CA LEU D 414 -19.39 -29.83 44.14
C LEU D 414 -18.82 -30.63 45.31
N GLY D 415 -19.18 -31.91 45.38
CA GLY D 415 -18.82 -32.67 46.56
C GLY D 415 -19.90 -32.65 47.62
N GLY D 416 -20.19 -31.49 48.24
CA GLY D 416 -21.31 -31.43 49.15
C GLY D 416 -22.64 -31.65 48.45
N SER D 417 -22.74 -31.19 47.19
CA SER D 417 -23.94 -31.50 46.41
C SER D 417 -24.10 -33.01 46.22
N ALA D 418 -23.00 -33.70 45.91
CA ALA D 418 -23.05 -35.16 45.77
C ALA D 418 -23.33 -35.83 47.12
N VAL D 419 -22.85 -35.24 48.21
CA VAL D 419 -23.14 -35.78 49.54
C VAL D 419 -24.64 -35.68 49.84
N ILE D 420 -25.25 -34.54 49.51
CA ILE D 420 -26.69 -34.39 49.64
C ILE D 420 -27.44 -35.38 48.77
N ILE D 421 -26.94 -35.68 47.58
CA ILE D 421 -27.54 -36.73 46.75
C ILE D 421 -27.42 -38.09 47.39
N ILE D 422 -26.23 -38.41 47.94
CA ILE D 422 -26.00 -39.71 48.54
C ILE D 422 -26.90 -39.92 49.75
N ILE D 423 -27.09 -38.86 50.55
CA ILE D 423 -27.99 -38.96 51.70
C ILE D 423 -29.40 -39.30 51.24
N GLY D 424 -29.85 -38.65 50.16
CA GLY D 424 -31.18 -38.96 49.64
C GLY D 424 -31.30 -40.39 49.15
N LEU D 425 -30.29 -40.89 48.44
CA LEU D 425 -30.33 -42.28 47.99
C LEU D 425 -30.33 -43.25 49.16
N VAL D 426 -29.52 -42.98 50.19
CA VAL D 426 -29.50 -43.86 51.36
C VAL D 426 -30.86 -43.86 52.06
N LEU D 427 -31.46 -42.67 52.21
CA LEU D 427 -32.79 -42.59 52.83
C LEU D 427 -33.83 -43.36 52.01
N ALA D 428 -33.77 -43.22 50.69
CA ALA D 428 -34.72 -43.92 49.84
C ALA D 428 -34.57 -45.43 49.97
N THR D 429 -33.34 -45.93 49.96
CA THR D 429 -33.12 -47.36 50.12
C THR D 429 -33.60 -47.84 51.49
N ILE D 430 -33.33 -47.06 52.54
CA ILE D 430 -33.72 -47.45 53.89
C ILE D 430 -35.24 -47.54 54.00
N VAL D 431 -35.95 -46.53 53.47
CA VAL D 431 -37.41 -46.56 53.58
C VAL D 431 -38.00 -47.63 52.67
N ALA D 432 -37.38 -47.92 51.53
CA ALA D 432 -37.84 -49.02 50.71
C ALA D 432 -37.71 -50.35 51.44
N MET D 433 -36.57 -50.56 52.11
CA MET D 433 -36.41 -51.77 52.91
C MET D 433 -37.42 -51.82 54.04
N TYR D 434 -37.68 -50.68 54.69
CA TYR D 434 -38.64 -50.65 55.78
C TYR D 434 -40.04 -50.99 55.32
N VAL D 435 -40.46 -50.44 54.17
CA VAL D 435 -41.81 -50.72 53.69
C VAL D 435 -41.92 -52.14 53.16
N LEU D 436 -40.83 -52.70 52.61
CA LEU D 436 -40.85 -54.09 52.19
C LEU D 436 -40.93 -55.03 53.40
N THR D 437 -40.28 -54.66 54.50
CA THR D 437 -40.32 -55.49 55.70
C THR D 437 -41.72 -55.56 56.29
N ASN D 438 -42.52 -54.51 56.12
CA ASN D 438 -43.86 -54.44 56.70
C ASN D 438 -44.91 -55.18 55.88
N GLN D 439 -44.50 -56.12 55.02
CA GLN D 439 -45.47 -56.91 54.29
C GLN D 439 -46.32 -57.76 55.22
N LYS D 440 -45.79 -58.11 56.40
CA LYS D 440 -46.54 -58.83 57.41
C LYS D 440 -45.82 -58.78 58.76
N SER E 1 38.84 13.01 -12.69
CA SER E 1 38.04 13.06 -13.91
C SER E 1 38.89 12.92 -15.15
N THR E 2 39.84 13.85 -15.31
CA THR E 2 40.67 13.94 -16.50
C THR E 2 39.79 13.95 -17.75
N GLU E 3 40.23 13.30 -18.82
CA GLU E 3 39.45 13.17 -20.03
C GLU E 3 38.87 11.77 -20.19
N GLU E 4 39.07 10.89 -19.22
CA GLU E 4 38.53 9.54 -19.31
C GLU E 4 37.01 9.56 -19.34
N LEU E 5 36.40 10.41 -18.51
CA LEU E 5 34.95 10.49 -18.46
C LEU E 5 34.39 11.15 -19.71
N PHE E 6 35.10 12.14 -20.25
CA PHE E 6 34.64 12.93 -21.38
C PHE E 6 35.15 12.39 -22.72
N ASN E 7 35.78 11.23 -22.74
CA ASN E 7 36.33 10.72 -23.99
C ASN E 7 35.25 10.55 -25.05
N GLU E 8 34.07 10.07 -24.65
CA GLU E 8 32.97 9.92 -25.59
C GLU E 8 32.09 11.17 -25.71
N TYR E 9 32.12 12.06 -24.71
CA TYR E 9 31.33 13.27 -24.76
C TYR E 9 32.02 14.40 -25.50
N LYS E 10 33.31 14.24 -25.83
CA LYS E 10 34.00 15.21 -26.67
C LYS E 10 33.74 14.98 -28.16
N LEU E 11 33.03 13.92 -28.51
CA LEU E 11 32.60 13.67 -29.88
C LEU E 11 31.16 14.09 -30.13
N THR E 12 30.57 14.85 -29.20
CA THR E 12 29.16 15.20 -29.26
C THR E 12 28.97 16.71 -29.26
N ARG E 13 27.84 17.14 -29.81
CA ARG E 13 27.43 18.53 -29.94
C ARG E 13 26.10 18.77 -29.25
N PRO E 14 25.88 19.97 -28.70
CA PRO E 14 24.55 20.33 -28.23
C PRO E 14 23.60 20.55 -29.40
N TYR E 15 22.31 20.43 -29.13
CA TYR E 15 21.30 20.61 -30.16
C TYR E 15 20.21 21.54 -29.66
N MET E 16 19.43 22.06 -30.62
CA MET E 16 18.31 22.96 -30.35
C MET E 16 17.02 22.17 -30.57
N ALA E 17 16.21 22.07 -29.52
CA ALA E 17 15.03 21.22 -29.58
C ALA E 17 13.79 21.99 -29.16
N ARG E 18 12.63 21.52 -29.60
CA ARG E 18 11.39 22.23 -29.36
C ARG E 18 11.04 22.25 -27.87
N CYS E 19 10.63 23.41 -27.39
CA CYS E 19 10.13 23.60 -26.04
C CYS E 19 8.72 24.17 -26.12
N ILE E 20 7.80 23.57 -25.35
CA ILE E 20 6.39 23.94 -25.45
C ILE E 20 6.11 25.25 -24.75
N ARG E 21 6.87 25.60 -23.71
CA ARG E 21 6.72 26.87 -23.00
C ARG E 21 8.11 27.46 -22.81
N CYS E 22 8.45 28.43 -23.65
CA CYS E 22 9.78 29.03 -23.65
C CYS E 22 9.64 30.56 -23.60
N ALA E 23 9.54 31.09 -22.39
CA ALA E 23 9.51 32.54 -22.14
C ALA E 23 8.27 33.17 -22.75
N VAL E 24 8.16 33.14 -24.07
CA VAL E 24 6.97 33.59 -24.79
C VAL E 24 6.64 32.55 -25.84
N GLY E 25 5.57 31.79 -25.61
CA GLY E 25 5.11 30.82 -26.58
C GLY E 25 5.94 29.56 -26.59
N SER E 26 5.78 28.79 -27.66
CA SER E 26 6.52 27.55 -27.88
C SER E 26 7.51 27.78 -29.01
N CYS E 27 8.77 27.42 -28.78
CA CYS E 27 9.83 27.76 -29.73
C CYS E 27 10.82 26.60 -29.78
N HIS E 28 12.00 26.87 -30.33
CA HIS E 28 13.11 25.92 -30.37
C HIS E 28 14.18 26.43 -29.42
N SER E 29 14.28 25.82 -28.29
CA SER E 29 15.15 26.28 -27.23
C SER E 29 16.50 25.58 -27.30
N PRO E 30 17.55 26.27 -26.83
CA PRO E 30 18.86 25.62 -26.68
C PRO E 30 18.99 24.77 -25.43
N ILE E 31 18.02 24.84 -24.53
CA ILE E 31 18.09 24.12 -23.26
C ILE E 31 16.84 23.26 -23.09
N ALA E 32 16.29 22.79 -24.19
CA ALA E 32 15.09 21.95 -24.14
C ALA E 32 15.34 20.73 -23.26
N ILE E 33 14.40 20.46 -22.36
CA ILE E 33 14.56 19.40 -21.38
C ILE E 33 13.96 18.12 -21.96
N GLU E 34 14.77 17.06 -22.01
CA GLU E 34 14.35 15.79 -22.58
C GLU E 34 13.68 14.88 -21.57
N ALA E 35 14.23 14.79 -20.37
CA ALA E 35 13.68 13.91 -19.35
C ALA E 35 14.10 14.42 -17.98
N VAL E 36 13.24 14.19 -16.99
CA VAL E 36 13.53 14.50 -15.60
C VAL E 36 13.27 13.24 -14.79
N LYS E 37 14.30 12.75 -14.10
CA LYS E 37 14.19 11.56 -13.28
C LYS E 37 14.26 11.97 -11.82
N SER E 38 13.24 11.62 -11.05
CA SER E 38 13.13 11.97 -9.64
C SER E 38 12.73 10.76 -8.81
N ASP E 39 13.39 9.63 -9.07
CA ASP E 39 13.13 8.41 -8.32
C ASP E 39 14.01 8.28 -7.09
N GLY E 40 14.98 9.15 -6.90
CA GLY E 40 15.77 9.16 -5.69
C GLY E 40 14.95 9.66 -4.51
N HIS E 41 15.59 9.71 -3.35
CA HIS E 41 14.87 10.01 -2.11
C HIS E 41 14.92 11.48 -1.72
N ASP E 42 16.09 12.01 -1.42
CA ASP E 42 16.14 13.30 -0.74
C ASP E 42 16.06 14.47 -1.71
N GLY E 43 15.07 14.46 -2.59
CA GLY E 43 14.85 15.59 -3.49
C GLY E 43 15.96 15.86 -4.48
N TYR E 44 16.61 14.81 -4.97
CA TYR E 44 17.64 14.92 -5.99
C TYR E 44 17.10 14.45 -7.32
N VAL E 45 17.23 15.28 -8.35
CA VAL E 45 16.74 14.96 -9.68
C VAL E 45 17.90 14.99 -10.66
N ARG E 46 17.75 14.20 -11.73
CA ARG E 46 18.71 14.12 -12.81
C ARG E 46 17.99 14.50 -14.10
N LEU E 47 18.28 15.70 -14.61
CA LEU E 47 17.71 16.18 -15.85
C LEU E 47 18.57 15.75 -17.03
N GLN E 48 17.92 15.52 -18.16
CA GLN E 48 18.59 15.37 -19.45
C GLN E 48 18.22 16.57 -20.30
N THR E 49 19.21 17.31 -20.77
CA THR E 49 19.00 18.57 -21.45
C THR E 49 19.69 18.53 -22.80
N SER E 50 19.19 19.35 -23.74
CA SER E 50 19.82 19.43 -25.05
C SER E 50 21.23 20.01 -24.96
N SER E 51 21.45 20.93 -24.04
CA SER E 51 22.77 21.53 -23.88
C SER E 51 23.74 20.53 -23.24
N GLN E 52 25.01 20.92 -23.15
CA GLN E 52 26.05 20.02 -22.66
C GLN E 52 26.88 20.69 -21.58
N TYR E 53 27.47 19.86 -20.73
CA TYR E 53 27.99 20.27 -19.43
C TYR E 53 29.39 19.72 -19.25
N GLY E 54 30.24 20.47 -18.55
CA GLY E 54 31.55 20.02 -18.16
C GLY E 54 32.66 20.37 -19.14
N LEU E 55 32.31 20.74 -20.36
CA LEU E 55 33.29 21.07 -21.39
C LEU E 55 32.83 22.31 -22.15
N ASP E 56 33.79 23.00 -22.75
CA ASP E 56 33.56 24.30 -23.38
C ASP E 56 33.21 24.15 -24.85
N SER E 57 32.90 25.28 -25.48
CA SER E 57 32.47 25.27 -26.88
C SER E 57 33.54 24.71 -27.80
N SER E 58 34.82 24.89 -27.45
CA SER E 58 35.89 24.35 -28.27
C SER E 58 35.98 22.83 -28.15
N GLY E 59 35.47 22.27 -27.06
CA GLY E 59 35.57 20.85 -26.80
C GLY E 59 36.54 20.45 -25.71
N ASN E 60 36.97 21.40 -24.88
CA ASN E 60 37.93 21.14 -23.81
C ASN E 60 37.24 21.31 -22.47
N LEU E 61 37.70 20.55 -21.47
CA LEU E 61 37.05 20.57 -20.16
C LEU E 61 37.15 21.95 -19.53
N LYS E 62 36.00 22.45 -19.09
CA LYS E 62 35.92 23.63 -18.22
C LYS E 62 35.03 23.25 -17.04
N GLY E 63 35.41 23.72 -15.84
CA GLY E 63 34.90 23.11 -14.62
C GLY E 63 33.38 23.10 -14.53
N ARG E 64 32.76 24.27 -14.53
CA ARG E 64 31.32 24.40 -14.34
C ARG E 64 30.78 25.30 -15.45
N THR E 65 30.48 24.69 -16.59
CA THR E 65 30.12 25.42 -17.80
C THR E 65 29.02 24.70 -18.55
N MET E 66 28.07 25.47 -19.08
CA MET E 66 27.02 24.96 -19.95
C MET E 66 27.27 25.51 -21.34
N ARG E 67 27.52 24.61 -22.30
CA ARG E 67 27.63 24.98 -23.69
C ARG E 67 26.35 24.57 -24.41
N TYR E 68 25.80 25.49 -25.18
CA TYR E 68 24.52 25.29 -25.83
C TYR E 68 24.63 25.64 -27.31
N ASP E 69 23.91 24.90 -28.13
CA ASP E 69 23.79 25.22 -29.54
C ASP E 69 22.84 26.39 -29.72
N MET E 70 23.27 27.37 -30.52
CA MET E 70 22.45 28.54 -30.81
C MET E 70 22.56 28.78 -32.31
N HIS E 71 21.55 28.35 -33.05
CA HIS E 71 21.45 28.59 -34.49
C HIS E 71 22.72 28.12 -35.21
N GLY E 72 23.25 26.98 -34.75
CA GLY E 72 24.42 26.38 -35.36
C GLY E 72 25.75 26.72 -34.71
N THR E 73 25.77 27.61 -33.72
CA THR E 73 27.01 28.01 -33.08
C THR E 73 26.99 27.56 -31.62
N ILE E 74 28.01 26.82 -31.21
CA ILE E 74 28.09 26.37 -29.83
C ILE E 74 28.67 27.50 -28.98
N LYS E 75 27.87 27.99 -28.03
CA LYS E 75 28.24 29.08 -27.16
C LYS E 75 28.30 28.59 -25.71
N GLU E 76 28.79 29.44 -24.82
CA GLU E 76 29.12 29.03 -23.46
C GLU E 76 28.46 29.96 -22.44
N ILE E 77 28.27 29.44 -21.24
CA ILE E 77 27.88 30.25 -20.09
C ILE E 77 28.40 29.55 -18.84
N PRO E 78 28.72 30.28 -17.77
CA PRO E 78 29.01 29.61 -16.50
C PRO E 78 27.78 28.91 -15.96
N LEU E 79 28.01 27.81 -15.24
CA LEU E 79 26.89 27.05 -14.69
C LEU E 79 26.16 27.81 -13.59
N HIS E 80 26.79 28.79 -12.97
CA HIS E 80 26.10 29.56 -11.94
C HIS E 80 25.15 30.60 -12.52
N GLN E 81 25.17 30.81 -13.84
CA GLN E 81 24.25 31.71 -14.50
C GLN E 81 22.95 31.03 -14.91
N VAL E 82 22.85 29.72 -14.74
CA VAL E 82 21.66 28.96 -15.10
C VAL E 82 20.81 28.75 -13.86
N SER E 83 19.50 28.95 -14.01
CA SER E 83 18.56 28.83 -12.91
C SER E 83 17.59 27.68 -13.18
N LEU E 84 17.25 26.95 -12.13
CA LEU E 84 16.32 25.83 -12.19
C LEU E 84 15.30 25.98 -11.09
N TYR E 85 14.04 25.66 -11.38
CA TYR E 85 13.03 25.66 -10.34
C TYR E 85 11.81 24.85 -10.77
N THR E 86 11.18 24.18 -9.80
CA THR E 86 9.98 23.40 -10.05
C THR E 86 8.75 24.10 -9.48
N SER E 87 8.74 24.34 -8.17
CA SER E 87 7.83 25.28 -7.53
C SER E 87 8.56 26.28 -6.67
N ARG E 88 9.78 25.97 -6.26
CA ARG E 88 10.70 26.86 -5.57
C ARG E 88 12.05 26.69 -6.22
N PRO E 89 12.96 27.65 -6.05
CA PRO E 89 14.26 27.55 -6.72
C PRO E 89 15.00 26.26 -6.39
N CYS E 90 15.52 25.61 -7.43
CA CYS E 90 16.36 24.44 -7.31
C CYS E 90 17.81 24.87 -7.13
N HIS E 91 18.66 23.91 -6.76
CA HIS E 91 20.10 24.14 -6.64
C HIS E 91 20.83 23.10 -7.46
N ILE E 92 21.67 23.55 -8.38
CA ILE E 92 22.38 22.67 -9.30
C ILE E 92 23.60 22.09 -8.58
N VAL E 93 23.62 20.77 -8.41
CA VAL E 93 24.78 20.13 -7.79
C VAL E 93 25.93 20.04 -8.78
N ASP E 94 25.66 19.53 -9.97
CA ASP E 94 26.72 19.33 -10.97
C ASP E 94 26.09 19.08 -12.33
N GLY E 95 26.96 18.94 -13.34
CA GLY E 95 26.53 18.63 -14.69
C GLY E 95 27.59 17.88 -15.46
N HIS E 96 27.20 16.83 -16.17
CA HIS E 96 28.12 16.03 -16.96
C HIS E 96 27.46 15.66 -18.28
N GLY E 97 28.08 16.02 -19.39
CA GLY E 97 27.52 15.68 -20.69
C GLY E 97 26.16 16.30 -20.88
N TYR E 98 25.18 15.49 -21.23
CA TYR E 98 23.81 15.93 -21.43
C TYR E 98 23.02 16.01 -20.14
N PHE E 99 23.61 15.62 -19.02
CA PHE E 99 22.86 15.38 -17.80
C PHE E 99 23.24 16.39 -16.72
N LEU E 100 22.27 16.68 -15.86
CA LEU E 100 22.43 17.67 -14.79
C LEU E 100 21.88 17.09 -13.50
N LEU E 101 22.69 17.10 -12.45
CA LEU E 101 22.26 16.66 -11.13
C LEU E 101 21.93 17.88 -10.30
N ALA E 102 20.67 17.98 -9.86
CA ALA E 102 20.20 19.13 -9.11
C ALA E 102 19.40 18.66 -7.90
N ARG E 103 19.20 19.58 -6.96
CA ARG E 103 18.42 19.31 -5.76
C ARG E 103 17.16 20.17 -5.80
N CYS E 104 16.01 19.52 -6.01
CA CYS E 104 14.76 20.22 -6.28
C CYS E 104 13.68 19.84 -5.28
N PRO E 105 12.77 20.74 -5.00
CA PRO E 105 11.55 20.38 -4.26
C PRO E 105 10.53 19.78 -5.21
N ALA E 106 9.40 19.34 -4.64
CA ALA E 106 8.34 18.76 -5.44
C ALA E 106 7.62 19.82 -6.25
N GLY E 107 7.24 19.46 -7.47
CA GLY E 107 6.52 20.39 -8.33
C GLY E 107 5.88 19.67 -9.49
N ASP E 108 4.90 20.35 -10.08
CA ASP E 108 4.15 19.80 -11.21
C ASP E 108 4.82 20.03 -12.55
N SER E 109 5.94 20.77 -12.57
CA SER E 109 6.68 21.06 -13.79
C SER E 109 8.10 21.42 -13.38
N ILE E 110 8.94 21.69 -14.38
CA ILE E 110 10.29 22.17 -14.10
C ILE E 110 10.68 23.17 -15.16
N THR E 111 11.35 24.25 -14.73
CA THR E 111 11.70 25.38 -15.57
C THR E 111 13.18 25.67 -15.44
N MET E 112 13.84 25.86 -16.59
CA MET E 112 15.26 26.16 -16.66
C MET E 112 15.46 27.45 -17.44
N GLU E 113 16.27 28.36 -16.90
CA GLU E 113 16.40 29.71 -17.44
C GLU E 113 17.85 30.14 -17.45
N PHE E 114 18.17 31.09 -18.34
CA PHE E 114 19.45 31.81 -18.33
C PHE E 114 19.36 32.96 -19.32
N LYS E 115 20.08 34.04 -19.04
CA LYS E 115 20.17 35.17 -19.96
C LYS E 115 21.62 35.32 -20.40
N LYS E 116 21.86 35.29 -21.71
CA LYS E 116 23.24 35.40 -22.18
C LYS E 116 23.61 36.81 -22.63
N ASP E 117 23.00 37.31 -23.71
CA ASP E 117 23.39 38.61 -24.22
C ASP E 117 22.45 39.71 -23.75
N SER E 118 21.20 39.63 -24.21
CA SER E 118 20.14 40.51 -23.74
C SER E 118 18.82 39.80 -23.52
N VAL E 119 18.58 38.66 -24.16
CA VAL E 119 17.31 37.97 -24.11
C VAL E 119 17.38 36.88 -23.05
N ARG E 120 16.22 36.47 -22.57
CA ARG E 120 16.09 35.44 -21.54
C ARG E 120 15.62 34.15 -22.21
N HIS E 121 16.40 33.08 -22.03
CA HIS E 121 16.09 31.78 -22.58
C HIS E 121 15.51 30.93 -21.46
N SER E 122 14.32 30.39 -21.68
CA SER E 122 13.64 29.58 -20.68
C SER E 122 13.02 28.37 -21.36
N CYS E 123 12.92 27.28 -20.62
CA CYS E 123 12.20 26.09 -21.04
C CYS E 123 11.50 25.51 -19.83
N SER E 124 10.17 25.45 -19.89
CA SER E 124 9.37 24.86 -18.84
C SER E 124 8.65 23.64 -19.40
N VAL E 125 8.81 22.50 -18.74
CA VAL E 125 8.19 21.26 -19.22
C VAL E 125 7.35 20.65 -18.11
N PRO E 126 6.22 20.01 -18.45
CA PRO E 126 5.31 19.46 -17.44
C PRO E 126 5.71 18.06 -16.98
N TYR E 127 6.90 17.95 -16.41
CA TYR E 127 7.37 16.69 -15.85
C TYR E 127 7.29 16.78 -14.34
N GLU E 128 6.49 15.90 -13.74
CA GLU E 128 6.27 15.95 -12.31
C GLU E 128 7.55 15.58 -11.57
N VAL E 129 7.92 16.40 -10.59
CA VAL E 129 9.07 16.16 -9.72
C VAL E 129 8.55 15.75 -8.36
N LYS E 130 9.02 14.63 -7.86
CA LYS E 130 8.54 14.06 -6.61
C LYS E 130 9.62 14.12 -5.55
N PHE E 131 9.22 14.42 -4.32
CA PHE E 131 10.10 14.35 -3.16
C PHE E 131 9.72 13.11 -2.37
N ASN E 132 10.68 12.21 -2.19
CA ASN E 132 10.42 10.93 -1.54
C ASN E 132 11.10 10.88 -0.18
N PRO E 133 10.36 10.96 0.92
CA PRO E 133 10.98 10.83 2.24
C PRO E 133 11.53 9.43 2.45
N VAL E 134 12.50 9.34 3.36
CA VAL E 134 13.09 8.06 3.75
C VAL E 134 12.53 7.68 5.11
N GLY E 135 12.06 6.45 5.23
CA GLY E 135 11.58 5.95 6.50
C GLY E 135 10.08 6.14 6.69
N ARG E 136 9.69 6.15 7.96
CA ARG E 136 8.29 6.14 8.36
C ARG E 136 7.84 7.47 8.95
N GLU E 137 8.53 8.56 8.58
CA GLU E 137 8.14 9.91 8.99
C GLU E 137 8.11 10.75 7.72
N LEU E 138 6.92 11.24 7.36
CA LEU E 138 6.71 11.89 6.06
C LEU E 138 7.06 13.36 6.19
N TYR E 139 8.35 13.64 6.15
CA TYR E 139 8.80 15.02 6.12
C TYR E 139 8.74 15.55 4.68
N THR E 140 8.92 16.86 4.54
CA THR E 140 9.06 17.47 3.23
C THR E 140 10.42 18.11 3.01
N HIS E 141 11.05 18.61 4.07
CA HIS E 141 12.41 19.10 4.04
C HIS E 141 13.28 18.21 4.93
N PRO E 142 14.42 17.74 4.44
CA PRO E 142 15.21 16.78 5.22
C PRO E 142 15.59 17.34 6.58
N PRO E 143 15.58 16.51 7.62
CA PRO E 143 15.80 17.02 8.97
C PRO E 143 17.26 17.39 9.22
N GLU E 144 17.47 18.23 10.23
CA GLU E 144 18.81 18.60 10.65
C GLU E 144 19.50 17.51 11.44
N HIS E 145 18.76 16.60 12.05
CA HIS E 145 19.33 15.54 12.85
C HIS E 145 18.31 14.40 12.94
N GLY E 146 18.77 13.28 13.49
CA GLY E 146 17.92 12.11 13.64
C GLY E 146 18.70 10.82 13.71
N VAL E 147 18.32 9.85 12.89
CA VAL E 147 19.02 8.57 12.82
C VAL E 147 19.25 8.24 11.35
N GLU E 148 20.40 7.65 11.06
CA GLU E 148 20.76 7.34 9.69
C GLU E 148 20.04 6.09 9.21
N GLN E 149 19.44 6.17 8.03
CA GLN E 149 18.76 5.05 7.40
C GLN E 149 19.25 4.88 5.98
N ALA E 150 19.22 3.66 5.49
CA ALA E 150 19.64 3.39 4.12
C ALA E 150 18.67 4.02 3.15
N CYS E 151 19.20 4.52 2.03
CA CYS E 151 18.38 5.17 1.02
C CYS E 151 19.09 5.12 -0.32
N GLN E 152 18.34 5.41 -1.37
CA GLN E 152 18.83 5.49 -2.74
C GLN E 152 18.81 6.95 -3.16
N VAL E 153 19.96 7.48 -3.54
CA VAL E 153 20.04 8.87 -3.99
C VAL E 153 20.85 8.93 -5.27
N TYR E 154 20.59 9.96 -6.07
CA TYR E 154 21.36 10.18 -7.29
C TYR E 154 22.74 10.69 -6.90
N ALA E 155 23.75 9.85 -7.09
CA ALA E 155 25.08 10.12 -6.57
C ALA E 155 25.72 11.28 -7.31
N HIS E 156 26.69 11.91 -6.65
CA HIS E 156 27.43 13.04 -7.20
C HIS E 156 28.70 12.60 -7.92
N ASP E 157 28.73 11.38 -8.46
CA ASP E 157 29.86 10.90 -9.23
C ASP E 157 29.44 10.64 -10.68
N ALA E 158 30.30 11.02 -11.62
CA ALA E 158 30.05 10.84 -13.04
C ALA E 158 30.79 9.64 -13.62
N GLN E 159 31.15 8.68 -12.78
CA GLN E 159 31.93 7.54 -13.25
C GLN E 159 31.08 6.64 -14.15
N ASN E 160 31.76 5.80 -14.90
CA ASN E 160 31.12 4.94 -15.89
C ASN E 160 30.55 3.71 -15.19
N ARG E 161 29.23 3.70 -14.99
CA ARG E 161 28.53 2.52 -14.54
C ARG E 161 27.94 1.80 -15.76
N GLY E 162 27.06 0.85 -15.51
CA GLY E 162 26.53 0.03 -16.60
C GLY E 162 25.54 0.70 -17.51
N ALA E 163 25.02 1.87 -17.15
CA ALA E 163 23.99 2.53 -17.95
C ALA E 163 24.62 3.33 -19.07
N TYR E 164 23.97 3.30 -20.24
CA TYR E 164 24.47 3.98 -21.43
C TYR E 164 23.31 4.55 -22.21
N VAL E 165 23.60 5.60 -22.99
CA VAL E 165 22.67 6.13 -23.98
C VAL E 165 23.41 6.21 -25.31
N GLU E 166 22.65 6.17 -26.40
CA GLU E 166 23.24 6.10 -27.73
C GLU E 166 23.57 7.48 -28.25
N MET E 167 24.63 7.55 -29.05
CA MET E 167 25.00 8.72 -29.82
C MET E 167 24.83 8.37 -31.29
N HIS E 168 24.21 9.28 -32.04
CA HIS E 168 23.79 8.98 -33.41
C HIS E 168 24.35 10.03 -34.35
N LEU E 169 24.19 9.78 -35.64
CA LEU E 169 24.59 10.74 -36.65
C LEU E 169 23.53 11.82 -36.78
N PRO E 170 23.87 13.09 -36.61
CA PRO E 170 22.85 14.14 -36.65
C PRO E 170 22.24 14.28 -38.04
N GLY E 171 20.93 14.49 -38.06
CA GLY E 171 20.26 14.78 -39.31
C GLY E 171 20.52 16.20 -39.78
N SER E 172 20.36 16.40 -41.08
CA SER E 172 20.60 17.72 -41.65
C SER E 172 19.57 18.71 -41.14
N GLU E 173 20.05 19.84 -40.64
CA GLU E 173 19.20 20.88 -40.07
C GLU E 173 19.07 22.02 -41.07
N VAL E 174 17.83 22.39 -41.38
CA VAL E 174 17.56 23.40 -42.39
C VAL E 174 17.86 24.77 -41.82
N ASP E 175 18.43 25.64 -42.66
CA ASP E 175 18.74 27.02 -42.27
C ASP E 175 18.29 27.92 -43.40
N SER E 176 17.26 28.73 -43.14
CA SER E 176 16.74 29.65 -44.15
C SER E 176 17.55 30.94 -44.22
N SER E 177 18.46 31.18 -43.27
CA SER E 177 19.27 32.39 -43.32
C SER E 177 20.35 32.31 -44.38
N LEU E 178 20.74 31.11 -44.80
CA LEU E 178 21.72 30.97 -45.87
C LEU E 178 21.17 31.50 -47.19
N VAL E 179 19.91 31.19 -47.48
CA VAL E 179 19.30 31.57 -48.76
C VAL E 179 19.00 33.06 -48.73
N SER E 180 19.81 33.85 -49.44
CA SER E 180 19.57 35.27 -49.62
C SER E 180 19.09 35.50 -51.05
N LEU E 181 18.75 36.74 -51.37
CA LEU E 181 18.16 37.07 -52.67
C LEU E 181 18.95 38.20 -53.31
N SER E 182 19.78 37.86 -54.29
CA SER E 182 20.30 38.87 -55.20
C SER E 182 19.18 39.26 -56.15
N GLY E 183 19.47 40.19 -57.07
CA GLY E 183 18.41 40.74 -57.88
C GLY E 183 17.63 39.69 -58.64
N SER E 184 16.44 39.39 -58.14
CA SER E 184 15.56 38.35 -58.68
C SER E 184 16.31 37.03 -58.89
N SER E 185 17.10 36.63 -57.89
CA SER E 185 17.81 35.36 -57.99
C SER E 185 18.23 34.89 -56.61
N VAL E 186 17.87 33.65 -56.25
CA VAL E 186 18.28 33.12 -54.96
C VAL E 186 19.77 32.80 -54.98
N THR E 187 20.40 32.91 -53.81
CA THR E 187 21.82 32.67 -53.68
C THR E 187 22.07 32.04 -52.32
N VAL E 188 22.77 30.90 -52.31
CA VAL E 188 23.07 30.18 -51.10
C VAL E 188 24.55 30.35 -50.80
N THR E 189 24.86 30.93 -49.64
CA THR E 189 26.23 31.09 -49.16
C THR E 189 26.36 30.31 -47.87
N PRO E 190 26.91 29.11 -47.90
CA PRO E 190 26.98 28.27 -46.70
C PRO E 190 27.95 28.86 -45.69
N PRO E 191 27.87 28.44 -44.42
CA PRO E 191 28.83 28.93 -43.43
C PRO E 191 30.25 28.59 -43.83
N ASP E 192 31.17 29.48 -43.46
CA ASP E 192 32.56 29.39 -43.91
C ASP E 192 33.16 28.03 -43.60
N GLY E 193 33.54 27.31 -44.65
CA GLY E 193 34.14 26.00 -44.49
C GLY E 193 33.16 24.89 -44.17
N THR E 194 31.92 25.00 -44.63
CA THR E 194 30.90 23.99 -44.34
C THR E 194 30.01 23.83 -45.57
N SER E 195 29.62 22.59 -45.85
CA SER E 195 28.79 22.29 -47.00
C SER E 195 27.34 22.67 -46.72
N ALA E 196 26.50 22.59 -47.76
CA ALA E 196 25.09 22.91 -47.63
C ALA E 196 24.35 22.24 -48.78
N LEU E 197 23.50 21.26 -48.45
CA LEU E 197 22.69 20.58 -49.46
C LEU E 197 21.52 21.48 -49.85
N VAL E 198 21.56 22.00 -51.06
CA VAL E 198 20.47 22.85 -51.55
C VAL E 198 19.47 21.96 -52.29
N GLU E 199 18.28 21.83 -51.70
CA GLU E 199 17.20 21.06 -52.30
C GLU E 199 16.17 22.05 -52.81
N CYS E 200 15.96 22.07 -54.12
CA CYS E 200 15.25 23.22 -54.67
C CYS E 200 14.30 22.74 -55.76
N GLU E 201 13.12 23.37 -55.81
CA GLU E 201 12.05 22.91 -56.70
C GLU E 201 11.51 24.10 -57.50
N CYS E 202 12.41 24.78 -58.19
CA CYS E 202 12.02 25.74 -59.21
C CYS E 202 11.81 24.99 -60.52
N GLY E 203 11.70 25.71 -61.64
CA GLY E 203 11.61 25.04 -62.91
C GLY E 203 12.82 24.15 -63.13
N GLY E 204 12.63 22.85 -62.98
CA GLY E 204 13.75 21.93 -62.96
C GLY E 204 14.24 21.69 -61.55
N THR E 205 14.12 20.46 -61.06
CA THR E 205 14.53 20.14 -59.70
C THR E 205 16.04 20.25 -59.57
N LYS E 206 16.49 20.78 -58.43
CA LYS E 206 17.90 21.01 -58.14
C LYS E 206 18.29 20.29 -56.86
N ILE E 207 19.32 19.46 -56.94
CA ILE E 207 19.90 18.85 -55.75
C ILE E 207 21.39 19.15 -55.77
N SER E 208 21.79 20.25 -55.15
CA SER E 208 23.19 20.67 -55.19
C SER E 208 23.80 20.50 -53.81
N GLU E 209 24.28 19.28 -53.54
CA GLU E 209 24.85 18.99 -52.22
C GLU E 209 26.15 19.75 -52.01
N THR E 210 27.07 19.66 -52.98
CA THR E 210 28.43 20.15 -52.79
C THR E 210 28.54 21.61 -53.23
N ILE E 211 28.04 22.49 -52.36
CA ILE E 211 28.35 23.91 -52.44
C ILE E 211 29.12 24.26 -51.17
N ASN E 212 30.24 24.96 -51.34
CA ASN E 212 31.14 25.24 -50.23
C ASN E 212 31.33 26.72 -49.96
N LYS E 213 31.31 27.58 -50.99
CA LYS E 213 31.60 28.98 -50.80
C LYS E 213 30.39 29.86 -51.08
N THR E 214 29.88 29.84 -52.31
CA THR E 214 28.65 30.52 -52.71
C THR E 214 28.08 29.76 -53.89
N LYS E 215 26.81 30.02 -54.19
CA LYS E 215 26.24 29.56 -55.45
C LYS E 215 24.94 30.30 -55.71
N GLN E 216 24.81 30.86 -56.90
CA GLN E 216 23.62 31.58 -57.32
C GLN E 216 22.78 30.68 -58.20
N PHE E 217 21.51 30.48 -57.83
CA PHE E 217 20.58 29.68 -58.61
C PHE E 217 19.59 30.64 -59.24
N SER E 218 19.95 31.16 -60.41
CA SER E 218 19.17 32.21 -61.06
C SER E 218 17.82 31.72 -61.57
N GLN E 219 17.58 30.41 -61.59
CA GLN E 219 16.28 29.92 -62.03
C GLN E 219 15.16 30.33 -61.08
N CYS E 220 15.51 30.65 -59.84
CA CYS E 220 14.52 30.91 -58.80
C CYS E 220 14.35 32.40 -58.56
N THR E 221 13.12 32.82 -58.29
CA THR E 221 12.81 34.22 -58.08
C THR E 221 12.67 34.61 -56.62
N LYS E 222 12.14 33.73 -55.78
CA LYS E 222 11.87 34.05 -54.39
C LYS E 222 12.56 33.07 -53.46
N LYS E 223 12.91 33.56 -52.27
CA LYS E 223 13.64 32.74 -51.31
C LYS E 223 12.80 31.58 -50.81
N GLU E 224 11.50 31.80 -50.60
CA GLU E 224 10.64 30.79 -50.01
C GLU E 224 10.42 29.60 -50.92
N GLN E 225 10.86 29.67 -52.19
CA GLN E 225 10.63 28.59 -53.12
C GLN E 225 11.31 27.29 -52.69
N CYS E 226 12.50 27.38 -52.11
CA CYS E 226 13.30 26.16 -51.97
C CYS E 226 14.37 26.33 -50.90
N ARG E 227 14.87 25.20 -50.41
CA ARG E 227 15.54 25.12 -49.11
C ARG E 227 17.02 24.81 -49.25
N ALA E 228 17.77 25.13 -48.18
CA ALA E 228 19.20 24.88 -48.09
C ALA E 228 19.51 24.26 -46.73
N TYR E 229 19.56 22.93 -46.69
CA TYR E 229 19.89 22.22 -45.46
C TYR E 229 21.37 22.35 -45.16
N ARG E 230 21.69 22.49 -43.88
CA ARG E 230 23.06 22.70 -43.42
C ARG E 230 23.66 21.35 -43.03
N LEU E 231 24.68 20.93 -43.77
CA LEU E 231 25.33 19.64 -43.53
C LEU E 231 26.59 19.85 -42.70
N GLN E 232 26.61 19.29 -41.49
CA GLN E 232 27.83 19.29 -40.71
C GLN E 232 28.33 17.86 -40.48
N ASN E 233 27.49 17.03 -39.85
CA ASN E 233 27.71 15.59 -39.71
C ASN E 233 29.15 15.23 -39.36
N ASP E 234 29.78 16.02 -38.49
CA ASP E 234 31.08 15.66 -37.94
C ASP E 234 31.04 15.35 -36.45
N LYS E 235 30.13 15.98 -35.71
CA LYS E 235 29.91 15.71 -34.30
C LYS E 235 28.60 14.98 -34.15
N TRP E 236 28.59 13.95 -33.31
CA TRP E 236 27.45 13.07 -33.16
C TRP E 236 26.54 13.57 -32.04
N VAL E 237 25.27 13.20 -32.13
CA VAL E 237 24.25 13.79 -31.29
C VAL E 237 23.41 12.66 -30.66
N TYR E 238 22.78 12.98 -29.54
CA TYR E 238 21.89 12.03 -28.89
C TYR E 238 20.69 11.73 -29.77
N ASN E 239 20.15 10.51 -29.63
CA ASN E 239 19.04 10.04 -30.44
C ASN E 239 17.72 10.65 -29.94
N SER E 240 17.66 11.97 -30.04
CA SER E 240 16.49 12.70 -29.55
C SER E 240 15.33 12.57 -30.52
N ASP E 241 14.11 12.53 -29.96
CA ASP E 241 12.91 12.47 -30.78
C ASP E 241 12.51 13.83 -31.32
N LYS E 242 13.20 14.90 -30.93
CA LYS E 242 12.89 16.25 -31.38
C LYS E 242 13.88 16.73 -32.45
N LEU E 243 14.56 15.80 -33.12
CA LEU E 243 15.50 16.08 -34.20
C LEU E 243 15.18 15.16 -35.38
N PRO E 244 15.48 15.60 -36.60
CA PRO E 244 15.31 14.72 -37.75
C PRO E 244 16.35 13.61 -37.74
N LYS E 245 16.02 12.52 -38.42
CA LYS E 245 16.88 11.35 -38.49
C LYS E 245 17.68 11.35 -39.79
N ALA E 246 18.97 11.03 -39.67
CA ALA E 246 19.85 10.93 -40.82
C ALA E 246 19.74 9.54 -41.44
N ALA E 247 19.69 9.48 -42.77
CA ALA E 247 19.47 8.23 -43.47
C ALA E 247 20.66 7.29 -43.32
N GLY E 248 20.38 6.00 -43.42
CA GLY E 248 21.43 4.99 -43.37
C GLY E 248 21.70 4.50 -41.97
N ALA E 249 22.86 3.85 -41.82
CA ALA E 249 23.30 3.41 -40.51
C ALA E 249 23.66 4.64 -39.67
N THR E 250 22.98 4.80 -38.53
CA THR E 250 23.03 6.04 -37.78
C THR E 250 23.74 5.91 -36.44
N LEU E 251 23.66 4.76 -35.78
CA LEU E 251 24.30 4.58 -34.48
C LEU E 251 25.81 4.71 -34.60
N LYS E 252 26.42 5.38 -33.62
CA LYS E 252 27.85 5.67 -33.67
C LYS E 252 28.60 5.39 -32.37
N GLY E 253 27.92 5.06 -31.28
CA GLY E 253 28.61 4.79 -30.04
C GLY E 253 27.66 4.81 -28.86
N LYS E 254 28.25 4.83 -27.67
CA LYS E 254 27.51 4.80 -26.42
C LYS E 254 28.02 5.89 -25.49
N LEU E 255 27.10 6.62 -24.86
CA LEU E 255 27.43 7.60 -23.84
C LEU E 255 26.95 7.09 -22.49
N HIS E 256 27.86 7.02 -21.52
CA HIS E 256 27.49 6.56 -20.19
C HIS E 256 26.67 7.62 -19.48
N VAL E 257 25.72 7.16 -18.68
CA VAL E 257 24.83 8.04 -17.92
C VAL E 257 25.48 8.31 -16.57
N PRO E 258 25.83 9.55 -16.25
CA PRO E 258 26.40 9.87 -14.94
C PRO E 258 25.28 10.06 -13.92
N PHE E 259 25.69 10.28 -12.67
CA PHE E 259 24.75 10.57 -11.58
C PHE E 259 23.71 9.48 -11.43
N LEU E 260 24.13 8.22 -11.54
CA LEU E 260 23.20 7.12 -11.41
C LEU E 260 22.78 6.94 -9.96
N LEU E 261 21.61 6.33 -9.79
CA LEU E 261 21.04 6.12 -8.47
C LEU E 261 21.85 5.08 -7.71
N ALA E 262 22.23 5.39 -6.47
CA ALA E 262 23.16 4.57 -5.72
C ALA E 262 22.76 4.53 -4.26
N ASP E 263 23.23 3.49 -3.57
CA ASP E 263 22.96 3.28 -2.16
C ASP E 263 23.78 4.23 -1.30
N GLY E 264 23.17 4.66 -0.20
CA GLY E 264 23.86 5.47 0.78
C GLY E 264 23.06 5.48 2.06
N LYS E 265 23.48 6.31 3.00
CA LYS E 265 22.76 6.51 4.25
C LYS E 265 22.43 7.97 4.41
N CYS E 266 21.20 8.26 4.79
CA CYS E 266 20.72 9.63 4.96
C CYS E 266 19.98 9.76 6.27
N THR E 267 19.97 10.97 6.81
CA THR E 267 19.36 11.24 8.11
C THR E 267 17.84 11.33 7.98
N VAL E 268 17.13 10.63 8.85
CA VAL E 268 15.67 10.69 8.89
C VAL E 268 15.26 11.19 10.26
N PRO E 269 14.12 11.87 10.39
CA PRO E 269 13.74 12.41 11.70
C PRO E 269 13.36 11.31 12.67
N LEU E 270 13.54 11.62 13.95
CA LEU E 270 13.25 10.67 15.03
C LEU E 270 12.10 11.23 15.85
N ALA E 271 10.99 10.50 15.88
CA ALA E 271 9.75 11.02 16.45
C ALA E 271 9.87 11.17 17.97
N PRO E 272 9.09 12.07 18.57
CA PRO E 272 9.07 12.19 20.02
C PRO E 272 8.67 10.89 20.69
N GLU E 273 9.26 10.62 21.84
CA GLU E 273 8.99 9.39 22.56
C GLU E 273 7.53 9.34 22.98
N PRO E 274 6.81 8.28 22.68
CA PRO E 274 5.41 8.18 23.11
C PRO E 274 5.30 8.11 24.62
N MET E 275 4.18 8.59 25.14
CA MET E 275 3.87 8.46 26.56
C MET E 275 3.07 7.18 26.75
N ILE E 276 3.66 6.21 27.45
CA ILE E 276 3.10 4.86 27.53
C ILE E 276 2.51 4.67 28.92
N THR E 277 1.22 4.36 28.96
CA THR E 277 0.51 4.09 30.20
C THR E 277 0.12 2.62 30.23
N PHE E 278 0.55 1.92 31.28
CA PHE E 278 0.29 0.49 31.41
C PHE E 278 -0.96 0.25 32.24
N GLY E 279 -1.71 -0.78 31.86
CA GLY E 279 -2.87 -1.22 32.60
C GLY E 279 -3.05 -2.70 32.39
N PHE E 280 -3.99 -3.27 33.13
CA PHE E 280 -4.22 -4.71 33.05
C PHE E 280 -4.53 -5.12 31.62
N ARG E 281 -3.58 -5.83 31.00
CA ARG E 281 -3.71 -6.29 29.61
C ARG E 281 -4.01 -5.13 28.67
N SER E 282 -3.35 -4.00 28.89
CA SER E 282 -3.63 -2.83 28.07
C SER E 282 -2.43 -1.88 28.08
N VAL E 283 -2.17 -1.28 26.94
CA VAL E 283 -1.15 -0.25 26.78
C VAL E 283 -1.78 0.94 26.05
N SER E 284 -1.65 2.12 26.63
CA SER E 284 -2.13 3.36 26.02
C SER E 284 -0.94 4.17 25.55
N LEU E 285 -0.90 4.47 24.27
CA LEU E 285 0.16 5.28 23.68
C LEU E 285 -0.38 6.68 23.42
N LYS E 286 0.24 7.67 24.04
CA LYS E 286 -0.05 9.07 23.78
C LYS E 286 1.02 9.62 22.85
N LEU E 287 0.61 10.07 21.67
CA LEU E 287 1.49 10.31 20.55
C LEU E 287 1.38 11.77 20.13
N HIS E 288 2.52 12.48 20.10
CA HIS E 288 2.58 13.87 19.65
C HIS E 288 3.60 13.96 18.53
N PRO E 289 3.19 13.76 17.28
CA PRO E 289 4.15 13.79 16.17
C PRO E 289 4.47 15.20 15.71
N LYS E 290 5.71 15.37 15.26
CA LYS E 290 6.12 16.61 14.60
C LYS E 290 5.68 16.60 13.14
N ASN E 291 6.08 15.58 12.40
CA ASN E 291 5.66 15.31 11.03
C ASN E 291 4.62 14.21 11.03
N PRO E 292 3.93 14.00 9.91
CA PRO E 292 3.09 12.80 9.79
C PRO E 292 3.92 11.55 10.01
N THR E 293 3.51 10.74 10.98
CA THR E 293 4.30 9.61 11.46
C THR E 293 3.50 8.34 11.37
N TYR E 294 4.17 7.22 11.06
CA TYR E 294 3.50 5.94 10.90
C TYR E 294 3.61 5.15 12.20
N LEU E 295 2.45 4.76 12.74
CA LEU E 295 2.37 3.83 13.85
C LEU E 295 1.96 2.46 13.30
N ILE E 296 2.81 1.46 13.52
CA ILE E 296 2.56 0.11 13.05
C ILE E 296 2.48 -0.80 14.26
N THR E 297 1.46 -1.65 14.30
CA THR E 297 1.15 -2.46 15.46
C THR E 297 0.96 -3.91 15.05
N ARG E 298 1.44 -4.83 15.89
CA ARG E 298 1.42 -6.24 15.57
C ARG E 298 1.25 -7.04 16.85
N GLN E 299 0.51 -8.15 16.76
CA GLN E 299 0.36 -9.09 17.88
C GLN E 299 1.26 -10.28 17.63
N LEU E 300 2.05 -10.66 18.64
CA LEU E 300 3.00 -11.76 18.52
C LEU E 300 2.29 -13.10 18.74
N ALA E 301 1.27 -13.34 17.93
CA ALA E 301 0.46 -14.55 18.02
C ALA E 301 0.22 -15.07 16.61
N ASP E 302 -0.63 -16.09 16.50
CA ASP E 302 -0.92 -16.68 15.19
C ASP E 302 -1.67 -15.70 14.30
N GLU E 303 -2.40 -14.75 14.88
CA GLU E 303 -3.08 -13.71 14.13
C GLU E 303 -2.44 -12.37 14.49
N PRO E 304 -1.59 -11.80 13.64
CA PRO E 304 -0.89 -10.56 14.00
C PRO E 304 -1.82 -9.39 14.24
N HIS E 305 -2.95 -9.32 13.53
CA HIS E 305 -3.90 -8.22 13.68
C HIS E 305 -3.21 -6.87 13.52
N TYR E 306 -2.31 -6.79 12.55
CA TYR E 306 -1.47 -5.60 12.40
C TYR E 306 -2.31 -4.39 12.00
N THR E 307 -1.96 -3.24 12.56
CA THR E 307 -2.55 -1.97 12.17
C THR E 307 -1.45 -1.07 11.63
N HIS E 308 -1.81 -0.22 10.67
CA HIS E 308 -0.85 0.66 10.00
C HIS E 308 -1.53 2.02 9.83
N GLU E 309 -1.20 2.96 10.71
CA GLU E 309 -1.90 4.23 10.76
C GLU E 309 -0.94 5.39 10.56
N LEU E 310 -1.40 6.41 9.83
CA LEU E 310 -0.67 7.65 9.67
C LEU E 310 -1.25 8.67 10.63
N ILE E 311 -0.47 9.08 11.61
CA ILE E 311 -0.89 9.98 12.68
C ILE E 311 -0.18 11.31 12.47
N SER E 312 -0.95 12.38 12.31
CA SER E 312 -0.43 13.71 12.07
C SER E 312 -0.73 14.69 13.19
N GLU E 313 -1.55 14.32 14.16
CA GLU E 313 -1.94 15.15 15.28
C GLU E 313 -1.81 14.33 16.55
N PRO E 314 -1.74 14.99 17.72
CA PRO E 314 -1.69 14.23 18.97
C PRO E 314 -2.88 13.29 19.08
N ALA E 315 -2.61 12.07 19.53
CA ALA E 315 -3.66 11.06 19.59
C ALA E 315 -3.32 10.02 20.64
N VAL E 316 -4.36 9.43 21.23
CA VAL E 316 -4.22 8.37 22.21
C VAL E 316 -4.76 7.08 21.59
N ARG E 317 -3.92 6.06 21.52
CA ARG E 317 -4.29 4.77 20.96
C ARG E 317 -4.16 3.70 22.03
N ASN E 318 -5.23 2.94 22.25
CA ASN E 318 -5.27 1.91 23.27
C ASN E 318 -5.18 0.55 22.60
N PHE E 319 -4.32 -0.31 23.11
CA PHE E 319 -4.12 -1.64 22.55
C PHE E 319 -4.17 -2.68 23.67
N THR E 320 -4.61 -3.88 23.31
CA THR E 320 -4.74 -4.99 24.24
C THR E 320 -3.52 -5.88 24.13
N VAL E 321 -2.66 -5.84 25.12
CA VAL E 321 -1.49 -6.70 25.20
C VAL E 321 -1.83 -7.92 26.02
N THR E 322 -1.56 -9.11 25.47
CA THR E 322 -1.87 -10.37 26.13
C THR E 322 -0.58 -11.05 26.55
N GLU E 323 -0.72 -12.25 27.10
CA GLU E 323 0.45 -13.04 27.50
C GLU E 323 1.28 -13.48 26.32
N LYS E 324 0.70 -13.50 25.11
CA LYS E 324 1.44 -13.94 23.94
C LYS E 324 2.44 -12.88 23.50
N GLY E 325 2.05 -11.61 23.53
CA GLY E 325 2.97 -10.54 23.18
C GLY E 325 2.34 -9.43 22.38
N TRP E 326 3.11 -8.36 22.16
CA TRP E 326 2.63 -7.21 21.39
C TRP E 326 3.84 -6.41 20.96
N GLU E 327 3.73 -5.75 19.81
CA GLU E 327 4.86 -5.01 19.24
C GLU E 327 4.35 -3.76 18.53
N PHE E 328 5.10 -2.67 18.65
CA PHE E 328 4.72 -1.46 17.93
C PHE E 328 5.98 -0.72 17.48
N VAL E 329 5.89 -0.13 16.30
CA VAL E 329 6.93 0.71 15.71
C VAL E 329 6.34 2.10 15.52
N TRP E 330 7.01 3.10 16.08
CA TRP E 330 6.55 4.48 16.05
C TRP E 330 7.55 5.28 15.23
N GLY E 331 7.21 5.53 13.97
CA GLY E 331 8.10 6.29 13.12
C GLY E 331 9.39 5.54 12.86
N ASN E 332 10.51 6.22 13.06
CA ASN E 332 11.82 5.65 12.81
C ASN E 332 12.45 5.08 14.08
N HIS E 333 11.68 4.97 15.16
CA HIS E 333 12.15 4.31 16.36
C HIS E 333 12.23 2.80 16.14
N PRO E 334 13.14 2.13 16.82
CA PRO E 334 13.16 0.66 16.77
C PRO E 334 11.91 0.10 17.39
N PRO E 335 11.48 -1.09 16.96
CA PRO E 335 10.24 -1.67 17.50
C PRO E 335 10.36 -1.96 18.99
N LYS E 336 9.24 -1.78 19.69
CA LYS E 336 9.15 -2.06 21.12
C LYS E 336 8.15 -3.19 21.33
N ARG E 337 8.54 -4.18 22.13
CA ARG E 337 7.70 -5.33 22.43
C ARG E 337 7.30 -5.32 23.90
N PHE E 338 6.03 -5.66 24.15
CA PHE E 338 5.46 -5.66 25.48
C PHE E 338 4.69 -6.97 25.70
N TRP E 339 4.78 -7.48 26.93
CA TRP E 339 4.04 -8.68 27.33
C TRP E 339 3.27 -8.37 28.60
N ALA E 340 2.12 -9.02 28.75
CA ALA E 340 1.23 -8.77 29.86
C ALA E 340 1.43 -9.82 30.95
N GLN E 341 1.42 -9.37 32.20
CA GLN E 341 1.53 -10.25 33.34
C GLN E 341 0.14 -10.57 33.88
N GLU E 342 0.10 -11.27 35.02
CA GLU E 342 -1.15 -11.75 35.58
C GLU E 342 -1.59 -10.92 36.78
N THR E 343 -1.40 -9.61 36.70
CA THR E 343 -1.84 -8.69 37.75
C THR E 343 -3.29 -8.29 37.47
N ALA E 344 -4.23 -8.99 38.08
CA ALA E 344 -5.65 -8.72 37.86
C ALA E 344 -6.28 -8.17 39.12
N PRO E 345 -7.22 -7.24 39.00
CA PRO E 345 -7.85 -6.66 40.19
C PRO E 345 -8.68 -7.69 40.93
N GLY E 346 -8.74 -7.52 42.24
CA GLY E 346 -9.46 -8.45 43.10
C GLY E 346 -8.51 -9.35 43.87
N ASN E 347 -9.02 -9.88 44.98
CA ASN E 347 -8.24 -10.76 45.83
C ASN E 347 -8.68 -12.20 45.64
N PRO E 348 -7.85 -13.07 45.06
CA PRO E 348 -8.22 -14.49 45.02
C PRO E 348 -8.40 -15.10 46.39
N HIS E 349 -7.68 -14.59 47.39
CA HIS E 349 -7.80 -15.07 48.77
C HIS E 349 -8.76 -14.17 49.57
N GLY E 350 -9.98 -14.07 49.06
CA GLY E 350 -10.95 -13.17 49.67
C GLY E 350 -12.37 -13.65 49.62
N LEU E 351 -13.32 -12.72 49.76
CA LEU E 351 -14.74 -13.01 49.76
C LEU E 351 -15.16 -13.53 48.38
N PRO E 352 -16.28 -14.25 48.29
CA PRO E 352 -16.65 -14.84 46.99
C PRO E 352 -16.77 -13.83 45.86
N HIS E 353 -17.30 -12.64 46.11
CA HIS E 353 -17.43 -11.66 45.04
C HIS E 353 -16.05 -11.20 44.55
N GLU E 354 -15.10 -10.99 45.47
CA GLU E 354 -13.75 -10.64 45.07
C GLU E 354 -13.11 -11.77 44.27
N VAL E 355 -13.34 -13.01 44.67
CA VAL E 355 -12.80 -14.16 43.95
C VAL E 355 -13.36 -14.21 42.54
N ILE E 356 -14.67 -13.98 42.38
CA ILE E 356 -15.26 -14.00 41.05
C ILE E 356 -14.76 -12.85 40.20
N THR E 357 -14.57 -11.66 40.78
CA THR E 357 -14.00 -10.56 40.00
C THR E 357 -12.59 -10.89 39.55
N HIS E 358 -11.78 -11.47 40.43
CA HIS E 358 -10.40 -11.79 40.07
C HIS E 358 -10.28 -12.95 39.09
N TYR E 359 -11.24 -13.87 39.08
CA TYR E 359 -11.23 -14.98 38.13
C TYR E 359 -12.14 -14.71 36.94
N TYR E 360 -12.72 -13.52 36.84
CA TYR E 360 -13.40 -13.09 35.64
C TYR E 360 -12.60 -12.08 34.84
N HIS E 361 -11.99 -11.10 35.50
CA HIS E 361 -11.07 -10.20 34.81
C HIS E 361 -9.89 -10.98 34.23
N ARG E 362 -9.35 -11.90 35.01
CA ARG E 362 -8.42 -12.89 34.50
C ARG E 362 -9.19 -14.15 34.11
N TYR E 363 -8.69 -14.86 33.10
CA TYR E 363 -9.38 -15.98 32.49
C TYR E 363 -10.86 -15.68 32.19
N PRO E 364 -11.16 -14.76 31.27
CA PRO E 364 -12.57 -14.55 30.90
C PRO E 364 -13.16 -15.79 30.24
N MET E 365 -14.49 -15.91 30.32
CA MET E 365 -15.28 -16.89 29.59
C MET E 365 -15.09 -18.31 30.17
N SER E 366 -14.15 -18.46 31.10
CA SER E 366 -13.98 -19.73 31.81
C SER E 366 -14.69 -19.73 33.16
N THR E 367 -14.84 -18.57 33.79
CA THR E 367 -15.61 -18.46 35.00
C THR E 367 -17.10 -18.27 34.74
N ILE E 368 -17.48 -18.01 33.50
CA ILE E 368 -18.90 -17.94 33.15
C ILE E 368 -19.45 -19.34 32.90
N LEU E 369 -18.72 -20.14 32.11
CA LEU E 369 -19.11 -21.54 31.92
C LEU E 369 -19.00 -22.33 33.21
N GLY E 370 -17.92 -22.11 33.98
CA GLY E 370 -17.74 -22.85 35.22
C GLY E 370 -18.81 -22.55 36.25
N LEU E 371 -19.10 -21.26 36.44
CA LEU E 371 -20.14 -20.89 37.41
C LEU E 371 -21.51 -21.39 36.98
N SER E 372 -21.82 -21.30 35.68
CA SER E 372 -23.10 -21.80 35.19
C SER E 372 -23.22 -23.31 35.40
N ILE E 373 -22.14 -24.05 35.11
CA ILE E 373 -22.16 -25.49 35.30
C ILE E 373 -22.33 -25.84 36.78
N CYS E 374 -21.61 -25.13 37.65
CA CYS E 374 -21.74 -25.38 39.08
C CYS E 374 -23.16 -25.10 39.57
N ALA E 375 -23.74 -24.00 39.13
CA ALA E 375 -25.11 -23.66 39.53
C ALA E 375 -26.11 -24.69 39.02
N ALA E 376 -25.94 -25.13 37.77
CA ALA E 376 -26.84 -26.14 37.22
C ALA E 376 -26.73 -27.45 37.98
N ILE E 377 -25.51 -27.88 38.29
CA ILE E 377 -25.32 -29.12 39.04
C ILE E 377 -25.95 -29.00 40.42
N ALA E 378 -25.73 -27.87 41.10
CA ALA E 378 -26.30 -27.68 42.42
C ALA E 378 -27.82 -27.71 42.38
N THR E 379 -28.42 -27.01 41.41
CA THR E 379 -29.88 -26.98 41.32
C THR E 379 -30.45 -28.36 41.01
N VAL E 380 -29.84 -29.07 40.06
CA VAL E 380 -30.35 -30.40 39.70
C VAL E 380 -30.23 -31.35 40.89
N SER E 381 -29.10 -31.33 41.59
CA SER E 381 -28.93 -32.23 42.71
C SER E 381 -29.86 -31.89 43.86
N VAL E 382 -30.06 -30.59 44.13
CA VAL E 382 -30.99 -30.20 45.18
C VAL E 382 -32.41 -30.63 44.85
N ALA E 383 -32.82 -30.43 43.59
CA ALA E 383 -34.15 -30.86 43.16
C ALA E 383 -34.30 -32.37 43.27
N ALA E 384 -33.26 -33.12 42.88
CA ALA E 384 -33.33 -34.58 42.98
C ALA E 384 -33.41 -35.03 44.42
N SER E 385 -32.64 -34.41 45.32
CA SER E 385 -32.69 -34.78 46.72
C SER E 385 -34.06 -34.46 47.32
N THR E 386 -34.63 -33.30 46.96
CA THR E 386 -35.96 -32.96 47.43
C THR E 386 -37.00 -33.95 46.92
N TRP E 387 -36.89 -34.34 45.64
CA TRP E 387 -37.83 -35.32 45.08
C TRP E 387 -37.71 -36.66 45.78
N LEU E 388 -36.48 -37.11 46.04
CA LEU E 388 -36.29 -38.37 46.76
C LEU E 388 -36.84 -38.28 48.18
N PHE E 389 -36.65 -37.14 48.85
CA PHE E 389 -37.19 -37.00 50.20
C PHE E 389 -38.71 -37.02 50.19
N CYS E 390 -39.33 -36.35 49.22
CA CYS E 390 -40.79 -36.37 49.13
C CYS E 390 -41.31 -37.77 48.83
N ARG E 391 -40.64 -38.47 47.91
CA ARG E 391 -41.06 -39.84 47.60
C ARG E 391 -40.88 -40.75 48.81
N SER E 392 -39.80 -40.56 49.57
CA SER E 392 -39.58 -41.34 50.79
C SER E 392 -40.68 -41.08 51.81
N ARG E 393 -41.03 -39.80 52.01
CA ARG E 393 -42.08 -39.47 52.96
C ARG E 393 -43.41 -40.07 52.52
N VAL E 394 -43.73 -40.01 51.23
CA VAL E 394 -44.98 -40.60 50.73
C VAL E 394 -44.98 -42.10 50.96
N ALA E 395 -43.89 -42.77 50.59
CA ALA E 395 -43.82 -44.23 50.71
C ALA E 395 -43.78 -44.69 52.16
N CYS E 396 -43.39 -43.81 53.08
CA CYS E 396 -43.39 -44.17 54.50
C CYS E 396 -44.66 -43.75 55.22
N LEU E 397 -45.46 -42.85 54.65
CA LEU E 397 -46.67 -42.40 55.31
C LEU E 397 -47.95 -43.01 54.73
N THR E 398 -48.03 -43.22 53.42
CA THR E 398 -49.25 -43.80 52.85
C THR E 398 -49.63 -45.15 53.46
N PRO E 399 -48.72 -46.09 53.74
CA PRO E 399 -49.16 -47.32 54.43
C PRO E 399 -49.81 -47.05 55.77
N TYR E 400 -49.41 -45.97 56.45
CA TYR E 400 -50.00 -45.62 57.74
C TYR E 400 -51.15 -44.62 57.62
N ARG E 401 -51.10 -43.73 56.62
CA ARG E 401 -52.09 -42.67 56.54
C ARG E 401 -53.45 -43.19 56.07
N LEU E 402 -53.46 -44.09 55.08
CA LEU E 402 -54.72 -44.51 54.48
C LEU E 402 -55.44 -45.58 55.31
N THR E 403 -55.01 -45.84 56.53
CA THR E 403 -55.76 -46.70 57.42
C THR E 403 -57.10 -46.02 57.77
N PRO E 404 -58.14 -46.80 58.04
CA PRO E 404 -59.46 -46.18 58.33
C PRO E 404 -59.44 -45.25 59.53
N ASN E 405 -58.84 -45.67 60.65
CA ASN E 405 -58.78 -44.81 61.82
C ASN E 405 -57.72 -43.72 61.70
N ALA E 406 -56.76 -43.88 60.79
CA ALA E 406 -55.72 -42.88 60.55
C ALA E 406 -54.94 -42.56 61.82
N ARG E 407 -54.32 -43.59 62.38
CA ARG E 407 -53.50 -43.46 63.58
C ARG E 407 -52.04 -43.63 63.18
N ILE E 408 -51.25 -42.58 63.34
CA ILE E 408 -49.86 -42.58 62.89
C ILE E 408 -48.90 -42.11 64.00
N PRO E 409 -48.85 -42.78 65.16
CA PRO E 409 -47.92 -42.34 66.19
C PRO E 409 -46.51 -42.87 65.98
N PHE E 410 -46.41 -44.07 65.41
CA PHE E 410 -45.11 -44.75 65.34
C PHE E 410 -44.17 -44.08 64.36
N CYS E 411 -44.64 -43.79 63.14
CA CYS E 411 -43.77 -43.24 62.11
C CYS E 411 -43.26 -41.86 62.51
N LEU E 412 -44.12 -41.03 63.09
CA LEU E 412 -43.70 -39.71 63.54
C LEU E 412 -42.75 -39.82 64.74
N ALA E 413 -42.85 -40.91 65.51
CA ALA E 413 -41.98 -41.07 66.67
C ALA E 413 -40.56 -41.49 66.30
N VAL E 414 -40.40 -42.29 65.24
CA VAL E 414 -39.11 -42.87 64.93
C VAL E 414 -38.25 -41.96 64.05
N LEU E 415 -38.85 -41.29 63.07
CA LEU E 415 -38.10 -40.41 62.18
C LEU E 415 -38.66 -39.01 62.06
N CYS E 416 -39.85 -38.74 62.60
CA CYS E 416 -40.48 -37.41 62.53
C CYS E 416 -40.61 -36.93 61.09
N CYS E 417 -41.13 -37.81 60.23
CA CYS E 417 -41.27 -37.45 58.82
C CYS E 417 -42.21 -36.28 58.62
N ALA E 418 -43.34 -36.28 59.33
CA ALA E 418 -44.31 -35.19 59.22
C ALA E 418 -43.92 -34.02 60.10
N ARG F 117 -78.62 -69.70 53.16
CA ARG F 117 -77.81 -68.73 52.44
C ARG F 117 -77.37 -67.59 53.36
N MET F 118 -76.36 -66.83 52.92
CA MET F 118 -75.83 -65.73 53.71
C MET F 118 -75.71 -64.44 52.91
N VAL F 119 -76.30 -64.37 51.72
CA VAL F 119 -76.29 -63.12 50.96
C VAL F 119 -77.18 -62.08 51.62
N MET F 120 -78.32 -62.51 52.16
CA MET F 120 -79.27 -61.55 52.74
C MET F 120 -78.71 -60.84 53.96
N LYS F 121 -77.75 -61.44 54.67
CA LYS F 121 -77.13 -60.77 55.79
C LYS F 121 -75.94 -59.91 55.39
N LEU F 122 -75.65 -59.83 54.09
CA LEU F 122 -74.60 -58.97 53.57
C LEU F 122 -75.13 -57.65 53.02
N GLU F 123 -76.40 -57.34 53.29
CA GLU F 123 -76.97 -56.07 52.85
C GLU F 123 -76.24 -54.91 53.53
N SER F 124 -75.98 -53.86 52.76
CA SER F 124 -75.26 -52.70 53.27
C SER F 124 -75.50 -51.52 52.34
N ASP F 125 -76.13 -50.47 52.85
CA ASP F 125 -76.33 -49.25 52.07
C ASP F 125 -75.10 -48.35 52.04
N LYS F 126 -74.06 -48.69 52.82
CA LYS F 126 -72.86 -47.86 52.86
C LYS F 126 -72.10 -47.91 51.54
N THR F 127 -72.00 -49.09 50.93
CA THR F 127 -71.30 -49.21 49.66
C THR F 127 -72.04 -48.47 48.56
N PHE F 128 -71.28 -47.80 47.69
CA PHE F 128 -71.85 -46.99 46.64
C PHE F 128 -71.22 -47.32 45.30
N PRO F 129 -71.97 -47.18 44.21
CA PRO F 129 -71.40 -47.46 42.88
C PRO F 129 -70.87 -46.22 42.19
N ILE F 130 -69.92 -46.39 41.28
CA ILE F 130 -69.43 -45.35 40.40
C ILE F 130 -69.87 -45.70 39.00
N MET F 131 -70.68 -44.83 38.41
CA MET F 131 -71.25 -45.03 37.09
C MET F 131 -70.33 -44.47 36.01
N LEU F 132 -70.47 -45.00 34.80
CA LEU F 132 -69.76 -44.51 33.63
C LEU F 132 -70.74 -44.56 32.46
N GLU F 133 -71.31 -43.40 32.10
CA GLU F 133 -72.34 -43.31 31.07
C GLU F 133 -73.52 -44.22 31.40
N GLY F 134 -73.96 -44.16 32.65
CA GLY F 134 -75.11 -44.94 33.09
C GLY F 134 -74.91 -46.44 33.15
N LYS F 135 -73.74 -46.90 33.58
CA LYS F 135 -73.49 -48.32 33.76
C LYS F 135 -72.56 -48.51 34.95
N ILE F 136 -72.64 -49.68 35.56
CA ILE F 136 -71.82 -49.99 36.72
C ILE F 136 -70.37 -50.10 36.28
N ASN F 137 -69.51 -49.27 36.85
CA ASN F 137 -68.08 -49.30 36.52
C ASN F 137 -67.19 -49.54 37.73
N GLY F 138 -67.50 -48.92 38.88
CA GLY F 138 -66.68 -49.07 40.06
C GLY F 138 -67.52 -49.16 41.31
N TYR F 139 -66.84 -49.36 42.45
CA TYR F 139 -67.51 -49.44 43.74
C TYR F 139 -66.64 -48.78 44.80
N ALA F 140 -67.17 -47.74 45.42
CA ALA F 140 -66.50 -47.03 46.49
C ALA F 140 -67.19 -47.33 47.82
N CYS F 141 -66.40 -47.60 48.85
CA CYS F 141 -66.95 -48.01 50.13
C CYS F 141 -66.43 -47.11 51.23
N VAL F 142 -67.29 -46.83 52.21
CA VAL F 142 -66.89 -46.08 53.40
C VAL F 142 -66.59 -47.06 54.52
N VAL F 143 -65.35 -47.05 54.99
CA VAL F 143 -64.90 -47.93 56.07
C VAL F 143 -64.17 -47.08 57.09
N GLY F 144 -64.49 -47.28 58.37
CA GLY F 144 -63.81 -46.59 59.45
C GLY F 144 -63.81 -45.08 59.31
N GLY F 145 -64.88 -44.51 58.77
CA GLY F 145 -64.91 -43.08 58.51
C GLY F 145 -63.94 -42.64 57.43
N LYS F 146 -63.84 -43.39 56.33
CA LYS F 146 -62.95 -43.02 55.23
C LYS F 146 -63.47 -43.68 53.97
N LEU F 147 -63.58 -42.89 52.89
CA LEU F 147 -64.11 -43.36 51.62
C LEU F 147 -62.97 -43.86 50.74
N PHE F 148 -63.14 -45.06 50.17
CA PHE F 148 -62.14 -45.72 49.35
C PHE F 148 -62.70 -46.04 47.98
N ARG F 149 -61.91 -45.78 46.94
CA ARG F 149 -62.24 -46.18 45.58
C ARG F 149 -60.97 -46.52 44.82
N PRO F 150 -61.03 -47.40 43.82
CA PRO F 150 -59.81 -47.79 43.09
C PRO F 150 -59.32 -46.71 42.12
N MET F 151 -58.02 -46.79 41.79
CA MET F 151 -57.47 -45.98 40.70
C MET F 151 -58.19 -46.24 39.39
N HIS F 152 -58.35 -47.51 39.04
CA HIS F 152 -58.64 -47.93 37.67
C HIS F 152 -60.09 -47.78 37.28
N VAL F 153 -60.97 -47.38 38.18
CA VAL F 153 -62.36 -47.10 37.85
C VAL F 153 -62.49 -45.60 37.55
N GLU F 154 -63.04 -45.30 36.38
CA GLU F 154 -63.26 -43.92 35.96
C GLU F 154 -64.75 -43.63 35.97
N GLY F 155 -65.12 -42.47 36.49
CA GLY F 155 -66.50 -42.06 36.54
C GLY F 155 -66.74 -41.17 37.74
N LYS F 156 -68.02 -40.96 38.02
CA LYS F 156 -68.45 -40.14 39.15
C LYS F 156 -69.26 -40.99 40.11
N ILE F 157 -68.96 -40.88 41.40
CA ILE F 157 -69.70 -41.62 42.41
C ILE F 157 -71.15 -41.16 42.40
N ASP F 158 -72.07 -42.11 42.62
CA ASP F 158 -73.49 -41.78 42.55
C ASP F 158 -73.91 -40.84 43.66
N ASN F 159 -73.30 -40.94 44.83
CA ASN F 159 -73.65 -40.06 45.94
C ASN F 159 -73.08 -38.67 45.69
N ASP F 160 -73.96 -37.67 45.69
CA ASP F 160 -73.52 -36.31 45.39
C ASP F 160 -72.63 -35.74 46.50
N VAL F 161 -72.92 -36.09 47.75
CA VAL F 161 -72.15 -35.53 48.86
C VAL F 161 -70.71 -36.00 48.81
N LEU F 162 -70.48 -37.26 48.46
CA LEU F 162 -69.11 -37.74 48.32
C LEU F 162 -68.47 -37.25 47.04
N ALA F 163 -69.26 -37.01 45.99
CA ALA F 163 -68.72 -36.41 44.78
C ALA F 163 -68.24 -34.99 45.03
N ALA F 164 -68.88 -34.29 45.98
CA ALA F 164 -68.41 -32.97 46.36
C ALA F 164 -67.04 -33.03 47.04
N LEU F 165 -66.78 -34.11 47.76
CA LEU F 165 -65.49 -34.27 48.44
C LEU F 165 -64.36 -34.40 47.43
N LYS F 166 -63.20 -33.88 47.80
CA LYS F 166 -62.01 -33.96 46.97
C LYS F 166 -61.10 -35.07 47.50
N THR F 167 -60.74 -36.00 46.63
CA THR F 167 -59.97 -37.17 47.00
C THR F 167 -58.51 -37.02 46.58
N LYS F 168 -57.62 -37.61 47.36
CA LYS F 168 -56.21 -37.65 47.04
C LYS F 168 -55.83 -39.01 46.46
N LYS F 169 -54.66 -39.06 45.83
CA LYS F 169 -54.22 -40.21 45.07
C LYS F 169 -53.24 -41.05 45.87
N ALA F 170 -53.21 -42.35 45.56
CA ALA F 170 -52.21 -43.27 46.09
C ALA F 170 -51.96 -44.32 44.99
N SER F 171 -50.95 -44.06 44.16
CA SER F 171 -50.74 -44.88 42.96
C SER F 171 -50.31 -46.29 43.32
N LYS F 172 -49.40 -46.42 44.29
CA LYS F 172 -48.86 -47.74 44.61
C LYS F 172 -49.92 -48.68 45.18
N TYR F 173 -50.78 -48.17 46.06
CA TYR F 173 -51.77 -49.00 46.73
C TYR F 173 -53.12 -49.00 46.03
N ASP F 174 -53.27 -48.24 44.94
CA ASP F 174 -54.47 -48.26 44.12
C ASP F 174 -55.72 -47.92 44.95
N LEU F 175 -55.69 -46.73 45.54
CA LEU F 175 -56.78 -46.30 46.43
C LEU F 175 -56.82 -44.79 46.49
N GLU F 176 -57.93 -44.19 46.06
CA GLU F 176 -58.32 -42.87 46.52
C GLU F 176 -58.99 -43.03 47.87
N TYR F 177 -58.47 -42.34 48.88
CA TYR F 177 -59.04 -42.34 50.21
C TYR F 177 -59.34 -40.90 50.61
N ALA F 178 -60.54 -40.67 51.11
CA ALA F 178 -60.99 -39.34 51.48
C ALA F 178 -61.63 -39.37 52.86
N ASP F 179 -61.56 -38.25 53.58
CA ASP F 179 -62.10 -38.16 54.92
C ASP F 179 -63.56 -37.73 54.85
N VAL F 180 -64.45 -38.57 55.36
CA VAL F 180 -65.89 -38.31 55.36
C VAL F 180 -66.18 -37.21 56.39
N PRO F 181 -67.28 -36.47 56.25
CA PRO F 181 -67.58 -35.41 57.23
C PRO F 181 -68.06 -35.99 58.56
N GLN F 182 -68.39 -35.10 59.50
CA GLN F 182 -68.71 -35.53 60.85
C GLN F 182 -69.97 -36.40 60.87
N ASN F 183 -71.01 -36.00 60.15
CA ASN F 183 -72.26 -36.75 60.17
C ASN F 183 -72.17 -38.10 59.48
N MET F 184 -71.21 -38.27 58.56
CA MET F 184 -71.10 -39.52 57.83
C MET F 184 -70.52 -40.64 58.68
N ARG F 185 -69.71 -40.29 59.69
CA ARG F 185 -69.02 -41.30 60.50
C ARG F 185 -69.97 -42.09 61.39
N ALA F 186 -71.24 -41.66 61.52
CA ALA F 186 -72.16 -42.37 62.40
C ALA F 186 -72.41 -43.78 61.93
N ASP F 187 -72.59 -43.98 60.62
CA ASP F 187 -72.85 -45.29 60.03
C ASP F 187 -71.79 -45.58 58.98
N THR F 188 -70.86 -46.49 59.30
CA THR F 188 -69.81 -46.88 58.39
C THR F 188 -69.34 -48.27 58.75
N PHE F 189 -68.60 -48.89 57.84
CA PHE F 189 -68.09 -50.23 58.06
C PHE F 189 -67.02 -50.22 59.15
N LYS F 190 -66.82 -51.38 59.76
CA LYS F 190 -65.81 -51.57 60.80
C LYS F 190 -64.73 -52.52 60.29
N TYR F 191 -63.48 -52.17 60.56
CA TYR F 191 -62.33 -52.91 60.06
C TYR F 191 -61.54 -53.51 61.22
N THR F 192 -61.04 -54.73 61.00
CA THR F 192 -60.15 -55.39 61.94
C THR F 192 -59.02 -56.06 61.16
N HIS F 193 -57.95 -56.39 61.87
CA HIS F 193 -56.77 -56.96 61.24
C HIS F 193 -56.78 -58.49 61.23
N GLU F 194 -57.31 -59.11 62.28
CA GLU F 194 -57.25 -60.57 62.37
C GLU F 194 -58.11 -61.22 61.28
N LYS F 195 -57.55 -62.23 60.64
CA LYS F 195 -58.20 -62.95 59.54
C LYS F 195 -58.04 -64.45 59.76
N PRO F 196 -58.91 -65.07 60.55
CA PRO F 196 -58.85 -66.53 60.70
C PRO F 196 -59.03 -67.23 59.36
N GLN F 197 -58.33 -68.35 59.20
CA GLN F 197 -58.39 -69.11 57.97
C GLN F 197 -59.80 -69.65 57.76
N GLY F 198 -60.23 -69.72 56.49
CA GLY F 198 -61.53 -70.31 56.24
C GLY F 198 -62.37 -69.45 55.34
N TYR F 199 -63.69 -69.64 55.42
CA TYR F 199 -64.61 -69.01 54.48
C TYR F 199 -65.04 -67.63 54.98
N TYR F 200 -65.23 -66.73 54.02
CA TYR F 200 -65.69 -65.37 54.28
C TYR F 200 -66.81 -65.01 53.32
N SER F 201 -67.62 -64.04 53.71
CA SER F 201 -68.83 -63.68 53.01
C SER F 201 -68.58 -62.47 52.12
N TRP F 202 -68.85 -62.63 50.82
CA TRP F 202 -68.69 -61.58 49.83
C TRP F 202 -70.01 -61.37 49.11
N HIS F 203 -70.18 -60.18 48.53
CA HIS F 203 -71.46 -59.80 47.95
C HIS F 203 -71.89 -60.79 46.86
N HIS F 204 -70.95 -61.16 45.98
CA HIS F 204 -71.29 -62.14 44.95
C HIS F 204 -71.56 -63.51 45.55
N GLY F 205 -70.77 -63.91 46.55
CA GLY F 205 -70.96 -65.21 47.15
C GLY F 205 -69.84 -65.52 48.12
N ALA F 206 -69.70 -66.81 48.44
CA ALA F 206 -68.68 -67.23 49.38
C ALA F 206 -67.29 -67.11 48.78
N VAL F 207 -66.31 -66.80 49.64
CA VAL F 207 -64.91 -66.81 49.29
C VAL F 207 -64.18 -67.62 50.35
N GLN F 208 -62.97 -68.05 50.03
CA GLN F 208 -62.18 -68.77 51.02
C GLN F 208 -60.76 -68.25 51.08
N TYR F 209 -60.21 -68.24 52.30
CA TYR F 209 -58.92 -67.65 52.63
C TYR F 209 -58.03 -68.74 53.18
N GLU F 210 -56.95 -69.06 52.46
CA GLU F 210 -55.99 -70.07 52.88
C GLU F 210 -54.58 -69.63 52.51
N ASN F 211 -53.62 -69.99 53.36
CA ASN F 211 -52.19 -69.78 53.09
C ASN F 211 -51.89 -68.31 52.78
N GLY F 212 -52.54 -67.41 53.51
CA GLY F 212 -52.31 -65.99 53.29
C GLY F 212 -52.86 -65.46 52.00
N ARG F 213 -53.81 -66.16 51.38
CA ARG F 213 -54.35 -65.76 50.08
C ARG F 213 -55.86 -65.88 50.09
N PHE F 214 -56.53 -64.82 49.65
CA PHE F 214 -57.96 -64.86 49.36
C PHE F 214 -58.18 -65.52 48.00
N THR F 215 -59.33 -66.16 47.85
CA THR F 215 -59.69 -66.70 46.54
C THR F 215 -61.20 -66.89 46.48
N VAL F 216 -61.70 -66.97 45.25
CA VAL F 216 -63.12 -67.09 44.95
C VAL F 216 -63.32 -68.21 43.95
N PRO F 217 -64.53 -68.76 43.85
CA PRO F 217 -64.80 -69.75 42.81
C PRO F 217 -64.64 -69.17 41.42
N LYS F 218 -64.59 -70.06 40.43
CA LYS F 218 -64.34 -69.66 39.05
C LYS F 218 -65.46 -68.78 38.53
N GLY F 219 -65.07 -67.76 37.76
CA GLY F 219 -66.01 -66.89 37.09
C GLY F 219 -66.71 -65.89 38.00
N VAL F 220 -66.47 -66.01 39.31
CA VAL F 220 -67.06 -65.09 40.27
C VAL F 220 -66.23 -63.82 40.32
N GLY F 221 -66.72 -62.77 39.67
CA GLY F 221 -65.98 -61.52 39.59
C GLY F 221 -65.55 -61.19 38.18
N ALA F 222 -65.83 -59.97 37.75
CA ALA F 222 -65.51 -59.53 36.39
C ALA F 222 -65.35 -58.02 36.41
N LYS F 223 -65.34 -57.42 35.21
CA LYS F 223 -65.22 -55.98 35.09
C LYS F 223 -66.37 -55.30 35.81
N GLY F 224 -66.05 -54.25 36.58
CA GLY F 224 -67.03 -53.52 37.34
C GLY F 224 -67.26 -54.04 38.75
N ASP F 225 -66.69 -55.20 39.09
CA ASP F 225 -66.81 -55.76 40.43
C ASP F 225 -65.72 -55.28 41.38
N SER F 226 -64.76 -54.52 40.88
CA SER F 226 -63.67 -54.03 41.73
C SER F 226 -64.18 -53.01 42.73
N GLY F 227 -63.51 -52.94 43.87
CA GLY F 227 -63.89 -52.05 44.94
C GLY F 227 -64.88 -52.64 45.93
N ARG F 228 -65.42 -53.82 45.66
CA ARG F 228 -66.35 -54.45 46.59
C ARG F 228 -65.59 -54.91 47.84
N PRO F 229 -66.16 -54.72 49.02
CA PRO F 229 -65.51 -55.16 50.25
C PRO F 229 -65.79 -56.62 50.53
N ILE F 230 -64.94 -57.21 51.37
CA ILE F 230 -65.11 -58.58 51.83
C ILE F 230 -65.52 -58.56 53.30
N LEU F 231 -66.54 -59.32 53.63
CA LEU F 231 -67.10 -59.36 54.98
C LEU F 231 -66.81 -60.70 55.64
N ASP F 232 -66.85 -60.70 56.96
CA ASP F 232 -66.71 -61.92 57.73
C ASP F 232 -68.07 -62.34 58.29
N ASN F 233 -68.07 -63.37 59.12
CA ASN F 233 -69.32 -63.93 59.63
C ASN F 233 -70.06 -62.96 60.53
N GLN F 234 -69.34 -62.18 61.34
CA GLN F 234 -69.97 -61.31 62.32
C GLN F 234 -70.27 -59.92 61.80
N GLY F 235 -70.02 -59.66 60.51
CA GLY F 235 -70.47 -58.43 59.90
C GLY F 235 -69.53 -57.24 60.03
N ARG F 236 -68.30 -57.39 59.57
CA ARG F 236 -67.37 -56.27 59.53
C ARG F 236 -66.35 -56.53 58.43
N VAL F 237 -65.95 -55.46 57.74
CA VAL F 237 -65.10 -55.57 56.57
C VAL F 237 -63.67 -55.84 57.01
N VAL F 238 -62.96 -56.66 56.25
CA VAL F 238 -61.55 -56.93 56.50
C VAL F 238 -60.65 -56.55 55.34
N ALA F 239 -61.18 -56.38 54.12
CA ALA F 239 -60.34 -56.06 52.97
C ALA F 239 -61.22 -55.55 51.83
N ILE F 240 -60.57 -54.94 50.84
CA ILE F 240 -61.22 -54.35 49.69
C ILE F 240 -60.65 -54.98 48.43
N VAL F 241 -61.53 -55.48 47.56
CA VAL F 241 -61.13 -56.21 46.37
C VAL F 241 -60.79 -55.22 45.25
N LEU F 242 -59.71 -55.49 44.52
CA LEU F 242 -59.30 -54.66 43.39
C LEU F 242 -59.31 -55.39 42.06
N GLY F 243 -59.10 -56.70 42.04
CA GLY F 243 -59.08 -57.45 40.80
C GLY F 243 -58.81 -58.90 41.08
N GLY F 244 -58.81 -59.70 40.02
CA GLY F 244 -58.61 -61.13 40.15
C GLY F 244 -57.97 -61.74 38.93
N VAL F 245 -57.46 -62.96 39.11
CA VAL F 245 -56.87 -63.73 38.02
C VAL F 245 -57.29 -65.18 38.18
N ASN F 246 -57.57 -65.83 37.06
CA ASN F 246 -58.14 -67.18 37.06
C ASN F 246 -57.00 -68.18 37.21
N GLU F 247 -56.74 -68.60 38.46
CA GLU F 247 -55.77 -69.67 38.69
C GLU F 247 -56.27 -70.99 38.12
N GLY F 248 -57.58 -71.24 38.22
CA GLY F 248 -58.16 -72.50 37.81
C GLY F 248 -59.60 -72.60 38.23
N SER F 249 -59.96 -73.70 38.89
CA SER F 249 -61.31 -73.83 39.43
C SER F 249 -61.59 -72.76 40.47
N ARG F 250 -60.56 -72.33 41.19
CA ARG F 250 -60.66 -71.24 42.14
C ARG F 250 -59.91 -70.03 41.59
N THR F 251 -60.52 -68.85 41.72
CA THR F 251 -59.96 -67.61 41.17
C THR F 251 -59.35 -66.79 42.31
N ALA F 252 -58.03 -66.75 42.35
CA ALA F 252 -57.35 -65.88 43.30
C ALA F 252 -57.51 -64.42 42.87
N LEU F 253 -57.83 -63.55 43.83
CA LEU F 253 -58.20 -62.19 43.52
C LEU F 253 -57.34 -61.21 44.31
N SER F 254 -56.92 -60.13 43.64
CA SER F 254 -56.12 -59.11 44.28
C SER F 254 -56.98 -58.31 45.25
N VAL F 255 -56.45 -58.08 46.45
CA VAL F 255 -57.24 -57.49 47.53
C VAL F 255 -56.29 -56.80 48.48
N VAL F 256 -56.72 -55.65 49.01
CA VAL F 256 -55.94 -54.88 49.97
C VAL F 256 -56.55 -55.09 51.35
N MET F 257 -55.73 -55.55 52.29
CA MET F 257 -56.18 -55.85 53.65
C MET F 257 -55.46 -54.94 54.63
N TRP F 258 -55.64 -55.21 55.93
CA TRP F 258 -55.05 -54.42 56.99
C TRP F 258 -54.26 -55.31 57.93
N ASN F 259 -53.02 -54.92 58.22
CA ASN F 259 -52.14 -55.65 59.10
C ASN F 259 -52.43 -55.30 60.55
N GLU F 260 -51.91 -56.11 61.47
CA GLU F 260 -52.14 -55.86 62.89
C GLU F 260 -51.55 -54.52 63.32
N LYS F 261 -50.38 -54.17 62.80
CA LYS F 261 -49.81 -52.86 63.06
C LYS F 261 -50.53 -51.74 62.34
N GLY F 262 -51.41 -52.08 61.39
CA GLY F 262 -52.14 -51.07 60.64
C GLY F 262 -51.30 -50.42 59.56
N VAL F 263 -50.85 -51.22 58.59
CA VAL F 263 -50.03 -50.72 57.49
C VAL F 263 -50.65 -50.95 56.14
N THR F 264 -51.86 -51.53 56.07
CA THR F 264 -52.60 -51.73 54.83
C THR F 264 -51.79 -52.55 53.83
N VAL F 265 -51.53 -53.80 54.21
CA VAL F 265 -50.81 -54.72 53.33
C VAL F 265 -51.62 -54.96 52.06
N LYS F 266 -50.95 -54.92 50.91
CA LYS F 266 -51.57 -55.15 49.61
C LYS F 266 -51.00 -56.44 49.04
N TYR F 267 -51.82 -57.50 49.04
CA TYR F 267 -51.45 -58.77 48.43
C TYR F 267 -51.99 -58.81 47.01
N THR F 268 -51.14 -59.23 46.06
CA THR F 268 -51.55 -59.25 44.66
C THR F 268 -51.00 -60.50 43.96
N PRO F 269 -51.86 -61.29 43.33
CA PRO F 269 -51.38 -62.45 42.57
C PRO F 269 -50.63 -62.04 41.32
N GLU F 270 -49.78 -62.94 40.85
CA GLU F 270 -48.93 -62.67 39.70
C GLU F 270 -49.77 -62.48 38.44
N ASN F 271 -49.31 -61.59 37.58
CA ASN F 271 -49.96 -61.16 36.32
C ASN F 271 -51.48 -61.09 36.46
N CYS F 272 -51.93 -60.49 37.57
CA CYS F 272 -53.36 -60.32 37.80
C CYS F 272 -53.95 -59.33 36.81
N GLU F 273 -55.05 -59.71 36.17
CA GLU F 273 -55.72 -58.83 35.24
C GLU F 273 -56.66 -57.90 35.97
N GLN F 274 -56.69 -56.64 35.55
CA GLN F 274 -57.48 -55.63 36.26
C GLN F 274 -58.97 -55.89 36.08
N TRP F 275 -59.72 -55.67 37.16
CA TRP F 275 -61.16 -55.85 37.13
C TRP F 275 -61.87 -54.51 36.95
N TYR G 1 -50.27 4.96 -58.00
CA TYR G 1 -50.32 4.02 -56.90
C TYR G 1 -49.93 4.69 -55.60
N GLU G 2 -50.62 4.36 -54.52
CA GLU G 2 -50.40 4.96 -53.21
C GLU G 2 -49.94 3.91 -52.21
N HIS G 3 -48.94 4.27 -51.43
CA HIS G 3 -48.40 3.40 -50.38
C HIS G 3 -48.27 4.19 -49.10
N ALA G 4 -48.45 3.52 -47.96
CA ALA G 4 -48.31 4.12 -46.65
C ALA G 4 -47.48 3.18 -45.78
N THR G 5 -46.19 3.47 -45.67
CA THR G 5 -45.27 2.65 -44.89
C THR G 5 -44.82 3.41 -43.65
N THR G 6 -44.08 2.72 -42.78
CA THR G 6 -43.56 3.32 -41.57
C THR G 6 -42.20 2.71 -41.29
N MET G 7 -41.21 3.55 -41.02
CA MET G 7 -39.86 3.06 -40.80
C MET G 7 -39.31 3.57 -39.47
N PRO G 8 -38.45 2.79 -38.82
CA PRO G 8 -37.81 3.29 -37.60
C PRO G 8 -36.89 4.46 -37.90
N SER G 9 -36.84 5.41 -36.96
CA SER G 9 -36.00 6.59 -37.10
C SER G 9 -34.60 6.36 -36.55
N GLN G 10 -33.96 5.29 -37.02
CA GLN G 10 -32.60 4.94 -36.62
C GLN G 10 -31.66 5.35 -37.74
N ALA G 11 -30.80 6.33 -37.46
CA ALA G 11 -29.89 6.84 -38.47
C ALA G 11 -28.83 5.79 -38.81
N GLY G 12 -28.45 5.76 -40.08
CA GLY G 12 -27.39 4.88 -40.53
C GLY G 12 -27.79 3.45 -40.81
N ILE G 13 -29.07 3.11 -40.67
CA ILE G 13 -29.56 1.76 -40.92
C ILE G 13 -30.53 1.82 -42.09
N SER G 14 -30.25 1.05 -43.14
CA SER G 14 -31.12 1.02 -44.31
C SER G 14 -32.39 0.23 -44.01
N TYR G 15 -33.46 0.58 -44.72
CA TYR G 15 -34.77 -0.04 -44.53
C TYR G 15 -35.35 -0.35 -45.90
N ASN G 16 -35.69 -1.61 -46.13
CA ASN G 16 -36.13 -2.09 -47.43
C ASN G 16 -37.58 -2.54 -47.38
N THR G 17 -38.33 -2.22 -48.43
CA THR G 17 -39.74 -2.58 -48.53
C THR G 17 -40.02 -2.93 -49.99
N ILE G 18 -41.08 -3.69 -50.21
CA ILE G 18 -41.49 -4.12 -51.54
C ILE G 18 -42.92 -3.68 -51.78
N VAL G 19 -43.21 -3.25 -53.00
CA VAL G 19 -44.57 -2.90 -53.41
C VAL G 19 -45.05 -3.92 -54.41
N ASN G 20 -46.28 -4.40 -54.21
CA ASN G 20 -46.87 -5.47 -55.00
C ASN G 20 -48.15 -4.96 -55.64
N ARG G 21 -48.35 -5.29 -56.92
CA ARG G 21 -49.57 -4.97 -57.63
C ARG G 21 -50.16 -6.24 -58.23
N ALA G 22 -51.46 -6.16 -58.57
CA ALA G 22 -52.16 -7.32 -59.09
C ALA G 22 -51.56 -7.80 -60.41
N GLY G 23 -51.21 -6.86 -61.29
CA GLY G 23 -50.66 -7.24 -62.59
C GLY G 23 -49.37 -6.52 -62.94
N TYR G 24 -48.55 -6.22 -61.94
CA TYR G 24 -47.28 -5.55 -62.16
C TYR G 24 -46.19 -6.22 -61.34
N ALA G 25 -44.95 -6.09 -61.82
CA ALA G 25 -43.82 -6.68 -61.14
C ALA G 25 -43.58 -5.98 -59.81
N PRO G 26 -43.19 -6.72 -58.76
CA PRO G 26 -42.89 -6.09 -57.48
C PRO G 26 -41.73 -5.11 -57.61
N LEU G 27 -41.80 -4.02 -56.85
CA LEU G 27 -40.74 -3.03 -56.95
C LEU G 27 -40.13 -2.74 -55.58
N PRO G 28 -38.80 -2.63 -55.50
CA PRO G 28 -38.15 -2.39 -54.20
C PRO G 28 -37.94 -0.92 -53.90
N ILE G 29 -38.14 -0.57 -52.63
CA ILE G 29 -37.94 0.78 -52.12
C ILE G 29 -36.98 0.68 -50.95
N SER G 30 -35.86 1.39 -51.04
CA SER G 30 -34.86 1.40 -49.97
C SER G 30 -34.69 2.83 -49.48
N ILE G 31 -34.79 3.00 -48.15
CA ILE G 31 -34.64 4.30 -47.51
C ILE G 31 -33.52 4.20 -46.49
N THR G 32 -32.55 5.11 -46.59
CA THR G 32 -31.43 5.15 -45.65
C THR G 32 -31.35 6.52 -45.01
N PRO G 33 -31.76 6.68 -43.76
CA PRO G 33 -31.62 7.97 -43.07
C PRO G 33 -30.19 8.18 -42.59
N THR G 34 -29.45 9.05 -43.27
CA THR G 34 -28.08 9.33 -42.88
C THR G 34 -28.01 10.26 -41.68
N LYS G 35 -29.01 11.13 -41.49
CA LYS G 35 -29.00 12.07 -40.39
C LYS G 35 -30.40 12.59 -40.15
N ILE G 36 -30.88 12.47 -38.91
CA ILE G 36 -32.18 12.96 -38.50
C ILE G 36 -31.96 14.08 -37.49
N LYS G 37 -32.48 15.26 -37.78
CA LYS G 37 -32.25 16.44 -36.96
C LYS G 37 -33.54 16.86 -36.27
N LEU G 38 -33.38 17.44 -35.08
CA LEU G 38 -34.48 18.01 -34.31
C LEU G 38 -34.06 19.42 -33.91
N ILE G 39 -34.69 20.43 -34.51
CA ILE G 39 -34.30 21.81 -34.34
C ILE G 39 -35.44 22.57 -33.69
N PRO G 40 -35.39 22.77 -32.37
CA PRO G 40 -36.42 23.58 -31.71
C PRO G 40 -36.29 25.05 -32.07
N THR G 41 -37.40 25.76 -32.02
CA THR G 41 -37.39 27.20 -32.19
C THR G 41 -37.03 27.85 -30.86
N VAL G 42 -35.98 28.66 -30.85
CA VAL G 42 -35.42 29.21 -29.63
C VAL G 42 -35.51 30.73 -29.67
N ASN G 43 -35.87 31.33 -28.54
CA ASN G 43 -35.91 32.76 -28.36
C ASN G 43 -34.85 33.16 -27.34
N LEU G 44 -34.00 34.12 -27.72
CA LEU G 44 -32.92 34.55 -26.83
C LEU G 44 -33.51 35.37 -25.70
N GLU G 45 -33.70 34.74 -24.54
CA GLU G 45 -34.20 35.48 -23.38
C GLU G 45 -33.21 36.53 -22.94
N TYR G 46 -31.96 36.14 -22.71
CA TYR G 46 -30.96 37.14 -22.33
C TYR G 46 -29.56 36.54 -22.42
N VAL G 47 -28.56 37.32 -21.98
CA VAL G 47 -27.15 36.95 -22.06
C VAL G 47 -26.50 37.33 -20.73
N THR G 48 -25.75 36.39 -20.15
CA THR G 48 -25.10 36.58 -18.87
C THR G 48 -23.61 36.34 -18.99
N CYS G 49 -22.81 37.20 -18.36
CA CYS G 49 -21.36 37.04 -18.35
C CYS G 49 -20.82 37.52 -17.01
N HIS G 50 -19.49 37.47 -16.87
CA HIS G 50 -18.86 38.00 -15.67
C HIS G 50 -19.12 39.50 -15.57
N TYR G 51 -19.36 39.98 -14.36
CA TYR G 51 -19.55 41.41 -14.18
C TYR G 51 -18.23 42.09 -13.81
N LYS G 52 -18.26 43.41 -13.79
CA LYS G 52 -17.13 44.22 -13.42
C LYS G 52 -17.63 45.36 -12.54
N THR G 53 -17.10 45.47 -11.34
CA THR G 53 -17.50 46.54 -10.42
C THR G 53 -16.67 47.78 -10.75
N GLY G 54 -17.34 48.81 -11.27
CA GLY G 54 -16.68 50.06 -11.59
C GLY G 54 -16.96 51.09 -10.51
N MET G 55 -15.90 51.70 -10.01
CA MET G 55 -15.98 52.69 -8.96
C MET G 55 -15.53 54.04 -9.50
N ASP G 56 -16.32 55.07 -9.29
CA ASP G 56 -15.88 56.42 -9.61
C ASP G 56 -14.81 56.85 -8.64
N SER G 57 -13.92 57.73 -9.10
CA SER G 57 -12.87 58.25 -8.23
C SER G 57 -13.50 58.96 -7.05
N PRO G 58 -13.04 58.71 -5.82
CA PRO G 58 -13.71 59.29 -4.65
C PRO G 58 -13.72 60.80 -4.71
N ALA G 59 -14.87 61.38 -4.37
CA ALA G 59 -15.02 62.84 -4.36
C ALA G 59 -14.70 63.34 -2.97
N ILE G 60 -13.49 63.85 -2.78
CA ILE G 60 -13.00 64.26 -1.47
C ILE G 60 -13.21 65.77 -1.34
N LYS G 61 -13.99 66.17 -0.34
CA LYS G 61 -14.22 67.56 0.00
C LYS G 61 -13.55 67.85 1.33
N CYS G 62 -12.61 68.80 1.31
CA CYS G 62 -11.87 69.19 2.50
C CYS G 62 -12.63 70.27 3.25
N CYS G 63 -12.83 70.06 4.55
CA CYS G 63 -13.50 71.03 5.43
C CYS G 63 -14.90 71.37 4.91
N GLY G 64 -15.62 70.35 4.45
CA GLY G 64 -16.94 70.57 3.92
C GLY G 64 -17.73 69.28 3.89
N SER G 65 -18.95 69.37 3.36
CA SER G 65 -19.84 68.22 3.26
C SER G 65 -20.42 68.15 1.85
N GLN G 66 -20.72 66.92 1.42
CA GLN G 66 -21.28 66.66 0.10
C GLN G 66 -22.59 65.90 0.24
N GLU G 67 -23.25 65.68 -0.89
CA GLU G 67 -24.54 65.03 -0.94
C GLU G 67 -24.49 63.90 -1.96
N CYS G 68 -25.38 62.92 -1.79
CA CYS G 68 -25.44 61.78 -2.68
C CYS G 68 -26.19 62.15 -3.95
N THR G 69 -25.55 61.98 -5.10
CA THR G 69 -26.22 62.19 -6.38
C THR G 69 -27.24 61.08 -6.60
N PRO G 70 -28.29 61.32 -7.38
CA PRO G 70 -29.30 60.28 -7.60
C PRO G 70 -28.73 59.08 -8.34
N THR G 71 -29.31 57.93 -8.05
CA THR G 71 -28.83 56.65 -8.56
C THR G 71 -29.43 56.36 -9.93
N TYR G 72 -28.57 56.07 -10.91
CA TYR G 72 -29.05 55.78 -12.26
C TYR G 72 -28.37 54.59 -12.94
N ARG G 73 -27.19 54.17 -12.50
CA ARG G 73 -26.44 53.08 -13.12
C ARG G 73 -26.85 51.74 -12.53
N PRO G 74 -26.54 50.63 -13.22
CA PRO G 74 -26.95 49.32 -12.71
C PRO G 74 -26.33 49.01 -11.36
N ASP G 75 -27.16 48.63 -10.40
CA ASP G 75 -26.75 48.29 -9.04
C ASP G 75 -25.94 49.41 -8.40
N GLU G 76 -26.08 50.63 -8.90
CA GLU G 76 -25.25 51.74 -8.48
C GLU G 76 -25.62 52.19 -7.08
N GLN G 77 -24.60 52.41 -6.25
CA GLN G 77 -24.77 52.88 -4.89
C GLN G 77 -23.77 54.00 -4.59
N CYS G 78 -24.24 55.00 -3.86
CA CYS G 78 -23.43 56.16 -3.49
C CYS G 78 -23.56 56.38 -1.99
N LYS G 79 -22.44 56.67 -1.33
CA LYS G 79 -22.45 56.92 0.10
C LYS G 79 -21.40 57.97 0.43
N VAL G 80 -21.72 58.83 1.40
CA VAL G 80 -20.83 59.89 1.85
C VAL G 80 -20.28 59.49 3.21
N PHE G 81 -18.96 59.39 3.32
CA PHE G 81 -18.29 59.08 4.58
C PHE G 81 -17.67 60.35 5.13
N THR G 82 -18.01 60.68 6.37
CA THR G 82 -17.51 61.89 7.02
C THR G 82 -16.32 61.58 7.90
N GLY G 83 -15.59 62.63 8.25
CA GLY G 83 -14.43 62.49 9.12
C GLY G 83 -13.29 61.68 8.53
N VAL G 84 -12.95 61.92 7.27
CA VAL G 84 -11.85 61.24 6.61
C VAL G 84 -10.64 62.16 6.56
N TYR G 85 -9.45 61.57 6.58
CA TYR G 85 -8.19 62.30 6.48
C TYR G 85 -7.33 61.62 5.43
N PRO G 86 -7.62 61.86 4.15
CA PRO G 86 -6.91 61.13 3.09
C PRO G 86 -5.44 61.49 3.03
N PHE G 87 -4.65 60.55 2.50
CA PHE G 87 -3.23 60.74 2.27
C PHE G 87 -2.90 60.44 0.81
N MET G 88 -1.90 61.14 0.29
CA MET G 88 -1.38 60.90 -1.04
C MET G 88 0.14 60.82 -0.95
N TRP G 89 0.79 60.59 -2.09
CA TRP G 89 2.24 60.50 -2.09
C TRP G 89 2.89 61.82 -1.70
N GLY G 90 2.27 62.94 -2.05
CA GLY G 90 2.77 64.23 -1.62
C GLY G 90 2.64 64.44 -0.13
N GLY G 91 1.53 64.01 0.45
CA GLY G 91 1.29 64.19 1.87
C GLY G 91 -0.19 64.18 2.17
N ALA G 92 -0.54 64.76 3.31
CA ALA G 92 -1.94 64.86 3.70
C ALA G 92 -2.71 65.71 2.70
N TYR G 93 -3.90 65.24 2.34
CA TYR G 93 -4.70 65.92 1.32
C TYR G 93 -5.48 67.08 1.92
N CYS G 94 -6.13 66.86 3.05
CA CYS G 94 -6.92 67.88 3.73
C CYS G 94 -6.13 68.48 4.88
N PHE G 95 -6.49 69.70 5.28
CA PHE G 95 -5.88 70.32 6.44
C PHE G 95 -6.78 70.33 7.67
N CYS G 96 -8.08 70.06 7.50
CA CYS G 96 -8.97 69.89 8.64
C CYS G 96 -8.88 68.44 9.14
N ASP G 97 -8.70 68.29 10.45
CA ASP G 97 -8.63 66.94 11.03
C ASP G 97 -9.98 66.23 10.94
N THR G 98 -11.07 66.97 11.05
CA THR G 98 -12.40 66.41 10.96
C THR G 98 -13.22 67.16 9.90
N GLU G 99 -14.54 66.91 9.88
CA GLU G 99 -15.50 67.56 8.98
C GLU G 99 -15.05 67.54 7.51
N ASN G 100 -14.25 66.55 7.13
CA ASN G 100 -13.96 66.28 5.73
C ASN G 100 -14.82 65.12 5.26
N THR G 101 -15.20 65.16 3.99
CA THR G 101 -16.11 64.14 3.47
C THR G 101 -15.50 63.48 2.24
N GLN G 102 -15.91 62.24 2.00
CA GLN G 102 -15.53 61.50 0.81
C GLN G 102 -16.76 60.81 0.26
N VAL G 103 -17.10 61.10 -0.99
CA VAL G 103 -18.21 60.43 -1.66
C VAL G 103 -17.65 59.23 -2.42
N SER G 104 -18.14 58.04 -2.07
CA SER G 104 -17.80 56.80 -2.74
C SER G 104 -18.99 56.33 -3.55
N LYS G 105 -18.73 55.87 -4.77
CA LYS G 105 -19.78 55.52 -5.71
C LYS G 105 -19.35 54.31 -6.50
N ALA G 106 -20.22 53.30 -6.59
CA ALA G 106 -19.92 52.06 -7.28
C ALA G 106 -21.11 51.63 -8.13
N TYR G 107 -20.81 50.83 -9.15
CA TYR G 107 -21.85 50.31 -10.04
C TYR G 107 -21.30 49.05 -10.71
N VAL G 108 -22.16 48.39 -11.48
CA VAL G 108 -21.84 47.11 -12.11
C VAL G 108 -21.97 47.26 -13.61
N MET G 109 -20.96 46.80 -14.35
CA MET G 109 -21.00 46.76 -15.80
C MET G 109 -20.70 45.36 -16.29
N LYS G 110 -20.88 45.14 -17.58
CA LYS G 110 -20.43 43.89 -18.18
C LYS G 110 -18.92 43.86 -18.28
N SER G 111 -18.35 42.67 -18.19
CA SER G 111 -16.91 42.55 -18.35
C SER G 111 -16.52 42.87 -19.79
N ASP G 112 -15.25 43.23 -19.97
CA ASP G 112 -14.75 43.56 -21.29
C ASP G 112 -14.80 42.36 -22.23
N ASP G 113 -14.87 41.15 -21.68
CA ASP G 113 -14.83 39.91 -22.46
C ASP G 113 -16.23 39.32 -22.67
N CYS G 114 -17.28 40.11 -22.44
CA CYS G 114 -18.64 39.59 -22.57
C CYS G 114 -18.99 39.27 -24.02
N LEU G 115 -18.28 39.84 -24.99
CA LEU G 115 -18.57 39.55 -26.39
C LEU G 115 -18.17 38.13 -26.79
N ALA G 116 -17.28 37.50 -26.02
CA ALA G 116 -16.82 36.15 -26.33
C ALA G 116 -17.18 35.15 -25.24
N ASP G 117 -16.88 35.45 -23.98
CA ASP G 117 -17.17 34.54 -22.88
C ASP G 117 -18.49 34.96 -22.24
N HIS G 118 -19.58 34.51 -22.84
CA HIS G 118 -20.91 34.77 -22.33
C HIS G 118 -21.79 33.55 -22.56
N ALA G 119 -22.84 33.45 -21.76
CA ALA G 119 -23.81 32.36 -21.87
C ALA G 119 -25.16 32.94 -22.27
N GLU G 120 -25.80 32.30 -23.25
CA GLU G 120 -27.07 32.77 -23.78
C GLU G 120 -28.19 31.93 -23.20
N ALA G 121 -29.12 32.57 -22.48
CA ALA G 121 -30.28 31.91 -21.94
C ALA G 121 -31.42 32.02 -22.93
N TYR G 122 -31.89 30.87 -23.41
CA TYR G 122 -32.91 30.71 -24.44
C TYR G 122 -34.16 30.04 -23.86
N LYS G 123 -35.28 30.27 -24.52
CA LYS G 123 -36.49 29.50 -24.32
C LYS G 123 -36.73 28.63 -25.54
N ALA G 124 -36.86 27.32 -25.32
CA ALA G 124 -36.91 26.34 -26.41
C ALA G 124 -38.29 25.70 -26.48
N HIS G 125 -38.86 25.66 -27.67
CA HIS G 125 -40.15 25.03 -27.91
C HIS G 125 -40.32 24.81 -29.41
N THR G 126 -41.38 24.09 -29.76
CA THR G 126 -41.81 23.88 -31.14
C THR G 126 -40.67 23.23 -31.96
N ALA G 127 -40.39 21.98 -31.59
CA ALA G 127 -39.36 21.22 -32.29
C ALA G 127 -39.81 20.85 -33.70
N SER G 128 -38.90 20.97 -34.65
CA SER G 128 -39.11 20.50 -36.01
C SER G 128 -38.12 19.38 -36.32
N VAL G 129 -38.42 18.60 -37.35
CA VAL G 129 -37.62 17.43 -37.68
C VAL G 129 -37.25 17.47 -39.15
N GLN G 130 -36.01 17.07 -39.44
CA GLN G 130 -35.47 17.04 -40.79
C GLN G 130 -34.73 15.73 -40.99
N ALA G 131 -34.96 15.06 -42.11
CA ALA G 131 -34.35 13.77 -42.39
C ALA G 131 -33.57 13.83 -43.70
N PHE G 132 -32.31 13.39 -43.66
CA PHE G 132 -31.46 13.31 -44.84
C PHE G 132 -31.53 11.87 -45.34
N LEU G 133 -32.44 11.60 -46.26
CA LEU G 133 -32.70 10.24 -46.72
C LEU G 133 -32.05 9.99 -48.08
N ASN G 134 -31.32 8.88 -48.18
CA ASN G 134 -31.03 8.26 -49.47
C ASN G 134 -32.23 7.40 -49.85
N ILE G 135 -32.91 7.77 -50.94
CA ILE G 135 -34.12 7.07 -51.37
C ILE G 135 -33.86 6.42 -52.72
N THR G 136 -34.11 5.13 -52.81
CA THR G 136 -33.95 4.38 -54.04
C THR G 136 -35.24 3.63 -54.33
N VAL G 137 -35.96 4.07 -55.36
CA VAL G 137 -37.18 3.40 -55.82
C VAL G 137 -37.09 3.21 -57.32
N GLY G 138 -37.41 2.01 -57.78
CA GLY G 138 -37.39 1.72 -59.20
C GLY G 138 -36.03 1.96 -59.83
N GLU G 139 -34.98 1.46 -59.17
CA GLU G 139 -33.57 1.68 -59.56
C GLU G 139 -33.29 3.16 -59.85
N HIS G 140 -34.01 4.03 -59.15
CA HIS G 140 -33.79 5.47 -59.20
C HIS G 140 -33.38 5.93 -57.81
N SER G 141 -32.19 6.50 -57.69
CA SER G 141 -31.61 6.83 -56.40
C SER G 141 -31.35 8.33 -56.29
N ILE G 142 -31.74 8.90 -55.15
CA ILE G 142 -31.61 10.33 -54.89
C ILE G 142 -31.27 10.53 -53.41
N VAL G 143 -30.87 11.75 -53.07
CA VAL G 143 -30.66 12.19 -51.69
C VAL G 143 -31.53 13.41 -51.44
N THR G 144 -32.28 13.41 -50.34
CA THR G 144 -33.18 14.52 -50.05
C THR G 144 -33.15 14.89 -48.57
N THR G 145 -33.20 16.20 -48.32
CA THR G 145 -33.38 16.72 -46.96
C THR G 145 -34.86 17.05 -46.79
N VAL G 146 -35.62 16.02 -46.44
CA VAL G 146 -37.07 16.13 -46.37
C VAL G 146 -37.48 16.59 -44.98
N TYR G 147 -38.42 17.53 -44.92
CA TYR G 147 -38.98 17.96 -43.65
C TYR G 147 -40.03 16.95 -43.22
N VAL G 148 -40.02 16.61 -41.92
CA VAL G 148 -40.82 15.51 -41.42
C VAL G 148 -42.13 16.08 -40.88
N ASN G 149 -42.47 17.29 -41.29
CA ASN G 149 -43.82 17.79 -41.09
C ASN G 149 -44.74 17.12 -42.10
N GLY G 150 -45.96 16.80 -41.68
CA GLY G 150 -46.86 16.04 -42.53
C GLY G 150 -47.26 16.79 -43.79
N GLU G 151 -47.16 18.12 -43.77
CA GLU G 151 -47.76 18.92 -44.83
C GLU G 151 -46.96 18.86 -46.12
N THR G 152 -45.63 18.84 -46.04
CA THR G 152 -44.78 19.11 -47.21
C THR G 152 -44.43 17.87 -48.03
N PRO G 153 -44.82 17.80 -49.32
CA PRO G 153 -44.24 16.79 -50.22
C PRO G 153 -42.80 17.06 -50.63
N VAL G 154 -42.09 16.00 -51.03
CA VAL G 154 -40.88 16.12 -51.84
C VAL G 154 -41.11 15.33 -53.13
N ASN G 155 -40.78 15.94 -54.27
CA ASN G 155 -41.10 15.39 -55.58
C ASN G 155 -39.82 15.07 -56.35
N PHE G 156 -39.81 13.93 -57.03
CA PHE G 156 -38.68 13.56 -57.88
C PHE G 156 -39.13 12.48 -58.86
N ASN G 157 -38.91 12.72 -60.15
CA ASN G 157 -39.19 11.74 -61.20
C ASN G 157 -40.65 11.29 -61.18
N GLY G 158 -41.56 12.20 -60.84
CA GLY G 158 -42.97 11.87 -60.74
C GLY G 158 -43.39 11.21 -59.44
N VAL G 159 -42.44 10.87 -58.58
CA VAL G 159 -42.72 10.24 -57.29
C VAL G 159 -42.87 11.32 -56.23
N LYS G 160 -43.91 11.21 -55.42
CA LYS G 160 -44.16 12.11 -54.30
C LYS G 160 -43.95 11.38 -52.99
N ILE G 161 -43.19 11.98 -52.08
CA ILE G 161 -42.94 11.41 -50.76
C ILE G 161 -43.39 12.43 -49.72
N THR G 162 -44.28 12.01 -48.83
CA THR G 162 -44.82 12.86 -47.77
C THR G 162 -44.44 12.27 -46.41
N ALA G 163 -43.26 12.65 -45.94
CA ALA G 163 -42.77 12.11 -44.66
C ALA G 163 -43.41 12.85 -43.49
N GLY G 164 -43.75 12.10 -42.45
CA GLY G 164 -44.24 12.69 -41.22
C GLY G 164 -45.71 12.41 -41.00
N PRO G 165 -46.25 12.83 -39.84
CA PRO G 165 -45.53 13.48 -38.74
C PRO G 165 -44.79 12.48 -37.86
N LEU G 166 -43.81 12.94 -37.09
CA LEU G 166 -43.07 12.05 -36.20
C LEU G 166 -44.00 11.42 -35.18
N SER G 167 -43.74 10.15 -34.87
CA SER G 167 -44.61 9.40 -33.97
C SER G 167 -44.58 9.98 -32.55
N THR G 168 -43.39 10.36 -32.08
CA THR G 168 -43.21 10.83 -30.71
C THR G 168 -42.85 12.31 -30.71
N ALA G 169 -43.47 13.06 -29.79
CA ALA G 169 -43.19 14.48 -29.62
C ALA G 169 -42.09 14.73 -28.60
N TRP G 170 -41.43 13.69 -28.11
CA TRP G 170 -40.37 13.84 -27.13
C TRP G 170 -39.21 14.65 -27.70
N THR G 171 -38.63 15.51 -26.87
CA THR G 171 -37.48 16.32 -27.22
C THR G 171 -36.51 16.35 -26.06
N PRO G 172 -35.20 16.43 -26.33
CA PRO G 172 -34.24 16.50 -25.22
C PRO G 172 -34.25 17.85 -24.53
N PHE G 173 -34.34 18.95 -25.28
CA PHE G 173 -34.37 20.26 -24.67
C PHE G 173 -35.69 20.49 -23.95
N ASP G 174 -35.61 21.08 -22.76
CA ASP G 174 -36.80 21.48 -22.03
C ASP G 174 -37.13 22.93 -22.39
N ARG G 175 -38.04 23.55 -21.64
CA ARG G 175 -38.52 24.88 -22.00
C ARG G 175 -37.40 25.91 -21.95
N LYS G 176 -36.57 25.87 -20.91
CA LYS G 176 -35.52 26.84 -20.69
C LYS G 176 -34.16 26.17 -20.84
N ILE G 177 -33.34 26.68 -21.76
CA ILE G 177 -32.03 26.10 -22.01
C ILE G 177 -30.98 27.20 -21.96
N VAL G 178 -29.73 26.78 -21.80
CA VAL G 178 -28.59 27.70 -21.72
C VAL G 178 -27.51 27.21 -22.67
N GLN G 179 -27.04 28.09 -23.55
CA GLN G 179 -25.93 27.80 -24.44
C GLN G 179 -24.66 28.43 -23.89
N TYR G 180 -23.62 27.62 -23.74
CA TYR G 180 -22.32 28.14 -23.35
C TYR G 180 -21.22 27.28 -23.95
N ALA G 181 -20.26 27.93 -24.60
CA ALA G 181 -19.08 27.26 -25.16
C ALA G 181 -19.47 26.12 -26.09
N GLY G 182 -20.52 26.33 -26.89
CA GLY G 182 -20.94 25.31 -27.82
C GLY G 182 -21.61 24.11 -27.19
N GLU G 183 -22.06 24.24 -25.95
CA GLU G 183 -22.75 23.16 -25.26
C GLU G 183 -24.08 23.67 -24.72
N ILE G 184 -25.06 22.77 -24.63
CA ILE G 184 -26.41 23.11 -24.23
C ILE G 184 -26.70 22.46 -22.90
N TYR G 185 -27.21 23.25 -21.95
CA TYR G 185 -27.58 22.78 -20.62
C TYR G 185 -29.06 23.02 -20.39
N ASN G 186 -29.71 22.08 -19.72
CA ASN G 186 -31.09 22.24 -19.29
C ASN G 186 -31.07 22.92 -17.93
N TYR G 187 -31.15 24.26 -17.96
CA TYR G 187 -31.05 25.05 -16.75
C TYR G 187 -32.28 25.92 -16.58
N ASP G 188 -32.81 25.98 -15.36
CA ASP G 188 -33.98 26.81 -15.05
C ASP G 188 -33.51 28.19 -14.61
N PHE G 189 -33.02 28.95 -15.58
CA PHE G 189 -32.45 30.25 -15.29
C PHE G 189 -33.53 31.23 -14.85
N PRO G 190 -33.17 32.23 -14.04
CA PRO G 190 -34.16 33.25 -13.65
C PRO G 190 -34.59 34.07 -14.85
N GLU G 191 -35.81 34.59 -14.78
CA GLU G 191 -36.32 35.44 -15.84
C GLU G 191 -35.60 36.78 -15.84
N TYR G 192 -35.70 37.49 -16.97
CA TYR G 192 -35.08 38.80 -17.06
C TYR G 192 -35.66 39.74 -16.02
N GLY G 193 -34.78 40.42 -15.29
CA GLY G 193 -35.20 41.25 -14.20
C GLY G 193 -35.44 40.50 -12.90
N ALA G 194 -35.17 39.20 -12.85
CA ALA G 194 -35.38 38.40 -11.65
C ALA G 194 -34.11 37.65 -11.25
N GLY G 195 -32.94 38.13 -11.63
CA GLY G 195 -31.71 37.47 -11.24
C GLY G 195 -31.40 37.70 -9.77
N GLN G 196 -30.59 36.79 -9.22
CA GLN G 196 -30.27 36.83 -7.80
C GLN G 196 -28.76 36.82 -7.61
N PRO G 197 -28.28 37.44 -6.52
CA PRO G 197 -26.83 37.52 -6.30
C PRO G 197 -26.19 36.15 -6.16
N GLY G 198 -24.97 36.04 -6.66
CA GLY G 198 -24.20 34.82 -6.51
C GLY G 198 -24.71 33.62 -7.28
N ALA G 199 -25.68 33.82 -8.17
CA ALA G 199 -26.24 32.74 -8.97
C ALA G 199 -26.28 33.17 -10.43
N PHE G 200 -26.51 32.19 -11.31
CA PHE G 200 -26.55 32.47 -12.73
C PHE G 200 -27.62 33.51 -13.04
N GLY G 201 -27.29 34.44 -13.91
CA GLY G 201 -28.20 35.52 -14.22
C GLY G 201 -28.21 36.65 -13.21
N ASP G 202 -27.18 36.74 -12.36
CA ASP G 202 -27.12 37.84 -11.41
C ASP G 202 -27.02 39.19 -12.12
N ILE G 203 -26.36 39.23 -13.27
CA ILE G 203 -26.43 40.35 -14.20
C ILE G 203 -26.96 39.82 -15.53
N GLN G 204 -27.87 40.57 -16.15
CA GLN G 204 -28.55 40.12 -17.36
C GLN G 204 -28.56 41.24 -18.39
N SER G 205 -28.31 40.88 -19.64
CA SER G 205 -28.41 41.80 -20.76
C SER G 205 -29.27 41.15 -21.83
N ARG G 206 -30.14 41.94 -22.45
CA ARG G 206 -31.05 41.40 -23.45
C ARG G 206 -30.29 40.84 -24.65
N THR G 207 -29.23 41.54 -25.06
CA THR G 207 -28.39 41.10 -26.16
C THR G 207 -26.94 41.39 -25.80
N VAL G 208 -26.03 40.69 -26.47
CA VAL G 208 -24.60 40.86 -26.19
C VAL G 208 -24.15 42.29 -26.46
N SER G 209 -24.85 43.02 -27.32
CA SER G 209 -24.54 44.41 -27.61
C SER G 209 -25.58 45.37 -27.05
N SER G 210 -26.51 44.88 -26.23
CA SER G 210 -27.57 45.73 -25.73
C SER G 210 -27.04 46.79 -24.78
N SER G 211 -27.74 47.91 -24.73
CA SER G 211 -27.37 49.03 -23.87
C SER G 211 -27.94 48.91 -22.46
N ASP G 212 -28.83 47.96 -22.21
CA ASP G 212 -29.41 47.77 -20.89
C ASP G 212 -28.61 46.74 -20.09
N LEU G 213 -28.82 46.75 -18.79
CA LEU G 213 -28.19 45.77 -17.91
C LEU G 213 -28.94 45.77 -16.59
N TYR G 214 -29.48 44.61 -16.20
CA TYR G 214 -30.05 44.41 -14.88
C TYR G 214 -28.98 43.76 -14.02
N ALA G 215 -28.64 44.40 -12.90
CA ALA G 215 -27.61 43.90 -12.00
C ALA G 215 -28.19 43.70 -10.62
N ASN G 216 -27.86 42.57 -10.00
CA ASN G 216 -28.28 42.28 -8.62
C ASN G 216 -27.17 41.42 -8.00
N THR G 217 -26.24 42.07 -7.31
CA THR G 217 -25.07 41.37 -6.78
C THR G 217 -24.80 41.67 -5.32
N ASN G 218 -25.74 42.28 -4.60
CA ASN G 218 -25.55 42.66 -3.19
C ASN G 218 -24.32 43.53 -3.01
N LEU G 219 -24.11 44.46 -3.93
CA LEU G 219 -23.03 45.43 -3.77
C LEU G 219 -23.33 46.34 -2.60
N VAL G 220 -22.40 46.45 -1.67
CA VAL G 220 -22.51 47.37 -0.54
C VAL G 220 -21.16 48.04 -0.33
N LEU G 221 -21.20 49.33 0.00
CA LEU G 221 -19.99 50.12 0.18
C LEU G 221 -19.54 50.05 1.64
N GLN G 222 -18.23 49.90 1.84
CA GLN G 222 -17.64 49.88 3.17
C GLN G 222 -16.93 51.20 3.44
N ARG G 223 -16.68 51.45 4.71
CA ARG G 223 -16.00 52.67 5.11
C ARG G 223 -14.54 52.63 4.67
N PRO G 224 -14.03 53.69 4.06
CA PRO G 224 -12.62 53.69 3.65
C PRO G 224 -11.69 53.60 4.85
N LYS G 225 -10.54 52.96 4.65
CA LYS G 225 -9.56 52.87 5.71
C LYS G 225 -9.01 54.25 6.04
N ALA G 226 -8.63 54.43 7.30
CA ALA G 226 -8.13 55.72 7.74
C ALA G 226 -6.86 56.09 6.98
N GLY G 227 -6.84 57.32 6.45
CA GLY G 227 -5.70 57.76 5.67
C GLY G 227 -5.51 56.99 4.37
N ALA G 228 -6.59 56.75 3.63
CA ALA G 228 -6.51 56.02 2.39
C ALA G 228 -7.56 56.56 1.43
N ILE G 229 -7.21 56.59 0.14
CA ILE G 229 -8.11 57.03 -0.91
C ILE G 229 -8.45 55.79 -1.74
N HIS G 230 -9.62 55.22 -1.49
CA HIS G 230 -10.13 54.09 -2.26
C HIS G 230 -11.61 53.94 -1.93
N VAL G 231 -12.29 53.15 -2.74
CA VAL G 231 -13.72 52.88 -2.51
C VAL G 231 -13.86 51.41 -2.15
N PRO G 232 -13.89 51.06 -0.86
CA PRO G 232 -14.16 49.68 -0.47
C PRO G 232 -15.59 49.30 -0.81
N TYR G 233 -15.78 48.03 -1.13
CA TYR G 233 -17.09 47.51 -1.45
C TYR G 233 -17.11 46.02 -1.18
N THR G 234 -18.31 45.47 -1.04
CA THR G 234 -18.48 44.04 -0.81
C THR G 234 -19.58 43.52 -1.71
N GLN G 235 -19.31 42.45 -2.45
CA GLN G 235 -20.25 41.86 -3.38
C GLN G 235 -20.30 40.35 -3.18
N ALA G 236 -21.43 39.78 -3.56
CA ALA G 236 -21.49 38.34 -3.71
C ALA G 236 -20.64 37.93 -4.92
N PRO G 237 -19.88 36.84 -4.81
CA PRO G 237 -19.02 36.45 -5.94
C PRO G 237 -19.84 36.20 -7.19
N SER G 238 -19.17 36.31 -8.34
CA SER G 238 -19.86 36.28 -9.62
C SER G 238 -20.67 35.01 -9.77
N GLY G 239 -21.93 35.18 -10.20
CA GLY G 239 -22.79 34.02 -10.40
C GLY G 239 -22.42 33.22 -11.63
N PHE G 240 -21.87 33.87 -12.65
CA PHE G 240 -21.44 33.16 -13.85
C PHE G 240 -20.30 32.21 -13.55
N GLU G 241 -19.30 32.68 -12.80
CA GLU G 241 -18.15 31.84 -12.50
C GLU G 241 -18.53 30.70 -11.57
N GLN G 242 -19.42 30.98 -10.60
CA GLN G 242 -19.94 29.91 -9.74
C GLN G 242 -20.72 28.88 -10.55
N TRP G 243 -21.54 29.34 -11.50
CA TRP G 243 -22.27 28.41 -12.36
C TRP G 243 -21.31 27.54 -13.17
N LYS G 244 -20.24 28.15 -13.69
CA LYS G 244 -19.23 27.39 -14.39
C LYS G 244 -18.54 26.38 -13.48
N LYS G 245 -18.42 26.69 -12.19
CA LYS G 245 -17.86 25.72 -11.26
C LYS G 245 -18.79 24.53 -11.03
N ASP G 246 -20.09 24.72 -11.22
CA ASP G 246 -21.09 23.70 -10.91
C ASP G 246 -22.05 23.50 -12.07
N LYS G 247 -21.49 23.41 -13.29
CA LYS G 247 -22.32 23.34 -14.49
C LYS G 247 -23.11 22.05 -14.56
N ALA G 248 -22.48 20.92 -14.20
CA ALA G 248 -22.93 19.55 -14.46
C ALA G 248 -22.74 19.26 -15.95
N PRO G 249 -22.65 17.99 -16.36
CA PRO G 249 -22.38 17.70 -17.77
C PRO G 249 -23.45 18.24 -18.70
N SER G 250 -23.03 18.59 -19.90
CA SER G 250 -23.91 19.19 -20.89
C SER G 250 -24.94 18.17 -21.38
N LEU G 251 -25.79 18.60 -22.31
CA LEU G 251 -26.80 17.70 -22.86
C LEU G 251 -26.18 16.64 -23.76
N LYS G 252 -25.05 16.94 -24.39
CA LYS G 252 -24.40 15.95 -25.24
C LYS G 252 -23.92 14.74 -24.44
N PHE G 253 -23.83 14.86 -23.12
CA PHE G 253 -23.43 13.76 -22.26
C PHE G 253 -24.56 13.17 -21.45
N THR G 254 -25.70 13.87 -21.33
CA THR G 254 -26.81 13.42 -20.50
C THR G 254 -28.12 13.34 -21.28
N ALA G 255 -28.05 13.20 -22.60
CA ALA G 255 -29.34 13.18 -23.28
C ALA G 255 -29.81 11.74 -23.48
N PRO G 256 -31.11 11.48 -23.40
CA PRO G 256 -31.61 10.13 -23.63
C PRO G 256 -31.64 9.80 -25.11
N PHE G 257 -31.83 8.50 -25.39
CA PHE G 257 -31.98 7.97 -26.75
C PHE G 257 -30.75 8.22 -27.61
N GLY G 258 -29.60 8.48 -27.00
CA GLY G 258 -28.39 8.65 -27.77
C GLY G 258 -28.34 9.89 -28.62
N CYS G 259 -29.11 10.92 -28.28
CA CYS G 259 -29.12 12.14 -29.06
C CYS G 259 -27.77 12.84 -28.98
N GLU G 260 -27.37 13.47 -30.09
CA GLU G 260 -26.15 14.25 -30.15
C GLU G 260 -26.51 15.72 -30.26
N ILE G 261 -26.09 16.52 -29.29
CA ILE G 261 -26.49 17.90 -29.22
C ILE G 261 -25.45 18.78 -29.90
N TYR G 262 -25.91 19.64 -30.80
CA TYR G 262 -25.06 20.56 -31.54
C TYR G 262 -25.61 21.97 -31.43
N THR G 263 -24.77 22.95 -31.76
CA THR G 263 -25.14 24.35 -31.67
C THR G 263 -24.90 25.04 -33.01
N ASN G 264 -25.56 26.19 -33.18
CA ASN G 264 -25.49 27.02 -34.38
C ASN G 264 -25.91 26.25 -35.63
N PRO G 265 -27.20 25.90 -35.78
CA PRO G 265 -28.30 26.10 -34.83
C PRO G 265 -28.32 25.03 -33.74
N ILE G 266 -29.15 25.23 -32.72
CA ILE G 266 -29.25 24.26 -31.63
C ILE G 266 -30.05 23.06 -32.14
N ARG G 267 -29.37 21.92 -32.30
CA ARG G 267 -29.97 20.73 -32.90
C ARG G 267 -29.73 19.52 -32.01
N ALA G 268 -30.61 18.54 -32.15
CA ALA G 268 -30.42 17.20 -31.60
C ALA G 268 -30.44 16.22 -32.76
N GLU G 269 -29.32 15.55 -33.00
CA GLU G 269 -29.16 14.68 -34.16
C GLU G 269 -29.15 13.22 -33.73
N ASN G 270 -29.72 12.39 -34.61
CA ASN G 270 -29.64 10.93 -34.49
C ASN G 270 -30.24 10.44 -33.18
N CYS G 271 -31.43 10.92 -32.87
CA CYS G 271 -32.19 10.42 -31.73
C CYS G 271 -32.89 9.13 -32.13
N ALA G 272 -32.58 8.04 -31.44
CA ALA G 272 -33.14 6.72 -31.76
C ALA G 272 -34.49 6.53 -31.05
N VAL G 273 -35.46 7.38 -31.43
CA VAL G 273 -36.79 7.33 -30.86
C VAL G 273 -37.81 7.61 -31.96
N GLY G 274 -38.99 7.01 -31.82
CA GLY G 274 -40.09 7.25 -32.73
C GLY G 274 -39.93 6.54 -34.05
N SER G 275 -40.90 6.77 -34.92
CA SER G 275 -40.91 6.19 -36.26
C SER G 275 -41.42 7.24 -37.24
N ILE G 276 -40.90 7.19 -38.45
CA ILE G 276 -41.27 8.13 -39.52
C ILE G 276 -42.28 7.43 -40.42
N PRO G 277 -43.51 7.93 -40.51
CA PRO G 277 -44.45 7.42 -41.53
C PRO G 277 -44.16 8.06 -42.88
N LEU G 278 -44.07 7.23 -43.91
CA LEU G 278 -43.80 7.67 -45.27
C LEU G 278 -45.02 7.40 -46.13
N ALA G 279 -45.43 8.40 -46.90
CA ALA G 279 -46.51 8.27 -47.86
C ALA G 279 -45.93 8.39 -49.25
N PHE G 280 -46.12 7.36 -50.07
CA PHE G 280 -45.54 7.27 -51.40
C PHE G 280 -46.64 7.37 -52.45
N ASP G 281 -46.42 8.23 -53.44
CA ASP G 281 -47.25 8.30 -54.64
C ASP G 281 -46.32 8.04 -55.81
N ILE G 282 -46.40 6.83 -56.37
CA ILE G 282 -45.49 6.36 -57.40
C ILE G 282 -46.24 6.34 -58.73
N PRO G 283 -45.74 7.00 -59.77
CA PRO G 283 -46.39 6.90 -61.08
C PRO G 283 -46.26 5.50 -61.66
N ASP G 284 -47.22 5.15 -62.51
CA ASP G 284 -47.23 3.83 -63.12
C ASP G 284 -46.13 3.63 -64.14
N ALA G 285 -45.40 4.68 -64.51
CA ALA G 285 -44.33 4.54 -65.49
C ALA G 285 -43.22 3.62 -64.98
N LEU G 286 -42.86 3.75 -63.70
CA LEU G 286 -41.80 2.91 -63.14
C LEU G 286 -42.23 1.45 -63.06
N PHE G 287 -43.52 1.20 -62.84
CA PHE G 287 -44.01 -0.17 -62.73
C PHE G 287 -43.85 -0.91 -64.05
N THR G 288 -43.53 -2.21 -63.95
CA THR G 288 -43.39 -3.07 -65.11
C THR G 288 -44.34 -4.26 -64.98
N ARG G 289 -44.90 -4.68 -66.10
CA ARG G 289 -45.85 -5.77 -66.11
C ARG G 289 -45.15 -7.09 -65.81
N VAL G 290 -45.96 -8.09 -65.41
CA VAL G 290 -45.42 -9.39 -65.04
C VAL G 290 -44.72 -10.04 -66.23
N SER G 291 -45.26 -9.84 -67.43
CA SER G 291 -44.64 -10.42 -68.63
C SER G 291 -43.24 -9.85 -68.86
N GLU G 292 -43.08 -8.54 -68.66
CA GLU G 292 -41.79 -7.92 -68.91
C GLU G 292 -40.72 -8.43 -67.94
N THR G 293 -41.08 -8.57 -66.66
CA THR G 293 -40.10 -9.02 -65.68
C THR G 293 -39.85 -10.52 -65.80
N PRO G 294 -38.65 -10.98 -65.45
CA PRO G 294 -38.41 -12.43 -65.42
C PRO G 294 -39.28 -13.12 -64.39
N THR G 295 -39.66 -14.35 -64.69
CA THR G 295 -40.48 -15.18 -63.82
C THR G 295 -39.64 -16.31 -63.27
N LEU G 296 -39.66 -16.48 -61.95
CA LEU G 296 -38.83 -17.49 -61.31
C LEU G 296 -39.51 -18.85 -61.31
N SER G 297 -38.69 -19.90 -61.40
CA SER G 297 -39.17 -21.27 -61.35
C SER G 297 -38.06 -22.18 -60.84
N ALA G 298 -38.45 -23.20 -60.10
CA ALA G 298 -37.53 -24.21 -59.56
C ALA G 298 -36.43 -23.57 -58.72
N ALA G 299 -36.85 -22.97 -57.61
CA ALA G 299 -35.95 -22.30 -56.68
C ALA G 299 -36.01 -22.99 -55.32
N GLU G 300 -34.85 -23.26 -54.74
CA GLU G 300 -34.76 -23.90 -53.42
C GLU G 300 -33.76 -23.12 -52.58
N CYS G 301 -34.13 -22.86 -51.32
CA CYS G 301 -33.31 -22.05 -50.42
C CYS G 301 -32.62 -22.95 -49.40
N THR G 302 -31.31 -22.75 -49.24
CA THR G 302 -30.50 -23.48 -48.27
C THR G 302 -29.74 -22.48 -47.42
N LEU G 303 -29.76 -22.69 -46.11
CA LEU G 303 -29.03 -21.84 -45.16
C LEU G 303 -27.68 -22.48 -44.91
N ASN G 304 -26.71 -22.16 -45.78
CA ASN G 304 -25.38 -22.73 -45.62
C ASN G 304 -24.61 -22.13 -44.46
N GLU G 305 -25.10 -21.04 -43.87
CA GLU G 305 -24.44 -20.41 -42.73
C GLU G 305 -25.40 -19.43 -42.04
N CYS G 306 -25.50 -19.52 -40.72
CA CYS G 306 -26.31 -18.57 -39.97
C CYS G 306 -25.79 -18.42 -38.56
N VAL G 307 -25.57 -17.16 -38.16
CA VAL G 307 -25.34 -16.80 -36.76
C VAL G 307 -26.26 -15.62 -36.46
N TYR G 308 -26.99 -15.70 -35.35
CA TYR G 308 -27.95 -14.66 -35.02
C TYR G 308 -27.23 -13.50 -34.32
N SER G 309 -26.41 -12.81 -35.09
CA SER G 309 -25.69 -11.63 -34.64
C SER G 309 -26.46 -10.38 -35.02
N SER G 310 -25.98 -9.24 -34.50
CA SER G 310 -26.64 -7.97 -34.80
C SER G 310 -26.56 -7.63 -36.27
N ASP G 311 -25.41 -7.86 -36.89
CA ASP G 311 -25.22 -7.56 -38.31
C ASP G 311 -25.81 -8.68 -39.16
N PHE G 312 -25.53 -8.67 -40.45
CA PHE G 312 -26.03 -9.67 -41.39
C PHE G 312 -25.24 -10.96 -41.20
N GLY G 313 -25.64 -11.74 -40.20
CA GLY G 313 -24.93 -12.95 -39.85
C GLY G 313 -25.51 -14.20 -40.46
N GLY G 314 -26.05 -14.10 -41.67
CA GLY G 314 -26.58 -15.26 -42.34
C GLY G 314 -26.49 -15.17 -43.85
N ILE G 315 -26.23 -16.29 -44.51
CA ILE G 315 -26.17 -16.36 -45.96
C ILE G 315 -27.14 -17.44 -46.42
N ALA G 316 -28.01 -17.10 -47.37
CA ALA G 316 -28.95 -18.04 -47.95
C ALA G 316 -28.64 -18.20 -49.43
N THR G 317 -28.50 -19.44 -49.88
CA THR G 317 -28.23 -19.74 -51.28
C THR G 317 -29.48 -20.33 -51.90
N VAL G 318 -29.96 -19.71 -52.98
CA VAL G 318 -31.17 -20.15 -53.66
C VAL G 318 -30.80 -20.65 -55.05
N LYS G 319 -31.19 -21.89 -55.34
CA LYS G 319 -31.03 -22.47 -56.67
C LYS G 319 -32.25 -22.09 -57.50
N TYR G 320 -32.00 -21.47 -58.66
CA TYR G 320 -33.06 -20.92 -59.49
C TYR G 320 -32.88 -21.35 -60.94
N SER G 321 -34.02 -21.52 -61.62
CA SER G 321 -34.09 -21.77 -63.06
C SER G 321 -35.11 -20.78 -63.62
N ALA G 322 -34.63 -19.58 -63.94
CA ALA G 322 -35.51 -18.49 -64.33
C ALA G 322 -35.76 -18.48 -65.84
N SER G 323 -36.83 -17.80 -66.23
CA SER G 323 -37.17 -17.69 -67.64
C SER G 323 -36.14 -16.84 -68.39
N LYS G 324 -35.65 -15.78 -67.76
CA LYS G 324 -34.70 -14.88 -68.42
C LYS G 324 -33.97 -14.08 -67.34
N SER G 325 -32.90 -13.41 -67.76
CA SER G 325 -32.14 -12.56 -66.86
C SER G 325 -32.94 -11.30 -66.53
N GLY G 326 -32.65 -10.72 -65.37
CA GLY G 326 -33.33 -9.51 -64.96
C GLY G 326 -32.96 -9.13 -63.54
N LYS G 327 -33.85 -8.35 -62.92
CA LYS G 327 -33.68 -7.88 -61.55
C LYS G 327 -34.88 -8.31 -60.72
N CYS G 328 -34.62 -8.85 -59.54
CA CYS G 328 -35.67 -9.35 -58.65
C CYS G 328 -35.68 -8.55 -57.36
N ALA G 329 -36.88 -8.13 -56.94
CA ALA G 329 -37.06 -7.45 -55.67
C ALA G 329 -37.21 -8.51 -54.58
N VAL G 330 -36.06 -9.00 -54.11
CA VAL G 330 -36.06 -10.04 -53.09
C VAL G 330 -36.45 -9.43 -51.75
N HIS G 331 -37.39 -10.07 -51.05
CA HIS G 331 -37.92 -9.52 -49.82
C HIS G 331 -38.52 -10.64 -48.98
N VAL G 332 -38.51 -10.43 -47.67
CA VAL G 332 -39.16 -11.33 -46.71
C VAL G 332 -40.36 -10.59 -46.12
N PRO G 333 -41.58 -10.94 -46.49
CA PRO G 333 -42.75 -10.26 -45.91
C PRO G 333 -42.82 -10.38 -44.39
N SER G 334 -42.39 -11.50 -43.84
CA SER G 334 -42.37 -11.67 -42.40
C SER G 334 -41.20 -10.91 -41.78
N GLY G 335 -41.27 -10.72 -40.46
CA GLY G 335 -40.22 -10.07 -39.72
C GLY G 335 -39.14 -10.98 -39.18
N THR G 336 -39.09 -12.23 -39.65
CA THR G 336 -38.09 -13.17 -39.15
C THR G 336 -36.68 -12.72 -39.51
N ALA G 337 -36.48 -12.23 -40.73
CA ALA G 337 -35.16 -11.86 -41.21
C ALA G 337 -35.20 -10.51 -41.90
N THR G 338 -34.07 -9.82 -41.87
CA THR G 338 -33.88 -8.55 -42.55
C THR G 338 -32.83 -8.73 -43.63
N LEU G 339 -33.16 -8.32 -44.86
CA LEU G 339 -32.30 -8.59 -46.01
C LEU G 339 -31.38 -7.41 -46.29
N LYS G 340 -30.09 -7.71 -46.46
CA LYS G 340 -29.13 -6.67 -46.83
C LYS G 340 -29.42 -6.10 -48.21
N GLU G 341 -29.80 -6.96 -49.16
CA GLU G 341 -30.04 -6.56 -50.53
C GLU G 341 -31.54 -6.46 -50.79
N ALA G 342 -31.98 -5.31 -51.30
CA ALA G 342 -33.36 -5.14 -51.71
C ALA G 342 -33.62 -5.58 -53.14
N ALA G 343 -32.57 -5.90 -53.89
CA ALA G 343 -32.70 -6.37 -55.26
C ALA G 343 -31.51 -7.25 -55.60
N VAL G 344 -31.76 -8.24 -56.44
CA VAL G 344 -30.74 -9.23 -56.80
C VAL G 344 -30.80 -9.48 -58.31
N GLU G 345 -29.63 -9.61 -58.92
CA GLU G 345 -29.55 -9.97 -60.32
C GLU G 345 -29.98 -11.42 -60.53
N LEU G 346 -30.58 -11.69 -61.68
CA LEU G 346 -31.15 -13.00 -61.97
C LEU G 346 -30.70 -13.44 -63.35
N THR G 347 -30.28 -14.69 -63.48
CA THR G 347 -29.85 -15.27 -64.73
C THR G 347 -30.79 -16.42 -65.12
N GLU G 348 -30.47 -17.07 -66.24
CA GLU G 348 -31.30 -18.16 -66.73
C GLU G 348 -31.32 -19.34 -65.76
N GLN G 349 -30.16 -19.70 -65.23
CA GLN G 349 -30.02 -20.87 -64.38
C GLN G 349 -28.80 -20.69 -63.49
N GLY G 350 -28.96 -21.01 -62.21
CA GLY G 350 -27.78 -20.93 -61.33
C GLY G 350 -28.18 -20.84 -59.87
N SER G 351 -27.30 -20.20 -59.10
CA SER G 351 -27.49 -20.01 -57.67
C SER G 351 -27.23 -18.56 -57.31
N ALA G 352 -28.06 -18.02 -56.43
CA ALA G 352 -27.94 -16.65 -55.97
C ALA G 352 -27.78 -16.63 -54.46
N THR G 353 -26.87 -15.80 -53.97
CA THR G 353 -26.60 -15.68 -52.55
C THR G 353 -27.20 -14.37 -52.00
N ILE G 354 -27.86 -14.48 -50.86
CA ILE G 354 -28.51 -13.35 -50.21
C ILE G 354 -28.06 -13.28 -48.76
N HIS G 355 -27.64 -12.10 -48.33
CA HIS G 355 -27.20 -11.89 -46.95
C HIS G 355 -28.37 -11.38 -46.12
N PHE G 356 -28.64 -12.06 -45.01
CA PHE G 356 -29.77 -11.74 -44.16
C PHE G 356 -29.33 -11.78 -42.71
N SER G 357 -30.05 -11.03 -41.87
CA SER G 357 -29.81 -10.97 -40.44
C SER G 357 -31.07 -11.40 -39.72
N THR G 358 -30.93 -12.36 -38.80
CA THR G 358 -32.07 -12.89 -38.07
C THR G 358 -31.71 -13.02 -36.60
N ALA G 359 -32.72 -12.91 -35.75
CA ALA G 359 -32.59 -13.14 -34.33
C ALA G 359 -33.10 -14.51 -33.91
N ASN G 360 -33.52 -15.34 -34.85
CA ASN G 360 -34.12 -16.63 -34.56
C ASN G 360 -33.04 -17.71 -34.49
N ILE G 361 -33.10 -18.53 -33.44
CA ILE G 361 -32.17 -19.64 -33.34
C ILE G 361 -32.48 -20.69 -34.40
N HIS G 362 -33.77 -20.91 -34.69
CA HIS G 362 -34.22 -21.79 -35.77
C HIS G 362 -35.08 -20.97 -36.72
N PRO G 363 -34.48 -20.37 -37.74
CA PRO G 363 -35.25 -19.51 -38.64
C PRO G 363 -35.99 -20.31 -39.70
N GLU G 364 -37.19 -19.83 -40.03
CA GLU G 364 -37.98 -20.41 -41.12
C GLU G 364 -38.88 -19.31 -41.65
N PHE G 365 -38.58 -18.81 -42.85
CA PHE G 365 -39.32 -17.69 -43.40
C PHE G 365 -39.65 -17.97 -44.86
N ARG G 366 -40.44 -17.07 -45.44
CA ARG G 366 -40.87 -17.15 -46.82
C ARG G 366 -40.19 -16.05 -47.61
N LEU G 367 -39.06 -16.38 -48.22
CA LEU G 367 -38.34 -15.43 -49.05
C LEU G 367 -39.12 -15.18 -50.34
N GLN G 368 -39.49 -13.94 -50.59
CA GLN G 368 -40.21 -13.57 -51.80
C GLN G 368 -39.21 -13.05 -52.83
N ILE G 369 -39.29 -13.58 -54.04
CA ILE G 369 -38.44 -13.17 -55.15
C ILE G 369 -39.40 -12.67 -56.22
N CYS G 370 -38.90 -12.41 -57.44
CA CYS G 370 -39.66 -11.75 -58.50
C CYS G 370 -41.13 -12.16 -58.51
N THR G 371 -41.41 -13.46 -58.50
CA THR G 371 -42.78 -13.94 -58.35
C THR G 371 -42.92 -15.09 -57.36
N SER G 372 -41.89 -15.91 -57.15
CA SER G 372 -41.99 -17.09 -56.33
C SER G 372 -41.96 -16.74 -54.84
N TYR G 373 -42.36 -17.71 -54.02
CA TYR G 373 -42.34 -17.60 -52.56
C TYR G 373 -41.61 -18.84 -52.03
N VAL G 374 -40.29 -18.75 -51.94
CA VAL G 374 -39.49 -19.89 -51.51
C VAL G 374 -39.55 -19.98 -49.99
N THR G 375 -39.56 -21.20 -49.46
CA THR G 375 -39.56 -21.42 -48.02
C THR G 375 -38.14 -21.78 -47.60
N CYS G 376 -37.55 -20.97 -46.73
CA CYS G 376 -36.16 -21.13 -46.32
C CYS G 376 -36.11 -21.45 -44.83
N LYS G 377 -35.34 -22.49 -44.49
CA LYS G 377 -35.23 -22.96 -43.12
C LYS G 377 -33.78 -23.32 -42.83
N GLY G 378 -33.45 -23.43 -41.55
CA GLY G 378 -32.11 -23.79 -41.15
C GLY G 378 -31.92 -23.63 -39.67
N ASP G 379 -30.65 -23.59 -39.25
CA ASP G 379 -30.26 -23.41 -37.86
C ASP G 379 -29.19 -22.33 -37.76
N CYS G 380 -29.28 -21.52 -36.73
CA CYS G 380 -28.29 -20.47 -36.47
C CYS G 380 -27.59 -20.74 -35.14
N HIS G 381 -26.45 -20.09 -34.97
CA HIS G 381 -25.57 -20.33 -33.83
C HIS G 381 -25.15 -19.01 -33.19
N PRO G 382 -24.89 -19.00 -31.89
CA PRO G 382 -24.51 -17.76 -31.21
C PRO G 382 -23.22 -17.21 -31.77
N PRO G 383 -23.09 -15.88 -31.85
CA PRO G 383 -21.90 -15.27 -32.44
C PRO G 383 -20.72 -15.23 -31.46
N LYS G 384 -19.56 -14.88 -32.01
CA LYS G 384 -18.36 -14.78 -31.19
C LYS G 384 -18.44 -13.63 -30.20
N ASP G 385 -18.79 -12.44 -30.68
CA ASP G 385 -18.60 -11.21 -29.93
C ASP G 385 -19.68 -11.05 -28.88
N HIS G 386 -19.26 -10.83 -27.63
CA HIS G 386 -20.22 -10.48 -26.58
C HIS G 386 -20.76 -9.08 -26.78
N ILE G 387 -19.91 -8.15 -27.21
CA ILE G 387 -20.27 -6.74 -27.39
C ILE G 387 -19.77 -6.28 -28.75
N VAL G 388 -20.61 -5.55 -29.48
CA VAL G 388 -20.22 -5.00 -30.77
C VAL G 388 -20.44 -3.49 -30.77
N THR G 389 -20.15 -2.85 -31.91
CA THR G 389 -20.17 -1.40 -32.02
C THR G 389 -21.22 -0.91 -33.00
N HIS G 390 -22.26 -1.71 -33.25
CA HIS G 390 -23.35 -1.31 -34.14
C HIS G 390 -24.67 -1.81 -33.57
N PRO G 391 -25.76 -1.10 -33.84
CA PRO G 391 -27.06 -1.55 -33.36
C PRO G 391 -27.55 -2.75 -34.16
N GLN G 392 -28.49 -3.49 -33.57
CA GLN G 392 -29.00 -4.68 -34.21
C GLN G 392 -29.86 -4.32 -35.41
N TYR G 393 -29.58 -4.94 -36.55
CA TYR G 393 -30.35 -4.67 -37.76
C TYR G 393 -31.70 -5.38 -37.76
N HIS G 394 -31.77 -6.57 -37.15
CA HIS G 394 -32.99 -7.35 -37.15
C HIS G 394 -33.92 -6.88 -36.04
N ALA G 395 -34.98 -7.64 -35.78
CA ALA G 395 -35.91 -7.37 -34.70
C ALA G 395 -36.13 -8.63 -33.89
N GLN G 396 -36.38 -8.46 -32.60
CA GLN G 396 -36.51 -9.58 -31.67
C GLN G 396 -37.99 -9.90 -31.46
N THR G 397 -38.37 -11.12 -31.80
CA THR G 397 -39.73 -11.62 -31.58
C THR G 397 -39.80 -12.31 -30.22
N PHE G 398 -41.02 -12.44 -29.69
CA PHE G 398 -41.21 -13.02 -28.38
C PHE G 398 -40.70 -14.46 -28.33
N THR G 399 -40.98 -15.25 -29.37
CA THR G 399 -40.57 -16.65 -29.43
C THR G 399 -39.36 -16.85 -30.34
N ALA G 400 -38.59 -15.79 -30.56
CA ALA G 400 -37.48 -15.88 -31.51
C ALA G 400 -36.39 -16.83 -31.02
N ALA G 401 -36.07 -16.78 -29.73
CA ALA G 401 -34.90 -17.46 -29.19
C ALA G 401 -35.22 -18.82 -28.59
N VAL G 402 -36.45 -19.31 -28.72
CA VAL G 402 -36.81 -20.61 -28.16
C VAL G 402 -36.36 -21.70 -29.12
N SER G 403 -35.54 -22.62 -28.63
CA SER G 403 -34.99 -23.67 -29.47
C SER G 403 -35.97 -24.84 -29.56
N LYS G 404 -35.63 -25.80 -30.43
CA LYS G 404 -36.47 -26.98 -30.60
C LYS G 404 -36.51 -27.82 -29.33
N THR G 405 -35.36 -27.96 -28.66
CA THR G 405 -35.32 -28.74 -27.42
C THR G 405 -36.20 -28.12 -26.35
N ALA G 406 -36.13 -26.80 -26.20
CA ALA G 406 -36.97 -26.08 -25.25
C ALA G 406 -38.44 -26.27 -25.62
N TRP G 407 -38.75 -26.24 -26.92
CA TRP G 407 -40.13 -26.44 -27.35
C TRP G 407 -40.62 -27.84 -26.98
N THR G 408 -39.79 -28.86 -27.19
CA THR G 408 -40.20 -30.22 -26.86
C THR G 408 -40.40 -30.37 -25.36
N TRP G 409 -39.51 -29.78 -24.56
CA TRP G 409 -39.67 -29.85 -23.11
C TRP G 409 -40.95 -29.15 -22.67
N LEU G 410 -41.24 -27.98 -23.23
CA LEU G 410 -42.45 -27.26 -22.88
C LEU G 410 -43.70 -28.03 -23.28
N THR G 411 -43.66 -28.68 -24.46
CA THR G 411 -44.79 -29.49 -24.89
C THR G 411 -44.98 -30.69 -23.97
N SER G 412 -43.89 -31.31 -23.53
CA SER G 412 -44.01 -32.44 -22.62
C SER G 412 -44.61 -32.01 -21.28
N LEU G 413 -44.14 -30.89 -20.74
CA LEU G 413 -44.73 -30.39 -19.49
C LEU G 413 -46.12 -29.81 -19.71
N LEU G 414 -46.30 -29.02 -20.76
CA LEU G 414 -47.59 -28.44 -21.12
C LEU G 414 -48.07 -29.12 -22.40
N GLY G 415 -48.91 -30.13 -22.24
CA GLY G 415 -49.37 -30.93 -23.36
C GLY G 415 -49.37 -32.40 -23.01
N GLY G 416 -48.51 -32.78 -22.07
CA GLY G 416 -48.55 -34.11 -21.50
C GLY G 416 -49.44 -34.16 -20.28
N SER G 417 -49.42 -33.07 -19.50
CA SER G 417 -50.33 -32.97 -18.37
C SER G 417 -51.78 -32.94 -18.84
N ALA G 418 -52.05 -32.24 -19.95
CA ALA G 418 -53.39 -32.27 -20.52
C ALA G 418 -53.76 -33.68 -20.97
N VAL G 419 -52.80 -34.43 -21.49
CA VAL G 419 -53.06 -35.82 -21.87
C VAL G 419 -53.42 -36.65 -20.65
N ILE G 420 -52.70 -36.45 -19.55
CA ILE G 420 -53.02 -37.18 -18.32
C ILE G 420 -54.40 -36.82 -17.81
N ILE G 421 -54.75 -35.52 -17.88
CA ILE G 421 -56.08 -35.09 -17.45
C ILE G 421 -57.16 -35.73 -18.33
N ILE G 422 -56.92 -35.78 -19.64
CA ILE G 422 -57.89 -36.40 -20.55
C ILE G 422 -58.05 -37.88 -20.24
N ILE G 423 -56.93 -38.56 -19.97
CA ILE G 423 -56.99 -39.98 -19.63
C ILE G 423 -57.79 -40.19 -18.36
N GLY G 424 -57.55 -39.35 -17.34
CA GLY G 424 -58.30 -39.47 -16.10
C GLY G 424 -59.78 -39.20 -16.28
N LEU G 425 -60.11 -38.19 -17.08
CA LEU G 425 -61.52 -37.89 -17.35
C LEU G 425 -62.20 -39.03 -18.09
N VAL G 426 -61.52 -39.61 -19.07
CA VAL G 426 -62.09 -40.74 -19.81
C VAL G 426 -62.31 -41.92 -18.87
N LEU G 427 -61.33 -42.21 -18.02
CA LEU G 427 -61.48 -43.32 -17.07
C LEU G 427 -62.64 -43.08 -16.12
N ALA G 428 -62.77 -41.85 -15.61
CA ALA G 428 -63.87 -41.54 -14.69
C ALA G 428 -65.21 -41.68 -15.39
N THR G 429 -65.32 -41.18 -16.63
CA THR G 429 -66.58 -41.31 -17.37
C THR G 429 -66.92 -42.76 -17.62
N ILE G 430 -65.93 -43.57 -18.01
CA ILE G 430 -66.17 -44.99 -18.27
C ILE G 430 -66.63 -45.69 -16.99
N VAL G 431 -65.97 -45.42 -15.86
CA VAL G 431 -66.35 -46.06 -14.61
C VAL G 431 -67.76 -45.65 -14.20
N ALA G 432 -68.08 -44.37 -14.32
CA ALA G 432 -69.41 -43.89 -13.95
C ALA G 432 -70.48 -44.52 -14.83
N MET G 433 -70.25 -44.59 -16.14
CA MET G 433 -71.22 -45.21 -17.03
C MET G 433 -71.38 -46.69 -16.72
N TYR G 434 -70.27 -47.37 -16.43
CA TYR G 434 -70.32 -48.80 -16.12
C TYR G 434 -71.14 -49.06 -14.87
N VAL G 435 -70.85 -48.31 -13.79
CA VAL G 435 -71.57 -48.54 -12.54
C VAL G 435 -73.04 -48.14 -12.68
N LEU G 436 -73.33 -47.08 -13.43
CA LEU G 436 -74.72 -46.66 -13.61
C LEU G 436 -75.50 -47.69 -14.41
N THR G 437 -74.89 -48.25 -15.46
CA THR G 437 -75.57 -49.26 -16.27
C THR G 437 -75.69 -50.59 -15.54
N ASN G 438 -74.82 -50.87 -14.58
CA ASN G 438 -74.88 -52.13 -13.85
C ASN G 438 -75.80 -52.07 -12.63
N GLN G 439 -76.37 -50.90 -12.30
CA GLN G 439 -77.35 -50.84 -11.22
C GLN G 439 -78.62 -51.59 -11.60
N LYS G 440 -79.17 -51.29 -12.78
CA LYS G 440 -80.42 -51.90 -13.21
C LYS G 440 -80.18 -53.30 -13.77
N SER H 1 0.98 48.04 -35.72
CA SER H 1 0.64 48.82 -34.53
C SER H 1 0.52 50.29 -34.88
N THR H 2 1.63 50.87 -35.32
CA THR H 2 1.72 52.30 -35.65
C THR H 2 1.14 53.15 -34.54
N GLU H 3 0.39 54.19 -34.91
CA GLU H 3 -0.19 55.12 -33.94
C GLU H 3 -1.70 54.97 -33.82
N GLU H 4 -2.33 54.10 -34.62
CA GLU H 4 -3.78 53.94 -34.53
C GLU H 4 -4.18 53.40 -33.17
N LEU H 5 -3.42 52.45 -32.64
CA LEU H 5 -3.76 51.89 -31.33
C LEU H 5 -3.44 52.86 -30.21
N PHE H 6 -2.44 53.71 -30.40
CA PHE H 6 -1.99 54.62 -29.35
C PHE H 6 -2.54 56.03 -29.51
N ASN H 7 -3.50 56.26 -30.41
CA ASN H 7 -4.06 57.61 -30.56
C ASN H 7 -4.64 58.15 -29.26
N GLU H 8 -5.29 57.30 -28.46
CA GLU H 8 -5.88 57.74 -27.21
C GLU H 8 -5.00 57.50 -26.00
N TYR H 9 -4.05 56.56 -26.08
CA TYR H 9 -3.13 56.31 -24.98
C TYR H 9 -1.97 57.30 -24.95
N LYS H 10 -1.83 58.11 -25.99
CA LYS H 10 -0.83 59.17 -26.01
C LYS H 10 -1.31 60.42 -25.29
N LEU H 11 -2.58 60.47 -24.94
CA LEU H 11 -3.16 61.55 -24.15
C LEU H 11 -3.30 61.18 -22.68
N THR H 12 -2.66 60.08 -22.26
CA THR H 12 -2.83 59.55 -20.92
C THR H 12 -1.52 59.67 -20.14
N ARG H 13 -1.66 59.54 -18.82
CA ARG H 13 -0.57 59.69 -17.87
C ARG H 13 -0.57 58.52 -16.90
N PRO H 14 0.60 57.93 -16.63
CA PRO H 14 0.69 56.98 -15.52
C PRO H 14 0.47 57.72 -14.20
N TYR H 15 -0.17 57.05 -13.26
CA TYR H 15 -0.43 57.64 -11.96
C TYR H 15 0.16 56.76 -10.86
N MET H 16 0.13 57.30 -9.64
CA MET H 16 0.55 56.58 -8.44
C MET H 16 -0.69 56.28 -7.62
N ALA H 17 -0.84 55.03 -7.19
CA ALA H 17 -2.04 54.63 -6.48
C ALA H 17 -1.65 53.84 -5.24
N ARG H 18 -2.59 53.79 -4.28
CA ARG H 18 -2.35 53.07 -3.04
C ARG H 18 -2.14 51.59 -3.31
N CYS H 19 -1.07 51.04 -2.75
CA CYS H 19 -0.80 49.62 -2.77
C CYS H 19 -0.70 49.12 -1.33
N ILE H 20 -1.26 47.94 -1.09
CA ILE H 20 -1.30 47.40 0.27
C ILE H 20 0.04 46.82 0.71
N ARG H 21 0.95 46.54 -0.23
CA ARG H 21 2.22 45.89 0.11
C ARG H 21 3.29 46.32 -0.88
N CYS H 22 4.27 47.09 -0.42
CA CYS H 22 5.47 47.43 -1.19
C CYS H 22 6.73 47.02 -0.46
N ALA H 23 6.73 45.82 0.10
CA ALA H 23 7.88 45.21 0.78
C ALA H 23 8.15 45.89 2.12
N VAL H 24 7.49 47.02 2.38
CA VAL H 24 7.41 47.60 3.73
C VAL H 24 6.02 48.22 3.87
N GLY H 25 5.13 47.55 4.59
CA GLY H 25 3.83 48.07 4.94
C GLY H 25 3.00 48.50 3.74
N SER H 26 2.06 49.39 4.00
CA SER H 26 1.23 49.98 2.95
C SER H 26 2.06 50.97 2.13
N CYS H 27 1.42 51.63 1.18
CA CYS H 27 2.23 52.18 0.11
C CYS H 27 1.44 53.08 -0.82
N HIS H 28 2.15 53.99 -1.47
CA HIS H 28 1.69 54.71 -2.66
C HIS H 28 2.65 54.30 -3.78
N SER H 29 2.26 53.31 -4.55
CA SER H 29 3.11 52.65 -5.53
C SER H 29 2.87 53.19 -6.93
N PRO H 30 3.92 53.22 -7.75
CA PRO H 30 3.76 53.54 -9.17
C PRO H 30 3.36 52.36 -10.03
N ILE H 31 3.30 51.15 -9.48
CA ILE H 31 2.94 49.96 -10.22
C ILE H 31 1.73 49.31 -9.56
N ALA H 32 0.86 50.13 -8.98
CA ALA H 32 -0.32 49.60 -8.31
C ALA H 32 -1.21 48.84 -9.28
N ILE H 33 -1.64 47.65 -8.88
CA ILE H 33 -2.44 46.79 -9.73
C ILE H 33 -3.92 47.09 -9.47
N GLU H 34 -4.65 47.38 -10.53
CA GLU H 34 -6.06 47.72 -10.40
C GLU H 34 -6.97 46.53 -10.59
N ALA H 35 -6.63 45.62 -11.49
CA ALA H 35 -7.45 44.44 -11.74
C ALA H 35 -6.58 43.35 -12.34
N VAL H 36 -6.91 42.11 -12.02
CA VAL H 36 -6.26 40.94 -12.60
C VAL H 36 -7.35 40.01 -13.11
N LYS H 37 -7.40 39.81 -14.42
CA LYS H 37 -8.38 38.94 -15.04
C LYS H 37 -7.70 37.64 -15.45
N SER H 38 -8.26 36.52 -14.99
CA SER H 38 -7.73 35.20 -15.28
C SER H 38 -8.86 34.25 -15.68
N ASP H 39 -9.73 34.73 -16.56
CA ASP H 39 -10.86 33.96 -17.05
C ASP H 39 -10.54 33.18 -18.33
N GLY H 40 -9.30 33.25 -18.81
CA GLY H 40 -8.88 32.47 -19.95
C GLY H 40 -8.68 31.02 -19.58
N HIS H 41 -7.86 30.33 -20.36
CA HIS H 41 -7.63 28.91 -20.12
C HIS H 41 -6.20 28.59 -19.71
N ASP H 42 -5.21 28.87 -20.56
CA ASP H 42 -3.88 28.33 -20.32
C ASP H 42 -2.99 29.29 -19.54
N GLY H 43 -3.47 29.78 -18.41
CA GLY H 43 -2.66 30.56 -17.52
C GLY H 43 -2.35 31.97 -17.96
N TYR H 44 -3.00 32.46 -19.02
CA TYR H 44 -2.79 33.83 -19.49
C TYR H 44 -3.67 34.78 -18.70
N VAL H 45 -3.06 35.85 -18.18
CA VAL H 45 -3.75 36.83 -17.35
C VAL H 45 -3.53 38.21 -17.96
N ARG H 46 -4.61 39.00 -17.96
CA ARG H 46 -4.55 40.42 -18.32
C ARG H 46 -4.61 41.24 -17.04
N LEU H 47 -3.59 42.07 -16.83
CA LEU H 47 -3.40 42.79 -15.59
C LEU H 47 -3.47 44.28 -15.89
N GLN H 48 -4.38 44.99 -15.21
CA GLN H 48 -4.47 46.43 -15.33
C GLN H 48 -3.71 47.06 -14.18
N THR H 49 -2.81 47.99 -14.50
CA THR H 49 -1.93 48.59 -13.52
C THR H 49 -1.93 50.10 -13.71
N SER H 50 -1.34 50.81 -12.74
CA SER H 50 -1.21 52.25 -12.85
C SER H 50 -0.06 52.66 -13.76
N SER H 51 0.87 51.76 -14.05
CA SER H 51 1.95 52.02 -14.99
C SER H 51 1.44 51.87 -16.41
N GLN H 52 2.18 52.46 -17.34
CA GLN H 52 1.81 52.42 -18.75
C GLN H 52 2.92 51.76 -19.56
N TYR H 53 2.51 51.07 -20.63
CA TYR H 53 3.41 50.27 -21.44
C TYR H 53 3.29 50.69 -22.90
N GLY H 54 4.33 50.35 -23.67
CA GLY H 54 4.33 50.51 -25.11
C GLY H 54 5.01 51.77 -25.59
N LEU H 55 5.20 52.75 -24.72
CA LEU H 55 5.79 54.02 -25.13
C LEU H 55 6.47 54.66 -23.92
N ASP H 56 7.42 55.56 -24.20
CA ASP H 56 8.29 56.08 -23.18
C ASP H 56 7.70 57.34 -22.54
N SER H 57 8.48 57.96 -21.66
CA SER H 57 8.00 59.13 -20.93
C SER H 57 7.72 60.31 -21.85
N SER H 58 8.48 60.45 -22.93
CA SER H 58 8.25 61.54 -23.86
C SER H 58 6.87 61.42 -24.52
N GLY H 59 6.49 60.20 -24.88
CA GLY H 59 5.24 59.99 -25.59
C GLY H 59 5.47 59.46 -26.98
N ASN H 60 6.54 58.69 -27.16
CA ASN H 60 6.92 58.13 -28.45
C ASN H 60 6.92 56.62 -28.35
N LEU H 61 6.47 55.96 -29.42
CA LEU H 61 6.38 54.51 -29.44
C LEU H 61 7.73 53.87 -29.14
N LYS H 62 7.74 52.90 -28.24
CA LYS H 62 8.91 52.08 -27.97
C LYS H 62 8.50 50.61 -28.02
N GLY H 63 9.51 49.75 -28.11
CA GLY H 63 9.26 48.34 -28.30
C GLY H 63 8.60 47.68 -27.11
N ARG H 64 9.33 47.57 -26.00
CA ARG H 64 8.82 46.96 -24.78
C ARG H 64 9.33 47.82 -23.62
N THR H 65 8.53 48.81 -23.24
CA THR H 65 8.93 49.78 -22.23
C THR H 65 7.76 50.05 -21.30
N MET H 66 8.04 50.09 -20.00
CA MET H 66 7.06 50.49 -19.01
C MET H 66 7.42 51.87 -18.50
N ARG H 67 6.44 52.78 -18.54
CA ARG H 67 6.61 54.13 -18.03
C ARG H 67 5.71 54.31 -16.82
N TYR H 68 6.26 54.90 -15.77
CA TYR H 68 5.59 54.99 -14.48
C TYR H 68 5.78 56.38 -13.90
N ASP H 69 4.84 56.77 -13.04
CA ASP H 69 4.86 58.06 -12.37
C ASP H 69 5.65 57.93 -11.07
N MET H 70 6.67 58.75 -10.90
CA MET H 70 7.47 58.81 -9.68
C MET H 70 7.40 60.24 -9.16
N HIS H 71 6.59 60.44 -8.12
CA HIS H 71 6.52 61.69 -7.37
C HIS H 71 6.37 62.90 -8.30
N GLY H 72 5.54 62.74 -9.33
CA GLY H 72 5.20 63.81 -10.24
C GLY H 72 5.86 63.72 -11.60
N THR H 73 7.02 63.08 -11.70
CA THR H 73 7.73 63.01 -12.97
C THR H 73 7.61 61.61 -13.55
N ILE H 74 7.48 61.53 -14.87
CA ILE H 74 7.26 60.26 -15.56
C ILE H 74 8.61 59.70 -15.98
N LYS H 75 8.89 58.46 -15.58
CA LYS H 75 10.13 57.78 -15.89
C LYS H 75 9.83 56.52 -16.68
N GLU H 76 10.87 55.92 -17.26
CA GLU H 76 10.73 54.74 -18.08
C GLU H 76 11.75 53.69 -17.68
N ILE H 77 11.40 52.44 -17.94
CA ILE H 77 12.26 51.30 -17.64
C ILE H 77 11.93 50.18 -18.63
N PRO H 78 12.92 49.50 -19.19
CA PRO H 78 12.61 48.40 -20.12
C PRO H 78 11.83 47.29 -19.43
N LEU H 79 10.96 46.64 -20.20
CA LEU H 79 10.05 45.66 -19.63
C LEU H 79 10.77 44.42 -19.12
N HIS H 80 11.98 44.13 -19.61
CA HIS H 80 12.68 42.94 -19.14
C HIS H 80 13.25 43.13 -17.74
N GLN H 81 13.26 44.34 -17.21
CA GLN H 81 13.62 44.58 -15.82
C GLN H 81 12.43 44.47 -14.88
N VAL H 82 11.23 44.32 -15.42
CA VAL H 82 10.01 44.19 -14.62
C VAL H 82 9.69 42.72 -14.46
N SER H 83 9.49 42.29 -13.23
CA SER H 83 9.22 40.89 -12.91
C SER H 83 7.84 40.77 -12.27
N LEU H 84 7.27 39.58 -12.41
CA LEU H 84 5.91 39.31 -11.96
C LEU H 84 5.85 37.86 -11.49
N TYR H 85 5.07 37.62 -10.44
CA TYR H 85 4.93 36.25 -9.94
C TYR H 85 3.69 36.13 -9.07
N THR H 86 3.08 34.95 -9.08
CA THR H 86 1.90 34.72 -8.24
C THR H 86 2.24 33.75 -7.12
N SER H 87 2.65 32.54 -7.47
CA SER H 87 3.31 31.62 -6.56
C SER H 87 4.63 31.11 -7.14
N ARG H 88 4.78 31.21 -8.44
CA ARG H 88 6.02 30.94 -9.15
C ARG H 88 6.23 32.09 -10.11
N PRO H 89 7.45 32.24 -10.64
CA PRO H 89 7.69 33.34 -11.57
C PRO H 89 6.74 33.33 -12.76
N CYS H 90 6.30 34.52 -13.15
CA CYS H 90 5.40 34.72 -14.27
C CYS H 90 6.19 35.23 -15.45
N HIS H 91 5.74 34.91 -16.65
CA HIS H 91 6.38 35.35 -17.88
C HIS H 91 5.47 36.36 -18.57
N ILE H 92 6.00 37.55 -18.83
CA ILE H 92 5.24 38.63 -19.42
C ILE H 92 5.24 38.45 -20.93
N VAL H 93 4.06 38.37 -21.52
CA VAL H 93 3.97 38.27 -22.98
C VAL H 93 4.14 39.65 -23.62
N ASP H 94 3.35 40.63 -23.19
CA ASP H 94 3.40 41.93 -23.86
C ASP H 94 2.70 42.95 -22.96
N GLY H 95 2.74 44.20 -23.37
CA GLY H 95 2.08 45.28 -22.64
C GLY H 95 1.57 46.33 -23.60
N HIS H 96 0.49 46.99 -23.20
CA HIS H 96 -0.13 48.03 -24.03
C HIS H 96 -0.96 48.92 -23.14
N GLY H 97 -0.67 50.21 -23.15
CA GLY H 97 -1.42 51.15 -22.35
C GLY H 97 -1.33 50.80 -20.88
N TYR H 98 -2.48 50.68 -20.22
CA TYR H 98 -2.54 50.33 -18.80
C TYR H 98 -2.55 48.84 -18.57
N PHE H 99 -2.49 48.03 -19.63
CA PHE H 99 -2.73 46.60 -19.52
C PHE H 99 -1.47 45.81 -19.87
N LEU H 100 -1.36 44.65 -19.24
CA LEU H 100 -0.20 43.77 -19.37
C LEU H 100 -0.67 42.34 -19.53
N LEU H 101 -0.25 41.68 -20.60
CA LEU H 101 -0.58 40.29 -20.85
C LEU H 101 0.59 39.42 -20.41
N ALA H 102 0.33 38.50 -19.49
CA ALA H 102 1.37 37.65 -18.91
C ALA H 102 0.88 36.22 -18.83
N ARG H 103 1.82 35.30 -18.61
CA ARG H 103 1.52 33.88 -18.44
C ARG H 103 1.82 33.50 -17.00
N CYS H 104 0.77 33.22 -16.22
CA CYS H 104 0.96 33.04 -14.80
C CYS H 104 0.39 31.71 -14.31
N PRO H 105 1.10 31.04 -13.40
CA PRO H 105 0.52 29.87 -12.73
C PRO H 105 -0.58 30.27 -11.75
N ALA H 106 -1.31 29.28 -11.27
CA ALA H 106 -2.35 29.53 -10.28
C ALA H 106 -1.73 30.02 -8.97
N GLY H 107 -2.40 30.98 -8.35
CA GLY H 107 -1.95 31.50 -7.07
C GLY H 107 -3.05 32.31 -6.42
N ASP H 108 -2.83 32.62 -5.14
CA ASP H 108 -3.80 33.37 -4.35
C ASP H 108 -3.54 34.87 -4.37
N SER H 109 -2.41 35.32 -4.91
CA SER H 109 -2.06 36.72 -4.98
C SER H 109 -1.12 36.91 -6.15
N ILE H 110 -0.95 38.16 -6.58
CA ILE H 110 -0.02 38.47 -7.65
C ILE H 110 0.84 39.65 -7.25
N THR H 111 2.14 39.54 -7.50
CA THR H 111 3.14 40.53 -7.11
C THR H 111 3.92 40.98 -8.33
N MET H 112 4.12 42.29 -8.42
CA MET H 112 4.88 42.92 -9.50
C MET H 112 6.01 43.72 -8.90
N GLU H 113 7.23 43.48 -9.38
CA GLU H 113 8.42 44.12 -8.83
C GLU H 113 9.30 44.66 -9.95
N PHE H 114 10.09 45.67 -9.61
CA PHE H 114 11.23 46.07 -10.42
C PHE H 114 12.21 46.83 -9.52
N LYS H 115 13.38 47.12 -10.08
CA LYS H 115 14.46 47.76 -9.32
C LYS H 115 15.06 48.86 -10.17
N LYS H 116 14.99 50.10 -9.70
CA LYS H 116 15.44 51.22 -10.52
C LYS H 116 16.89 51.62 -10.24
N ASP H 117 17.17 52.08 -9.03
CA ASP H 117 18.54 52.48 -8.68
C ASP H 117 19.13 51.60 -7.59
N SER H 118 18.55 51.60 -6.39
CA SER H 118 18.82 50.60 -5.38
C SER H 118 17.58 50.22 -4.60
N VAL H 119 16.42 50.77 -4.95
CA VAL H 119 15.18 50.55 -4.23
C VAL H 119 14.29 49.64 -5.07
N ARG H 120 13.76 48.60 -4.44
CA ARG H 120 12.88 47.66 -5.12
C ARG H 120 11.45 48.14 -4.97
N HIS H 121 10.82 48.50 -6.09
CA HIS H 121 9.41 48.85 -6.10
C HIS H 121 8.61 47.57 -6.32
N SER H 122 7.78 47.23 -5.34
CA SER H 122 6.97 46.02 -5.39
C SER H 122 5.54 46.38 -5.06
N CYS H 123 4.61 45.63 -5.63
CA CYS H 123 3.19 45.77 -5.29
C CYS H 123 2.55 44.41 -5.36
N SER H 124 1.94 43.97 -4.27
CA SER H 124 1.30 42.67 -4.18
C SER H 124 -0.18 42.87 -3.87
N VAL H 125 -1.04 42.20 -4.63
CA VAL H 125 -2.48 42.31 -4.39
C VAL H 125 -3.07 40.91 -4.25
N PRO H 126 -4.09 40.74 -3.38
CA PRO H 126 -4.69 39.43 -3.15
C PRO H 126 -5.80 39.07 -4.13
N TYR H 127 -5.51 39.20 -5.43
CA TYR H 127 -6.44 38.82 -6.47
C TYR H 127 -6.09 37.42 -6.92
N GLU H 128 -7.01 36.49 -6.72
CA GLU H 128 -6.77 35.09 -7.08
C GLU H 128 -6.48 34.96 -8.55
N VAL H 129 -5.43 34.21 -8.88
CA VAL H 129 -5.09 33.88 -10.26
C VAL H 129 -5.46 32.42 -10.49
N LYS H 130 -6.15 32.16 -11.59
CA LYS H 130 -6.74 30.85 -11.85
C LYS H 130 -6.09 30.22 -13.07
N PHE H 131 -5.94 28.90 -13.03
CA PHE H 131 -5.53 28.12 -14.18
C PHE H 131 -6.72 27.24 -14.60
N ASN H 132 -7.12 27.37 -15.85
CA ASN H 132 -8.32 26.70 -16.34
C ASN H 132 -7.96 25.65 -17.38
N PRO H 133 -7.93 24.37 -17.03
CA PRO H 133 -7.68 23.35 -18.05
C PRO H 133 -8.78 23.32 -19.09
N VAL H 134 -8.40 22.93 -20.31
CA VAL H 134 -9.34 22.78 -21.41
C VAL H 134 -9.67 21.30 -21.55
N GLY H 135 -10.95 20.99 -21.68
CA GLY H 135 -11.36 19.62 -21.87
C GLY H 135 -11.69 18.92 -20.55
N ARG H 136 -11.62 17.59 -20.60
CA ARG H 136 -12.03 16.74 -19.50
C ARG H 136 -10.86 16.00 -18.86
N GLU H 137 -9.65 16.54 -18.98
CA GLU H 137 -8.48 16.03 -18.26
C GLU H 137 -7.86 17.20 -17.51
N LEU H 138 -7.79 17.09 -16.18
CA LEU H 138 -7.41 18.21 -15.33
C LEU H 138 -5.90 18.25 -15.21
N TYR H 139 -5.27 19.16 -15.92
CA TYR H 139 -3.83 19.35 -15.88
C TYR H 139 -3.50 20.71 -15.26
N THR H 140 -2.32 20.78 -14.65
CA THR H 140 -1.83 22.04 -14.08
C THR H 140 -0.81 22.74 -14.98
N HIS H 141 -0.17 22.00 -15.88
CA HIS H 141 0.75 22.55 -16.87
C HIS H 141 0.34 22.05 -18.25
N PRO H 142 0.30 22.92 -19.25
CA PRO H 142 -0.17 22.52 -20.58
C PRO H 142 0.69 21.39 -21.13
N PRO H 143 0.06 20.41 -21.78
CA PRO H 143 0.81 19.24 -22.25
C PRO H 143 1.67 19.57 -23.45
N GLU H 144 2.69 18.73 -23.66
CA GLU H 144 3.55 18.89 -24.82
C GLU H 144 2.87 18.42 -26.10
N HIS H 145 1.90 17.52 -25.98
CA HIS H 145 1.17 17.01 -27.13
C HIS H 145 -0.20 16.54 -26.67
N GLY H 146 -1.08 16.33 -27.65
CA GLY H 146 -2.43 15.90 -27.36
C GLY H 146 -3.33 16.01 -28.57
N VAL H 147 -4.49 16.62 -28.39
CA VAL H 147 -5.41 16.88 -29.49
C VAL H 147 -5.87 18.33 -29.38
N GLU H 148 -6.20 18.93 -30.52
CA GLU H 148 -6.58 20.34 -30.54
C GLU H 148 -8.05 20.48 -30.17
N GLN H 149 -8.33 21.31 -29.17
CA GLN H 149 -9.69 21.60 -28.74
C GLN H 149 -9.89 23.11 -28.70
N ALA H 150 -11.13 23.53 -28.89
CA ALA H 150 -11.46 24.94 -28.87
C ALA H 150 -11.39 25.48 -27.45
N CYS H 151 -10.76 26.65 -27.30
CA CYS H 151 -10.67 27.30 -26.01
C CYS H 151 -10.72 28.81 -26.24
N GLN H 152 -10.75 29.55 -25.13
CA GLN H 152 -10.71 31.00 -25.16
C GLN H 152 -9.49 31.46 -24.36
N VAL H 153 -8.61 32.22 -25.02
CA VAL H 153 -7.36 32.67 -24.43
C VAL H 153 -7.25 34.17 -24.66
N TYR H 154 -6.61 34.86 -23.73
CA TYR H 154 -6.36 36.29 -23.89
C TYR H 154 -5.40 36.48 -25.05
N ALA H 155 -5.93 36.93 -26.19
CA ALA H 155 -5.16 36.99 -27.42
C ALA H 155 -4.01 37.99 -27.29
N HIS H 156 -2.89 37.65 -27.93
CA HIS H 156 -1.74 38.55 -27.97
C HIS H 156 -1.86 39.53 -29.15
N ASP H 157 -2.90 40.35 -29.08
CA ASP H 157 -3.06 41.45 -30.00
C ASP H 157 -3.70 42.63 -29.27
N ALA H 158 -3.35 43.84 -29.71
CA ALA H 158 -3.84 45.06 -29.08
C ALA H 158 -4.82 45.81 -29.96
N GLN H 159 -5.50 45.12 -30.86
CA GLN H 159 -6.42 45.77 -31.77
C GLN H 159 -7.63 46.33 -31.01
N ASN H 160 -8.33 47.26 -31.64
CA ASN H 160 -9.44 47.96 -31.01
C ASN H 160 -10.70 47.16 -31.30
N ARG H 161 -11.14 46.38 -30.33
CA ARG H 161 -12.43 45.71 -30.38
C ARG H 161 -13.44 46.54 -29.60
N GLY H 162 -14.63 45.96 -29.35
CA GLY H 162 -15.69 46.71 -28.73
C GLY H 162 -15.43 47.16 -27.30
N ALA H 163 -14.52 46.48 -26.60
CA ALA H 163 -14.29 46.78 -25.19
C ALA H 163 -13.64 48.14 -25.02
N TYR H 164 -14.03 48.86 -23.97
CA TYR H 164 -13.55 50.21 -23.74
C TYR H 164 -13.48 50.50 -22.24
N VAL H 165 -12.58 51.40 -21.88
CA VAL H 165 -12.54 52.02 -20.57
C VAL H 165 -12.57 53.54 -20.77
N GLU H 166 -12.85 54.27 -19.70
CA GLU H 166 -13.03 55.71 -19.79
C GLU H 166 -11.81 56.41 -19.20
N MET H 167 -11.25 57.34 -19.96
CA MET H 167 -10.17 58.18 -19.49
C MET H 167 -10.76 59.50 -19.01
N HIS H 168 -10.29 59.96 -17.86
CA HIS H 168 -10.91 61.08 -17.16
C HIS H 168 -9.87 62.16 -16.89
N LEU H 169 -10.37 63.35 -16.57
CA LEU H 169 -9.51 64.46 -16.19
C LEU H 169 -8.98 64.21 -14.77
N PRO H 170 -7.67 64.20 -14.56
CA PRO H 170 -7.15 63.89 -13.24
C PRO H 170 -7.45 64.99 -12.23
N GLY H 171 -7.61 64.57 -10.98
CA GLY H 171 -7.75 65.53 -9.90
C GLY H 171 -6.42 66.10 -9.47
N SER H 172 -6.50 67.20 -8.71
CA SER H 172 -5.29 67.82 -8.20
C SER H 172 -4.61 66.91 -7.18
N GLU H 173 -3.29 66.81 -7.27
CA GLU H 173 -2.51 65.95 -6.40
C GLU H 173 -1.71 66.82 -5.44
N VAL H 174 -1.94 66.63 -4.14
CA VAL H 174 -1.23 67.41 -3.13
C VAL H 174 0.24 67.06 -3.17
N ASP H 175 1.09 68.08 -3.04
CA ASP H 175 2.54 67.89 -2.96
C ASP H 175 3.05 68.77 -1.84
N SER H 176 3.57 68.16 -0.78
CA SER H 176 4.14 68.89 0.34
C SER H 176 5.60 69.25 0.15
N SER H 177 6.24 68.75 -0.90
CA SER H 177 7.61 69.14 -1.19
C SER H 177 7.69 70.54 -1.77
N LEU H 178 6.62 71.00 -2.43
CA LEU H 178 6.60 72.37 -2.92
C LEU H 178 6.62 73.37 -1.77
N VAL H 179 5.91 73.06 -0.70
CA VAL H 179 5.83 73.96 0.46
C VAL H 179 7.13 73.88 1.24
N SER H 180 7.77 75.03 1.44
CA SER H 180 8.97 75.13 2.25
C SER H 180 8.82 76.31 3.19
N LEU H 181 9.74 76.43 4.15
CA LEU H 181 9.71 77.50 5.14
C LEU H 181 10.94 78.38 4.95
N SER H 182 10.72 79.62 4.50
CA SER H 182 11.79 80.60 4.35
C SER H 182 11.71 81.56 5.53
N GLY H 183 12.79 81.65 6.30
CA GLY H 183 12.72 82.41 7.53
C GLY H 183 11.69 81.81 8.46
N SER H 184 10.72 82.63 8.84
CA SER H 184 9.57 82.17 9.62
C SER H 184 8.28 82.24 8.82
N SER H 185 8.36 82.30 7.50
CA SER H 185 7.20 82.42 6.63
C SER H 185 7.17 81.28 5.63
N VAL H 186 6.00 80.66 5.47
CA VAL H 186 5.84 79.61 4.48
C VAL H 186 5.98 80.20 3.08
N THR H 187 6.52 79.43 2.16
CA THR H 187 6.58 79.80 0.75
C THR H 187 6.30 78.57 -0.10
N VAL H 188 5.79 78.82 -1.31
CA VAL H 188 5.46 77.78 -2.26
C VAL H 188 6.21 78.08 -3.56
N THR H 189 6.94 77.08 -4.05
CA THR H 189 7.70 77.17 -5.29
C THR H 189 7.21 76.07 -6.22
N PRO H 190 6.24 76.35 -7.09
CA PRO H 190 5.71 75.30 -7.95
C PRO H 190 6.77 74.84 -8.94
N PRO H 191 6.69 73.59 -9.42
CA PRO H 191 7.66 73.12 -10.40
C PRO H 191 7.58 73.95 -11.67
N ASP H 192 8.74 74.11 -12.32
CA ASP H 192 8.84 75.00 -13.47
C ASP H 192 7.88 74.59 -14.58
N GLY H 193 7.13 75.57 -15.08
CA GLY H 193 6.22 75.36 -16.18
C GLY H 193 4.79 75.02 -15.80
N THR H 194 4.53 74.74 -14.52
CA THR H 194 3.20 74.36 -14.07
C THR H 194 2.79 75.21 -12.88
N SER H 195 1.48 75.45 -12.76
CA SER H 195 0.94 76.21 -11.64
C SER H 195 0.75 75.30 -10.44
N ALA H 196 0.26 75.86 -9.34
CA ALA H 196 0.03 75.09 -8.13
C ALA H 196 -0.97 75.83 -7.25
N LEU H 197 -2.16 75.27 -7.09
CA LEU H 197 -3.12 75.79 -6.13
C LEU H 197 -2.51 75.75 -4.73
N VAL H 198 -2.74 76.80 -3.94
CA VAL H 198 -2.26 76.88 -2.58
C VAL H 198 -3.43 77.21 -1.69
N GLU H 199 -3.85 76.25 -0.86
CA GLU H 199 -4.95 76.42 0.06
C GLU H 199 -4.39 76.45 1.48
N CYS H 200 -4.65 77.55 2.17
CA CYS H 200 -4.13 77.75 3.52
C CYS H 200 -5.21 78.29 4.43
N GLU H 201 -5.25 77.77 5.67
CA GLU H 201 -6.14 78.27 6.71
C GLU H 201 -5.31 78.54 7.96
N CYS H 202 -4.63 79.68 7.97
CA CYS H 202 -4.16 80.38 9.15
C CYS H 202 -5.06 81.57 9.37
N GLY H 203 -4.65 82.49 10.25
CA GLY H 203 -5.39 83.73 10.37
C GLY H 203 -5.46 84.41 9.01
N GLY H 204 -6.64 84.34 8.38
CA GLY H 204 -6.77 84.69 6.98
C GLY H 204 -6.64 83.46 6.10
N THR H 205 -7.57 83.28 5.16
CA THR H 205 -7.64 82.08 4.34
C THR H 205 -7.14 82.39 2.93
N LYS H 206 -6.25 81.54 2.42
CA LYS H 206 -5.64 81.71 1.10
C LYS H 206 -6.11 80.62 0.17
N ILE H 207 -6.61 81.01 -1.01
CA ILE H 207 -7.05 80.08 -2.03
C ILE H 207 -6.26 80.37 -3.30
N SER H 208 -4.99 80.72 -3.14
CA SER H 208 -4.24 81.28 -4.27
C SER H 208 -3.98 80.24 -5.34
N GLU H 209 -4.75 80.29 -6.43
CA GLU H 209 -4.65 79.26 -7.46
C GLU H 209 -3.51 79.57 -8.43
N THR H 210 -3.45 80.80 -8.92
CA THR H 210 -2.57 81.13 -10.03
C THR H 210 -1.23 81.66 -9.52
N ILE H 211 -0.45 80.76 -8.94
CA ILE H 211 0.97 81.00 -8.69
C ILE H 211 1.76 80.15 -9.68
N ASN H 212 2.80 80.74 -10.24
CA ASN H 212 3.56 80.08 -11.30
C ASN H 212 5.04 79.97 -11.03
N LYS H 213 5.64 80.91 -10.30
CA LYS H 213 7.07 80.91 -10.06
C LYS H 213 7.41 80.70 -8.59
N THR H 214 6.99 81.61 -7.72
CA THR H 214 7.22 81.55 -6.28
C THR H 214 6.14 82.37 -5.61
N LYS H 215 5.94 82.13 -4.32
CA LYS H 215 5.09 83.02 -3.52
C LYS H 215 5.35 82.78 -2.05
N GLN H 216 5.63 83.85 -1.30
CA GLN H 216 5.82 83.78 0.13
C GLN H 216 4.54 84.24 0.84
N PHE H 217 3.95 83.35 1.63
CA PHE H 217 2.70 83.64 2.34
C PHE H 217 3.06 83.86 3.81
N SER H 218 3.46 85.08 4.15
CA SER H 218 3.88 85.39 5.52
C SER H 218 2.73 85.31 6.52
N GLN H 219 1.48 85.26 6.06
CA GLN H 219 0.37 85.10 7.00
C GLN H 219 0.46 83.76 7.73
N CYS H 220 0.74 82.69 6.99
CA CYS H 220 0.90 81.36 7.57
C CYS H 220 2.36 81.15 7.94
N THR H 221 2.60 80.59 9.12
CA THR H 221 3.95 80.50 9.67
C THR H 221 4.45 79.07 9.85
N LYS H 222 3.74 78.08 9.35
CA LYS H 222 4.16 76.69 9.50
C LYS H 222 3.88 75.91 8.21
N LYS H 223 4.83 75.06 7.82
CA LYS H 223 4.62 74.20 6.66
C LYS H 223 3.47 73.23 6.90
N GLU H 224 3.39 72.65 8.10
CA GLU H 224 2.34 71.71 8.46
C GLU H 224 0.96 72.34 8.48
N GLN H 225 0.85 73.64 8.19
CA GLN H 225 -0.40 74.36 8.36
C GLN H 225 -1.25 74.40 7.10
N CYS H 226 -0.67 74.29 5.91
CA CYS H 226 -1.48 74.45 4.71
C CYS H 226 -0.83 73.72 3.54
N ARG H 227 -1.63 73.52 2.48
CA ARG H 227 -1.34 72.52 1.48
C ARG H 227 -1.28 73.12 0.08
N ALA H 228 -0.33 72.65 -0.71
CA ALA H 228 -0.19 73.03 -2.12
C ALA H 228 -0.50 71.83 -2.99
N TYR H 229 -1.45 71.99 -3.91
CA TYR H 229 -1.81 70.96 -4.87
C TYR H 229 -1.25 71.37 -6.23
N ARG H 230 -0.43 70.49 -6.82
CA ARG H 230 0.11 70.76 -8.14
C ARG H 230 -0.96 70.51 -9.19
N LEU H 231 -1.12 71.46 -10.11
CA LEU H 231 -2.13 71.38 -11.16
C LEU H 231 -1.47 71.02 -12.48
N GLN H 232 -1.90 69.90 -13.08
CA GLN H 232 -1.46 69.53 -14.41
C GLN H 232 -2.60 69.55 -15.41
N ASN H 233 -3.66 68.77 -15.17
CA ASN H 233 -4.92 68.82 -15.93
C ASN H 233 -4.73 68.96 -17.43
N ASP H 234 -3.71 68.31 -17.99
CA ASP H 234 -3.48 68.34 -19.42
C ASP H 234 -3.38 66.93 -19.97
N LYS H 235 -2.83 66.02 -19.18
CA LYS H 235 -2.79 64.60 -19.50
C LYS H 235 -3.83 63.89 -18.66
N TRP H 236 -4.73 63.17 -19.32
CA TRP H 236 -5.86 62.54 -18.66
C TRP H 236 -5.48 61.16 -18.14
N VAL H 237 -6.23 60.68 -17.15
CA VAL H 237 -5.97 59.39 -16.53
C VAL H 237 -7.26 58.58 -16.49
N TYR H 238 -7.09 57.27 -16.36
CA TYR H 238 -8.23 56.38 -16.16
C TYR H 238 -8.90 56.69 -14.83
N ASN H 239 -10.22 56.52 -14.77
CA ASN H 239 -10.97 56.92 -13.59
C ASN H 239 -10.69 55.97 -12.43
N SER H 240 -9.49 56.05 -11.88
CA SER H 240 -9.03 55.06 -10.93
C SER H 240 -9.80 55.13 -9.62
N ASP H 241 -9.88 53.98 -8.95
CA ASP H 241 -10.47 53.91 -7.62
C ASP H 241 -9.64 54.67 -6.59
N LYS H 242 -8.34 54.82 -6.83
CA LYS H 242 -7.40 55.31 -5.83
C LYS H 242 -6.86 56.70 -6.16
N LEU H 243 -7.62 57.48 -6.91
CA LEU H 243 -7.25 58.85 -7.24
C LEU H 243 -8.38 59.79 -6.87
N PRO H 244 -8.06 61.00 -6.43
CA PRO H 244 -9.12 61.98 -6.13
C PRO H 244 -9.83 62.40 -7.41
N LYS H 245 -11.11 62.72 -7.27
CA LYS H 245 -11.92 63.14 -8.40
C LYS H 245 -11.78 64.64 -8.62
N ALA H 246 -11.97 65.05 -9.87
CA ALA H 246 -11.90 66.45 -10.25
C ALA H 246 -13.30 67.06 -10.31
N ALA H 247 -13.36 68.37 -10.15
CA ALA H 247 -14.64 69.07 -10.15
C ALA H 247 -15.23 69.11 -11.55
N GLY H 248 -16.56 69.11 -11.61
CA GLY H 248 -17.27 69.19 -12.87
C GLY H 248 -17.24 67.88 -13.64
N ALA H 249 -17.64 67.97 -14.90
CA ALA H 249 -17.61 66.81 -15.78
C ALA H 249 -16.17 66.46 -16.11
N THR H 250 -15.79 65.20 -15.85
CA THR H 250 -14.41 64.77 -15.95
C THR H 250 -14.16 63.80 -17.10
N LEU H 251 -15.20 63.23 -17.69
CA LEU H 251 -15.00 62.27 -18.78
C LEU H 251 -14.42 62.97 -19.98
N LYS H 252 -13.35 62.40 -20.54
CA LYS H 252 -12.61 63.06 -21.62
C LYS H 252 -12.32 62.16 -22.82
N GLY H 253 -12.79 60.92 -22.82
CA GLY H 253 -12.57 60.05 -23.96
C GLY H 253 -12.82 58.60 -23.59
N LYS H 254 -12.37 57.70 -24.47
CA LYS H 254 -12.53 56.27 -24.26
C LYS H 254 -11.29 55.56 -24.81
N LEU H 255 -10.52 54.94 -23.93
CA LEU H 255 -9.45 54.05 -24.33
C LEU H 255 -10.01 52.67 -24.66
N HIS H 256 -9.31 51.95 -25.53
CA HIS H 256 -9.70 50.57 -25.79
C HIS H 256 -8.90 49.62 -24.91
N VAL H 257 -9.39 48.38 -24.82
CA VAL H 257 -8.80 47.36 -23.95
C VAL H 257 -8.08 46.36 -24.84
N PRO H 258 -6.76 46.26 -24.76
CA PRO H 258 -6.04 45.24 -25.53
C PRO H 258 -6.11 43.88 -24.84
N PHE H 259 -5.63 42.87 -25.56
CA PHE H 259 -5.54 41.50 -25.06
C PHE H 259 -6.89 41.00 -24.56
N LEU H 260 -7.90 41.07 -25.43
CA LEU H 260 -9.20 40.56 -25.06
C LEU H 260 -9.24 39.05 -25.22
N LEU H 261 -10.26 38.44 -24.63
CA LEU H 261 -10.40 36.99 -24.61
C LEU H 261 -10.97 36.55 -25.96
N ALA H 262 -10.17 35.85 -26.75
CA ALA H 262 -10.54 35.45 -28.09
C ALA H 262 -10.51 33.94 -28.22
N ASP H 263 -11.29 33.44 -29.17
CA ASP H 263 -11.39 32.00 -29.42
C ASP H 263 -10.20 31.51 -30.23
N GLY H 264 -9.75 30.31 -29.90
CA GLY H 264 -8.69 29.68 -30.64
C GLY H 264 -8.69 28.19 -30.36
N LYS H 265 -7.64 27.52 -30.83
CA LYS H 265 -7.44 26.10 -30.59
C LYS H 265 -6.19 25.92 -29.74
N CYS H 266 -6.29 25.06 -28.73
CA CYS H 266 -5.16 24.73 -27.87
C CYS H 266 -5.05 23.23 -27.71
N THR H 267 -3.84 22.76 -27.43
CA THR H 267 -3.59 21.33 -27.29
C THR H 267 -3.96 20.87 -25.89
N VAL H 268 -4.82 19.86 -25.81
CA VAL H 268 -5.24 19.27 -24.55
C VAL H 268 -4.66 17.85 -24.50
N PRO H 269 -4.44 17.28 -23.32
CA PRO H 269 -3.84 15.94 -23.25
C PRO H 269 -4.78 14.89 -23.82
N LEU H 270 -4.25 13.67 -23.91
CA LEU H 270 -5.01 12.53 -24.40
C LEU H 270 -4.74 11.37 -23.46
N ALA H 271 -5.77 10.97 -22.71
CA ALA H 271 -5.60 9.98 -21.67
C ALA H 271 -5.24 8.62 -22.27
N PRO H 272 -4.54 7.78 -21.50
CA PRO H 272 -4.21 6.45 -22.01
C PRO H 272 -5.46 5.65 -22.37
N GLU H 273 -5.34 4.85 -23.41
CA GLU H 273 -6.48 4.10 -23.92
C GLU H 273 -7.01 3.17 -22.83
N PRO H 274 -8.31 3.18 -22.55
CA PRO H 274 -8.86 2.26 -21.56
C PRO H 274 -8.70 0.81 -22.01
N MET H 275 -8.48 -0.07 -21.03
CA MET H 275 -8.33 -1.49 -21.29
C MET H 275 -9.70 -2.14 -21.09
N ILE H 276 -10.31 -2.59 -22.18
CA ILE H 276 -11.70 -2.97 -22.20
C ILE H 276 -11.81 -4.49 -22.30
N THR H 277 -12.59 -5.08 -21.39
CA THR H 277 -12.91 -6.51 -21.44
C THR H 277 -14.41 -6.66 -21.57
N PHE H 278 -14.83 -7.53 -22.49
CA PHE H 278 -16.24 -7.75 -22.78
C PHE H 278 -16.73 -9.04 -22.14
N GLY H 279 -17.92 -8.97 -21.54
CA GLY H 279 -18.60 -10.15 -21.04
C GLY H 279 -20.07 -10.06 -21.40
N PHE H 280 -20.84 -11.10 -21.07
CA PHE H 280 -22.24 -11.15 -21.44
C PHE H 280 -22.97 -9.95 -20.84
N ARG H 281 -23.34 -9.00 -21.70
CA ARG H 281 -24.01 -7.77 -21.27
C ARG H 281 -23.19 -7.04 -20.21
N SER H 282 -21.88 -6.97 -20.41
CA SER H 282 -21.02 -6.28 -19.47
C SER H 282 -19.77 -5.78 -20.17
N VAL H 283 -19.31 -4.60 -19.77
CA VAL H 283 -18.03 -4.07 -20.23
C VAL H 283 -17.26 -3.60 -19.00
N SER H 284 -16.06 -4.13 -18.83
CA SER H 284 -15.19 -3.72 -17.74
C SER H 284 -14.06 -2.86 -18.30
N LEU H 285 -13.92 -1.64 -17.78
CA LEU H 285 -12.90 -0.70 -18.20
C LEU H 285 -11.85 -0.61 -17.12
N LYS H 286 -10.60 -0.89 -17.47
CA LYS H 286 -9.48 -0.67 -16.58
C LYS H 286 -8.77 0.60 -17.04
N LEU H 287 -8.68 1.58 -16.15
CA LEU H 287 -8.30 2.94 -16.48
C LEU H 287 -7.06 3.33 -15.68
N HIS H 288 -6.04 3.83 -16.37
CA HIS H 288 -4.79 4.26 -15.75
C HIS H 288 -4.52 5.70 -16.20
N PRO H 289 -5.08 6.69 -15.51
CA PRO H 289 -4.89 8.08 -15.93
C PRO H 289 -3.58 8.65 -15.41
N LYS H 290 -3.04 9.60 -16.20
CA LYS H 290 -1.88 10.36 -15.77
C LYS H 290 -2.28 11.66 -15.06
N ASN H 291 -3.42 12.21 -15.42
CA ASN H 291 -4.01 13.39 -14.80
C ASN H 291 -5.42 13.05 -14.37
N PRO H 292 -5.97 13.79 -13.40
CA PRO H 292 -7.38 13.58 -13.05
C PRO H 292 -8.29 13.71 -14.27
N THR H 293 -8.88 12.60 -14.68
CA THR H 293 -9.59 12.49 -15.95
C THR H 293 -11.06 12.22 -15.71
N TYR H 294 -11.91 12.80 -16.55
CA TYR H 294 -13.35 12.64 -16.40
C TYR H 294 -13.84 11.47 -17.24
N LEU H 295 -14.55 10.56 -16.61
CA LEU H 295 -15.24 9.46 -17.28
C LEU H 295 -16.73 9.74 -17.24
N ILE H 296 -17.34 9.89 -18.42
CA ILE H 296 -18.77 10.13 -18.55
C ILE H 296 -19.39 8.93 -19.25
N THR H 297 -20.59 8.56 -18.84
CA THR H 297 -21.20 7.32 -19.29
C THR H 297 -22.71 7.49 -19.37
N ARG H 298 -23.31 6.94 -20.43
CA ARG H 298 -24.76 7.02 -20.55
C ARG H 298 -25.30 5.85 -21.37
N GLN H 299 -26.47 5.36 -20.96
CA GLN H 299 -27.21 4.38 -21.75
C GLN H 299 -27.88 5.06 -22.92
N LEU H 300 -27.92 4.38 -24.06
CA LEU H 300 -28.62 4.89 -25.24
C LEU H 300 -30.07 4.41 -25.26
N ALA H 301 -30.78 4.73 -24.18
CA ALA H 301 -32.15 4.26 -23.97
C ALA H 301 -32.98 5.44 -23.47
N ASP H 302 -34.21 5.13 -23.04
CA ASP H 302 -35.11 6.17 -22.54
C ASP H 302 -34.61 6.73 -21.22
N GLU H 303 -33.90 5.94 -20.43
CA GLU H 303 -33.30 6.40 -19.19
C GLU H 303 -31.79 6.31 -19.30
N PRO H 304 -31.10 7.40 -19.60
CA PRO H 304 -29.64 7.31 -19.80
C PRO H 304 -28.89 6.82 -18.57
N HIS H 305 -29.35 7.18 -17.37
CA HIS H 305 -28.65 6.83 -16.13
C HIS H 305 -27.18 7.22 -16.21
N TYR H 306 -26.94 8.46 -16.62
CA TYR H 306 -25.58 8.91 -16.87
C TYR H 306 -24.78 8.97 -15.58
N THR H 307 -23.53 8.52 -15.65
CA THR H 307 -22.58 8.67 -14.57
C THR H 307 -21.48 9.60 -15.01
N HIS H 308 -20.97 10.40 -14.07
CA HIS H 308 -19.96 11.42 -14.36
C HIS H 308 -18.97 11.40 -13.20
N GLU H 309 -17.80 10.84 -13.43
CA GLU H 309 -16.84 10.62 -12.35
C GLU H 309 -15.50 11.23 -12.72
N LEU H 310 -14.75 11.66 -11.70
CA LEU H 310 -13.38 12.12 -11.87
C LEU H 310 -12.45 11.08 -11.26
N ILE H 311 -11.52 10.59 -12.07
CA ILE H 311 -10.68 9.45 -11.72
C ILE H 311 -9.24 9.93 -11.72
N SER H 312 -8.56 9.75 -10.58
CA SER H 312 -7.17 10.12 -10.41
C SER H 312 -6.25 8.92 -10.30
N GLU H 313 -6.62 7.92 -9.52
CA GLU H 313 -5.89 6.69 -9.32
C GLU H 313 -6.36 5.63 -10.32
N PRO H 314 -5.56 4.61 -10.58
CA PRO H 314 -6.01 3.53 -11.47
C PRO H 314 -7.28 2.88 -10.93
N ALA H 315 -8.20 2.55 -11.84
CA ALA H 315 -9.52 2.09 -11.42
C ALA H 315 -10.01 1.01 -12.38
N VAL H 316 -10.95 0.20 -11.89
CA VAL H 316 -11.67 -0.75 -12.70
C VAL H 316 -13.16 -0.49 -12.52
N ARG H 317 -13.85 -0.20 -13.61
CA ARG H 317 -15.27 0.13 -13.57
C ARG H 317 -16.03 -0.82 -14.49
N ASN H 318 -17.00 -1.54 -13.93
CA ASN H 318 -17.87 -2.41 -14.70
C ASN H 318 -19.17 -1.68 -15.01
N PHE H 319 -19.65 -1.84 -16.24
CA PHE H 319 -20.94 -1.28 -16.63
C PHE H 319 -21.72 -2.34 -17.38
N THR H 320 -23.04 -2.21 -17.33
CA THR H 320 -23.95 -3.15 -17.99
C THR H 320 -24.36 -2.57 -19.32
N VAL H 321 -24.09 -3.30 -20.40
CA VAL H 321 -24.43 -2.90 -21.76
C VAL H 321 -25.53 -3.83 -22.25
N THR H 322 -26.66 -3.26 -22.65
CA THR H 322 -27.80 -4.01 -23.13
C THR H 322 -27.90 -3.88 -24.65
N GLU H 323 -28.95 -4.47 -25.21
CA GLU H 323 -29.16 -4.38 -26.65
C GLU H 323 -29.52 -2.97 -27.08
N LYS H 324 -29.89 -2.10 -26.14
CA LYS H 324 -30.27 -0.74 -26.50
C LYS H 324 -29.05 0.12 -26.80
N GLY H 325 -27.96 -0.09 -26.08
CA GLY H 325 -26.73 0.64 -26.31
C GLY H 325 -26.15 1.20 -25.02
N TRP H 326 -24.90 1.65 -25.13
CA TRP H 326 -24.19 2.22 -24.00
C TRP H 326 -22.93 2.93 -24.48
N GLU H 327 -22.74 4.20 -24.13
CA GLU H 327 -21.56 4.92 -24.60
C GLU H 327 -20.81 5.53 -23.44
N PHE H 328 -19.50 5.69 -23.63
CA PHE H 328 -18.65 6.33 -22.65
C PHE H 328 -17.66 7.27 -23.32
N VAL H 329 -17.35 8.35 -22.61
CA VAL H 329 -16.33 9.32 -23.00
C VAL H 329 -15.26 9.29 -21.91
N TRP H 330 -14.03 8.99 -22.31
CA TRP H 330 -12.89 8.90 -21.41
C TRP H 330 -11.96 10.07 -21.71
N GLY H 331 -11.99 11.09 -20.86
CA GLY H 331 -11.16 12.25 -21.09
C GLY H 331 -11.52 12.97 -22.37
N ASN H 332 -10.52 13.27 -23.17
CA ASN H 332 -10.70 13.99 -24.43
C ASN H 332 -10.87 13.05 -25.62
N HIS H 333 -10.95 11.75 -25.38
CA HIS H 333 -11.22 10.81 -26.45
C HIS H 333 -12.64 10.99 -26.98
N PRO H 334 -12.88 10.69 -28.25
CA PRO H 334 -14.23 10.73 -28.78
C PRO H 334 -15.09 9.66 -28.10
N PRO H 335 -16.40 9.89 -27.99
CA PRO H 335 -17.26 8.90 -27.33
C PRO H 335 -17.27 7.59 -28.09
N LYS H 336 -17.31 6.49 -27.32
CA LYS H 336 -17.35 5.15 -27.89
C LYS H 336 -18.65 4.48 -27.47
N ARG H 337 -19.34 3.87 -28.44
CA ARG H 337 -20.64 3.25 -28.23
C ARG H 337 -20.53 1.75 -28.39
N PHE H 338 -21.29 1.03 -27.57
CA PHE H 338 -21.25 -0.42 -27.54
C PHE H 338 -22.67 -0.97 -27.43
N TRP H 339 -22.90 -2.10 -28.07
CA TRP H 339 -24.17 -2.80 -28.03
C TRP H 339 -23.92 -4.27 -27.71
N ALA H 340 -24.83 -4.87 -26.96
CA ALA H 340 -24.66 -6.26 -26.54
C ALA H 340 -25.20 -7.23 -27.58
N GLN H 341 -24.78 -8.49 -27.46
CA GLN H 341 -25.29 -9.56 -28.29
C GLN H 341 -25.64 -10.76 -27.41
N GLU H 342 -26.50 -11.63 -27.94
CA GLU H 342 -27.05 -12.76 -27.20
C GLU H 342 -26.02 -13.89 -27.19
N THR H 343 -25.16 -13.89 -26.18
CA THR H 343 -24.10 -14.89 -26.03
C THR H 343 -24.07 -15.43 -24.61
N ALA H 344 -25.22 -15.81 -24.08
CA ALA H 344 -25.31 -16.24 -22.70
C ALA H 344 -24.60 -17.57 -22.49
N PRO H 345 -24.07 -17.81 -21.28
CA PRO H 345 -23.55 -19.14 -20.96
C PRO H 345 -24.67 -20.17 -20.94
N GLY H 346 -24.32 -21.39 -21.33
CA GLY H 346 -25.29 -22.47 -21.43
C GLY H 346 -25.55 -22.85 -22.88
N ASN H 347 -26.26 -23.97 -23.03
CA ASN H 347 -26.59 -24.48 -24.35
C ASN H 347 -28.07 -24.80 -24.42
N PRO H 348 -28.81 -24.20 -25.36
CA PRO H 348 -30.24 -24.54 -25.48
C PRO H 348 -30.48 -25.91 -26.08
N HIS H 349 -29.57 -26.42 -26.89
CA HIS H 349 -29.68 -27.76 -27.46
C HIS H 349 -28.95 -28.79 -26.60
N GLY H 350 -29.29 -28.84 -25.33
CA GLY H 350 -28.61 -29.70 -24.38
C GLY H 350 -29.51 -30.14 -23.25
N LEU H 351 -28.90 -30.48 -22.12
CA LEU H 351 -29.62 -31.01 -20.99
C LEU H 351 -30.49 -29.93 -20.34
N PRO H 352 -31.49 -30.32 -19.57
CA PRO H 352 -32.41 -29.32 -18.99
C PRO H 352 -31.71 -28.27 -18.13
N HIS H 353 -30.69 -28.64 -17.37
CA HIS H 353 -30.00 -27.64 -16.55
C HIS H 353 -29.31 -26.59 -17.42
N GLU H 354 -28.67 -27.02 -18.50
CA GLU H 354 -28.05 -26.07 -19.42
C GLU H 354 -29.10 -25.17 -20.07
N VAL H 355 -30.25 -25.73 -20.43
CA VAL H 355 -31.31 -24.93 -21.03
C VAL H 355 -31.80 -23.88 -20.05
N ILE H 356 -32.02 -24.27 -18.80
CA ILE H 356 -32.48 -23.34 -17.79
C ILE H 356 -31.45 -22.26 -17.53
N THR H 357 -30.17 -22.64 -17.49
CA THR H 357 -29.13 -21.63 -17.30
C THR H 357 -29.10 -20.64 -18.46
N HIS H 358 -29.21 -21.14 -19.70
CA HIS H 358 -29.18 -20.25 -20.86
C HIS H 358 -30.36 -19.30 -20.87
N TYR H 359 -31.56 -19.81 -20.57
CA TYR H 359 -32.75 -18.97 -20.61
C TYR H 359 -33.01 -18.24 -19.30
N TYR H 360 -32.15 -18.39 -18.30
CA TYR H 360 -32.18 -17.55 -17.11
C TYR H 360 -31.15 -16.43 -17.17
N HIS H 361 -29.95 -16.71 -17.68
CA HIS H 361 -29.00 -15.64 -17.95
C HIS H 361 -29.57 -14.67 -18.98
N ARG H 362 -30.17 -15.19 -20.04
CA ARG H 362 -31.03 -14.40 -20.90
C ARG H 362 -32.42 -14.36 -20.29
N TYR H 363 -33.24 -13.42 -20.74
CA TYR H 363 -34.65 -13.31 -20.40
C TYR H 363 -34.94 -13.60 -18.92
N PRO H 364 -34.31 -12.89 -17.98
CA PRO H 364 -34.62 -13.14 -16.56
C PRO H 364 -36.02 -12.66 -16.23
N MET H 365 -36.60 -13.28 -15.20
CA MET H 365 -37.95 -13.00 -14.72
C MET H 365 -38.98 -13.47 -15.74
N SER H 366 -38.51 -13.96 -16.89
CA SER H 366 -39.36 -14.63 -17.86
C SER H 366 -39.19 -16.14 -17.83
N THR H 367 -38.08 -16.63 -17.26
CA THR H 367 -37.88 -18.04 -17.00
C THR H 367 -38.33 -18.43 -15.60
N ILE H 368 -38.01 -17.63 -14.60
CA ILE H 368 -38.43 -17.92 -13.22
C ILE H 368 -39.96 -17.95 -13.14
N LEU H 369 -40.62 -16.99 -13.80
CA LEU H 369 -42.08 -17.00 -13.82
C LEU H 369 -42.61 -18.15 -14.66
N GLY H 370 -42.06 -18.33 -15.86
CA GLY H 370 -42.55 -19.38 -16.74
C GLY H 370 -42.33 -20.77 -16.19
N LEU H 371 -41.12 -21.02 -15.66
CA LEU H 371 -40.83 -22.34 -15.11
C LEU H 371 -41.71 -22.64 -13.90
N SER H 372 -41.91 -21.65 -13.04
CA SER H 372 -42.77 -21.85 -11.88
C SER H 372 -44.21 -22.12 -12.29
N ILE H 373 -44.71 -21.39 -13.29
CA ILE H 373 -46.07 -21.62 -13.78
C ILE H 373 -46.19 -23.03 -14.36
N CYS H 374 -45.20 -23.45 -15.15
CA CYS H 374 -45.23 -24.79 -15.74
C CYS H 374 -45.21 -25.86 -14.65
N ALA H 375 -44.36 -25.70 -13.64
CA ALA H 375 -44.28 -26.67 -12.56
C ALA H 375 -45.59 -26.72 -11.77
N ALA H 376 -46.18 -25.57 -11.49
CA ALA H 376 -47.44 -25.54 -10.76
C ALA H 376 -48.55 -26.21 -11.54
N ILE H 377 -48.62 -25.94 -12.85
CA ILE H 377 -49.65 -26.57 -13.68
C ILE H 377 -49.44 -28.08 -13.72
N ALA H 378 -48.19 -28.53 -13.87
CA ALA H 378 -47.92 -29.96 -13.90
C ALA H 378 -48.29 -30.63 -12.59
N THR H 379 -47.95 -30.01 -11.46
CA THR H 379 -48.29 -30.61 -10.17
C THR H 379 -49.80 -30.66 -9.96
N VAL H 380 -50.51 -29.58 -10.33
CA VAL H 380 -51.96 -29.58 -10.19
C VAL H 380 -52.57 -30.67 -11.08
N SER H 381 -52.08 -30.80 -12.31
CA SER H 381 -52.59 -31.82 -13.21
C SER H 381 -52.35 -33.23 -12.66
N VAL H 382 -51.16 -33.48 -12.14
CA VAL H 382 -50.86 -34.81 -11.61
C VAL H 382 -51.74 -35.11 -10.40
N ALA H 383 -51.88 -34.14 -9.49
CA ALA H 383 -52.72 -34.34 -8.32
C ALA H 383 -54.17 -34.59 -8.71
N ALA H 384 -54.69 -33.80 -9.67
CA ALA H 384 -56.08 -34.00 -10.11
C ALA H 384 -56.26 -35.35 -10.77
N SER H 385 -55.30 -35.77 -11.59
CA SER H 385 -55.41 -37.08 -12.24
C SER H 385 -55.42 -38.20 -11.21
N THR H 386 -54.55 -38.09 -10.19
CA THR H 386 -54.54 -39.09 -9.13
C THR H 386 -55.87 -39.09 -8.38
N TRP H 387 -56.43 -37.89 -8.14
CA TRP H 387 -57.69 -37.80 -7.40
C TRP H 387 -58.83 -38.46 -8.19
N LEU H 388 -58.94 -38.16 -9.49
CA LEU H 388 -59.96 -38.81 -10.29
C LEU H 388 -59.74 -40.31 -10.42
N PHE H 389 -58.48 -40.76 -10.51
CA PHE H 389 -58.24 -42.19 -10.59
C PHE H 389 -58.68 -42.89 -9.30
N CYS H 390 -58.35 -42.31 -8.15
CA CYS H 390 -58.77 -42.90 -6.88
C CYS H 390 -60.27 -42.88 -6.73
N ARG H 391 -60.92 -41.78 -7.12
CA ARG H 391 -62.38 -41.71 -7.05
C ARG H 391 -63.03 -42.75 -7.96
N SER H 392 -62.47 -42.94 -9.16
CA SER H 392 -63.02 -43.95 -10.08
C SER H 392 -62.82 -45.35 -9.52
N ARG H 393 -61.66 -45.62 -8.92
CA ARG H 393 -61.43 -46.93 -8.32
C ARG H 393 -62.41 -47.19 -7.18
N VAL H 394 -62.64 -46.19 -6.34
CA VAL H 394 -63.60 -46.34 -5.25
C VAL H 394 -65.01 -46.57 -5.79
N ALA H 395 -65.41 -45.77 -6.77
CA ALA H 395 -66.75 -45.89 -7.33
C ALA H 395 -66.96 -47.19 -8.10
N CYS H 396 -65.89 -47.80 -8.58
CA CYS H 396 -66.00 -49.07 -9.29
C CYS H 396 -65.84 -50.28 -8.38
N LEU H 397 -65.24 -50.11 -7.20
CA LEU H 397 -65.04 -51.22 -6.28
C LEU H 397 -66.08 -51.30 -5.17
N THR H 398 -66.49 -50.17 -4.60
CA THR H 398 -67.44 -50.21 -3.49
C THR H 398 -68.75 -50.92 -3.81
N PRO H 399 -69.35 -50.80 -5.00
CA PRO H 399 -70.53 -51.64 -5.29
C PRO H 399 -70.23 -53.11 -5.18
N TYR H 400 -69.03 -53.53 -5.55
CA TYR H 400 -68.61 -54.92 -5.38
C TYR H 400 -67.94 -55.18 -4.03
N ARG H 401 -67.40 -54.15 -3.39
CA ARG H 401 -66.63 -54.36 -2.17
C ARG H 401 -67.52 -54.68 -0.98
N LEU H 402 -68.63 -53.96 -0.83
CA LEU H 402 -69.46 -54.09 0.37
C LEU H 402 -70.46 -55.23 0.27
N THR H 403 -70.37 -56.08 -0.76
CA THR H 403 -71.12 -57.32 -0.77
C THR H 403 -70.68 -58.17 0.42
N PRO H 404 -71.62 -58.77 1.16
CA PRO H 404 -71.23 -59.48 2.39
C PRO H 404 -70.18 -60.56 2.19
N ASN H 405 -70.22 -61.28 1.07
CA ASN H 405 -69.20 -62.29 0.81
C ASN H 405 -67.99 -61.75 0.05
N ALA H 406 -68.05 -60.50 -0.41
CA ALA H 406 -66.92 -59.81 -1.03
C ALA H 406 -66.38 -60.60 -2.24
N ARG H 407 -67.24 -60.72 -3.25
CA ARG H 407 -66.88 -61.34 -4.52
C ARG H 407 -66.55 -60.23 -5.51
N ILE H 408 -65.28 -60.16 -5.92
CA ILE H 408 -64.85 -59.15 -6.89
C ILE H 408 -64.05 -59.76 -8.04
N PRO H 409 -64.57 -60.76 -8.78
CA PRO H 409 -63.76 -61.29 -9.90
C PRO H 409 -63.78 -60.39 -11.11
N PHE H 410 -64.92 -59.77 -11.41
CA PHE H 410 -65.14 -59.19 -12.73
C PHE H 410 -64.31 -57.93 -12.94
N CYS H 411 -64.34 -57.00 -11.98
CA CYS H 411 -63.59 -55.76 -12.12
C CYS H 411 -62.08 -56.03 -12.14
N LEU H 412 -61.62 -56.92 -11.26
CA LEU H 412 -60.21 -57.26 -11.25
C LEU H 412 -59.78 -57.97 -12.54
N ALA H 413 -60.68 -58.73 -13.15
CA ALA H 413 -60.36 -59.39 -14.41
C ALA H 413 -60.35 -58.43 -15.59
N VAL H 414 -61.23 -57.44 -15.58
CA VAL H 414 -61.33 -56.55 -16.74
C VAL H 414 -60.32 -55.41 -16.67
N LEU H 415 -59.95 -54.95 -15.47
CA LEU H 415 -59.04 -53.81 -15.36
C LEU H 415 -57.93 -53.97 -14.34
N CYS H 416 -58.02 -54.92 -13.40
CA CYS H 416 -57.03 -55.09 -12.33
C CYS H 416 -56.87 -53.79 -11.54
N CYS H 417 -58.01 -53.29 -11.03
CA CYS H 417 -57.99 -52.06 -10.26
C CYS H 417 -57.17 -52.21 -8.97
N ALA H 418 -57.34 -53.33 -8.28
CA ALA H 418 -56.62 -53.57 -7.04
C ALA H 418 -55.18 -54.02 -7.33
N ARG I 117 -97.22 -66.25 13.54
CA ARG I 117 -96.71 -66.22 12.17
C ARG I 117 -95.71 -65.08 12.01
N MET I 118 -96.21 -63.84 12.12
CA MET I 118 -95.34 -62.68 12.01
C MET I 118 -94.38 -62.56 13.19
N VAL I 119 -94.71 -63.17 14.34
CA VAL I 119 -93.84 -63.11 15.50
C VAL I 119 -92.66 -64.06 15.39
N MET I 120 -92.65 -64.96 14.42
CA MET I 120 -91.55 -65.89 14.21
C MET I 120 -90.43 -65.31 13.35
N LYS I 121 -90.34 -63.99 13.25
CA LYS I 121 -89.27 -63.33 12.52
C LYS I 121 -88.61 -62.22 13.34
N LEU I 122 -88.98 -62.07 14.61
CA LEU I 122 -88.40 -61.06 15.48
C LEU I 122 -87.44 -61.64 16.51
N GLU I 123 -87.19 -62.94 16.47
CA GLU I 123 -86.25 -63.58 17.40
C GLU I 123 -84.84 -63.62 16.83
N SER I 124 -84.38 -62.46 16.36
CA SER I 124 -83.06 -62.31 15.76
C SER I 124 -82.24 -61.40 16.66
N ASP I 125 -81.41 -62.00 17.51
CA ASP I 125 -80.54 -61.24 18.41
C ASP I 125 -79.29 -60.73 17.72
N LYS I 126 -79.05 -61.11 16.45
CA LYS I 126 -77.86 -60.69 15.73
C LYS I 126 -77.89 -59.22 15.33
N THR I 127 -79.04 -58.55 15.43
CA THR I 127 -79.08 -57.11 15.25
C THR I 127 -78.63 -56.41 16.52
N PHE I 128 -78.17 -55.17 16.36
CA PHE I 128 -77.61 -54.43 17.49
C PHE I 128 -78.04 -52.96 17.44
N PRO I 129 -78.51 -52.42 18.56
CA PRO I 129 -78.92 -51.01 18.58
C PRO I 129 -77.73 -50.07 18.66
N ILE I 130 -78.00 -48.80 18.34
CA ILE I 130 -77.01 -47.74 18.39
C ILE I 130 -77.46 -46.75 19.47
N MET I 131 -76.61 -46.55 20.47
CA MET I 131 -76.92 -45.69 21.60
C MET I 131 -76.32 -44.31 21.41
N LEU I 132 -77.13 -43.28 21.63
CA LEU I 132 -76.66 -41.90 21.63
C LEU I 132 -77.27 -41.20 22.84
N GLU I 133 -76.44 -40.90 23.83
CA GLU I 133 -76.87 -40.22 25.06
C GLU I 133 -78.04 -41.00 25.69
N GLY I 134 -77.95 -42.33 25.60
CA GLY I 134 -78.95 -43.21 26.17
C GLY I 134 -80.19 -43.41 25.33
N LYS I 135 -80.28 -42.81 24.16
CA LYS I 135 -81.45 -42.95 23.30
C LYS I 135 -81.10 -43.80 22.08
N ILE I 136 -82.15 -44.26 21.40
CA ILE I 136 -82.01 -45.11 20.21
C ILE I 136 -82.29 -44.25 18.98
N ASN I 137 -81.41 -44.34 17.99
CA ASN I 137 -81.57 -43.59 16.75
C ASN I 137 -81.27 -44.40 15.50
N GLY I 138 -80.91 -45.67 15.62
CA GLY I 138 -80.62 -46.48 14.46
C GLY I 138 -80.17 -47.87 14.88
N TYR I 139 -80.12 -48.76 13.90
CA TYR I 139 -79.75 -50.14 14.13
C TYR I 139 -78.60 -50.54 13.20
N ALA I 140 -77.62 -51.24 13.76
CA ALA I 140 -76.51 -51.80 12.99
C ALA I 140 -76.72 -53.30 12.88
N CYS I 141 -76.65 -53.82 11.65
CA CYS I 141 -77.01 -55.20 11.38
C CYS I 141 -75.84 -55.94 10.74
N VAL I 142 -75.66 -57.20 11.13
CA VAL I 142 -74.58 -58.03 10.61
C VAL I 142 -75.16 -59.01 9.59
N VAL I 143 -74.61 -59.00 8.38
CA VAL I 143 -75.08 -59.84 7.29
C VAL I 143 -73.88 -60.45 6.59
N GLY I 144 -73.92 -61.75 6.37
CA GLY I 144 -72.90 -62.43 5.59
C GLY I 144 -71.48 -62.23 6.07
N GLY I 145 -71.29 -62.09 7.37
CA GLY I 145 -69.96 -61.86 7.90
C GLY I 145 -69.45 -60.45 7.81
N LYS I 146 -70.33 -59.47 7.57
CA LYS I 146 -69.93 -58.07 7.59
C LYS I 146 -70.99 -57.25 8.30
N LEU I 147 -70.53 -56.31 9.12
CA LEU I 147 -71.42 -55.46 9.90
C LEU I 147 -71.67 -54.16 9.14
N PHE I 148 -72.94 -53.86 8.89
CA PHE I 148 -73.35 -52.65 8.19
C PHE I 148 -74.05 -51.72 9.19
N ARG I 149 -73.61 -50.46 9.22
CA ARG I 149 -74.20 -49.45 10.08
C ARG I 149 -74.51 -48.23 9.22
N PRO I 150 -75.72 -47.66 9.33
CA PRO I 150 -76.02 -46.45 8.56
C PRO I 150 -75.05 -45.32 8.92
N MET I 151 -74.63 -44.58 7.89
CA MET I 151 -73.62 -43.55 8.10
C MET I 151 -74.20 -42.34 8.83
N HIS I 152 -75.40 -41.92 8.44
CA HIS I 152 -75.99 -40.71 9.01
C HIS I 152 -76.42 -40.88 10.47
N VAL I 153 -76.46 -42.10 10.99
CA VAL I 153 -76.84 -42.33 12.37
C VAL I 153 -75.62 -42.13 13.25
N GLU I 154 -75.73 -41.24 14.24
CA GLU I 154 -74.66 -40.95 15.16
C GLU I 154 -74.89 -41.71 16.46
N GLY I 155 -73.85 -42.34 16.96
CA GLY I 155 -73.93 -43.07 18.22
C GLY I 155 -72.89 -44.16 18.26
N LYS I 156 -73.04 -45.04 19.26
CA LYS I 156 -72.13 -46.15 19.47
C LYS I 156 -72.94 -47.43 19.65
N ILE I 157 -72.47 -48.51 19.02
CA ILE I 157 -73.12 -49.81 19.15
C ILE I 157 -72.97 -50.31 20.58
N ASP I 158 -74.05 -50.88 21.13
CA ASP I 158 -74.03 -51.32 22.51
C ASP I 158 -73.00 -52.43 22.74
N ASN I 159 -72.89 -53.36 21.79
CA ASN I 159 -71.91 -54.43 21.92
C ASN I 159 -70.50 -53.89 21.84
N ASP I 160 -69.67 -54.25 22.82
CA ASP I 160 -68.32 -53.71 22.89
C ASP I 160 -67.43 -54.25 21.77
N VAL I 161 -67.53 -55.56 21.49
CA VAL I 161 -66.65 -56.18 20.51
C VAL I 161 -66.94 -55.62 19.11
N LEU I 162 -68.20 -55.38 18.79
CA LEU I 162 -68.54 -54.78 17.51
C LEU I 162 -68.26 -53.29 17.47
N ALA I 163 -68.41 -52.59 18.60
CA ALA I 163 -68.10 -51.17 18.66
C ALA I 163 -66.61 -50.92 18.44
N ALA I 164 -65.76 -51.79 18.99
CA ALA I 164 -64.33 -51.62 18.83
C ALA I 164 -63.85 -51.83 17.40
N LEU I 165 -64.69 -52.42 16.54
CA LEU I 165 -64.30 -52.67 15.17
C LEU I 165 -64.19 -51.35 14.39
N LYS I 166 -63.15 -51.27 13.57
CA LYS I 166 -62.95 -50.11 12.70
C LYS I 166 -63.65 -50.35 11.37
N THR I 167 -64.49 -49.41 10.96
CA THR I 167 -65.31 -49.54 9.76
C THR I 167 -64.83 -48.58 8.68
N LYS I 168 -65.04 -48.98 7.43
CA LYS I 168 -64.67 -48.18 6.27
C LYS I 168 -65.94 -47.58 5.67
N LYS I 169 -65.93 -46.26 5.47
CA LYS I 169 -67.12 -45.55 5.05
C LYS I 169 -67.42 -45.80 3.58
N ALA I 170 -68.65 -45.48 3.19
CA ALA I 170 -69.08 -45.53 1.78
C ALA I 170 -70.11 -44.41 1.60
N SER I 171 -69.62 -43.26 1.15
CA SER I 171 -70.48 -42.07 1.08
C SER I 171 -71.60 -42.24 0.06
N LYS I 172 -71.30 -42.83 -1.09
CA LYS I 172 -72.30 -42.93 -2.16
C LYS I 172 -73.47 -43.82 -1.74
N TYR I 173 -73.19 -44.96 -1.13
CA TYR I 173 -74.22 -45.90 -0.74
C TYR I 173 -74.76 -45.65 0.66
N ASP I 174 -74.19 -44.70 1.40
CA ASP I 174 -74.75 -44.21 2.65
C ASP I 174 -74.84 -45.31 3.70
N LEU I 175 -73.72 -46.01 3.91
CA LEU I 175 -73.59 -46.96 5.00
C LEU I 175 -72.12 -47.35 5.11
N GLU I 176 -71.69 -47.63 6.34
CA GLU I 176 -70.32 -48.03 6.62
C GLU I 176 -70.28 -49.50 6.98
N TYR I 177 -69.33 -50.22 6.40
CA TYR I 177 -69.21 -51.66 6.58
C TYR I 177 -67.89 -52.00 7.28
N ALA I 178 -67.93 -53.05 8.09
CA ALA I 178 -66.76 -53.53 8.79
C ALA I 178 -66.74 -55.05 8.75
N ASP I 179 -65.55 -55.62 8.93
CA ASP I 179 -65.38 -57.07 8.93
C ASP I 179 -65.48 -57.59 10.35
N VAL I 180 -66.46 -58.45 10.59
CA VAL I 180 -66.70 -59.00 11.93
C VAL I 180 -65.60 -59.99 12.28
N PRO I 181 -65.35 -60.26 13.56
CA PRO I 181 -64.32 -61.25 13.91
C PRO I 181 -64.73 -62.65 13.48
N GLN I 182 -63.75 -63.57 13.58
CA GLN I 182 -63.98 -64.94 13.15
C GLN I 182 -65.04 -65.62 14.01
N ASN I 183 -65.01 -65.39 15.32
CA ASN I 183 -65.93 -66.08 16.22
C ASN I 183 -67.37 -65.61 16.08
N MET I 184 -67.59 -64.45 15.47
CA MET I 184 -68.94 -63.93 15.28
C MET I 184 -69.52 -64.27 13.91
N ARG I 185 -68.72 -64.87 13.02
CA ARG I 185 -69.18 -65.14 11.66
C ARG I 185 -70.28 -66.20 11.62
N ALA I 186 -70.28 -67.11 12.60
CA ALA I 186 -71.24 -68.21 12.56
C ALA I 186 -72.68 -67.72 12.66
N ASP I 187 -72.97 -66.90 13.68
CA ASP I 187 -74.33 -66.40 13.91
C ASP I 187 -74.47 -65.07 13.17
N THR I 188 -74.97 -65.15 11.95
CA THR I 188 -75.08 -63.96 11.09
C THR I 188 -76.18 -64.19 10.08
N PHE I 189 -76.85 -63.11 9.68
CA PHE I 189 -77.88 -63.17 8.66
C PHE I 189 -77.31 -63.71 7.35
N LYS I 190 -78.22 -64.17 6.48
CA LYS I 190 -77.87 -64.64 5.16
C LYS I 190 -78.61 -63.81 4.11
N TYR I 191 -77.87 -63.25 3.16
CA TYR I 191 -78.47 -62.39 2.15
C TYR I 191 -78.99 -63.22 0.99
N THR I 192 -79.87 -62.60 0.20
CA THR I 192 -80.50 -63.26 -0.94
C THR I 192 -80.42 -62.36 -2.16
N HIS I 193 -80.05 -62.94 -3.29
CA HIS I 193 -79.92 -62.17 -4.53
C HIS I 193 -81.19 -62.16 -5.36
N GLU I 194 -82.24 -62.88 -4.95
CA GLU I 194 -83.52 -62.87 -5.64
C GLU I 194 -84.58 -62.23 -4.74
N LYS I 195 -85.39 -61.37 -5.33
CA LYS I 195 -86.42 -60.62 -4.60
C LYS I 195 -87.75 -60.78 -5.31
N PRO I 196 -88.45 -61.89 -5.05
CA PRO I 196 -89.75 -62.10 -5.70
C PRO I 196 -90.78 -61.06 -5.28
N GLN I 197 -91.65 -60.72 -6.23
CA GLN I 197 -92.74 -59.79 -5.99
C GLN I 197 -93.68 -60.31 -4.90
N GLY I 198 -94.06 -59.42 -3.98
CA GLY I 198 -95.11 -59.72 -3.02
C GLY I 198 -94.66 -59.53 -1.57
N TYR I 199 -95.09 -60.45 -0.71
CA TYR I 199 -95.03 -60.25 0.73
C TYR I 199 -93.60 -60.34 1.26
N TYR I 200 -93.36 -59.64 2.36
CA TYR I 200 -92.09 -59.69 3.08
C TYR I 200 -92.34 -59.36 4.54
N SER I 201 -91.46 -59.86 5.41
CA SER I 201 -91.62 -59.73 6.85
C SER I 201 -90.63 -58.72 7.41
N TRP I 202 -91.13 -57.83 8.27
CA TRP I 202 -90.32 -56.82 8.91
C TRP I 202 -90.73 -56.76 10.39
N HIS I 203 -89.83 -56.18 11.20
CA HIS I 203 -90.08 -56.11 12.63
C HIS I 203 -91.34 -55.30 12.93
N HIS I 204 -91.52 -54.17 12.25
CA HIS I 204 -92.70 -53.34 12.47
C HIS I 204 -93.96 -54.03 11.95
N GLY I 205 -93.85 -54.73 10.82
CA GLY I 205 -95.00 -55.42 10.27
C GLY I 205 -94.71 -55.90 8.85
N ALA I 206 -95.79 -56.16 8.12
CA ALA I 206 -95.66 -56.66 6.76
C ALA I 206 -95.18 -55.55 5.82
N VAL I 207 -94.41 -55.96 4.81
CA VAL I 207 -93.95 -55.08 3.74
C VAL I 207 -94.32 -55.75 2.42
N GLN I 208 -94.51 -54.95 1.38
CA GLN I 208 -94.81 -55.53 0.09
C GLN I 208 -93.89 -54.93 -0.98
N TYR I 209 -93.34 -55.82 -1.82
CA TYR I 209 -92.42 -55.47 -2.89
C TYR I 209 -93.18 -55.49 -4.21
N GLU I 210 -93.23 -54.34 -4.87
CA GLU I 210 -93.90 -54.20 -6.17
C GLU I 210 -93.08 -53.31 -7.07
N ASN I 211 -92.81 -53.78 -8.29
CA ASN I 211 -92.17 -52.98 -9.33
C ASN I 211 -90.87 -52.36 -8.85
N GLY I 212 -90.10 -53.12 -8.06
CA GLY I 212 -88.82 -52.66 -7.58
C GLY I 212 -88.88 -51.73 -6.39
N ARG I 213 -90.02 -51.62 -5.72
CA ARG I 213 -90.16 -50.72 -4.58
C ARG I 213 -90.72 -51.46 -3.38
N PHE I 214 -90.17 -51.16 -2.20
CA PHE I 214 -90.72 -51.63 -0.93
C PHE I 214 -91.74 -50.62 -0.44
N THR I 215 -92.91 -51.09 -0.04
CA THR I 215 -93.92 -50.22 0.53
C THR I 215 -94.47 -50.82 1.82
N VAL I 216 -94.79 -49.93 2.75
CA VAL I 216 -95.28 -50.25 4.09
C VAL I 216 -96.48 -49.36 4.38
N PRO I 217 -97.31 -49.70 5.36
CA PRO I 217 -98.40 -48.79 5.74
C PRO I 217 -97.85 -47.46 6.24
N LYS I 218 -98.71 -46.45 6.23
CA LYS I 218 -98.30 -45.12 6.65
C LYS I 218 -97.98 -45.10 8.13
N GLY I 219 -96.98 -44.30 8.49
CA GLY I 219 -96.56 -44.18 9.88
C GLY I 219 -95.63 -45.30 10.32
N VAL I 220 -95.36 -46.25 9.42
CA VAL I 220 -94.40 -47.31 9.71
C VAL I 220 -93.01 -46.83 9.33
N GLY I 221 -92.10 -46.85 10.29
CA GLY I 221 -90.77 -46.32 10.08
C GLY I 221 -90.70 -44.85 10.43
N ALA I 222 -89.82 -44.50 11.37
CA ALA I 222 -89.77 -43.14 11.89
C ALA I 222 -88.39 -42.92 12.49
N LYS I 223 -88.27 -41.88 13.32
CA LYS I 223 -87.03 -41.57 14.01
C LYS I 223 -86.46 -42.81 14.69
N GLY I 224 -85.29 -43.24 14.24
CA GLY I 224 -84.65 -44.40 14.81
C GLY I 224 -85.11 -45.74 14.28
N ASP I 225 -85.71 -45.77 13.08
CA ASP I 225 -86.19 -47.01 12.48
C ASP I 225 -85.44 -47.34 11.20
N SER I 226 -84.16 -47.00 11.14
CA SER I 226 -83.33 -47.29 9.98
C SER I 226 -82.22 -48.26 10.34
N GLY I 227 -81.66 -48.89 9.32
CA GLY I 227 -80.72 -49.98 9.52
C GLY I 227 -81.36 -51.31 9.82
N ARG I 228 -82.68 -51.40 9.82
CA ARG I 228 -83.36 -52.64 10.12
C ARG I 228 -83.37 -53.52 8.88
N PRO I 229 -82.79 -54.72 8.93
CA PRO I 229 -82.87 -55.62 7.76
C PRO I 229 -84.31 -56.02 7.49
N ILE I 230 -84.64 -56.14 6.21
CA ILE I 230 -85.96 -56.59 5.80
C ILE I 230 -85.86 -58.08 5.49
N LEU I 231 -86.62 -58.88 6.23
CA LEU I 231 -86.56 -60.33 6.13
C LEU I 231 -87.52 -60.82 5.06
N ASP I 232 -87.23 -62.00 4.51
CA ASP I 232 -88.09 -62.60 3.52
C ASP I 232 -89.03 -63.60 4.20
N ASN I 233 -89.92 -64.20 3.40
CA ASN I 233 -90.81 -65.23 3.93
C ASN I 233 -90.03 -66.47 4.39
N GLN I 234 -88.82 -66.67 3.86
CA GLN I 234 -87.99 -67.78 4.31
C GLN I 234 -87.35 -67.51 5.67
N GLY I 235 -86.98 -66.26 5.94
CA GLY I 235 -86.38 -65.91 7.21
C GLY I 235 -84.92 -65.50 7.08
N ARG I 236 -84.57 -64.91 5.94
CA ARG I 236 -83.21 -64.44 5.70
C ARG I 236 -83.26 -63.08 5.05
N VAL I 237 -82.27 -62.25 5.36
CA VAL I 237 -82.29 -60.85 4.94
C VAL I 237 -82.19 -60.75 3.43
N VAL I 238 -82.93 -59.81 2.86
CA VAL I 238 -82.82 -59.50 1.44
C VAL I 238 -82.34 -58.09 1.18
N ALA I 239 -82.47 -57.16 2.13
CA ALA I 239 -82.06 -55.78 1.93
C ALA I 239 -82.04 -55.09 3.28
N ILE I 240 -81.51 -53.87 3.29
CA ILE I 240 -81.43 -53.03 4.49
C ILE I 240 -82.04 -51.67 4.17
N VAL I 241 -83.02 -51.27 4.96
CA VAL I 241 -83.75 -50.02 4.73
C VAL I 241 -83.08 -48.91 5.52
N LEU I 242 -82.87 -47.77 4.85
CA LEU I 242 -82.20 -46.62 5.47
C LEU I 242 -83.12 -45.43 5.66
N GLY I 243 -84.28 -45.40 5.03
CA GLY I 243 -85.22 -44.30 5.17
C GLY I 243 -86.45 -44.55 4.34
N GLY I 244 -87.41 -43.63 4.46
CA GLY I 244 -88.65 -43.78 3.72
C GLY I 244 -89.37 -42.46 3.58
N VAL I 245 -90.07 -42.30 2.46
CA VAL I 245 -90.86 -41.11 2.18
C VAL I 245 -92.31 -41.52 2.00
N ASN I 246 -93.22 -40.74 2.60
CA ASN I 246 -94.63 -41.09 2.55
C ASN I 246 -95.19 -40.82 1.16
N GLU I 247 -95.98 -41.78 0.66
CA GLU I 247 -96.72 -41.64 -0.59
C GLU I 247 -98.15 -42.12 -0.33
N GLY I 248 -99.02 -41.21 0.07
CA GLY I 248 -100.40 -41.58 0.35
C GLY I 248 -100.49 -42.59 1.47
N SER I 249 -101.27 -43.65 1.23
CA SER I 249 -101.45 -44.68 2.25
C SER I 249 -100.17 -45.49 2.48
N ARG I 250 -99.47 -45.84 1.40
CA ARG I 250 -98.32 -46.72 1.46
C ARG I 250 -97.03 -45.91 1.40
N THR I 251 -96.26 -45.95 2.48
CA THR I 251 -94.98 -45.24 2.50
C THR I 251 -93.93 -46.01 1.74
N ALA I 252 -93.27 -45.34 0.79
CA ALA I 252 -92.16 -45.95 0.08
C ALA I 252 -90.91 -45.90 0.95
N LEU I 253 -89.95 -46.76 0.63
CA LEU I 253 -88.75 -46.91 1.43
C LEU I 253 -87.50 -46.78 0.57
N SER I 254 -86.52 -46.05 1.08
CA SER I 254 -85.18 -46.08 0.50
C SER I 254 -84.41 -47.24 1.11
N VAL I 255 -83.96 -48.15 0.27
CA VAL I 255 -83.43 -49.43 0.75
C VAL I 255 -82.31 -49.87 -0.17
N VAL I 256 -81.27 -50.46 0.41
CA VAL I 256 -80.14 -51.00 -0.34
C VAL I 256 -80.27 -52.52 -0.36
N MET I 257 -80.28 -53.09 -1.55
CA MET I 257 -80.46 -54.51 -1.77
C MET I 257 -79.22 -55.08 -2.45
N TRP I 258 -79.28 -56.36 -2.81
CA TRP I 258 -78.15 -57.05 -3.42
C TRP I 258 -78.58 -57.68 -4.74
N ASN I 259 -77.79 -57.44 -5.79
CA ASN I 259 -78.09 -57.96 -7.12
C ASN I 259 -77.66 -59.41 -7.23
N GLU I 260 -78.02 -60.02 -8.37
CA GLU I 260 -77.65 -61.42 -8.59
C GLU I 260 -76.14 -61.59 -8.74
N LYS I 261 -75.47 -60.62 -9.37
CA LYS I 261 -74.02 -60.67 -9.51
C LYS I 261 -73.29 -60.04 -8.33
N GLY I 262 -74.00 -59.43 -7.39
CA GLY I 262 -73.38 -58.89 -6.20
C GLY I 262 -72.82 -57.49 -6.38
N VAL I 263 -73.64 -56.56 -6.86
CA VAL I 263 -73.23 -55.17 -7.04
C VAL I 263 -73.86 -54.24 -6.01
N THR I 264 -74.75 -54.76 -5.16
CA THR I 264 -75.37 -53.99 -4.08
C THR I 264 -76.03 -52.71 -4.61
N VAL I 265 -77.01 -52.91 -5.49
CA VAL I 265 -77.73 -51.79 -6.05
C VAL I 265 -78.61 -51.15 -4.98
N LYS I 266 -78.75 -49.83 -5.06
CA LYS I 266 -79.61 -49.07 -4.15
C LYS I 266 -80.76 -48.46 -4.93
N TYR I 267 -81.97 -48.60 -4.40
CA TYR I 267 -83.16 -47.97 -4.95
C TYR I 267 -83.67 -46.95 -3.94
N THR I 268 -83.79 -45.70 -4.37
CA THR I 268 -84.19 -44.61 -3.48
C THR I 268 -85.31 -43.82 -4.14
N PRO I 269 -86.46 -43.65 -3.49
CA PRO I 269 -87.52 -42.82 -4.08
C PRO I 269 -87.15 -41.35 -4.08
N GLU I 270 -87.82 -40.61 -4.95
CA GLU I 270 -87.57 -39.18 -5.07
C GLU I 270 -87.97 -38.45 -3.79
N ASN I 271 -87.15 -37.46 -3.42
CA ASN I 271 -87.36 -36.66 -2.21
C ASN I 271 -87.50 -37.56 -0.97
N CYS I 272 -86.57 -38.51 -0.84
CA CYS I 272 -86.63 -39.45 0.26
C CYS I 272 -86.48 -38.74 1.60
N GLU I 273 -87.31 -39.15 2.56
CA GLU I 273 -87.28 -38.60 3.91
C GLU I 273 -86.47 -39.53 4.80
N GLN I 274 -85.54 -38.96 5.57
CA GLN I 274 -84.64 -39.76 6.37
C GLN I 274 -85.41 -40.51 7.45
N TRP I 275 -85.08 -41.80 7.62
CA TRP I 275 -85.70 -42.66 8.62
C TRP I 275 -87.21 -42.74 8.44
N TYR J 1 -42.83 55.40 52.84
CA TYR J 1 -43.58 54.38 52.12
C TYR J 1 -42.64 53.40 51.43
N GLU J 2 -42.81 52.12 51.73
CA GLU J 2 -41.98 51.07 51.17
C GLU J 2 -42.76 50.30 50.11
N HIS J 3 -42.16 50.17 48.93
CA HIS J 3 -42.77 49.47 47.81
C HIS J 3 -41.84 48.33 47.39
N ALA J 4 -42.43 47.23 46.93
CA ALA J 4 -41.67 46.07 46.50
C ALA J 4 -42.19 45.59 45.16
N THR J 5 -41.29 45.09 44.33
CA THR J 5 -41.66 44.57 43.02
C THR J 5 -40.57 43.60 42.57
N THR J 6 -40.85 42.92 41.46
CA THR J 6 -39.84 42.10 40.79
C THR J 6 -39.84 42.46 39.32
N MET J 7 -38.66 42.40 38.71
CA MET J 7 -38.57 42.73 37.30
C MET J 7 -37.61 41.78 36.59
N PRO J 8 -37.98 41.29 35.40
CA PRO J 8 -37.12 40.31 34.72
C PRO J 8 -35.84 40.95 34.24
N SER J 9 -34.72 40.28 34.50
CA SER J 9 -33.41 40.83 34.16
C SER J 9 -33.18 40.80 32.65
N GLN J 10 -33.96 41.58 31.90
CA GLN J 10 -33.82 41.69 30.46
C GLN J 10 -33.34 43.11 30.15
N ALA J 11 -32.10 43.22 29.70
CA ALA J 11 -31.53 44.52 29.40
C ALA J 11 -32.20 45.15 28.19
N GLY J 12 -32.46 46.45 28.26
CA GLY J 12 -33.01 47.19 27.15
C GLY J 12 -34.53 47.18 27.04
N ILE J 13 -35.23 46.53 27.95
CA ILE J 13 -36.69 46.50 27.94
C ILE J 13 -37.17 47.26 29.16
N SER J 14 -37.99 48.29 28.93
CA SER J 14 -38.48 49.12 30.02
C SER J 14 -39.49 48.36 30.87
N TYR J 15 -39.52 48.70 32.16
CA TYR J 15 -40.44 48.10 33.11
C TYR J 15 -41.15 49.23 33.84
N ASN J 16 -42.46 49.32 33.68
CA ASN J 16 -43.25 50.42 34.21
C ASN J 16 -44.22 49.90 35.24
N THR J 17 -44.22 50.51 36.42
CA THR J 17 -45.17 50.24 37.49
C THR J 17 -45.69 51.56 38.04
N ILE J 18 -46.58 51.46 39.02
CA ILE J 18 -47.01 52.63 39.79
C ILE J 18 -47.12 52.22 41.25
N VAL J 19 -46.83 53.17 42.14
CA VAL J 19 -47.09 53.01 43.56
C VAL J 19 -48.40 53.69 43.88
N ASN J 20 -49.27 53.00 44.60
CA ASN J 20 -50.64 53.42 44.87
C ASN J 20 -50.81 53.61 46.37
N ARG J 21 -50.47 54.79 46.86
CA ARG J 21 -50.80 55.18 48.22
C ARG J 21 -52.22 55.72 48.23
N ALA J 22 -53.00 55.30 49.22
CA ALA J 22 -54.44 55.56 49.19
C ALA J 22 -54.74 57.06 49.19
N GLY J 23 -54.06 57.81 50.06
CA GLY J 23 -54.39 59.22 50.21
C GLY J 23 -53.74 60.15 49.19
N TYR J 24 -52.87 59.64 48.34
CA TYR J 24 -52.10 60.46 47.42
C TYR J 24 -52.22 59.90 46.00
N ALA J 25 -51.84 60.72 45.03
CA ALA J 25 -51.94 60.32 43.64
C ALA J 25 -50.97 59.17 43.35
N PRO J 26 -51.35 58.25 42.46
CA PRO J 26 -50.43 57.19 42.05
C PRO J 26 -49.16 57.79 41.45
N LEU J 27 -48.02 57.20 41.78
CA LEU J 27 -46.74 57.72 41.33
C LEU J 27 -46.06 56.70 40.42
N PRO J 28 -45.77 57.04 39.17
CA PRO J 28 -45.21 56.05 38.25
C PRO J 28 -43.72 55.80 38.47
N ILE J 29 -43.31 54.58 38.17
CA ILE J 29 -41.93 54.13 38.26
C ILE J 29 -41.55 53.56 36.90
N SER J 30 -40.46 54.05 36.33
CA SER J 30 -39.92 53.52 35.08
C SER J 30 -38.50 53.04 35.31
N ILE J 31 -38.22 51.80 34.95
CA ILE J 31 -36.91 51.19 35.19
C ILE J 31 -36.41 50.58 33.89
N THR J 32 -35.22 50.98 33.47
CA THR J 32 -34.62 50.47 32.24
C THR J 32 -33.20 50.02 32.50
N PRO J 33 -32.94 48.72 32.57
CA PRO J 33 -31.56 48.23 32.73
C PRO J 33 -30.83 48.27 31.40
N THR J 34 -29.90 49.21 31.27
CA THR J 34 -29.10 49.30 30.07
C THR J 34 -27.94 48.32 30.05
N LYS J 35 -27.59 47.73 31.19
CA LYS J 35 -26.47 46.81 31.29
C LYS J 35 -26.51 46.04 32.59
N ILE J 36 -26.39 44.72 32.54
CA ILE J 36 -26.36 43.87 33.71
C ILE J 36 -25.05 43.10 33.70
N LYS J 37 -24.19 43.36 34.69
CA LYS J 37 -22.88 42.75 34.77
C LYS J 37 -22.89 41.60 35.76
N LEU J 38 -22.08 40.58 35.45
CA LEU J 38 -21.87 39.42 36.32
C LEU J 38 -20.38 39.20 36.38
N ILE J 39 -19.77 39.53 37.51
CA ILE J 39 -18.31 39.58 37.62
C ILE J 39 -17.84 38.51 38.61
N PRO J 40 -17.31 37.39 38.14
CA PRO J 40 -16.81 36.36 39.06
C PRO J 40 -15.54 36.80 39.75
N THR J 41 -15.29 36.19 40.90
CA THR J 41 -14.06 36.42 41.66
C THR J 41 -13.01 35.44 41.16
N VAL J 42 -12.05 35.94 40.39
CA VAL J 42 -11.07 35.11 39.71
C VAL J 42 -9.73 35.19 40.44
N ASN J 43 -9.11 34.05 40.68
CA ASN J 43 -7.76 33.97 41.21
C ASN J 43 -6.85 33.38 40.15
N LEU J 44 -5.76 34.08 39.84
CA LEU J 44 -4.86 33.67 38.77
C LEU J 44 -4.07 32.45 39.22
N GLU J 45 -4.48 31.26 38.74
CA GLU J 45 -3.75 30.05 39.08
C GLU J 45 -2.34 30.09 38.50
N TYR J 46 -2.22 30.33 37.21
CA TYR J 46 -0.88 30.44 36.60
C TYR J 46 -1.00 31.01 35.19
N VAL J 47 0.11 30.96 34.46
CA VAL J 47 0.20 31.49 33.10
C VAL J 47 0.99 30.51 32.23
N THR J 48 0.60 30.41 30.96
CA THR J 48 1.23 29.50 30.02
C THR J 48 1.44 30.23 28.70
N CYS J 49 2.51 29.90 28.00
CA CYS J 49 2.80 30.46 26.68
C CYS J 49 3.65 29.47 25.90
N HIS J 50 4.07 29.87 24.71
CA HIS J 50 5.02 29.06 23.95
C HIS J 50 6.35 29.00 24.70
N TYR J 51 7.03 27.88 24.56
CA TYR J 51 8.33 27.73 25.20
C TYR J 51 9.45 27.84 24.17
N LYS J 52 10.66 28.07 24.68
CA LYS J 52 11.86 28.09 23.88
C LYS J 52 12.84 27.10 24.48
N THR J 53 13.33 26.17 23.68
CA THR J 53 14.30 25.20 24.15
C THR J 53 15.69 25.83 24.05
N GLY J 54 16.19 26.28 25.20
CA GLY J 54 17.56 26.75 25.24
C GLY J 54 18.53 25.61 25.46
N MET J 55 19.80 25.88 25.20
CA MET J 55 20.79 24.81 25.27
C MET J 55 22.18 25.42 25.23
N ASP J 56 23.06 24.88 26.08
CA ASP J 56 24.43 25.37 26.16
C ASP J 56 25.23 24.91 24.94
N SER J 57 26.29 25.64 24.66
CA SER J 57 27.21 25.23 23.62
C SER J 57 27.86 23.89 23.99
N PRO J 58 28.01 22.97 23.05
CA PRO J 58 28.61 21.67 23.39
C PRO J 58 30.01 21.82 23.94
N ALA J 59 30.31 21.03 24.97
CA ALA J 59 31.63 21.03 25.58
C ALA J 59 32.39 19.82 25.01
N ILE J 60 33.36 20.10 24.15
CA ILE J 60 34.08 19.04 23.43
C ILE J 60 35.46 18.90 24.04
N LYS J 61 35.79 17.68 24.46
CA LYS J 61 37.10 17.36 25.00
C LYS J 61 37.74 16.27 24.15
N CYS J 62 38.99 16.48 23.76
CA CYS J 62 39.69 15.58 22.86
C CYS J 62 40.18 14.37 23.64
N CYS J 63 39.44 13.27 23.53
CA CYS J 63 39.67 12.01 24.25
C CYS J 63 40.08 12.25 25.70
N GLY J 64 39.16 12.87 26.42
CA GLY J 64 39.24 13.00 27.86
C GLY J 64 37.86 12.84 28.47
N SER J 65 37.76 12.11 29.58
CA SER J 65 36.47 11.88 30.20
C SER J 65 35.86 13.18 30.71
N GLN J 66 34.54 13.27 30.65
CA GLN J 66 33.81 14.45 31.10
C GLN J 66 32.67 14.03 32.01
N GLU J 67 32.21 15.00 32.80
CA GLU J 67 31.12 14.77 33.75
C GLU J 67 29.98 15.74 33.45
N CYS J 68 28.76 15.29 33.76
CA CYS J 68 27.56 16.08 33.53
C CYS J 68 27.28 16.90 34.78
N THR J 69 27.57 18.19 34.74
CA THR J 69 27.28 19.07 35.86
C THR J 69 25.78 19.27 35.96
N PRO J 70 25.14 18.93 37.08
CA PRO J 70 23.68 18.98 37.18
C PRO J 70 23.12 20.34 37.59
N THR J 71 23.11 21.28 36.64
CA THR J 71 22.44 22.55 36.85
C THR J 71 20.93 22.33 36.89
N TYR J 72 20.25 23.15 37.70
CA TYR J 72 18.82 22.98 37.95
C TYR J 72 18.07 24.04 37.15
N ARG J 73 17.65 23.66 35.95
CA ARG J 73 16.85 24.48 35.05
C ARG J 73 15.64 23.67 34.61
N PRO J 74 14.55 24.33 34.24
CA PRO J 74 13.32 23.60 33.92
C PRO J 74 13.52 22.57 32.83
N ASP J 75 13.19 21.32 33.14
CA ASP J 75 13.25 20.21 32.18
C ASP J 75 14.64 20.07 31.57
N GLU J 76 15.67 20.31 32.36
CA GLU J 76 17.04 20.22 31.88
C GLU J 76 17.44 18.76 31.72
N GLN J 77 18.01 18.43 30.56
CA GLN J 77 18.59 17.13 30.30
C GLN J 77 20.03 17.31 29.85
N CYS J 78 20.95 16.64 30.54
CA CYS J 78 22.36 16.71 30.22
C CYS J 78 22.87 15.31 29.92
N LYS J 79 23.73 15.20 28.91
CA LYS J 79 24.24 13.90 28.50
C LYS J 79 25.59 14.06 27.84
N VAL J 80 26.47 13.08 28.06
CA VAL J 80 27.80 13.05 27.49
C VAL J 80 27.86 11.92 26.47
N PHE J 81 28.37 12.23 25.28
CA PHE J 81 28.50 11.26 24.20
C PHE J 81 29.97 11.04 23.90
N THR J 82 30.35 9.78 23.70
CA THR J 82 31.72 9.41 23.41
C THR J 82 31.88 9.06 21.93
N GLY J 83 33.12 9.03 21.49
CA GLY J 83 33.41 8.69 20.11
C GLY J 83 32.94 9.71 19.09
N VAL J 84 33.07 11.00 19.40
CA VAL J 84 32.69 12.05 18.48
C VAL J 84 33.94 12.59 17.83
N TYR J 85 33.81 13.01 16.57
CA TYR J 85 34.91 13.60 15.80
C TYR J 85 34.40 14.90 15.19
N PRO J 86 34.30 15.96 15.99
CA PRO J 86 33.67 17.20 15.50
C PRO J 86 34.47 17.85 14.40
N PHE J 87 33.76 18.57 13.53
CA PHE J 87 34.35 19.34 12.45
C PHE J 87 33.87 20.78 12.53
N MET J 88 34.79 21.71 12.30
CA MET J 88 34.47 23.13 12.21
C MET J 88 34.78 23.60 10.79
N TRP J 89 34.64 24.91 10.57
CA TRP J 89 34.96 25.46 9.26
C TRP J 89 36.45 25.35 8.94
N GLY J 90 37.29 25.18 9.95
CA GLY J 90 38.72 25.05 9.74
C GLY J 90 39.23 23.64 9.94
N GLY J 91 38.44 22.65 9.59
CA GLY J 91 38.86 21.27 9.66
C GLY J 91 38.44 20.58 10.94
N ALA J 92 39.05 19.42 11.16
CA ALA J 92 38.72 18.61 12.34
C ALA J 92 39.11 19.34 13.61
N TYR J 93 38.26 19.21 14.64
CA TYR J 93 38.47 19.92 15.89
C TYR J 93 39.42 19.20 16.83
N CYS J 94 39.49 17.88 16.77
CA CYS J 94 40.33 17.09 17.66
C CYS J 94 41.36 16.31 16.85
N PHE J 95 42.55 16.17 17.41
CA PHE J 95 43.63 15.38 16.83
C PHE J 95 43.59 13.93 17.29
N CYS J 96 42.54 13.53 18.01
CA CYS J 96 42.46 12.23 18.65
C CYS J 96 41.31 11.47 18.01
N ASP J 97 41.61 10.29 17.45
CA ASP J 97 40.65 9.61 16.58
C ASP J 97 39.39 9.19 17.33
N THR J 98 39.55 8.51 18.45
CA THR J 98 38.43 7.91 19.15
C THR J 98 38.32 8.45 20.57
N GLU J 99 37.28 7.98 21.27
CA GLU J 99 37.01 8.26 22.69
C GLU J 99 37.04 9.75 23.03
N ASN J 100 36.88 10.63 22.04
CA ASN J 100 36.60 12.02 22.34
C ASN J 100 35.20 12.14 22.93
N THR J 101 35.00 13.18 23.74
CA THR J 101 33.73 13.34 24.44
C THR J 101 33.10 14.68 24.10
N GLN J 102 31.78 14.70 24.05
CA GLN J 102 31.00 15.92 23.88
C GLN J 102 29.87 15.93 24.88
N VAL J 103 29.81 16.96 25.72
CA VAL J 103 28.74 17.13 26.69
C VAL J 103 27.74 18.11 26.11
N SER J 104 26.47 17.72 26.08
CA SER J 104 25.39 18.57 25.60
C SER J 104 24.27 18.57 26.62
N LYS J 105 23.71 19.74 26.88
CA LYS J 105 22.58 19.86 27.78
C LYS J 105 21.56 20.83 27.20
N ALA J 106 20.30 20.59 27.52
CA ALA J 106 19.19 21.41 27.04
C ALA J 106 18.25 21.70 28.20
N TYR J 107 17.46 22.75 28.04
CA TYR J 107 16.49 23.14 29.06
C TYR J 107 15.37 23.90 28.38
N VAL J 108 14.27 24.06 29.09
CA VAL J 108 13.09 24.75 28.59
C VAL J 108 12.96 26.07 29.33
N MET J 109 12.72 27.15 28.58
CA MET J 109 12.55 28.47 29.16
C MET J 109 11.37 29.15 28.49
N LYS J 110 10.94 30.27 29.05
CA LYS J 110 9.82 31.01 28.48
C LYS J 110 10.25 31.69 27.18
N SER J 111 9.32 31.76 26.24
CA SER J 111 9.58 32.43 24.98
C SER J 111 9.69 33.94 25.20
N ASP J 112 10.39 34.60 24.27
CA ASP J 112 10.61 36.04 24.38
C ASP J 112 9.33 36.84 24.25
N ASP J 113 8.29 36.27 23.65
CA ASP J 113 7.03 36.96 23.44
C ASP J 113 5.99 36.62 24.51
N CYS J 114 6.41 35.96 25.59
CA CYS J 114 5.47 35.55 26.63
C CYS J 114 4.87 36.74 27.38
N LEU J 115 5.46 37.92 27.28
CA LEU J 115 4.89 39.09 27.94
C LEU J 115 3.63 39.56 27.25
N ALA J 116 3.55 39.39 25.92
CA ALA J 116 2.39 39.83 25.15
C ALA J 116 1.48 38.70 24.70
N ASP J 117 2.02 37.50 24.48
CA ASP J 117 1.27 36.37 23.95
C ASP J 117 1.29 35.24 24.98
N HIS J 118 0.34 35.27 25.91
CA HIS J 118 0.26 34.26 26.95
C HIS J 118 -1.20 34.06 27.34
N ALA J 119 -1.58 32.81 27.55
CA ALA J 119 -2.86 32.49 28.14
C ALA J 119 -2.69 32.40 29.65
N GLU J 120 -3.73 32.77 30.37
CA GLU J 120 -3.65 32.80 31.82
C GLU J 120 -4.82 32.03 32.42
N ALA J 121 -4.50 31.10 33.32
CA ALA J 121 -5.45 30.15 33.88
C ALA J 121 -5.89 30.65 35.25
N TYR J 122 -7.20 30.89 35.37
CA TYR J 122 -7.88 31.41 36.56
C TYR J 122 -8.80 30.35 37.15
N LYS J 123 -9.11 30.54 38.43
CA LYS J 123 -10.20 29.84 39.10
C LYS J 123 -11.29 30.84 39.42
N ALA J 124 -12.50 30.59 38.92
CA ALA J 124 -13.60 31.54 39.02
C ALA J 124 -14.68 31.01 39.95
N HIS J 125 -15.18 31.88 40.83
CA HIS J 125 -16.21 31.50 41.79
C HIS J 125 -16.87 32.76 42.34
N THR J 126 -18.02 32.56 42.96
CA THR J 126 -18.75 33.60 43.71
C THR J 126 -18.94 34.87 42.87
N ALA J 127 -19.73 34.71 41.81
CA ALA J 127 -20.02 35.82 40.92
C ALA J 127 -20.82 36.89 41.63
N SER J 128 -20.61 38.14 41.21
CA SER J 128 -21.31 39.30 41.74
C SER J 128 -22.03 40.00 40.60
N VAL J 129 -23.26 40.46 40.86
CA VAL J 129 -24.13 41.01 39.83
C VAL J 129 -24.29 42.50 40.08
N GLN J 130 -24.19 43.29 39.00
CA GLN J 130 -24.45 44.72 39.04
C GLN J 130 -25.42 45.07 37.92
N ALA J 131 -26.11 46.20 38.10
CA ALA J 131 -27.09 46.66 37.12
C ALA J 131 -26.90 48.14 36.87
N PHE J 132 -27.02 48.54 35.60
CA PHE J 132 -26.90 49.95 35.20
C PHE J 132 -28.31 50.42 34.83
N LEU J 133 -29.00 50.98 35.80
CA LEU J 133 -30.43 51.25 35.68
C LEU J 133 -30.71 52.72 35.44
N ASN J 134 -31.53 53.01 34.44
CA ASN J 134 -32.25 54.29 34.38
C ASN J 134 -33.48 54.15 35.26
N ILE J 135 -33.60 55.04 36.25
CA ILE J 135 -34.75 55.06 37.15
C ILE J 135 -35.44 56.41 37.00
N THR J 136 -36.74 56.37 36.72
CA THR J 136 -37.57 57.56 36.59
C THR J 136 -38.69 57.45 37.60
N VAL J 137 -38.66 58.31 38.61
CA VAL J 137 -39.68 58.39 39.64
C VAL J 137 -40.18 59.83 39.74
N GLY J 138 -41.47 60.02 39.52
CA GLY J 138 -42.08 61.34 39.66
C GLY J 138 -41.45 62.41 38.80
N GLU J 139 -41.22 62.10 37.52
CA GLU J 139 -40.57 62.98 36.55
C GLU J 139 -39.11 63.26 36.90
N HIS J 140 -38.56 62.57 37.89
CA HIS J 140 -37.15 62.70 38.26
C HIS J 140 -36.40 61.49 37.71
N SER J 141 -35.45 61.74 36.82
CA SER J 141 -34.72 60.68 36.14
C SER J 141 -33.27 60.66 36.63
N ILE J 142 -32.70 59.45 36.71
CA ILE J 142 -31.31 59.29 37.10
C ILE J 142 -30.78 58.00 36.48
N VAL J 143 -29.47 57.96 36.25
CA VAL J 143 -28.78 56.76 35.79
C VAL J 143 -27.83 56.34 36.90
N THR J 144 -28.00 55.12 37.40
CA THR J 144 -27.25 54.67 38.55
C THR J 144 -26.72 53.26 38.32
N THR J 145 -25.75 52.88 39.14
CA THR J 145 -25.25 51.51 39.20
C THR J 145 -25.65 50.91 40.55
N VAL J 146 -26.33 49.78 40.52
CA VAL J 146 -26.88 49.15 41.71
C VAL J 146 -26.29 47.75 41.84
N TYR J 147 -25.73 47.46 43.00
CA TYR J 147 -25.30 46.10 43.29
C TYR J 147 -26.52 45.24 43.58
N VAL J 148 -26.52 44.02 43.03
CA VAL J 148 -27.71 43.19 43.03
C VAL J 148 -27.68 42.21 44.22
N ASN J 149 -26.78 42.42 45.17
CA ASN J 149 -26.94 41.77 46.46
C ASN J 149 -28.09 42.41 47.20
N GLY J 150 -28.80 41.61 48.00
CA GLY J 150 -30.02 42.06 48.62
C GLY J 150 -29.87 43.19 49.62
N GLU J 151 -28.64 43.59 49.94
CA GLU J 151 -28.38 44.49 51.05
C GLU J 151 -28.02 45.91 50.62
N THR J 152 -27.15 46.08 49.64
CA THR J 152 -26.57 47.40 49.38
C THR J 152 -27.58 48.33 48.73
N PRO J 153 -27.94 49.45 49.35
CA PRO J 153 -28.86 50.40 48.74
C PRO J 153 -28.18 51.53 47.99
N VAL J 154 -28.91 52.09 47.03
CA VAL J 154 -28.52 53.30 46.33
C VAL J 154 -29.51 54.39 46.71
N ASN J 155 -29.04 55.64 46.70
CA ASN J 155 -29.82 56.76 47.21
C ASN J 155 -29.86 57.87 46.17
N PHE J 156 -31.06 58.40 45.91
CA PHE J 156 -31.14 59.67 45.21
C PHE J 156 -32.47 60.35 45.52
N ASN J 157 -32.40 61.66 45.77
CA ASN J 157 -33.58 62.46 46.10
C ASN J 157 -34.29 61.92 47.34
N GLY J 158 -33.52 61.47 48.31
CA GLY J 158 -34.09 60.85 49.50
C GLY J 158 -34.77 59.53 49.25
N VAL J 159 -34.55 58.93 48.09
CA VAL J 159 -35.18 57.68 47.69
C VAL J 159 -34.17 56.55 47.82
N LYS J 160 -34.54 55.51 48.55
CA LYS J 160 -33.76 54.29 48.67
C LYS J 160 -34.17 53.31 47.58
N ILE J 161 -33.19 52.66 46.95
CA ILE J 161 -33.47 51.57 46.03
C ILE J 161 -32.51 50.43 46.35
N THR J 162 -33.04 49.25 46.65
CA THR J 162 -32.22 48.06 46.82
C THR J 162 -32.66 47.00 45.82
N ALA J 163 -31.68 46.36 45.19
CA ALA J 163 -31.94 45.37 44.17
C ALA J 163 -31.45 44.00 44.61
N GLY J 164 -32.13 42.96 44.13
CA GLY J 164 -31.69 41.61 44.36
C GLY J 164 -32.28 41.00 45.62
N PRO J 165 -31.81 39.79 45.98
CA PRO J 165 -30.78 39.06 45.25
C PRO J 165 -31.30 38.42 43.97
N LEU J 166 -30.42 38.20 42.99
CA LEU J 166 -30.84 37.60 41.73
C LEU J 166 -31.49 36.25 41.99
N SER J 167 -32.57 35.98 41.26
CA SER J 167 -33.37 34.78 41.51
C SER J 167 -32.62 33.50 41.21
N THR J 168 -31.49 33.57 40.50
CA THR J 168 -30.70 32.39 40.16
C THR J 168 -29.23 32.65 40.46
N ALA J 169 -28.50 31.58 40.76
CA ALA J 169 -27.07 31.63 40.95
C ALA J 169 -26.30 31.16 39.74
N TRP J 170 -26.96 31.00 38.60
CA TRP J 170 -26.31 30.50 37.39
C TRP J 170 -25.28 31.49 36.89
N THR J 171 -24.13 30.96 36.49
CA THR J 171 -23.05 31.74 35.90
C THR J 171 -22.51 31.04 34.67
N PRO J 172 -22.16 31.78 33.61
CA PRO J 172 -21.61 31.13 32.41
C PRO J 172 -20.26 30.51 32.62
N PHE J 173 -19.47 31.01 33.57
CA PHE J 173 -18.17 30.45 33.86
C PHE J 173 -18.29 29.23 34.76
N ASP J 174 -17.23 28.43 34.77
CA ASP J 174 -17.13 27.27 35.64
C ASP J 174 -15.94 27.46 36.59
N ARG J 175 -15.57 26.40 37.29
CA ARG J 175 -14.54 26.50 38.32
C ARG J 175 -13.22 26.96 37.73
N LYS J 176 -12.79 26.38 36.61
CA LYS J 176 -11.49 26.65 36.01
C LYS J 176 -11.70 27.27 34.64
N ILE J 177 -11.14 28.47 34.42
CA ILE J 177 -11.28 29.14 33.15
C ILE J 177 -9.90 29.58 32.66
N VAL J 178 -9.82 29.85 31.36
CA VAL J 178 -8.58 30.27 30.71
C VAL J 178 -8.88 31.51 29.88
N GLN J 179 -8.10 32.56 30.08
CA GLN J 179 -8.23 33.78 29.29
C GLN J 179 -7.08 33.86 28.29
N TYR J 180 -7.41 34.12 27.03
CA TYR J 180 -6.41 34.30 25.99
C TYR J 180 -6.95 35.26 24.94
N ALA J 181 -6.17 36.31 24.65
CA ALA J 181 -6.49 37.26 23.60
C ALA J 181 -7.87 37.88 23.80
N GLY J 182 -8.22 38.18 25.05
CA GLY J 182 -9.48 38.79 25.34
C GLY J 182 -10.68 37.89 25.22
N GLU J 183 -10.49 36.58 25.27
CA GLU J 183 -11.57 35.62 25.20
C GLU J 183 -11.41 34.61 26.33
N ILE J 184 -12.55 34.15 26.85
CA ILE J 184 -12.59 33.23 27.99
C ILE J 184 -13.01 31.86 27.48
N TYR J 185 -12.28 30.82 27.91
CA TYR J 185 -12.59 29.46 27.57
C TYR J 185 -12.83 28.66 28.84
N ASN J 186 -13.86 27.81 28.82
CA ASN J 186 -14.16 26.91 29.93
C ASN J 186 -13.28 25.68 29.80
N TYR J 187 -12.02 25.84 30.20
CA TYR J 187 -11.02 24.80 30.06
C TYR J 187 -10.59 24.29 31.44
N ASP J 188 -10.47 22.97 31.55
CA ASP J 188 -10.04 22.33 32.79
C ASP J 188 -8.52 22.15 32.73
N PHE J 189 -7.82 23.25 32.99
CA PHE J 189 -6.36 23.24 32.89
C PHE J 189 -5.76 22.40 34.02
N PRO J 190 -4.58 21.81 33.77
CA PRO J 190 -3.92 21.04 34.83
C PRO J 190 -3.51 21.92 35.99
N GLU J 191 -3.48 21.34 37.17
CA GLU J 191 -3.03 22.06 38.35
C GLU J 191 -1.55 22.39 38.21
N TYR J 192 -1.13 23.45 38.90
CA TYR J 192 0.26 23.88 38.82
C TYR J 192 1.18 22.75 39.28
N GLY J 193 2.29 22.58 38.56
CA GLY J 193 3.20 21.49 38.84
C GLY J 193 2.75 20.14 38.34
N ALA J 194 1.68 20.08 37.55
CA ALA J 194 1.17 18.83 37.03
C ALA J 194 0.84 18.91 35.55
N GLY J 195 1.37 19.91 34.85
CA GLY J 195 1.10 20.03 33.44
C GLY J 195 1.75 18.93 32.63
N GLN J 196 1.08 18.54 31.56
CA GLN J 196 1.54 17.40 30.79
C GLN J 196 2.11 17.85 29.44
N PRO J 197 3.10 17.12 28.92
CA PRO J 197 3.68 17.50 27.62
C PRO J 197 2.66 17.37 26.50
N GLY J 198 2.78 18.28 25.53
CA GLY J 198 1.92 18.27 24.37
C GLY J 198 0.53 18.82 24.58
N ALA J 199 0.21 19.29 25.78
CA ALA J 199 -1.10 19.84 26.07
C ALA J 199 -0.93 21.17 26.78
N PHE J 200 -2.04 21.90 26.92
CA PHE J 200 -2.03 23.20 27.57
C PHE J 200 -1.45 23.07 28.97
N GLY J 201 -0.44 23.89 29.26
CA GLY J 201 0.19 23.84 30.56
C GLY J 201 1.44 23.00 30.63
N ASP J 202 2.06 22.66 29.50
CA ASP J 202 3.32 21.92 29.56
C ASP J 202 4.42 22.74 30.21
N ILE J 203 4.35 24.07 30.08
CA ILE J 203 5.18 24.97 30.86
C ILE J 203 4.25 25.89 31.65
N GLN J 204 4.57 26.09 32.93
CA GLN J 204 3.72 26.85 33.82
C GLN J 204 4.55 27.82 34.63
N SER J 205 4.05 29.04 34.77
CA SER J 205 4.67 30.07 35.58
C SER J 205 3.61 30.72 36.46
N ARG J 206 4.02 31.10 37.68
CA ARG J 206 3.07 31.65 38.63
C ARG J 206 2.50 32.97 38.13
N THR J 207 3.36 33.84 37.59
CA THR J 207 2.93 35.10 37.00
C THR J 207 3.66 35.29 35.68
N VAL J 208 3.26 36.33 34.94
CA VAL J 208 3.87 36.60 33.65
C VAL J 208 5.33 37.04 33.80
N SER J 209 5.72 37.48 34.99
CA SER J 209 7.08 37.96 35.24
C SER J 209 7.77 37.18 36.36
N SER J 210 7.25 36.00 36.71
CA SER J 210 7.84 35.21 37.78
C SER J 210 9.19 34.64 37.35
N SER J 211 10.04 34.36 38.33
CA SER J 211 11.35 33.78 38.09
C SER J 211 11.33 32.26 38.06
N ASP J 212 10.22 31.65 38.41
CA ASP J 212 10.09 30.19 38.40
C ASP J 212 9.43 29.72 37.11
N LEU J 213 9.60 28.43 36.83
CA LEU J 213 9.00 27.84 35.64
C LEU J 213 8.95 26.34 35.82
N TYR J 214 7.75 25.76 35.73
CA TYR J 214 7.59 24.33 35.63
C TYR J 214 7.58 23.95 34.17
N ALA J 215 8.21 22.83 33.84
CA ALA J 215 8.32 22.41 32.44
C ALA J 215 8.26 20.90 32.33
N ASN J 216 7.36 20.42 31.47
CA ASN J 216 7.24 19.00 31.16
C ASN J 216 6.98 18.88 29.67
N THR J 217 8.00 18.51 28.90
CA THR J 217 7.88 18.54 27.44
C THR J 217 8.48 17.31 26.75
N ASN J 218 8.81 16.25 27.48
CA ASN J 218 9.50 15.07 26.91
C ASN J 218 10.77 15.47 26.17
N LEU J 219 11.53 16.39 26.75
CA LEU J 219 12.80 16.77 26.16
C LEU J 219 13.81 15.64 26.35
N VAL J 220 14.31 15.11 25.24
CA VAL J 220 15.29 14.03 25.28
C VAL J 220 16.39 14.36 24.29
N LEU J 221 17.64 14.09 24.68
CA LEU J 221 18.81 14.46 23.89
C LEU J 221 19.29 13.27 23.08
N GLN J 222 19.52 13.49 21.80
CA GLN J 222 19.96 12.44 20.88
C GLN J 222 21.42 12.62 20.54
N ARG J 223 22.02 11.55 20.01
CA ARG J 223 23.44 11.56 19.69
C ARG J 223 23.71 12.52 18.54
N PRO J 224 24.76 13.34 18.64
CA PRO J 224 25.09 14.27 17.55
C PRO J 224 25.46 13.52 16.28
N LYS J 225 25.16 14.14 15.14
CA LYS J 225 25.52 13.56 13.85
C LYS J 225 27.04 13.51 13.72
N ALA J 226 27.53 12.54 12.96
CA ALA J 226 28.96 12.35 12.80
C ALA J 226 29.60 13.58 12.17
N GLY J 227 30.66 14.08 12.81
CA GLY J 227 31.36 15.24 12.30
C GLY J 227 30.54 16.51 12.32
N ALA J 228 29.70 16.68 13.34
CA ALA J 228 28.86 17.86 13.46
C ALA J 228 28.82 18.32 14.91
N ILE J 229 28.92 19.63 15.11
CA ILE J 229 28.83 20.23 16.44
C ILE J 229 27.44 20.83 16.55
N HIS J 230 26.54 20.13 17.22
CA HIS J 230 25.21 20.65 17.52
C HIS J 230 24.62 19.81 18.64
N VAL J 231 23.53 20.32 19.21
CA VAL J 231 22.84 19.61 20.29
C VAL J 231 21.50 19.13 19.75
N PRO J 232 21.44 17.93 19.18
CA PRO J 232 20.14 17.40 18.75
C PRO J 232 19.28 17.04 19.94
N TYR J 233 17.97 17.19 19.77
CA TYR J 233 17.03 16.89 20.83
C TYR J 233 15.69 16.55 20.21
N THR J 234 14.85 15.87 20.98
CA THR J 234 13.50 15.57 20.55
C THR J 234 12.57 15.88 21.70
N GLN J 235 11.49 16.61 21.42
CA GLN J 235 10.52 16.93 22.45
C GLN J 235 9.14 17.08 21.83
N ALA J 236 8.13 16.96 22.67
CA ALA J 236 6.76 17.08 22.19
C ALA J 236 6.51 18.51 21.71
N PRO J 237 5.72 18.69 20.64
CA PRO J 237 5.38 20.04 20.20
C PRO J 237 4.69 20.81 21.31
N SER J 238 4.70 22.14 21.17
CA SER J 238 4.22 23.01 22.22
C SER J 238 2.76 22.75 22.52
N GLY J 239 2.43 22.60 23.80
CA GLY J 239 1.06 22.39 24.20
C GLY J 239 0.21 23.64 24.04
N PHE J 240 0.83 24.82 24.17
CA PHE J 240 0.09 26.06 23.95
C PHE J 240 -0.37 26.18 22.50
N GLU J 241 0.52 25.86 21.56
CA GLU J 241 0.14 25.90 20.15
C GLU J 241 -0.94 24.85 19.83
N GLN J 242 -0.81 23.66 20.42
CA GLN J 242 -1.80 22.63 20.19
C GLN J 242 -3.16 23.04 20.72
N TRP J 243 -3.19 23.63 21.92
CA TRP J 243 -4.45 24.13 22.46
C TRP J 243 -5.02 25.24 21.58
N LYS J 244 -4.15 26.13 21.09
CA LYS J 244 -4.60 27.20 20.23
C LYS J 244 -5.16 26.67 18.91
N LYS J 245 -4.71 25.49 18.48
CA LYS J 245 -5.28 24.86 17.29
C LYS J 245 -6.64 24.23 17.61
N ASP J 246 -6.67 23.31 18.58
CA ASP J 246 -7.91 22.70 19.04
C ASP J 246 -8.65 23.73 19.89
N LYS J 247 -9.27 24.69 19.21
CA LYS J 247 -9.64 25.94 19.86
C LYS J 247 -10.80 25.77 20.83
N ALA J 248 -11.86 25.05 20.41
CA ALA J 248 -13.10 24.97 21.19
C ALA J 248 -13.61 26.37 21.49
N PRO J 249 -14.25 27.04 20.51
CA PRO J 249 -14.52 28.50 20.59
C PRO J 249 -15.02 29.01 21.93
N SER J 250 -14.71 30.27 22.21
CA SER J 250 -14.82 30.85 23.54
C SER J 250 -16.28 30.98 23.97
N LEU J 251 -16.48 31.41 25.21
CA LEU J 251 -17.82 31.55 25.78
C LEU J 251 -18.64 32.60 25.06
N LYS J 252 -18.01 33.53 24.36
CA LYS J 252 -18.76 34.56 23.65
C LYS J 252 -19.67 33.98 22.59
N PHE J 253 -19.39 32.76 22.14
CA PHE J 253 -20.19 32.09 21.12
C PHE J 253 -20.94 30.87 21.63
N THR J 254 -20.71 30.47 22.89
CA THR J 254 -21.32 29.26 23.42
C THR J 254 -22.08 29.45 24.72
N ALA J 255 -21.97 30.61 25.37
CA ALA J 255 -22.61 30.78 26.67
C ALA J 255 -24.13 30.76 26.51
N PRO J 256 -24.85 30.13 27.43
CA PRO J 256 -26.31 30.12 27.36
C PRO J 256 -26.88 31.48 27.73
N PHE J 257 -28.17 31.64 27.48
CA PHE J 257 -28.95 32.82 27.86
C PHE J 257 -28.46 34.09 27.17
N GLY J 258 -27.69 33.95 26.10
CA GLY J 258 -27.22 35.11 25.36
C GLY J 258 -26.27 36.01 26.12
N CYS J 259 -25.40 35.43 26.94
CA CYS J 259 -24.42 36.22 27.67
C CYS J 259 -23.36 36.75 26.72
N GLU J 260 -22.86 37.94 27.03
CA GLU J 260 -21.78 38.57 26.27
C GLU J 260 -20.57 38.67 27.20
N ILE J 261 -19.55 37.87 26.95
CA ILE J 261 -18.41 37.76 27.86
C ILE J 261 -17.33 38.73 27.43
N TYR J 262 -16.93 39.61 28.36
CA TYR J 262 -15.87 40.57 28.15
C TYR J 262 -14.76 40.32 29.16
N THR J 263 -13.61 40.93 28.92
CA THR J 263 -12.44 40.77 29.76
C THR J 263 -11.94 42.12 30.22
N ASN J 264 -11.13 42.09 31.27
CA ASN J 264 -10.56 43.28 31.91
C ASN J 264 -11.65 44.24 32.36
N PRO J 265 -12.42 43.89 33.41
CA PRO J 265 -12.38 42.64 34.17
C PRO J 265 -13.16 41.53 33.49
N ILE J 266 -12.91 40.27 33.90
CA ILE J 266 -13.65 39.15 33.33
C ILE J 266 -15.09 39.24 33.80
N ARG J 267 -16.01 39.41 32.86
CA ARG J 267 -17.41 39.59 33.22
C ARG J 267 -18.30 39.03 32.12
N ALA J 268 -19.55 38.77 32.49
CA ALA J 268 -20.60 38.40 31.55
C ALA J 268 -21.70 39.44 31.61
N GLU J 269 -22.17 39.88 30.45
CA GLU J 269 -23.11 40.98 30.37
C GLU J 269 -24.40 40.54 29.71
N ASN J 270 -25.52 41.05 30.23
CA ASN J 270 -26.84 40.89 29.64
C ASN J 270 -27.22 39.42 29.49
N CYS J 271 -27.04 38.66 30.57
CA CYS J 271 -27.52 37.29 30.63
C CYS J 271 -29.02 37.33 30.92
N ALA J 272 -29.83 36.98 29.91
CA ALA J 272 -31.28 37.06 30.04
C ALA J 272 -31.79 35.82 30.78
N VAL J 273 -31.47 35.77 32.07
CA VAL J 273 -31.87 34.67 32.93
C VAL J 273 -32.32 35.24 34.27
N GLY J 274 -33.42 34.71 34.79
CA GLY J 274 -33.90 35.08 36.10
C GLY J 274 -34.49 36.48 36.15
N SER J 275 -34.91 36.86 37.35
CA SER J 275 -35.48 38.18 37.61
C SER J 275 -34.89 38.73 38.90
N ILE J 276 -34.87 40.04 39.02
CA ILE J 276 -34.30 40.73 40.17
C ILE J 276 -35.44 41.34 40.97
N PRO J 277 -35.55 41.05 42.26
CA PRO J 277 -36.43 41.84 43.13
C PRO J 277 -35.89 43.25 43.30
N LEU J 278 -36.80 44.15 43.65
CA LEU J 278 -36.47 45.58 43.68
C LEU J 278 -37.37 46.25 44.71
N ALA J 279 -36.76 46.84 45.73
CA ALA J 279 -37.50 47.51 46.80
C ALA J 279 -37.16 48.99 46.80
N PHE J 280 -38.20 49.82 46.79
CA PHE J 280 -38.09 51.26 46.81
C PHE J 280 -38.56 51.80 48.16
N ASP J 281 -37.93 52.88 48.60
CA ASP J 281 -38.37 53.65 49.76
C ASP J 281 -38.46 55.10 49.32
N ILE J 282 -39.68 55.60 49.21
CA ILE J 282 -39.97 56.92 48.67
C ILE J 282 -40.33 57.85 49.83
N PRO J 283 -39.73 59.02 49.94
CA PRO J 283 -40.17 59.97 50.96
C PRO J 283 -41.56 60.49 50.66
N ASP J 284 -42.25 60.93 51.72
CA ASP J 284 -43.61 61.42 51.58
C ASP J 284 -43.69 62.72 50.78
N ALA J 285 -42.57 63.38 50.54
CA ALA J 285 -42.60 64.64 49.79
C ALA J 285 -42.93 64.40 48.32
N LEU J 286 -42.48 63.29 47.75
CA LEU J 286 -42.70 63.03 46.33
C LEU J 286 -44.18 62.86 46.01
N PHE J 287 -44.92 62.19 46.89
CA PHE J 287 -46.34 62.00 46.68
C PHE J 287 -47.08 63.33 46.77
N THR J 288 -48.14 63.46 45.97
CA THR J 288 -48.95 64.66 45.94
C THR J 288 -50.39 64.31 46.33
N ARG J 289 -51.06 65.26 46.99
CA ARG J 289 -52.43 65.05 47.41
C ARG J 289 -53.33 64.85 46.19
N VAL J 290 -54.34 63.99 46.34
CA VAL J 290 -55.23 63.66 45.24
C VAL J 290 -56.01 64.89 44.78
N SER J 291 -56.25 65.84 45.68
CA SER J 291 -57.03 67.02 45.31
C SER J 291 -56.33 67.87 44.25
N GLU J 292 -55.01 67.76 44.12
CA GLU J 292 -54.28 68.51 43.11
C GLU J 292 -54.07 67.74 41.82
N THR J 293 -54.48 66.46 41.76
CA THR J 293 -54.27 65.69 40.54
C THR J 293 -55.60 65.46 39.83
N PRO J 294 -55.59 65.32 38.50
CA PRO J 294 -56.84 65.06 37.77
C PRO J 294 -57.53 63.79 38.26
N THR J 295 -58.72 63.96 38.83
CA THR J 295 -59.56 62.85 39.22
C THR J 295 -60.51 62.52 38.08
N LEU J 296 -60.55 61.24 37.71
CA LEU J 296 -61.22 60.79 36.50
C LEU J 296 -62.44 59.95 36.83
N SER J 297 -63.48 60.09 36.00
CA SER J 297 -64.68 59.30 36.14
C SER J 297 -65.26 59.03 34.76
N ALA J 298 -66.05 57.95 34.66
CA ALA J 298 -66.76 57.57 33.44
C ALA J 298 -65.78 57.31 32.30
N ALA J 299 -64.99 56.26 32.48
CA ALA J 299 -64.01 55.82 31.49
C ALA J 299 -64.38 54.44 30.97
N GLU J 300 -64.22 54.23 29.67
CA GLU J 300 -64.40 52.93 29.05
C GLU J 300 -63.28 52.67 28.05
N CYS J 301 -62.84 51.41 27.97
CA CYS J 301 -61.76 51.02 27.07
C CYS J 301 -62.33 50.33 25.84
N THR J 302 -61.98 50.84 24.67
CA THR J 302 -62.33 50.22 23.39
C THR J 302 -61.06 49.96 22.61
N LEU J 303 -60.88 48.71 22.18
CA LEU J 303 -59.67 48.34 21.44
C LEU J 303 -59.76 48.87 20.03
N ASN J 304 -58.97 49.90 19.72
CA ASN J 304 -58.88 50.37 18.34
C ASN J 304 -58.36 49.26 17.43
N GLU J 305 -57.32 48.55 17.88
CA GLU J 305 -56.78 47.42 17.14
C GLU J 305 -55.95 46.58 18.08
N CYS J 306 -55.94 45.27 17.85
CA CYS J 306 -55.10 44.37 18.62
C CYS J 306 -54.46 43.36 17.70
N VAL J 307 -53.13 43.28 17.75
CA VAL J 307 -52.36 42.21 17.15
C VAL J 307 -51.35 41.73 18.18
N TYR J 308 -51.34 40.43 18.47
CA TYR J 308 -50.50 39.91 19.54
C TYR J 308 -49.09 39.63 19.01
N SER J 309 -48.41 40.72 18.67
CA SER J 309 -47.02 40.66 18.25
C SER J 309 -46.10 40.90 19.45
N SER J 310 -44.80 40.73 19.22
CA SER J 310 -43.83 40.93 20.30
C SER J 310 -43.81 42.38 20.76
N ASP J 311 -43.87 43.32 19.83
CA ASP J 311 -43.83 44.74 20.16
C ASP J 311 -45.20 45.22 20.61
N PHE J 312 -45.37 46.54 20.72
CA PHE J 312 -46.63 47.13 21.17
C PHE J 312 -47.60 47.20 19.99
N GLY J 313 -48.12 46.02 19.62
CA GLY J 313 -49.01 45.92 18.49
C GLY J 313 -50.46 46.29 18.75
N GLY J 314 -50.83 46.52 20.01
CA GLY J 314 -52.20 46.85 20.36
C GLY J 314 -52.34 48.33 20.66
N ILE J 315 -53.42 48.91 20.15
CA ILE J 315 -53.77 50.31 20.40
C ILE J 315 -55.21 50.36 20.89
N ALA J 316 -55.43 51.10 21.97
CA ALA J 316 -56.74 51.20 22.61
C ALA J 316 -57.05 52.66 22.91
N THR J 317 -58.34 52.96 23.08
CA THR J 317 -58.78 54.30 23.41
C THR J 317 -59.67 54.26 24.64
N VAL J 318 -59.45 55.21 25.55
CA VAL J 318 -60.23 55.33 26.77
C VAL J 318 -60.94 56.67 26.74
N LYS J 319 -62.26 56.64 26.84
CA LYS J 319 -63.09 57.85 26.82
C LYS J 319 -63.11 58.44 28.22
N TYR J 320 -62.34 59.51 28.43
CA TYR J 320 -62.15 60.09 29.76
C TYR J 320 -62.96 61.36 29.90
N SER J 321 -63.52 61.54 31.10
CA SER J 321 -64.24 62.74 31.53
C SER J 321 -63.64 63.14 32.87
N ALA J 322 -62.56 63.93 32.83
CA ALA J 322 -61.78 64.25 34.01
C ALA J 322 -62.24 65.55 34.66
N SER J 323 -61.80 65.75 35.90
CA SER J 323 -62.14 66.96 36.62
C SER J 323 -61.30 68.15 36.15
N LYS J 324 -60.03 67.91 35.83
CA LYS J 324 -59.15 68.98 35.36
C LYS J 324 -58.02 68.37 34.56
N SER J 325 -57.35 69.22 33.79
CA SER J 325 -56.25 68.79 32.95
C SER J 325 -55.00 68.54 33.80
N GLY J 326 -54.11 67.70 33.27
CA GLY J 326 -52.85 67.43 33.92
C GLY J 326 -52.38 66.02 33.59
N LYS J 327 -51.32 65.62 34.28
CA LYS J 327 -50.79 64.27 34.14
C LYS J 327 -51.73 63.26 34.80
N CYS J 328 -51.73 62.04 34.27
CA CYS J 328 -52.55 60.98 34.84
C CYS J 328 -51.88 59.65 34.55
N ALA J 329 -51.48 58.94 35.62
CA ALA J 329 -50.78 57.68 35.46
C ALA J 329 -51.71 56.59 34.96
N VAL J 330 -51.16 55.68 34.16
CA VAL J 330 -51.91 54.55 33.61
C VAL J 330 -51.03 53.31 33.69
N HIS J 331 -51.65 52.18 34.05
CA HIS J 331 -50.90 50.94 34.27
C HIS J 331 -51.88 49.78 34.30
N VAL J 332 -51.39 48.62 33.89
CA VAL J 332 -52.18 47.38 33.91
C VAL J 332 -51.68 46.53 35.08
N PRO J 333 -52.45 46.35 36.15
CA PRO J 333 -51.97 45.55 37.28
C PRO J 333 -51.64 44.11 36.92
N SER J 334 -52.39 43.50 36.01
CA SER J 334 -52.17 42.11 35.64
C SER J 334 -51.12 42.00 34.54
N GLY J 335 -50.74 40.76 34.24
CA GLY J 335 -49.77 40.47 33.21
C GLY J 335 -50.36 40.27 31.83
N THR J 336 -51.66 40.53 31.66
CA THR J 336 -52.28 40.34 30.35
C THR J 336 -51.75 41.33 29.32
N ALA J 337 -51.39 42.53 29.74
CA ALA J 337 -50.90 43.55 28.82
C ALA J 337 -49.68 44.23 29.43
N THR J 338 -49.03 45.06 28.61
CA THR J 338 -47.85 45.81 29.05
C THR J 338 -47.86 47.14 28.29
N LEU J 339 -48.21 48.22 28.99
CA LEU J 339 -48.36 49.51 28.34
C LEU J 339 -47.02 50.06 27.89
N LYS J 340 -47.02 50.75 26.75
CA LYS J 340 -45.81 51.41 26.28
C LYS J 340 -45.46 52.60 27.17
N GLU J 341 -46.45 53.35 27.62
CA GLU J 341 -46.25 54.54 28.43
C GLU J 341 -46.76 54.31 29.85
N ALA J 342 -46.41 55.24 30.73
CA ALA J 342 -46.82 55.19 32.12
C ALA J 342 -47.81 56.28 32.50
N ALA J 343 -47.76 57.44 31.87
CA ALA J 343 -48.66 58.53 32.19
C ALA J 343 -49.09 59.22 30.89
N VAL J 344 -50.29 59.81 30.92
CA VAL J 344 -50.87 60.46 29.77
C VAL J 344 -51.45 61.81 30.18
N GLU J 345 -51.59 62.69 29.18
CA GLU J 345 -52.28 63.95 29.39
C GLU J 345 -53.78 63.71 29.59
N LEU J 346 -54.42 64.59 30.35
CA LEU J 346 -55.82 64.42 30.69
C LEU J 346 -56.50 65.79 30.70
N THR J 347 -57.43 65.99 29.78
CA THR J 347 -58.17 67.24 29.68
C THR J 347 -59.55 67.06 30.34
N GLU J 348 -60.40 68.07 30.19
CA GLU J 348 -61.74 68.01 30.78
C GLU J 348 -62.55 66.87 30.19
N GLN J 349 -62.49 66.70 28.87
CA GLN J 349 -63.23 65.68 28.16
C GLN J 349 -62.38 65.16 27.02
N GLY J 350 -62.65 63.94 26.59
CA GLY J 350 -62.10 63.47 25.34
C GLY J 350 -61.78 61.99 25.39
N SER J 351 -60.88 61.57 24.50
CA SER J 351 -60.43 60.19 24.42
C SER J 351 -58.91 60.17 24.41
N ALA J 352 -58.33 59.31 25.23
CA ALA J 352 -56.88 59.17 25.33
C ALA J 352 -56.49 57.81 24.75
N THR J 353 -55.52 57.82 23.85
CA THR J 353 -55.07 56.60 23.19
C THR J 353 -53.83 56.05 23.87
N ILE J 354 -53.79 54.74 24.06
CA ILE J 354 -52.70 54.06 24.73
C ILE J 354 -52.25 52.89 23.87
N HIS J 355 -50.97 52.52 24.01
CA HIS J 355 -50.38 51.43 23.26
C HIS J 355 -49.93 50.35 24.23
N PHE J 356 -50.26 49.10 23.92
CA PHE J 356 -49.98 47.98 24.80
C PHE J 356 -49.60 46.77 23.96
N SER J 357 -48.93 45.82 24.60
CA SER J 357 -48.54 44.56 23.99
C SER J 357 -49.16 43.41 24.76
N THR J 358 -49.70 42.43 24.04
CA THR J 358 -50.37 41.30 24.66
C THR J 358 -50.07 40.04 23.86
N ALA J 359 -50.24 38.89 24.53
CA ALA J 359 -50.10 37.59 23.91
C ALA J 359 -51.42 36.83 23.85
N ASN J 360 -52.54 37.52 24.09
CA ASN J 360 -53.85 36.90 24.13
C ASN J 360 -54.59 37.15 22.81
N ILE J 361 -55.27 36.12 22.33
CA ILE J 361 -56.18 36.32 21.20
C ILE J 361 -57.33 37.21 21.61
N HIS J 362 -57.91 36.95 22.78
CA HIS J 362 -58.98 37.77 23.35
C HIS J 362 -58.46 38.41 24.63
N PRO J 363 -57.96 39.63 24.59
CA PRO J 363 -57.40 40.23 25.80
C PRO J 363 -58.50 40.71 26.72
N GLU J 364 -58.34 40.40 28.01
CA GLU J 364 -59.32 40.71 29.04
C GLU J 364 -58.54 41.38 30.15
N PHE J 365 -58.27 42.68 30.04
CA PHE J 365 -57.36 43.28 31.01
C PHE J 365 -58.01 44.45 31.71
N ARG J 366 -57.81 44.51 33.03
CA ARG J 366 -58.40 45.52 33.89
C ARG J 366 -57.44 46.70 34.01
N LEU J 367 -57.50 47.57 33.00
CA LEU J 367 -56.62 48.73 32.96
C LEU J 367 -56.91 49.68 34.11
N GLN J 368 -55.87 50.36 34.58
CA GLN J 368 -56.02 51.32 35.66
C GLN J 368 -55.70 52.71 35.14
N ILE J 369 -56.66 53.62 35.29
CA ILE J 369 -56.40 55.04 35.12
C ILE J 369 -56.04 55.61 36.48
N CYS J 370 -55.48 56.82 36.50
CA CYS J 370 -54.84 57.33 37.71
C CYS J 370 -55.79 57.40 38.90
N THR J 371 -57.10 57.43 38.66
CA THR J 371 -58.04 57.40 39.78
C THR J 371 -59.04 56.26 39.73
N SER J 372 -59.32 55.69 38.56
CA SER J 372 -60.34 54.67 38.41
C SER J 372 -59.83 53.52 37.56
N TYR J 373 -60.40 52.35 37.78
CA TYR J 373 -60.06 51.14 37.04
C TYR J 373 -61.18 50.83 36.06
N VAL J 374 -60.81 50.56 34.81
CA VAL J 374 -61.76 50.21 33.77
C VAL J 374 -61.34 48.88 33.16
N THR J 375 -62.30 47.96 33.02
CA THR J 375 -62.03 46.74 32.29
C THR J 375 -61.94 47.04 30.80
N CYS J 376 -61.21 46.20 30.08
CA CYS J 376 -60.98 46.43 28.66
C CYS J 376 -60.98 45.09 27.96
N LYS J 377 -61.92 44.94 27.02
CA LYS J 377 -62.23 43.69 26.35
C LYS J 377 -61.43 43.63 25.05
N GLY J 378 -61.82 42.70 24.16
CA GLY J 378 -61.34 42.78 22.78
C GLY J 378 -61.00 41.47 22.09
N ASP J 379 -60.65 41.57 20.81
CA ASP J 379 -60.15 40.47 20.01
C ASP J 379 -58.86 40.90 19.33
N CYS J 380 -57.98 39.94 19.06
CA CYS J 380 -56.71 40.21 18.39
C CYS J 380 -56.51 39.26 17.23
N HIS J 381 -55.83 39.75 16.20
CA HIS J 381 -55.43 39.07 14.98
C HIS J 381 -53.96 38.69 15.05
N PRO J 382 -53.55 37.60 14.41
CA PRO J 382 -52.14 37.21 14.46
C PRO J 382 -51.29 38.14 13.61
N PRO J 383 -50.02 38.30 13.95
CA PRO J 383 -49.12 39.12 13.12
C PRO J 383 -48.72 38.38 11.86
N LYS J 384 -48.04 39.10 10.97
CA LYS J 384 -47.62 38.55 9.69
C LYS J 384 -46.14 38.23 9.61
N ASP J 385 -45.30 38.91 10.40
CA ASP J 385 -43.87 38.68 10.37
C ASP J 385 -43.52 37.43 11.15
N HIS J 386 -42.96 36.43 10.47
CA HIS J 386 -42.59 35.19 11.15
C HIS J 386 -41.49 35.43 12.17
N ILE J 387 -40.48 36.22 11.81
CA ILE J 387 -39.31 36.46 12.64
C ILE J 387 -39.14 37.96 12.83
N VAL J 388 -38.92 38.38 14.07
CA VAL J 388 -38.70 39.77 14.42
C VAL J 388 -37.39 39.87 15.18
N THR J 389 -36.81 41.07 15.18
CA THR J 389 -35.52 41.31 15.80
C THR J 389 -35.63 41.84 17.23
N HIS J 390 -36.83 41.84 17.80
CA HIS J 390 -37.04 42.32 19.16
C HIS J 390 -37.52 41.19 20.05
N PRO J 391 -37.10 41.15 21.31
CA PRO J 391 -37.65 40.16 22.25
C PRO J 391 -39.09 40.51 22.61
N GLN J 392 -39.75 39.57 23.25
CA GLN J 392 -41.15 39.77 23.63
C GLN J 392 -41.27 40.86 24.68
N TYR J 393 -42.17 41.81 24.44
CA TYR J 393 -42.43 42.88 25.40
C TYR J 393 -43.55 42.53 26.37
N HIS J 394 -44.16 41.36 26.26
CA HIS J 394 -45.27 40.95 27.11
C HIS J 394 -44.90 39.65 27.83
N ALA J 395 -45.88 39.09 28.54
CA ALA J 395 -45.73 37.82 29.23
C ALA J 395 -46.78 36.85 28.70
N GLN J 396 -46.37 35.60 28.51
CA GLN J 396 -47.22 34.59 27.90
C GLN J 396 -47.79 33.67 28.96
N THR J 397 -49.10 33.42 28.86
CA THR J 397 -49.84 32.58 29.80
C THR J 397 -50.12 31.22 29.16
N PHE J 398 -50.34 30.22 30.01
CA PHE J 398 -50.63 28.87 29.52
C PHE J 398 -51.87 28.84 28.65
N THR J 399 -52.93 29.54 29.05
CA THR J 399 -54.18 29.59 28.31
C THR J 399 -54.33 30.90 27.53
N ALA J 400 -53.22 31.55 27.20
CA ALA J 400 -53.29 32.86 26.57
C ALA J 400 -53.82 32.78 25.15
N ALA J 401 -53.50 31.71 24.43
CA ALA J 401 -53.75 31.64 22.99
C ALA J 401 -54.92 30.73 22.63
N VAL J 402 -55.79 30.41 23.57
CA VAL J 402 -56.98 29.61 23.25
C VAL J 402 -58.07 30.54 22.73
N SER J 403 -58.58 30.24 21.53
CA SER J 403 -59.56 31.10 20.89
C SER J 403 -60.96 30.85 21.45
N LYS J 404 -61.90 31.70 21.03
CA LYS J 404 -63.28 31.53 21.44
C LYS J 404 -63.87 30.23 20.93
N THR J 405 -63.58 29.89 19.67
CA THR J 405 -64.14 28.67 19.09
C THR J 405 -63.55 27.42 19.71
N ALA J 406 -62.27 27.45 20.10
CA ALA J 406 -61.66 26.28 20.72
C ALA J 406 -62.25 26.01 22.09
N TRP J 407 -62.55 27.07 22.86
CA TRP J 407 -63.20 26.89 24.14
C TRP J 407 -64.55 26.21 23.99
N THR J 408 -65.31 26.61 22.97
CA THR J 408 -66.61 25.99 22.73
C THR J 408 -66.46 24.51 22.41
N TRP J 409 -65.47 24.16 21.59
CA TRP J 409 -65.27 22.75 21.24
C TRP J 409 -64.88 21.92 22.48
N LEU J 410 -63.94 22.43 23.28
CA LEU J 410 -63.54 21.71 24.48
C LEU J 410 -64.69 21.57 25.46
N THR J 411 -65.47 22.63 25.67
CA THR J 411 -66.61 22.55 26.59
C THR J 411 -67.70 21.64 26.03
N SER J 412 -67.84 21.56 24.71
CA SER J 412 -68.86 20.70 24.13
C SER J 412 -68.48 19.24 24.19
N LEU J 413 -67.18 18.93 24.12
CA LEU J 413 -66.79 17.52 24.14
C LEU J 413 -66.28 17.05 25.50
N LEU J 414 -65.52 17.88 26.22
CA LEU J 414 -65.23 17.65 27.63
C LEU J 414 -66.26 18.42 28.46
N GLY J 415 -66.95 17.71 29.35
CA GLY J 415 -68.05 18.27 30.11
C GLY J 415 -69.35 18.16 29.35
N GLY J 416 -69.31 18.35 28.03
CA GLY J 416 -70.48 18.09 27.22
C GLY J 416 -70.83 16.62 27.19
N SER J 417 -69.81 15.75 27.15
CA SER J 417 -70.07 14.31 27.22
C SER J 417 -70.64 13.92 28.59
N ALA J 418 -70.23 14.62 29.64
CA ALA J 418 -70.77 14.35 30.97
C ALA J 418 -72.28 14.50 30.98
N VAL J 419 -72.83 15.32 30.09
CA VAL J 419 -74.28 15.37 29.92
C VAL J 419 -74.82 14.03 29.45
N ILE J 420 -74.12 13.39 28.51
CA ILE J 420 -74.57 12.08 28.03
C ILE J 420 -74.45 11.03 29.13
N ILE J 421 -73.36 11.06 29.91
CA ILE J 421 -73.26 10.14 31.04
C ILE J 421 -74.40 10.37 32.04
N ILE J 422 -74.71 11.64 32.34
CA ILE J 422 -75.78 11.93 33.28
C ILE J 422 -77.11 11.42 32.75
N ILE J 423 -77.36 11.62 31.45
CA ILE J 423 -78.59 11.14 30.84
C ILE J 423 -78.67 9.62 30.93
N GLY J 424 -77.55 8.94 30.66
CA GLY J 424 -77.56 7.49 30.74
C GLY J 424 -77.84 6.98 32.14
N LEU J 425 -77.20 7.57 33.15
CA LEU J 425 -77.46 7.16 34.53
C LEU J 425 -78.90 7.47 34.94
N VAL J 426 -79.42 8.63 34.53
CA VAL J 426 -80.80 8.97 34.86
C VAL J 426 -81.76 7.96 34.24
N LEU J 427 -81.56 7.62 32.96
CA LEU J 427 -82.42 6.66 32.30
C LEU J 427 -82.31 5.29 32.97
N ALA J 428 -81.10 4.88 33.34
CA ALA J 428 -80.92 3.59 33.99
C ALA J 428 -81.64 3.55 35.33
N THR J 429 -81.52 4.62 36.12
CA THR J 429 -82.20 4.66 37.42
C THR J 429 -83.72 4.66 37.25
N ILE J 430 -84.22 5.40 36.26
CA ILE J 430 -85.67 5.42 36.03
C ILE J 430 -86.18 4.05 35.62
N VAL J 431 -85.45 3.37 34.74
CA VAL J 431 -85.88 2.05 34.29
C VAL J 431 -85.78 1.03 35.43
N ALA J 432 -84.74 1.13 36.25
CA ALA J 432 -84.64 0.23 37.41
C ALA J 432 -85.78 0.45 38.38
N MET J 433 -86.14 1.72 38.63
CA MET J 433 -87.28 2.00 39.50
C MET J 433 -88.56 1.45 38.89
N TYR J 434 -88.73 1.60 37.58
CA TYR J 434 -89.94 1.11 36.92
C TYR J 434 -90.05 -0.40 37.00
N VAL J 435 -88.93 -1.12 36.85
CA VAL J 435 -89.00 -2.58 36.90
C VAL J 435 -89.05 -3.12 38.32
N LEU J 436 -88.55 -2.38 39.31
CA LEU J 436 -88.70 -2.80 40.70
C LEU J 436 -90.00 -2.34 41.33
N THR J 437 -90.74 -1.44 40.69
CA THR J 437 -92.06 -1.08 41.18
C THR J 437 -93.18 -1.91 40.57
N ASN J 438 -92.86 -2.74 39.58
CA ASN J 438 -93.83 -3.66 38.98
C ASN J 438 -93.73 -5.06 39.57
N GLN J 439 -92.87 -5.27 40.56
CA GLN J 439 -92.70 -6.57 41.20
C GLN J 439 -93.72 -6.80 42.30
N LYS J 440 -94.82 -6.06 42.31
CA LYS J 440 -95.85 -6.20 43.34
C LYS J 440 -97.09 -6.88 42.78
N SER K 1 17.09 55.41 18.02
CA SER K 1 17.99 54.28 18.10
C SER K 1 19.31 54.66 18.75
N THR K 2 20.18 55.29 17.97
CA THR K 2 21.53 55.63 18.40
C THR K 2 22.25 54.42 18.97
N GLU K 3 22.96 54.59 20.08
CA GLU K 3 23.83 53.55 20.61
C GLU K 3 23.28 52.87 21.86
N GLU K 4 22.13 53.31 22.39
CA GLU K 4 21.55 52.59 23.51
C GLU K 4 21.13 51.18 23.12
N LEU K 5 20.59 51.03 21.91
CA LEU K 5 20.16 49.71 21.47
C LEU K 5 21.34 48.83 21.09
N PHE K 6 22.40 49.43 20.56
CA PHE K 6 23.57 48.68 20.10
C PHE K 6 24.70 48.65 21.11
N ASN K 7 24.47 49.10 22.35
CA ASN K 7 25.50 49.11 23.37
C ASN K 7 26.09 47.72 23.58
N GLU K 8 25.24 46.70 23.69
CA GLU K 8 25.73 45.34 23.89
C GLU K 8 25.98 44.60 22.59
N TYR K 9 25.42 45.06 21.48
CA TYR K 9 25.61 44.40 20.19
C TYR K 9 26.91 44.82 19.51
N LYS K 10 27.58 45.86 19.99
CA LYS K 10 28.89 46.23 19.50
C LYS K 10 30.01 45.48 20.20
N LEU K 11 29.67 44.63 21.16
CA LEU K 11 30.62 43.77 21.86
C LEU K 11 30.56 42.34 21.35
N THR K 12 29.84 42.09 20.26
CA THR K 12 29.64 40.76 19.73
C THR K 12 30.14 40.68 18.29
N ARG K 13 30.34 39.46 17.81
CA ARG K 13 30.81 39.22 16.46
C ARG K 13 29.95 38.17 15.78
N PRO K 14 29.82 38.25 14.46
CA PRO K 14 29.15 37.17 13.71
C PRO K 14 30.00 35.91 13.76
N TYR K 15 29.33 34.77 13.77
CA TYR K 15 30.01 33.48 13.74
C TYR K 15 29.57 32.69 12.51
N MET K 16 30.16 31.52 12.36
CA MET K 16 29.81 30.57 11.30
C MET K 16 29.30 29.31 11.95
N ALA K 17 28.17 28.81 11.48
CA ALA K 17 27.55 27.65 12.10
C ALA K 17 27.14 26.66 11.04
N ARG K 18 27.00 25.41 11.46
CA ARG K 18 26.64 24.35 10.50
C ARG K 18 25.24 24.60 9.95
N CYS K 19 25.13 24.51 8.63
CA CYS K 19 23.85 24.53 7.92
C CYS K 19 23.66 23.19 7.24
N ILE K 20 22.47 22.61 7.42
CA ILE K 20 22.18 21.31 6.82
C ILE K 20 22.18 21.42 5.29
N ARG K 21 21.78 22.57 4.76
CA ARG K 21 21.62 22.73 3.32
C ARG K 21 22.08 24.11 2.88
N CYS K 22 23.27 24.19 2.29
CA CYS K 22 23.69 25.30 1.45
C CYS K 22 23.47 24.93 -0.01
N ALA K 23 24.04 25.72 -0.91
CA ALA K 23 23.83 25.50 -2.33
C ALA K 23 24.19 24.07 -2.75
N VAL K 24 25.24 23.50 -2.17
CA VAL K 24 25.63 22.11 -2.42
C VAL K 24 25.92 21.46 -1.09
N GLY K 25 25.04 20.54 -0.68
CA GLY K 25 25.28 19.67 0.45
C GLY K 25 25.21 20.33 1.82
N SER K 26 25.68 19.59 2.83
CA SER K 26 25.80 20.08 4.19
C SER K 26 27.03 20.97 4.28
N CYS K 27 27.06 21.82 5.31
CA CYS K 27 27.79 23.06 5.12
C CYS K 27 28.11 23.71 6.46
N HIS K 28 29.02 24.69 6.42
CA HIS K 28 29.26 25.66 7.49
C HIS K 28 28.97 27.04 6.90
N SER K 29 27.81 27.56 7.20
CA SER K 29 27.40 28.82 6.61
C SER K 29 27.80 30.00 7.48
N PRO K 30 28.07 31.15 6.84
CA PRO K 30 28.15 32.41 7.59
C PRO K 30 26.79 32.95 7.99
N ILE K 31 25.72 32.46 7.37
CA ILE K 31 24.36 32.89 7.68
C ILE K 31 23.58 31.62 8.03
N ALA K 32 23.60 31.23 9.30
CA ALA K 32 22.96 30.01 9.76
C ALA K 32 21.77 30.39 10.62
N ILE K 33 20.58 29.92 10.24
CA ILE K 33 19.36 30.26 10.95
C ILE K 33 19.25 29.40 12.20
N GLU K 34 19.14 30.05 13.35
CA GLU K 34 19.03 29.37 14.63
C GLU K 34 17.58 29.12 15.03
N ALA K 35 16.69 30.06 14.73
CA ALA K 35 15.29 29.92 15.08
C ALA K 35 14.46 30.80 14.18
N VAL K 36 13.26 30.32 13.85
CA VAL K 36 12.27 31.07 13.10
C VAL K 36 11.03 31.19 13.96
N LYS K 37 10.59 32.41 14.22
CA LYS K 37 9.38 32.65 15.00
C LYS K 37 8.31 33.21 14.10
N SER K 38 7.19 32.50 14.01
CA SER K 38 6.04 32.91 13.22
C SER K 38 4.76 32.77 14.03
N ASP K 39 4.81 33.27 15.26
CA ASP K 39 3.63 33.30 16.13
C ASP K 39 2.82 34.58 15.98
N GLY K 40 3.28 35.53 15.17
CA GLY K 40 2.51 36.70 14.86
C GLY K 40 1.40 36.37 13.88
N HIS K 41 0.63 37.39 13.53
CA HIS K 41 -0.56 37.19 12.71
C HIS K 41 -0.31 37.39 11.22
N ASP K 42 0.06 38.59 10.80
CA ASP K 42 0.00 38.92 9.38
C ASP K 42 1.29 38.57 8.64
N GLY K 43 1.74 37.33 8.79
CA GLY K 43 2.84 36.83 8.00
C GLY K 43 4.20 37.39 8.34
N TYR K 44 4.32 38.17 9.41
CA TYR K 44 5.62 38.69 9.83
C TYR K 44 6.35 37.65 10.67
N VAL K 45 7.62 37.43 10.37
CA VAL K 45 8.44 36.46 11.08
C VAL K 45 9.69 37.14 11.60
N ARG K 46 10.11 36.74 12.80
CA ARG K 46 11.40 37.13 13.35
C ARG K 46 12.35 35.96 13.23
N LEU K 47 13.56 36.25 12.77
CA LEU K 47 14.51 35.23 12.31
C LEU K 47 15.84 35.51 13.00
N GLN K 48 16.33 34.56 13.78
CA GLN K 48 17.65 34.68 14.38
C GLN K 48 18.65 33.98 13.49
N THR K 49 19.74 34.67 13.18
CA THR K 49 20.77 34.14 12.30
C THR K 49 22.13 34.31 12.97
N SER K 50 23.13 33.62 12.44
CA SER K 50 24.48 33.73 12.97
C SER K 50 25.19 35.01 12.54
N SER K 51 24.67 35.70 11.53
CA SER K 51 25.21 36.97 11.08
C SER K 51 24.45 38.12 11.72
N GLN K 52 25.09 39.28 11.77
CA GLN K 52 24.54 40.44 12.46
C GLN K 52 24.12 41.51 11.47
N TYR K 53 23.21 42.38 11.91
CA TYR K 53 22.64 43.42 11.09
C TYR K 53 22.67 44.75 11.84
N GLY K 54 22.77 45.83 11.08
CA GLY K 54 22.67 47.17 11.62
C GLY K 54 23.99 47.84 11.92
N LEU K 55 25.07 47.08 12.04
CA LEU K 55 26.39 47.65 12.32
C LEU K 55 27.42 47.01 11.42
N ASP K 56 28.41 47.81 11.01
CA ASP K 56 29.36 47.43 9.99
C ASP K 56 30.50 46.59 10.56
N SER K 57 31.47 46.27 9.70
CA SER K 57 32.52 45.32 10.06
C SER K 57 33.36 45.82 11.23
N SER K 58 33.74 47.10 11.19
CA SER K 58 34.56 47.65 12.27
C SER K 58 33.78 47.69 13.58
N GLY K 59 32.46 47.82 13.50
CA GLY K 59 31.61 47.90 14.67
C GLY K 59 30.77 49.16 14.76
N ASN K 60 30.90 50.08 13.81
CA ASN K 60 30.11 51.29 13.82
C ASN K 60 28.73 51.03 13.21
N LEU K 61 27.79 51.94 13.48
CA LEU K 61 26.41 51.76 13.09
C LEU K 61 26.25 52.10 11.61
N LYS K 62 25.95 51.09 10.80
CA LYS K 62 25.66 51.27 9.39
C LYS K 62 24.31 50.65 9.10
N GLY K 63 23.35 51.48 8.67
CA GLY K 63 22.00 51.01 8.49
C GLY K 63 21.85 50.11 7.28
N ARG K 64 20.90 49.17 7.38
CA ARG K 64 20.57 48.24 6.30
C ARG K 64 21.80 47.51 5.78
N THR K 65 22.55 46.91 6.71
CA THR K 65 23.77 46.19 6.39
C THR K 65 23.80 44.90 7.19
N MET K 66 24.27 43.82 6.56
CA MET K 66 24.45 42.54 7.22
C MET K 66 25.94 42.28 7.39
N ARG K 67 26.34 41.96 8.62
CA ARG K 67 27.71 41.64 8.95
C ARG K 67 27.81 40.14 9.16
N TYR K 68 28.69 39.48 8.40
CA TYR K 68 28.87 38.05 8.55
C TYR K 68 30.34 37.73 8.78
N ASP K 69 30.63 36.44 8.92
CA ASP K 69 31.96 35.94 9.25
C ASP K 69 32.37 34.94 8.19
N MET K 70 33.55 35.14 7.61
CA MET K 70 34.16 34.17 6.70
C MET K 70 35.52 33.78 7.26
N HIS K 71 35.57 32.60 7.86
CA HIS K 71 36.84 31.98 8.26
C HIS K 71 37.66 32.89 9.15
N GLY K 72 36.98 33.59 10.05
CA GLY K 72 37.63 34.47 11.00
C GLY K 72 37.70 35.93 10.57
N THR K 73 37.36 36.24 9.33
CA THR K 73 37.38 37.61 8.85
C THR K 73 35.95 38.13 8.77
N ILE K 74 35.70 39.27 9.39
CA ILE K 74 34.36 39.83 9.46
C ILE K 74 34.13 40.67 8.20
N LYS K 75 33.12 40.30 7.42
CA LYS K 75 32.78 40.99 6.18
C LYS K 75 31.37 41.55 6.29
N GLU K 76 30.98 42.33 5.27
CA GLU K 76 29.68 43.01 5.30
C GLU K 76 29.10 43.07 3.90
N ILE K 77 27.78 43.21 3.84
CA ILE K 77 27.06 43.29 2.57
C ILE K 77 25.78 44.11 2.77
N PRO K 78 25.40 44.96 1.83
CA PRO K 78 24.14 45.70 1.97
C PRO K 78 22.95 44.75 2.09
N LEU K 79 21.99 45.14 2.93
CA LEU K 79 20.87 44.26 3.25
C LEU K 79 19.95 43.99 2.06
N HIS K 80 19.96 44.86 1.06
CA HIS K 80 19.15 44.62 -0.13
C HIS K 80 19.75 43.54 -1.03
N GLN K 81 20.99 43.12 -0.78
CA GLN K 81 21.64 42.10 -1.56
C GLN K 81 21.40 40.69 -1.03
N VAL K 82 20.79 40.56 0.14
CA VAL K 82 20.46 39.27 0.73
C VAL K 82 18.95 39.06 0.61
N SER K 83 18.56 37.87 0.17
CA SER K 83 17.17 37.53 -0.03
C SER K 83 16.84 36.24 0.69
N LEU K 84 15.59 36.11 1.09
CA LEU K 84 15.10 34.87 1.71
C LEU K 84 13.73 34.55 1.17
N TYR K 85 13.37 33.27 1.24
CA TYR K 85 12.06 32.81 0.80
C TYR K 85 11.69 31.56 1.56
N THR K 86 10.38 31.32 1.68
CA THR K 86 9.89 30.10 2.31
C THR K 86 9.22 29.21 1.28
N SER K 87 8.19 29.75 0.63
CA SER K 87 7.57 29.15 -0.54
C SER K 87 7.48 30.12 -1.70
N ARG K 88 7.33 31.42 -1.40
CA ARG K 88 7.44 32.51 -2.35
C ARG K 88 8.47 33.48 -1.77
N PRO K 89 8.96 34.44 -2.54
CA PRO K 89 9.95 35.37 -1.98
C PRO K 89 9.43 36.13 -0.77
N CYS K 90 10.33 36.35 0.19
CA CYS K 90 10.05 37.13 1.38
C CYS K 90 10.62 38.53 1.23
N HIS K 91 10.09 39.45 2.02
CA HIS K 91 10.54 40.83 2.03
C HIS K 91 11.10 41.16 3.41
N ILE K 92 12.40 41.43 3.48
CA ILE K 92 13.02 41.82 4.74
C ILE K 92 12.51 43.19 5.15
N VAL K 93 11.98 43.28 6.37
CA VAL K 93 11.52 44.55 6.89
C VAL K 93 12.66 45.32 7.55
N ASP K 94 13.45 44.65 8.38
CA ASP K 94 14.58 45.31 9.04
C ASP K 94 15.48 44.25 9.66
N GLY K 95 16.57 44.70 10.25
CA GLY K 95 17.46 43.83 10.97
C GLY K 95 18.08 44.56 12.14
N HIS K 96 18.41 43.82 13.19
CA HIS K 96 19.02 44.41 14.38
C HIS K 96 19.78 43.31 15.10
N GLY K 97 21.08 43.50 15.25
CA GLY K 97 21.89 42.51 15.94
C GLY K 97 21.79 41.16 15.26
N TYR K 98 21.57 40.12 16.04
CA TYR K 98 21.43 38.77 15.51
C TYR K 98 20.08 38.51 14.85
N PHE K 99 19.14 39.44 14.96
CA PHE K 99 17.76 39.19 14.59
C PHE K 99 17.38 39.96 13.32
N LEU K 100 16.36 39.45 12.64
CA LEU K 100 15.92 40.00 11.37
C LEU K 100 14.41 39.88 11.29
N LEU K 101 13.73 40.97 10.97
CA LEU K 101 12.29 40.99 10.83
C LEU K 101 11.95 40.98 9.34
N ALA K 102 11.15 40.00 8.92
CA ALA K 102 10.79 39.84 7.52
C ALA K 102 9.30 39.55 7.42
N ARG K 103 8.79 39.61 6.20
CA ARG K 103 7.37 39.36 5.91
C ARG K 103 7.30 38.18 4.95
N CYS K 104 6.93 37.01 5.46
CA CYS K 104 7.04 35.79 4.70
C CYS K 104 5.68 35.13 4.48
N PRO K 105 5.47 34.48 3.34
CA PRO K 105 4.30 33.62 3.18
C PRO K 105 4.48 32.30 3.91
N ALA K 106 3.38 31.56 4.03
CA ALA K 106 3.43 30.28 4.70
C ALA K 106 4.30 29.29 3.93
N GLY K 107 5.16 28.58 4.65
CA GLY K 107 6.03 27.60 4.01
C GLY K 107 6.49 26.57 5.01
N ASP K 108 7.03 25.48 4.47
CA ASP K 108 7.51 24.36 5.28
C ASP K 108 8.99 24.45 5.61
N SER K 109 9.68 25.45 5.07
CA SER K 109 11.10 25.66 5.34
C SER K 109 11.40 27.11 5.06
N ILE K 110 12.61 27.56 5.40
CA ILE K 110 13.02 28.92 5.09
C ILE K 110 14.49 28.90 4.69
N THR K 111 14.79 29.56 3.58
CA THR K 111 16.15 29.65 3.06
C THR K 111 16.59 31.11 2.99
N MET K 112 17.85 31.34 3.32
CA MET K 112 18.47 32.66 3.20
C MET K 112 19.60 32.58 2.18
N GLU K 113 19.63 33.56 1.26
CA GLU K 113 20.63 33.57 0.20
C GLU K 113 21.16 34.98 0.00
N PHE K 114 22.47 35.08 -0.17
CA PHE K 114 23.09 36.29 -0.71
C PHE K 114 24.22 35.86 -1.63
N LYS K 115 24.47 36.68 -2.65
CA LYS K 115 25.47 36.38 -3.67
C LYS K 115 26.63 37.36 -3.51
N LYS K 116 27.82 36.81 -3.33
CA LYS K 116 29.03 37.61 -3.44
C LYS K 116 29.44 37.70 -4.90
N ASP K 117 30.50 38.47 -5.18
CA ASP K 117 30.94 38.64 -6.56
C ASP K 117 31.40 37.34 -7.19
N SER K 118 31.69 36.32 -6.38
CA SER K 118 32.16 35.04 -6.90
C SER K 118 31.19 33.90 -6.63
N VAL K 119 30.80 33.66 -5.37
CA VAL K 119 30.05 32.48 -4.99
C VAL K 119 28.72 32.88 -4.36
N ARG K 120 27.79 31.93 -4.32
CA ARG K 120 26.48 32.11 -3.74
C ARG K 120 26.40 31.36 -2.42
N HIS K 121 25.98 32.06 -1.37
CA HIS K 121 25.81 31.48 -0.04
C HIS K 121 24.33 31.30 0.24
N SER K 122 23.95 30.08 0.63
CA SER K 122 22.57 29.74 0.93
C SER K 122 22.52 28.97 2.25
N CYS K 123 21.35 28.98 2.88
CA CYS K 123 21.11 28.19 4.08
C CYS K 123 19.61 27.92 4.18
N SER K 124 19.23 26.65 4.09
CA SER K 124 17.84 26.24 4.20
C SER K 124 17.65 25.48 5.51
N VAL K 125 16.60 25.82 6.26
CA VAL K 125 16.31 25.12 7.49
C VAL K 125 14.84 24.69 7.50
N PRO K 126 14.53 23.53 8.12
CA PRO K 126 13.19 22.93 8.05
C PRO K 126 12.23 23.46 9.12
N TYR K 127 12.20 24.77 9.30
CA TYR K 127 11.33 25.38 10.30
C TYR K 127 10.08 25.91 9.59
N GLU K 128 8.93 25.36 9.95
CA GLU K 128 7.68 25.78 9.34
C GLU K 128 7.40 27.25 9.60
N VAL K 129 7.04 27.97 8.54
CA VAL K 129 6.56 29.34 8.64
C VAL K 129 5.06 29.31 8.37
N LYS K 130 4.28 29.78 9.33
CA LYS K 130 2.83 29.73 9.24
C LYS K 130 2.25 31.13 9.14
N PHE K 131 1.22 31.29 8.32
CA PHE K 131 0.50 32.54 8.16
C PHE K 131 -0.80 32.44 8.94
N ASN K 132 -0.97 33.31 9.92
CA ASN K 132 -2.10 33.22 10.83
C ASN K 132 -3.11 34.33 10.55
N PRO K 133 -4.25 34.02 9.95
CA PRO K 133 -5.26 35.06 9.69
C PRO K 133 -5.85 35.57 10.98
N VAL K 134 -6.37 36.80 10.92
CA VAL K 134 -7.00 37.45 12.06
C VAL K 134 -8.50 37.41 11.86
N GLY K 135 -9.22 36.88 12.84
CA GLY K 135 -10.67 36.85 12.80
C GLY K 135 -11.22 35.52 12.35
N ARG K 136 -12.45 35.58 11.82
CA ARG K 136 -13.20 34.38 11.46
C ARG K 136 -13.30 34.19 9.95
N GLU K 137 -12.47 34.89 9.18
CA GLU K 137 -12.36 34.68 7.74
C GLU K 137 -10.93 34.27 7.44
N LEU K 138 -10.78 33.06 6.88
CA LEU K 138 -9.45 32.47 6.70
C LEU K 138 -8.90 32.90 5.36
N TYR K 139 -8.12 33.98 5.38
CA TYR K 139 -7.45 34.48 4.19
C TYR K 139 -5.99 34.05 4.18
N THR K 140 -5.40 34.04 3.00
CA THR K 140 -3.98 33.76 2.85
C THR K 140 -3.15 34.98 2.51
N HIS K 141 -3.79 36.08 2.09
CA HIS K 141 -3.12 37.34 1.87
C HIS K 141 -3.97 38.42 2.54
N PRO K 142 -3.36 39.34 3.28
CA PRO K 142 -4.14 40.36 3.99
C PRO K 142 -5.02 41.14 3.03
N PRO K 143 -6.27 41.42 3.43
CA PRO K 143 -7.20 42.08 2.52
C PRO K 143 -6.84 43.53 2.28
N GLU K 144 -7.33 44.05 1.15
CA GLU K 144 -7.13 45.47 0.84
C GLU K 144 -8.00 46.35 1.72
N HIS K 145 -9.20 45.91 2.06
CA HIS K 145 -10.11 46.67 2.90
C HIS K 145 -10.92 45.72 3.76
N GLY K 146 -11.49 46.25 4.82
CA GLY K 146 -12.29 45.46 5.73
C GLY K 146 -12.63 46.20 7.00
N VAL K 147 -12.42 45.57 8.16
CA VAL K 147 -12.65 46.20 9.44
C VAL K 147 -11.43 45.95 10.32
N GLU K 148 -11.18 46.87 11.25
CA GLU K 148 -10.01 46.78 12.10
C GLU K 148 -10.29 45.88 13.29
N GLN K 149 -9.42 44.90 13.51
CA GLN K 149 -9.52 44.00 14.64
C GLN K 149 -8.17 43.95 15.36
N ALA K 150 -8.22 43.68 16.66
CA ALA K 150 -6.99 43.57 17.43
C ALA K 150 -6.20 42.33 17.02
N CYS K 151 -4.87 42.47 16.98
CA CYS K 151 -3.99 41.37 16.62
C CYS K 151 -2.63 41.61 17.25
N GLN K 152 -1.81 40.57 17.22
CA GLN K 152 -0.43 40.65 17.70
C GLN K 152 0.50 40.36 16.53
N VAL K 153 1.41 41.29 16.26
CA VAL K 153 2.36 41.15 15.17
C VAL K 153 3.75 41.50 15.69
N TYR K 154 4.76 40.97 15.01
CA TYR K 154 6.14 41.30 15.36
C TYR K 154 6.40 42.75 14.99
N ALA K 155 6.47 43.61 16.01
CA ALA K 155 6.56 45.05 15.78
C ALA K 155 7.89 45.41 15.13
N HIS K 156 7.85 46.49 14.34
CA HIS K 156 9.06 47.03 13.73
C HIS K 156 9.69 48.09 14.64
N ASP K 157 10.18 47.63 15.79
CA ASP K 157 10.97 48.46 16.67
C ASP K 157 12.03 47.61 17.35
N ALA K 158 13.21 48.20 17.55
CA ALA K 158 14.33 47.51 18.16
C ALA K 158 14.56 47.95 19.60
N GLN K 159 13.57 48.58 20.23
CA GLN K 159 13.75 49.09 21.58
C GLN K 159 13.90 47.93 22.57
N ASN K 160 14.46 48.27 23.73
CA ASN K 160 14.81 47.27 24.74
C ASN K 160 13.58 47.00 25.58
N ARG K 161 12.83 45.96 25.21
CA ARG K 161 11.71 45.49 26.02
C ARG K 161 12.22 44.39 26.96
N GLY K 162 11.32 43.62 27.55
CA GLY K 162 11.72 42.70 28.62
C GLY K 162 12.66 41.60 28.17
N ALA K 163 12.48 41.10 26.95
CA ALA K 163 13.16 39.88 26.54
C ALA K 163 14.67 40.07 26.41
N TYR K 164 15.40 38.99 26.64
CA TYR K 164 16.86 38.99 26.53
C TYR K 164 17.35 37.62 26.09
N VAL K 165 18.57 37.60 25.55
CA VAL K 165 19.34 36.39 25.33
C VAL K 165 20.71 36.61 25.96
N GLU K 166 21.54 35.57 25.96
CA GLU K 166 22.83 35.60 26.63
C GLU K 166 23.95 35.67 25.62
N MET K 167 24.87 36.60 25.82
CA MET K 167 26.11 36.64 25.04
C MET K 167 27.24 36.10 25.91
N HIS K 168 28.01 35.17 25.32
CA HIS K 168 28.92 34.30 26.04
C HIS K 168 30.32 34.43 25.46
N LEU K 169 31.30 34.01 26.24
CA LEU K 169 32.68 33.97 25.77
C LEU K 169 32.85 32.87 24.73
N PRO K 170 33.30 33.17 23.53
CA PRO K 170 33.40 32.14 22.49
C PRO K 170 34.50 31.13 22.79
N GLY K 171 34.33 29.94 22.25
CA GLY K 171 35.38 28.94 22.32
C GLY K 171 36.35 29.06 21.16
N SER K 172 37.52 28.45 21.34
CA SER K 172 38.55 28.52 20.32
C SER K 172 38.11 27.79 19.06
N GLU K 173 38.34 28.40 17.91
CA GLU K 173 37.94 27.86 16.62
C GLU K 173 39.16 27.32 15.90
N VAL K 174 39.14 26.04 15.57
CA VAL K 174 40.28 25.40 14.91
C VAL K 174 40.39 25.93 13.49
N ASP K 175 41.63 26.19 13.06
CA ASP K 175 41.93 26.66 11.72
C ASP K 175 43.12 25.86 11.20
N SER K 176 42.88 25.05 10.17
CA SER K 176 43.94 24.24 9.59
C SER K 176 44.79 25.01 8.59
N SER K 177 44.42 26.25 8.25
CA SER K 177 45.22 27.04 7.33
C SER K 177 46.49 27.55 8.00
N LEU K 178 46.48 27.72 9.31
CA LEU K 178 47.66 28.19 10.02
C LEU K 178 48.80 27.18 9.92
N VAL K 179 48.49 25.90 10.03
CA VAL K 179 49.51 24.85 10.00
C VAL K 179 49.97 24.63 8.57
N SER K 180 51.27 24.68 8.35
CA SER K 180 51.87 24.41 7.05
C SER K 180 53.09 23.50 7.25
N LEU K 181 53.63 23.01 6.15
CA LEU K 181 54.81 22.15 6.17
C LEU K 181 55.96 22.93 5.51
N SER K 182 56.84 23.50 6.33
CA SER K 182 57.86 24.39 5.79
C SER K 182 59.07 23.61 5.27
N GLY K 183 59.77 22.91 6.16
CA GLY K 183 60.96 22.18 5.81
C GLY K 183 60.83 20.70 6.08
N SER K 184 59.69 20.12 5.68
CA SER K 184 59.27 18.79 6.10
C SER K 184 59.02 18.74 7.60
N SER K 185 58.74 19.91 8.18
CA SER K 185 58.37 20.03 9.58
C SER K 185 57.28 21.09 9.68
N VAL K 186 56.44 20.98 10.71
CA VAL K 186 55.24 21.80 10.73
C VAL K 186 55.59 23.21 11.19
N THR K 187 54.77 24.16 10.77
CA THR K 187 55.00 25.56 11.08
C THR K 187 53.66 26.24 11.24
N VAL K 188 53.45 26.90 12.37
CA VAL K 188 52.21 27.61 12.65
C VAL K 188 52.49 29.09 12.54
N THR K 189 51.72 29.77 11.68
CA THR K 189 51.85 31.20 11.44
C THR K 189 50.53 31.85 11.82
N PRO K 190 50.39 32.30 13.07
CA PRO K 190 49.14 32.91 13.48
C PRO K 190 48.89 34.20 12.71
N PRO K 191 47.63 34.58 12.53
CA PRO K 191 47.32 35.83 11.85
C PRO K 191 47.87 37.02 12.63
N ASP K 192 47.99 38.15 11.93
CA ASP K 192 48.65 39.34 12.47
C ASP K 192 48.05 39.74 13.81
N GLY K 193 48.88 39.68 14.85
CA GLY K 193 48.47 40.10 16.18
C GLY K 193 47.37 39.25 16.79
N THR K 194 47.48 37.93 16.66
CA THR K 194 46.49 37.02 17.22
C THR K 194 47.18 35.76 17.71
N SER K 195 46.87 35.34 18.94
CA SER K 195 47.42 34.11 19.47
C SER K 195 46.77 32.90 18.80
N ALA K 196 47.46 31.77 18.85
CA ALA K 196 46.95 30.54 18.25
C ALA K 196 47.53 29.36 19.05
N LEU K 197 46.69 28.75 19.89
CA LEU K 197 47.13 27.61 20.69
C LEU K 197 47.36 26.40 19.78
N VAL K 198 48.55 25.82 19.86
CA VAL K 198 48.94 24.70 19.02
C VAL K 198 49.03 23.46 19.89
N GLU K 199 48.20 22.46 19.55
CA GLU K 199 48.18 21.17 20.24
C GLU K 199 48.63 20.10 19.27
N CYS K 200 49.67 19.36 19.66
CA CYS K 200 50.28 18.36 18.78
C CYS K 200 50.51 17.08 19.55
N GLU K 201 50.36 15.95 18.84
CA GLU K 201 50.43 14.62 19.44
C GLU K 201 51.51 13.75 18.81
N CYS K 202 52.55 14.35 18.24
CA CYS K 202 53.71 13.58 17.82
C CYS K 202 54.56 13.31 19.06
N GLY K 203 55.80 12.85 18.85
CA GLY K 203 56.65 12.53 19.98
C GLY K 203 56.84 13.73 20.90
N GLY K 204 56.16 13.70 22.04
CA GLY K 204 56.11 14.85 22.91
C GLY K 204 54.89 15.70 22.59
N THR K 205 53.90 15.73 23.49
CA THR K 205 52.70 16.52 23.26
C THR K 205 53.03 18.00 23.34
N LYS K 206 52.56 18.78 22.38
CA LYS K 206 52.83 20.21 22.31
C LYS K 206 51.56 20.96 22.68
N ILE K 207 51.66 21.86 23.66
CA ILE K 207 50.52 22.61 24.17
C ILE K 207 50.88 24.09 24.03
N SER K 208 51.61 24.42 22.97
CA SER K 208 52.24 25.73 22.86
C SER K 208 51.18 26.79 22.58
N GLU K 209 50.83 27.57 23.61
CA GLU K 209 49.77 28.56 23.46
C GLU K 209 50.33 29.92 23.03
N THR K 210 51.22 30.49 23.85
CA THR K 210 51.64 31.87 23.66
C THR K 210 52.58 32.04 22.46
N ILE K 211 52.08 31.76 21.26
CA ILE K 211 52.79 32.08 20.03
C ILE K 211 52.02 33.18 19.32
N ASN K 212 52.73 34.21 18.86
CA ASN K 212 52.11 35.37 18.26
C ASN K 212 52.56 35.67 16.84
N LYS K 213 53.77 35.24 16.46
CA LYS K 213 54.35 35.62 15.19
C LYS K 213 54.52 34.43 14.24
N THR K 214 55.27 33.42 14.66
CA THR K 214 55.51 32.22 13.89
C THR K 214 56.25 31.23 14.78
N LYS K 215 55.93 29.95 14.65
CA LYS K 215 56.65 28.94 15.42
C LYS K 215 56.79 27.69 14.57
N GLN K 216 58.03 27.20 14.47
CA GLN K 216 58.34 26.02 13.69
C GLN K 216 58.53 24.84 14.63
N PHE K 217 57.69 23.82 14.48
CA PHE K 217 57.80 22.58 15.26
C PHE K 217 58.40 21.51 14.35
N SER K 218 59.59 21.03 14.73
CA SER K 218 60.25 19.97 13.99
C SER K 218 59.98 18.59 14.57
N GLN K 219 59.42 18.52 15.78
CA GLN K 219 59.06 17.22 16.34
C GLN K 219 57.98 16.54 15.51
N CYS K 220 56.99 17.30 15.06
CA CYS K 220 55.88 16.77 14.28
C CYS K 220 56.20 16.96 12.80
N THR K 221 56.25 15.85 12.06
CA THR K 221 56.60 15.87 10.65
C THR K 221 55.39 15.91 9.72
N LYS K 222 54.17 15.83 10.26
CA LYS K 222 52.96 15.80 9.45
C LYS K 222 52.00 16.88 9.93
N LYS K 223 51.28 17.49 8.98
CA LYS K 223 50.30 18.50 9.33
C LYS K 223 49.09 17.89 10.02
N GLU K 224 48.78 16.63 9.74
CA GLU K 224 47.57 16.00 10.26
C GLU K 224 47.65 15.69 11.75
N GLN K 225 48.83 15.81 12.38
CA GLN K 225 48.98 15.53 13.80
C GLN K 225 49.17 16.78 14.63
N CYS K 226 48.79 17.94 14.10
CA CYS K 226 48.82 19.19 14.84
C CYS K 226 47.52 19.95 14.58
N ARG K 227 47.09 20.71 15.58
CA ARG K 227 45.85 21.49 15.50
C ARG K 227 46.10 22.87 16.08
N ALA K 228 45.84 23.89 15.28
CA ALA K 228 45.99 25.28 15.70
C ALA K 228 44.60 25.89 15.92
N TYR K 229 44.38 26.42 17.11
CA TYR K 229 43.12 27.04 17.50
C TYR K 229 43.34 28.54 17.61
N ARG K 230 42.57 29.30 16.84
CA ARG K 230 42.60 30.75 16.97
C ARG K 230 41.99 31.17 18.30
N LEU K 231 42.63 32.15 18.94
CA LEU K 231 42.17 32.68 20.21
C LEU K 231 41.70 34.11 20.00
N GLN K 232 40.44 34.40 20.34
CA GLN K 232 39.90 35.75 20.22
C GLN K 232 39.65 36.38 21.58
N ASN K 233 38.80 35.76 22.41
CA ASN K 233 38.62 36.14 23.82
C ASN K 233 38.34 37.64 24.00
N ASP K 234 37.90 38.33 22.97
CA ASP K 234 37.67 39.77 23.08
C ASP K 234 36.26 40.17 22.67
N LYS K 235 35.68 39.54 21.65
CA LYS K 235 34.31 39.79 21.26
C LYS K 235 33.47 38.55 21.55
N TRP K 236 32.38 38.77 22.28
CA TRP K 236 31.54 37.69 22.78
C TRP K 236 30.55 37.25 21.72
N VAL K 237 30.01 36.05 21.88
CA VAL K 237 29.17 35.45 20.87
C VAL K 237 27.89 34.96 21.54
N TYR K 238 26.84 34.81 20.74
CA TYR K 238 25.61 34.23 21.24
C TYR K 238 25.84 32.79 21.68
N ASN K 239 25.12 32.37 22.72
CA ASN K 239 25.29 31.06 23.32
C ASN K 239 24.66 30.00 22.41
N SER K 240 25.28 29.84 21.24
CA SER K 240 24.75 28.91 20.24
C SER K 240 25.18 27.49 20.55
N ASP K 241 24.44 26.54 19.98
CA ASP K 241 24.73 25.12 20.15
C ASP K 241 25.56 24.56 19.00
N LYS K 242 25.89 25.36 18.00
CA LYS K 242 26.74 24.93 16.91
C LYS K 242 28.18 25.43 17.05
N LEU K 243 28.54 25.92 18.23
CA LEU K 243 29.85 26.44 18.55
C LEU K 243 30.42 25.71 19.77
N PRO K 244 31.72 25.41 19.78
CA PRO K 244 32.30 24.78 20.96
C PRO K 244 32.25 25.71 22.16
N LYS K 245 32.11 25.10 23.34
CA LYS K 245 32.01 25.87 24.58
C LYS K 245 33.38 26.14 25.16
N ALA K 246 33.58 27.37 25.62
CA ALA K 246 34.84 27.75 26.25
C ALA K 246 34.87 27.26 27.69
N ALA K 247 36.07 26.96 28.16
CA ALA K 247 36.23 26.44 29.51
C ALA K 247 35.94 27.52 30.56
N GLY K 248 35.44 27.07 31.70
CA GLY K 248 35.14 27.97 32.80
C GLY K 248 33.84 28.72 32.60
N ALA K 249 33.61 29.69 33.48
CA ALA K 249 32.43 30.53 33.38
C ALA K 249 32.51 31.38 32.12
N THR K 250 31.43 31.37 31.34
CA THR K 250 31.42 32.02 30.04
C THR K 250 30.37 33.11 29.90
N LEU K 251 29.37 33.16 30.76
CA LEU K 251 28.31 34.17 30.62
C LEU K 251 28.89 35.55 30.80
N LYS K 252 28.77 36.38 29.75
CA LYS K 252 29.36 37.71 29.75
C LYS K 252 28.36 38.84 29.65
N GLY K 253 27.15 38.61 29.17
CA GLY K 253 26.18 39.68 29.19
C GLY K 253 24.85 39.26 28.62
N LYS K 254 23.94 40.23 28.51
CA LYS K 254 22.61 40.01 27.98
C LYS K 254 22.39 40.91 26.76
N LEU K 255 21.85 40.34 25.70
CA LEU K 255 21.52 41.05 24.47
C LEU K 255 20.01 41.14 24.37
N HIS K 256 19.49 42.35 24.26
CA HIS K 256 18.04 42.52 24.15
C HIS K 256 17.56 41.98 22.81
N VAL K 257 16.33 41.50 22.80
CA VAL K 257 15.70 40.89 21.61
C VAL K 257 14.81 41.95 20.97
N PRO K 258 15.09 42.37 19.75
CA PRO K 258 14.24 43.35 19.08
C PRO K 258 13.05 42.66 18.41
N PHE K 259 12.18 43.48 17.82
CA PHE K 259 11.03 43.01 17.05
C PHE K 259 10.15 42.07 17.87
N LEU K 260 9.91 42.41 19.13
CA LEU K 260 9.07 41.57 19.96
C LEU K 260 7.60 41.71 19.56
N LEU K 261 6.85 40.67 19.84
CA LEU K 261 5.44 40.62 19.45
C LEU K 261 4.64 41.66 20.25
N ALA K 262 3.82 42.44 19.54
CA ALA K 262 3.15 43.58 20.14
C ALA K 262 1.73 43.66 19.61
N ASP K 263 0.88 44.33 20.39
CA ASP K 263 -0.55 44.47 20.10
C ASP K 263 -0.80 45.65 19.18
N GLY K 264 -1.72 45.47 18.25
CA GLY K 264 -2.13 46.53 17.35
C GLY K 264 -3.47 46.21 16.73
N LYS K 265 -3.84 47.01 15.74
CA LYS K 265 -5.06 46.81 14.98
C LYS K 265 -4.70 46.54 13.52
N CYS K 266 -5.32 45.52 12.94
CA CYS K 266 -5.06 45.15 11.55
C CYS K 266 -6.38 44.94 10.84
N THR K 267 -6.37 45.16 9.52
CA THR K 267 -7.57 45.04 8.71
C THR K 267 -7.86 43.58 8.40
N VAL K 268 -9.12 43.19 8.57
CA VAL K 268 -9.58 41.84 8.29
C VAL K 268 -10.74 41.94 7.31
N PRO K 269 -10.99 40.93 6.48
CA PRO K 269 -12.04 41.03 5.47
C PRO K 269 -13.42 41.03 6.10
N LEU K 270 -14.39 41.50 5.31
CA LEU K 270 -15.78 41.57 5.74
C LEU K 270 -16.62 40.83 4.70
N ALA K 271 -17.22 39.72 5.11
CA ALA K 271 -17.91 38.84 4.16
C ALA K 271 -19.15 39.51 3.60
N PRO K 272 -19.58 39.11 2.41
CA PRO K 272 -20.85 39.63 1.87
C PRO K 272 -22.02 39.25 2.76
N GLU K 273 -22.98 40.16 2.83
CA GLU K 273 -24.14 39.96 3.71
C GLU K 273 -24.92 38.73 3.26
N PRO K 274 -25.36 37.89 4.18
CA PRO K 274 -26.18 36.73 3.78
C PRO K 274 -27.56 37.17 3.36
N MET K 275 -28.20 36.34 2.53
CA MET K 275 -29.59 36.57 2.15
C MET K 275 -30.48 35.75 3.06
N ILE K 276 -31.33 36.42 3.84
CA ILE K 276 -32.07 35.81 4.93
C ILE K 276 -33.54 35.76 4.54
N THR K 277 -34.13 34.57 4.65
CA THR K 277 -35.56 34.37 4.43
C THR K 277 -36.18 33.82 5.71
N PHE K 278 -37.32 34.36 6.08
CA PHE K 278 -37.99 33.99 7.32
C PHE K 278 -39.14 33.02 7.05
N GLY K 279 -39.45 32.23 8.05
CA GLY K 279 -40.56 31.31 8.01
C GLY K 279 -40.99 30.99 9.42
N PHE K 280 -42.01 30.15 9.53
CA PHE K 280 -42.62 29.88 10.83
C PHE K 280 -41.58 29.20 11.71
N ARG K 281 -41.04 29.97 12.66
CA ARG K 281 -39.99 29.50 13.56
C ARG K 281 -38.77 29.01 12.79
N SER K 282 -38.44 29.66 11.67
CA SER K 282 -37.32 29.21 10.86
C SER K 282 -36.64 30.40 10.19
N VAL K 283 -35.33 30.33 10.07
CA VAL K 283 -34.53 31.32 9.35
C VAL K 283 -33.60 30.59 8.41
N SER K 284 -33.69 30.90 7.12
CA SER K 284 -32.82 30.31 6.11
C SER K 284 -31.83 31.35 5.64
N LEU K 285 -30.54 31.03 5.73
CA LEU K 285 -29.47 31.92 5.32
C LEU K 285 -28.83 31.36 4.05
N LYS K 286 -28.71 32.21 3.03
CA LYS K 286 -27.98 31.88 1.81
C LYS K 286 -26.66 32.64 1.84
N LEU K 287 -25.57 31.91 1.70
CA LEU K 287 -24.23 32.40 1.99
C LEU K 287 -23.35 32.18 0.76
N HIS K 288 -22.62 33.21 0.36
CA HIS K 288 -21.65 33.14 -0.75
C HIS K 288 -20.34 33.70 -0.26
N PRO K 289 -19.55 32.90 0.47
CA PRO K 289 -18.28 33.42 0.99
C PRO K 289 -17.24 33.61 -0.11
N LYS K 290 -16.39 34.60 0.09
CA LYS K 290 -15.26 34.85 -0.81
C LYS K 290 -14.00 34.12 -0.34
N ASN K 291 -13.78 34.09 0.97
CA ASN K 291 -12.76 33.27 1.62
C ASN K 291 -13.46 32.31 2.57
N PRO K 292 -12.80 31.20 2.95
CA PRO K 292 -13.40 30.31 3.95
C PRO K 292 -13.80 31.05 5.20
N THR K 293 -15.11 31.14 5.46
CA THR K 293 -15.65 32.03 6.47
C THR K 293 -16.37 31.22 7.54
N TYR K 294 -16.17 31.60 8.79
CA TYR K 294 -16.75 30.87 9.92
C TYR K 294 -18.15 31.41 10.22
N LEU K 295 -19.13 30.51 10.18
CA LEU K 295 -20.49 30.80 10.63
C LEU K 295 -20.69 30.17 12.00
N ILE K 296 -20.97 31.00 13.00
CA ILE K 296 -21.19 30.53 14.37
C ILE K 296 -22.60 30.90 14.78
N THR K 297 -23.28 29.96 15.44
CA THR K 297 -24.69 30.09 15.74
C THR K 297 -24.97 29.61 17.15
N ARG K 298 -25.88 30.30 17.84
CA ARG K 298 -26.28 29.85 19.17
C ARG K 298 -27.69 30.33 19.49
N GLN K 299 -28.41 29.53 20.25
CA GLN K 299 -29.74 29.90 20.72
C GLN K 299 -29.65 30.59 22.08
N LEU K 300 -30.47 31.62 22.26
CA LEU K 300 -30.43 32.43 23.47
C LEU K 300 -31.31 31.82 24.57
N ALA K 301 -31.03 30.55 24.86
CA ALA K 301 -31.81 29.81 25.85
C ALA K 301 -30.90 29.07 26.82
N ASP K 302 -31.49 28.20 27.65
CA ASP K 302 -30.69 27.45 28.61
C ASP K 302 -29.73 26.49 27.91
N GLU K 303 -30.17 25.89 26.80
CA GLU K 303 -29.32 25.05 25.98
C GLU K 303 -29.01 25.77 24.68
N PRO K 304 -27.85 26.41 24.55
CA PRO K 304 -27.58 27.19 23.33
C PRO K 304 -27.56 26.35 22.06
N HIS K 305 -27.12 25.10 22.13
CA HIS K 305 -27.01 24.23 20.96
C HIS K 305 -26.21 24.92 19.86
N TYR K 306 -25.05 25.43 20.23
CA TYR K 306 -24.26 26.23 19.31
C TYR K 306 -23.66 25.37 18.20
N THR K 307 -23.58 25.95 17.01
CA THR K 307 -22.92 25.34 15.86
C THR K 307 -21.77 26.24 15.42
N HIS K 308 -20.76 25.63 14.83
CA HIS K 308 -19.55 26.36 14.42
C HIS K 308 -19.03 25.69 13.15
N GLU K 309 -19.31 26.31 12.00
CA GLU K 309 -18.97 25.70 10.71
C GLU K 309 -18.08 26.64 9.91
N LEU K 310 -17.35 26.06 8.96
CA LEU K 310 -16.50 26.81 8.04
C LEU K 310 -17.08 26.69 6.64
N ILE K 311 -17.85 27.69 6.24
CA ILE K 311 -18.45 27.73 4.92
C ILE K 311 -17.39 28.22 3.92
N SER K 312 -17.07 27.38 2.94
CA SER K 312 -16.09 27.72 1.92
C SER K 312 -16.70 27.95 0.55
N GLU K 313 -17.73 27.19 0.19
CA GLU K 313 -18.49 27.37 -1.03
C GLU K 313 -19.84 27.98 -0.70
N PRO K 314 -20.61 28.40 -1.72
CA PRO K 314 -21.98 28.84 -1.46
C PRO K 314 -22.79 27.75 -0.77
N ALA K 315 -23.64 28.17 0.17
CA ALA K 315 -24.40 27.23 0.97
C ALA K 315 -25.72 27.86 1.37
N VAL K 316 -26.65 27.00 1.79
CA VAL K 316 -27.92 27.42 2.37
C VAL K 316 -28.11 26.65 3.67
N ARG K 317 -28.32 27.38 4.76
CA ARG K 317 -28.45 26.78 6.08
C ARG K 317 -29.75 27.24 6.73
N ASN K 318 -30.58 26.28 7.13
CA ASN K 318 -31.81 26.59 7.85
C ASN K 318 -31.59 26.35 9.34
N PHE K 319 -32.11 27.27 10.14
CA PHE K 319 -32.01 27.19 11.59
C PHE K 319 -33.38 27.41 12.20
N THR K 320 -33.63 26.77 13.34
CA THR K 320 -34.90 26.85 14.03
C THR K 320 -34.82 27.97 15.06
N VAL K 321 -35.57 29.04 14.85
CA VAL K 321 -35.63 30.17 15.75
C VAL K 321 -36.91 30.09 16.56
N THR K 322 -36.79 30.12 17.88
CA THR K 322 -37.92 30.01 18.78
C THR K 322 -38.21 31.36 19.42
N GLU K 323 -39.21 31.39 20.29
CA GLU K 323 -39.55 32.61 21.00
C GLU K 323 -38.48 32.99 22.02
N LYS K 324 -37.59 32.07 22.36
CA LYS K 324 -36.52 32.36 23.30
C LYS K 324 -35.41 33.20 22.66
N GLY K 325 -35.12 32.96 21.38
CA GLY K 325 -34.13 33.74 20.68
C GLY K 325 -33.24 32.93 19.77
N TRP K 326 -32.35 33.61 19.06
CA TRP K 326 -31.40 32.98 18.16
C TRP K 326 -30.38 34.02 17.75
N GLU K 327 -29.15 33.58 17.46
CA GLU K 327 -28.08 34.52 17.15
C GLU K 327 -27.07 33.86 16.23
N PHE K 328 -26.55 34.63 15.28
CA PHE K 328 -25.50 34.13 14.41
C PHE K 328 -24.49 35.22 14.10
N VAL K 329 -23.23 34.81 13.97
CA VAL K 329 -22.16 35.65 13.45
C VAL K 329 -21.64 35.01 12.17
N TRP K 330 -21.45 35.84 11.15
CA TRP K 330 -21.03 35.40 9.82
C TRP K 330 -19.71 36.11 9.53
N GLY K 331 -18.61 35.43 9.82
CA GLY K 331 -17.31 36.03 9.61
C GLY K 331 -17.05 37.14 10.62
N ASN K 332 -16.63 38.30 10.12
CA ASN K 332 -16.26 39.43 10.96
C ASN K 332 -17.38 40.44 11.11
N HIS K 333 -18.62 40.02 10.88
CA HIS K 333 -19.79 40.86 11.08
C HIS K 333 -20.21 40.85 12.55
N PRO K 334 -20.88 41.91 13.01
CA PRO K 334 -21.40 41.89 14.37
C PRO K 334 -22.51 40.87 14.51
N PRO K 335 -22.74 40.33 15.71
CA PRO K 335 -23.77 39.30 15.88
C PRO K 335 -25.15 39.83 15.53
N LYS K 336 -25.94 38.98 14.87
CA LYS K 336 -27.32 39.29 14.54
C LYS K 336 -28.24 38.36 15.32
N ARG K 337 -29.20 38.94 16.03
CA ARG K 337 -30.13 38.22 16.87
C ARG K 337 -31.54 38.30 16.30
N PHE K 338 -32.26 37.19 16.38
CA PHE K 338 -33.61 37.06 15.84
C PHE K 338 -34.49 36.36 16.85
N TRP K 339 -35.78 36.71 16.83
CA TRP K 339 -36.79 36.08 17.66
C TRP K 339 -37.99 35.72 16.80
N ALA K 340 -38.74 34.71 17.23
CA ALA K 340 -39.84 34.17 16.46
C ALA K 340 -41.16 34.68 17.01
N GLN K 341 -41.98 35.29 16.15
CA GLN K 341 -43.31 35.71 16.54
C GLN K 341 -44.30 34.55 16.39
N GLU K 342 -45.45 34.69 17.04
CA GLU K 342 -46.44 33.61 17.09
C GLU K 342 -47.34 33.64 15.86
N THR K 343 -46.75 33.40 14.70
CA THR K 343 -47.46 33.35 13.42
C THR K 343 -47.48 31.91 12.95
N ALA K 344 -48.57 31.20 13.27
CA ALA K 344 -48.65 29.80 12.91
C ALA K 344 -49.62 29.59 11.75
N PRO K 345 -49.34 28.65 10.85
CA PRO K 345 -50.26 28.38 9.74
C PRO K 345 -51.60 27.87 10.25
N GLY K 346 -52.66 28.26 9.57
CA GLY K 346 -54.00 27.92 9.99
C GLY K 346 -54.69 29.08 10.69
N ASN K 347 -56.00 28.96 10.84
CA ASN K 347 -56.78 30.00 11.48
C ASN K 347 -57.47 29.43 12.72
N PRO K 348 -57.35 30.09 13.87
CA PRO K 348 -57.94 29.53 15.10
C PRO K 348 -59.43 29.76 15.26
N HIS K 349 -60.05 30.60 14.42
CA HIS K 349 -61.49 30.87 14.49
C HIS K 349 -62.15 30.34 13.22
N GLY K 350 -62.50 29.06 13.21
CA GLY K 350 -63.13 28.49 12.05
C GLY K 350 -63.39 27.00 12.14
N LEU K 351 -63.23 26.30 11.02
CA LEU K 351 -63.53 24.88 10.98
C LEU K 351 -62.55 24.11 11.87
N PRO K 352 -62.98 23.00 12.46
CA PRO K 352 -62.13 22.29 13.43
C PRO K 352 -60.79 21.83 12.87
N HIS K 353 -60.73 21.46 11.58
CA HIS K 353 -59.45 21.04 11.02
C HIS K 353 -58.46 22.20 10.99
N GLU K 354 -58.93 23.40 10.64
CA GLU K 354 -58.06 24.56 10.67
C GLU K 354 -57.58 24.86 12.09
N VAL K 355 -58.48 24.73 13.07
CA VAL K 355 -58.10 24.95 14.46
C VAL K 355 -57.03 23.96 14.90
N ILE K 356 -57.21 22.69 14.54
CA ILE K 356 -56.25 21.67 14.94
C ILE K 356 -54.90 21.88 14.23
N THR K 357 -54.91 22.26 12.96
CA THR K 357 -53.64 22.55 12.28
C THR K 357 -52.93 23.73 12.92
N HIS K 358 -53.68 24.79 13.26
CA HIS K 358 -53.05 25.96 13.87
C HIS K 358 -52.50 25.65 15.24
N TYR K 359 -53.22 24.86 16.04
CA TYR K 359 -52.76 24.51 17.38
C TYR K 359 -51.85 23.30 17.40
N TYR K 360 -51.56 22.70 16.25
CA TYR K 360 -50.52 21.69 16.16
C TYR K 360 -49.22 22.23 15.60
N HIS K 361 -49.29 23.18 14.66
CA HIS K 361 -48.07 23.82 14.19
C HIS K 361 -47.38 24.57 15.32
N ARG K 362 -48.15 25.32 16.11
CA ARG K 362 -47.67 25.85 17.37
C ARG K 362 -48.14 24.94 18.49
N TYR K 363 -47.38 24.93 19.58
CA TYR K 363 -47.52 23.96 20.66
C TYR K 363 -47.57 22.51 20.13
N PRO K 364 -46.49 22.02 19.52
CA PRO K 364 -46.42 20.58 19.23
C PRO K 364 -46.43 19.77 20.51
N MET K 365 -46.93 18.54 20.40
CA MET K 365 -47.00 17.56 21.48
C MET K 365 -47.97 17.96 22.58
N SER K 366 -48.61 19.12 22.48
CA SER K 366 -49.66 19.51 23.42
C SER K 366 -51.06 19.30 22.84
N THR K 367 -51.20 19.31 21.52
CA THR K 367 -52.45 18.99 20.86
C THR K 367 -52.40 17.66 20.11
N ILE K 368 -51.30 16.91 20.22
CA ILE K 368 -51.30 15.51 19.81
C ILE K 368 -51.55 14.60 20.99
N LEU K 369 -51.42 15.11 22.22
CA LEU K 369 -51.82 14.42 23.44
C LEU K 369 -53.11 14.96 24.01
N GLY K 370 -53.34 16.27 23.90
CA GLY K 370 -54.56 16.88 24.37
C GLY K 370 -55.80 16.32 23.72
N LEU K 371 -55.88 16.38 22.38
CA LEU K 371 -57.05 15.80 21.73
C LEU K 371 -57.01 14.27 21.75
N SER K 372 -55.85 13.67 21.99
CA SER K 372 -55.81 12.22 22.22
C SER K 372 -56.58 11.86 23.47
N ILE K 373 -56.31 12.56 24.59
CA ILE K 373 -57.07 12.34 25.81
C ILE K 373 -58.52 12.73 25.61
N CYS K 374 -58.75 13.80 24.85
CA CYS K 374 -60.11 14.24 24.51
C CYS K 374 -60.89 13.11 23.84
N ALA K 375 -60.30 12.47 22.83
CA ALA K 375 -60.95 11.39 22.13
C ALA K 375 -61.10 10.16 23.01
N ALA K 376 -60.12 9.89 23.88
CA ALA K 376 -60.26 8.78 24.82
C ALA K 376 -61.46 8.98 25.72
N ILE K 377 -61.60 10.18 26.29
CA ILE K 377 -62.74 10.47 27.16
C ILE K 377 -64.05 10.37 26.38
N ALA K 378 -64.07 10.91 25.16
CA ALA K 378 -65.29 10.87 24.36
C ALA K 378 -65.69 9.44 24.03
N THR K 379 -64.72 8.60 23.65
CA THR K 379 -65.03 7.21 23.32
C THR K 379 -65.47 6.44 24.57
N VAL K 380 -64.84 6.70 25.72
CA VAL K 380 -65.27 6.06 26.94
C VAL K 380 -66.70 6.45 27.28
N SER K 381 -67.02 7.74 27.12
CA SER K 381 -68.37 8.21 27.38
C SER K 381 -69.38 7.53 26.45
N VAL K 382 -69.06 7.47 25.16
CA VAL K 382 -69.99 6.88 24.19
C VAL K 382 -70.20 5.40 24.50
N ALA K 383 -69.11 4.67 24.76
CA ALA K 383 -69.23 3.25 25.03
C ALA K 383 -70.00 2.99 26.31
N ALA K 384 -69.72 3.75 27.37
CA ALA K 384 -70.43 3.55 28.63
C ALA K 384 -71.91 3.86 28.48
N SER K 385 -72.25 4.95 27.79
CA SER K 385 -73.66 5.29 27.60
C SER K 385 -74.36 4.24 26.76
N THR K 386 -73.72 3.74 25.71
CA THR K 386 -74.32 2.69 24.90
C THR K 386 -74.54 1.42 25.72
N TRP K 387 -73.54 1.04 26.52
CA TRP K 387 -73.69 -0.15 27.35
C TRP K 387 -74.82 0.00 28.36
N LEU K 388 -74.91 1.17 29.00
CA LEU K 388 -75.99 1.40 29.95
C LEU K 388 -77.35 1.38 29.27
N PHE K 389 -77.44 1.98 28.08
CA PHE K 389 -78.71 1.98 27.36
C PHE K 389 -79.11 0.56 26.96
N CYS K 390 -78.16 -0.24 26.48
CA CYS K 390 -78.48 -1.62 26.12
C CYS K 390 -78.90 -2.43 27.33
N ARG K 391 -78.19 -2.28 28.45
CA ARG K 391 -78.55 -3.01 29.66
C ARG K 391 -79.92 -2.60 30.16
N SER K 392 -80.23 -1.30 30.12
CA SER K 392 -81.55 -0.83 30.53
C SER K 392 -82.64 -1.37 29.61
N ARG K 393 -82.38 -1.38 28.30
CA ARG K 393 -83.36 -1.92 27.36
C ARG K 393 -83.62 -3.39 27.64
N VAL K 394 -82.57 -4.17 27.88
CA VAL K 394 -82.75 -5.58 28.17
C VAL K 394 -83.52 -5.76 29.48
N ALA K 395 -83.16 -5.01 30.51
CA ALA K 395 -83.82 -5.14 31.81
C ALA K 395 -85.26 -4.65 31.79
N CYS K 396 -85.62 -3.81 30.83
CA CYS K 396 -87.00 -3.35 30.72
C CYS K 396 -87.82 -4.19 29.74
N LEU K 397 -87.18 -4.91 28.82
CA LEU K 397 -87.90 -5.73 27.87
C LEU K 397 -88.06 -7.18 28.34
N THR K 398 -87.12 -7.70 29.12
CA THR K 398 -87.27 -9.06 29.64
C THR K 398 -88.55 -9.28 30.44
N PRO K 399 -88.99 -8.37 31.32
CA PRO K 399 -90.24 -8.64 32.05
C PRO K 399 -91.44 -8.86 31.13
N TYR K 400 -91.51 -8.15 30.02
CA TYR K 400 -92.64 -8.30 29.10
C TYR K 400 -92.42 -9.39 28.07
N ARG K 401 -91.19 -9.52 27.57
CA ARG K 401 -90.91 -10.51 26.54
C ARG K 401 -90.92 -11.94 27.07
N LEU K 402 -90.79 -12.12 28.37
CA LEU K 402 -90.77 -13.46 28.97
C LEU K 402 -92.17 -13.98 29.26
N THR K 403 -93.20 -13.14 29.13
CA THR K 403 -94.57 -13.59 29.28
C THR K 403 -94.92 -14.57 28.14
N PRO K 404 -95.61 -15.66 28.44
CA PRO K 404 -95.99 -16.60 27.36
C PRO K 404 -96.82 -15.96 26.27
N ASN K 405 -97.71 -15.02 26.61
CA ASN K 405 -98.48 -14.33 25.59
C ASN K 405 -97.62 -13.39 24.75
N ALA K 406 -96.45 -13.00 25.26
CA ALA K 406 -95.53 -12.11 24.56
C ALA K 406 -96.19 -10.78 24.18
N ARG K 407 -96.99 -10.24 25.10
CA ARG K 407 -97.64 -8.96 24.88
C ARG K 407 -96.65 -7.85 25.21
N ILE K 408 -95.72 -7.64 24.29
CA ILE K 408 -94.64 -6.67 24.44
C ILE K 408 -95.06 -5.22 24.22
N PRO K 409 -95.98 -4.88 23.27
CA PRO K 409 -96.03 -3.49 22.78
C PRO K 409 -96.42 -2.43 23.80
N PHE K 410 -96.61 -2.81 25.07
CA PHE K 410 -96.91 -1.82 26.09
C PHE K 410 -95.79 -0.80 26.23
N CYS K 411 -94.60 -1.27 26.61
CA CYS K 411 -93.45 -0.37 26.74
C CYS K 411 -93.04 0.19 25.38
N LEU K 412 -93.05 -0.66 24.34
CA LEU K 412 -92.67 -0.23 23.00
C LEU K 412 -93.62 0.83 22.44
N ALA K 413 -94.81 0.97 23.03
CA ALA K 413 -95.75 2.02 22.64
C ALA K 413 -95.66 3.24 23.54
N VAL K 414 -95.50 3.05 24.84
CA VAL K 414 -95.46 4.21 25.74
C VAL K 414 -94.15 4.98 25.57
N LEU K 415 -93.04 4.28 25.33
CA LEU K 415 -91.74 4.94 25.23
C LEU K 415 -90.90 4.48 24.04
N CYS K 416 -91.25 3.40 23.36
CA CYS K 416 -90.53 2.92 22.19
C CYS K 416 -89.08 2.59 22.53
N CYS K 417 -88.90 1.74 23.54
CA CYS K 417 -87.56 1.32 23.93
C CYS K 417 -86.89 0.53 22.82
N ALA K 418 -87.63 -0.36 22.17
CA ALA K 418 -87.07 -1.17 21.09
C ALA K 418 -87.27 -0.47 19.74
N ARG L 117 -108.27 -35.55 42.26
CA ARG L 117 -107.12 -35.74 43.14
C ARG L 117 -105.99 -34.80 42.72
N MET L 118 -105.16 -34.39 43.69
CA MET L 118 -104.08 -33.46 43.41
C MET L 118 -103.08 -34.03 42.42
N VAL L 119 -102.71 -35.31 42.59
CA VAL L 119 -101.78 -35.95 41.67
C VAL L 119 -102.46 -36.50 40.42
N MET L 120 -103.80 -36.52 40.39
CA MET L 120 -104.50 -36.98 39.21
C MET L 120 -104.24 -36.07 38.01
N LYS L 121 -103.44 -35.02 38.18
CA LYS L 121 -103.06 -34.12 37.09
C LYS L 121 -101.66 -34.38 36.54
N LEU L 122 -101.00 -35.46 36.97
CA LEU L 122 -99.76 -35.85 36.29
C LEU L 122 -99.99 -36.23 34.83
N GLU L 123 -101.23 -36.57 34.45
CA GLU L 123 -101.53 -36.74 33.03
C GLU L 123 -101.34 -35.43 32.27
N SER L 124 -101.59 -34.30 32.93
CA SER L 124 -101.38 -32.99 32.31
C SER L 124 -99.90 -32.68 32.09
N ASP L 125 -98.99 -33.46 32.67
CA ASP L 125 -97.57 -33.18 32.55
C ASP L 125 -97.11 -33.29 31.10
N LYS L 126 -96.47 -32.23 30.61
CA LYS L 126 -95.80 -32.22 29.33
C LYS L 126 -94.36 -31.74 29.46
N THR L 127 -93.81 -31.80 30.67
CA THR L 127 -92.45 -31.34 30.94
C THR L 127 -91.43 -32.32 30.37
N PHE L 128 -90.22 -31.83 30.16
CA PHE L 128 -89.15 -32.60 29.54
C PHE L 128 -87.95 -32.62 30.46
N PRO L 129 -87.54 -33.77 30.97
CA PRO L 129 -86.30 -33.84 31.74
C PRO L 129 -85.10 -33.35 30.93
N ILE L 130 -84.14 -32.77 31.64
CA ILE L 130 -82.85 -32.39 31.07
C ILE L 130 -81.80 -33.33 31.63
N MET L 131 -81.12 -34.07 30.76
CA MET L 131 -80.16 -35.08 31.18
C MET L 131 -78.74 -34.62 30.89
N LEU L 132 -77.88 -34.72 31.89
CA LEU L 132 -76.45 -34.44 31.76
C LEU L 132 -75.69 -35.72 32.02
N GLU L 133 -75.15 -36.32 30.96
CA GLU L 133 -74.41 -37.58 31.06
C GLU L 133 -75.27 -38.67 31.72
N GLY L 134 -76.55 -38.71 31.36
CA GLY L 134 -77.45 -39.69 31.93
C GLY L 134 -78.06 -39.31 33.26
N LYS L 135 -77.78 -38.12 33.77
CA LYS L 135 -78.31 -37.66 35.04
C LYS L 135 -79.27 -36.50 34.81
N ILE L 136 -80.47 -36.61 35.38
CA ILE L 136 -81.48 -35.58 35.23
C ILE L 136 -81.24 -34.50 36.27
N ASN L 137 -81.09 -33.26 35.82
CA ASN L 137 -80.83 -32.14 36.72
C ASN L 137 -82.03 -31.20 36.88
N GLY L 138 -83.04 -31.31 36.01
CA GLY L 138 -84.19 -30.45 36.11
C GLY L 138 -85.18 -30.77 35.01
N TYR L 139 -86.30 -30.05 35.03
CA TYR L 139 -87.36 -30.22 34.05
C TYR L 139 -87.63 -28.90 33.35
N ALA L 140 -87.87 -28.97 32.05
CA ALA L 140 -88.19 -27.81 31.24
C ALA L 140 -89.65 -27.89 30.82
N CYS L 141 -90.38 -26.77 30.98
CA CYS L 141 -91.81 -26.75 30.70
C CYS L 141 -92.10 -26.08 29.37
N VAL L 142 -93.30 -26.32 28.87
CA VAL L 142 -93.82 -25.64 27.68
C VAL L 142 -95.10 -24.96 28.12
N VAL L 143 -95.00 -23.67 28.47
CA VAL L 143 -96.11 -22.91 29.02
C VAL L 143 -96.53 -21.85 28.01
N GLY L 144 -97.82 -21.82 27.69
CA GLY L 144 -98.38 -20.75 26.86
C GLY L 144 -97.70 -20.61 25.52
N GLY L 145 -97.35 -21.73 24.89
CA GLY L 145 -96.61 -21.67 23.64
C GLY L 145 -95.23 -21.05 23.80
N LYS L 146 -94.53 -21.39 24.87
CA LYS L 146 -93.17 -20.89 25.08
C LYS L 146 -92.42 -21.87 25.96
N LEU L 147 -91.23 -22.27 25.53
CA LEU L 147 -90.41 -23.22 26.28
C LEU L 147 -89.61 -22.48 27.34
N PHE L 148 -89.74 -22.92 28.59
CA PHE L 148 -89.00 -22.36 29.72
C PHE L 148 -88.09 -23.44 30.27
N ARG L 149 -86.82 -23.08 30.49
CA ARG L 149 -85.83 -24.02 30.99
C ARG L 149 -85.05 -23.36 32.12
N PRO L 150 -84.82 -24.05 33.24
CA PRO L 150 -83.98 -23.47 34.30
C PRO L 150 -82.56 -23.21 33.78
N MET L 151 -81.99 -22.10 34.21
CA MET L 151 -80.63 -21.75 33.80
C MET L 151 -79.58 -22.59 34.52
N HIS L 152 -79.75 -22.81 35.82
CA HIS L 152 -78.73 -23.46 36.61
C HIS L 152 -78.51 -24.92 36.23
N VAL L 153 -79.51 -25.57 35.64
CA VAL L 153 -79.34 -26.96 35.23
C VAL L 153 -78.48 -27.02 33.97
N GLU L 154 -77.88 -28.19 33.73
CA GLU L 154 -77.07 -28.43 32.56
C GLU L 154 -77.49 -29.74 31.90
N GLY L 155 -77.30 -29.81 30.60
CA GLY L 155 -77.61 -31.02 29.86
C GLY L 155 -78.37 -30.77 28.57
N LYS L 156 -79.15 -31.77 28.15
CA LYS L 156 -79.91 -31.69 26.91
C LYS L 156 -81.37 -32.06 27.18
N ILE L 157 -82.28 -31.35 26.52
CA ILE L 157 -83.71 -31.58 26.70
C ILE L 157 -84.06 -32.97 26.18
N ASP L 158 -85.13 -33.55 26.74
CA ASP L 158 -85.48 -34.95 26.46
C ASP L 158 -85.72 -35.18 24.98
N ASN L 159 -86.50 -34.32 24.33
CA ASN L 159 -86.84 -34.50 22.93
C ASN L 159 -85.89 -33.71 22.04
N ASP L 160 -85.61 -34.27 20.86
CA ASP L 160 -84.65 -33.68 19.95
C ASP L 160 -85.15 -32.37 19.35
N VAL L 161 -86.46 -32.25 19.12
CA VAL L 161 -86.99 -31.05 18.50
C VAL L 161 -86.75 -29.82 19.39
N LEU L 162 -86.96 -29.96 20.70
CA LEU L 162 -86.65 -28.88 21.61
C LEU L 162 -85.16 -28.80 21.95
N ALA L 163 -84.43 -29.92 21.83
CA ALA L 163 -83.00 -29.88 22.05
C ALA L 163 -82.30 -29.03 20.99
N ALA L 164 -82.73 -29.13 19.74
CA ALA L 164 -82.16 -28.34 18.66
C ALA L 164 -82.62 -26.89 18.69
N LEU L 165 -83.60 -26.56 19.53
CA LEU L 165 -84.10 -25.19 19.59
C LEU L 165 -83.04 -24.26 20.18
N LYS L 166 -83.11 -22.99 19.78
CA LYS L 166 -82.23 -21.95 20.29
C LYS L 166 -82.95 -21.21 21.41
N THR L 167 -82.27 -21.07 22.55
CA THR L 167 -82.86 -20.46 23.73
C THR L 167 -82.18 -19.14 24.04
N LYS L 168 -82.99 -18.14 24.38
CA LYS L 168 -82.49 -16.82 24.78
C LYS L 168 -82.46 -16.73 26.30
N LYS L 169 -81.35 -16.21 26.82
CA LYS L 169 -81.09 -16.22 28.25
C LYS L 169 -81.86 -15.13 28.96
N ALA L 170 -82.00 -15.30 30.29
CA ALA L 170 -82.53 -14.26 31.16
C ALA L 170 -81.88 -14.47 32.52
N SER L 171 -80.82 -13.70 32.80
CA SER L 171 -80.04 -13.94 34.01
C SER L 171 -80.76 -13.44 35.25
N LYS L 172 -81.41 -12.27 35.18
CA LYS L 172 -82.08 -11.72 36.35
C LYS L 172 -83.20 -12.64 36.82
N TYR L 173 -84.00 -13.15 35.88
CA TYR L 173 -85.04 -14.12 36.21
C TYR L 173 -84.54 -15.57 36.17
N ASP L 174 -83.29 -15.77 35.75
CA ASP L 174 -82.60 -17.05 35.93
C ASP L 174 -83.30 -18.18 35.18
N LEU L 175 -83.44 -18.00 33.86
CA LEU L 175 -83.96 -19.08 33.02
C LEU L 175 -83.76 -18.73 31.56
N GLU L 176 -83.86 -19.75 30.72
CA GLU L 176 -83.85 -19.60 29.27
C GLU L 176 -85.26 -19.73 28.73
N TYR L 177 -85.60 -18.87 27.77
CA TYR L 177 -86.90 -18.90 27.12
C TYR L 177 -86.72 -19.08 25.62
N ALA L 178 -87.60 -19.87 25.02
CA ALA L 178 -87.53 -20.13 23.59
C ALA L 178 -88.93 -20.13 23.00
N ASP L 179 -89.04 -19.74 21.74
CA ASP L 179 -90.32 -19.74 21.05
C ASP L 179 -90.59 -21.11 20.47
N VAL L 180 -91.71 -21.72 20.86
CA VAL L 180 -92.07 -23.07 20.44
C VAL L 180 -92.33 -23.08 18.94
N PRO L 181 -92.00 -24.17 18.24
CA PRO L 181 -92.41 -24.27 16.83
C PRO L 181 -93.92 -24.23 16.68
N GLN L 182 -94.35 -23.81 15.49
CA GLN L 182 -95.77 -23.57 15.24
C GLN L 182 -96.60 -24.85 15.36
N ASN L 183 -95.99 -26.00 15.05
CA ASN L 183 -96.76 -27.24 14.96
C ASN L 183 -97.40 -27.60 16.29
N MET L 184 -96.65 -27.52 17.38
CA MET L 184 -97.18 -27.91 18.69
C MET L 184 -97.40 -26.70 19.59
N ARG L 185 -97.82 -25.57 19.02
CA ARG L 185 -98.17 -24.41 19.83
C ARG L 185 -99.35 -24.71 20.74
N ALA L 186 -100.35 -25.44 20.23
CA ALA L 186 -101.52 -25.76 21.04
C ALA L 186 -101.18 -26.73 22.16
N ASP L 187 -100.25 -27.66 21.93
CA ASP L 187 -99.87 -28.66 22.92
C ASP L 187 -98.94 -28.01 23.94
N THR L 188 -99.55 -27.36 24.94
CA THR L 188 -98.81 -26.64 25.96
C THR L 188 -99.71 -26.41 27.16
N PHE L 189 -99.09 -26.00 28.26
CA PHE L 189 -99.85 -25.53 29.41
C PHE L 189 -100.56 -24.22 29.09
N LYS L 190 -101.60 -23.93 29.87
CA LYS L 190 -102.27 -22.65 29.81
C LYS L 190 -102.02 -21.91 31.12
N TYR L 191 -101.59 -20.66 31.02
CA TYR L 191 -101.13 -19.89 32.17
C TYR L 191 -102.29 -19.16 32.82
N THR L 192 -101.97 -18.43 33.90
CA THR L 192 -102.98 -17.72 34.67
C THR L 192 -102.31 -16.55 35.38
N HIS L 193 -102.99 -15.40 35.38
CA HIS L 193 -102.43 -14.18 35.94
C HIS L 193 -102.80 -13.97 37.41
N GLU L 194 -103.79 -14.69 37.94
CA GLU L 194 -104.23 -14.49 39.31
C GLU L 194 -103.98 -15.74 40.14
N LYS L 195 -103.67 -15.53 41.41
CA LYS L 195 -103.37 -16.61 42.35
C LYS L 195 -104.15 -16.39 43.64
N PRO L 196 -105.38 -16.90 43.70
CA PRO L 196 -106.16 -16.77 44.94
C PRO L 196 -105.46 -17.44 46.12
N GLN L 197 -105.67 -16.86 47.30
CA GLN L 197 -105.07 -17.37 48.53
C GLN L 197 -105.50 -18.82 48.77
N GLY L 198 -104.54 -19.67 49.15
CA GLY L 198 -104.95 -21.01 49.51
C GLY L 198 -104.06 -22.06 48.90
N TYR L 199 -104.52 -23.31 48.95
CA TYR L 199 -103.70 -24.47 48.58
C TYR L 199 -104.01 -24.93 47.17
N TYR L 200 -102.96 -25.26 46.42
CA TYR L 200 -102.97 -25.71 45.05
C TYR L 200 -102.37 -27.11 44.98
N SER L 201 -102.34 -27.66 43.77
CA SER L 201 -101.80 -29.00 43.53
C SER L 201 -100.36 -28.94 43.04
N TRP L 202 -99.70 -30.09 43.09
CA TRP L 202 -98.33 -30.22 42.62
C TRP L 202 -98.03 -31.71 42.47
N HIS L 203 -96.91 -32.00 41.81
CA HIS L 203 -96.47 -33.38 41.67
C HIS L 203 -96.18 -34.02 43.02
N HIS L 204 -95.61 -33.27 43.95
CA HIS L 204 -95.18 -33.79 45.23
C HIS L 204 -96.18 -33.50 46.35
N GLY L 205 -97.40 -33.07 46.02
CA GLY L 205 -98.45 -32.89 46.99
C GLY L 205 -99.00 -31.47 46.98
N ALA L 206 -100.03 -31.27 47.80
CA ALA L 206 -100.67 -29.97 47.89
C ALA L 206 -99.71 -28.94 48.47
N VAL L 207 -99.66 -27.77 47.84
CA VAL L 207 -98.73 -26.70 48.20
C VAL L 207 -99.52 -25.42 48.35
N GLN L 208 -99.27 -24.67 49.40
CA GLN L 208 -100.14 -23.53 49.69
C GLN L 208 -99.45 -22.20 49.39
N TYR L 209 -100.19 -21.34 48.69
CA TYR L 209 -99.80 -19.97 48.39
C TYR L 209 -100.43 -19.10 49.48
N GLU L 210 -99.58 -18.57 50.35
CA GLU L 210 -100.00 -17.75 51.48
C GLU L 210 -99.20 -16.45 51.49
N ASN L 211 -99.90 -15.33 51.41
CA ASN L 211 -99.30 -14.00 51.55
C ASN L 211 -98.12 -13.82 50.58
N GLY L 212 -98.32 -14.27 49.34
CA GLY L 212 -97.31 -14.12 48.32
C GLY L 212 -96.22 -15.16 48.30
N ARG L 213 -96.24 -16.11 49.23
CA ARG L 213 -95.21 -17.14 49.32
C ARG L 213 -95.80 -18.50 48.99
N PHE L 214 -95.18 -19.19 48.04
CA PHE L 214 -95.53 -20.57 47.72
C PHE L 214 -94.72 -21.49 48.64
N THR L 215 -95.40 -22.18 49.55
CA THR L 215 -94.71 -23.03 50.51
C THR L 215 -95.25 -24.45 50.45
N VAL L 216 -94.33 -25.40 50.56
CA VAL L 216 -94.62 -26.83 50.49
C VAL L 216 -94.41 -27.43 51.88
N PRO L 217 -94.87 -28.64 52.14
CA PRO L 217 -94.46 -29.33 53.38
C PRO L 217 -92.95 -29.54 53.39
N LYS L 218 -92.38 -29.54 54.60
CA LYS L 218 -90.94 -29.63 54.74
C LYS L 218 -90.45 -30.99 54.25
N GLY L 219 -89.19 -31.01 53.79
CA GLY L 219 -88.59 -32.22 53.27
C GLY L 219 -89.06 -32.62 51.89
N VAL L 220 -89.80 -31.74 51.23
CA VAL L 220 -90.30 -31.97 49.88
C VAL L 220 -89.43 -31.17 48.91
N GLY L 221 -88.92 -31.83 47.88
CA GLY L 221 -88.08 -31.18 46.90
C GLY L 221 -86.63 -31.11 47.33
N ALA L 222 -85.71 -31.40 46.41
CA ALA L 222 -84.29 -31.42 46.71
C ALA L 222 -83.54 -31.03 45.45
N LYS L 223 -82.23 -31.32 45.43
CA LYS L 223 -81.41 -31.00 44.27
C LYS L 223 -81.89 -31.78 43.06
N GLY L 224 -82.00 -31.10 41.93
CA GLY L 224 -82.50 -31.69 40.71
C GLY L 224 -84.00 -31.66 40.55
N ASP L 225 -84.74 -31.32 41.60
CA ASP L 225 -86.20 -31.22 41.53
C ASP L 225 -86.56 -29.75 41.34
N SER L 226 -86.21 -29.24 40.16
CA SER L 226 -86.40 -27.84 39.81
C SER L 226 -87.06 -27.74 38.45
N GLY L 227 -87.57 -26.55 38.15
CA GLY L 227 -88.31 -26.36 36.91
C GLY L 227 -89.66 -27.02 36.90
N ARG L 228 -90.24 -27.29 38.06
CA ARG L 228 -91.54 -27.95 38.13
C ARG L 228 -92.65 -26.92 37.96
N PRO L 229 -93.55 -27.10 37.00
CA PRO L 229 -94.69 -26.17 36.88
C PRO L 229 -95.72 -26.46 37.97
N ILE L 230 -96.12 -25.43 38.68
CA ILE L 230 -97.09 -25.59 39.75
C ILE L 230 -98.48 -25.50 39.14
N LEU L 231 -99.42 -26.25 39.71
CA LEU L 231 -100.77 -26.34 39.15
C LEU L 231 -101.80 -26.02 40.22
N ASP L 232 -102.99 -25.65 39.77
CA ASP L 232 -104.12 -25.40 40.65
C ASP L 232 -105.23 -26.41 40.35
N ASN L 233 -106.38 -26.22 40.99
CA ASN L 233 -107.50 -27.14 40.80
C ASN L 233 -108.00 -27.13 39.37
N GLN L 234 -107.80 -26.04 38.64
CA GLN L 234 -108.29 -25.92 37.27
C GLN L 234 -107.36 -26.55 36.26
N GLY L 235 -106.20 -27.06 36.67
CA GLY L 235 -105.26 -27.64 35.74
C GLY L 235 -104.48 -26.65 34.92
N ARG L 236 -104.37 -25.41 35.38
CA ARG L 236 -103.63 -24.36 34.68
C ARG L 236 -102.43 -23.93 35.51
N VAL L 237 -101.27 -23.84 34.86
CA VAL L 237 -100.05 -23.48 35.56
C VAL L 237 -100.09 -22.00 35.94
N VAL L 238 -99.63 -21.69 37.15
CA VAL L 238 -99.54 -20.31 37.59
C VAL L 238 -98.12 -19.89 37.96
N ALA L 239 -97.19 -20.83 38.15
CA ALA L 239 -95.83 -20.47 38.52
C ALA L 239 -94.88 -21.61 38.16
N ILE L 240 -93.60 -21.29 38.11
CA ILE L 240 -92.54 -22.27 37.87
C ILE L 240 -91.51 -22.16 38.99
N VAL L 241 -91.23 -23.28 39.65
CA VAL L 241 -90.32 -23.29 40.79
C VAL L 241 -88.89 -23.47 40.30
N LEU L 242 -87.95 -22.82 40.98
CA LEU L 242 -86.53 -22.92 40.66
C LEU L 242 -85.68 -23.43 41.81
N GLY L 243 -85.97 -22.98 43.03
CA GLY L 243 -85.23 -23.40 44.20
C GLY L 243 -86.06 -23.12 45.43
N GLY L 244 -85.51 -23.48 46.59
CA GLY L 244 -86.29 -23.36 47.81
C GLY L 244 -85.42 -23.14 49.03
N VAL L 245 -86.09 -22.85 50.15
CA VAL L 245 -85.46 -22.63 51.44
C VAL L 245 -86.14 -23.51 52.47
N ASN L 246 -85.33 -24.23 53.26
CA ASN L 246 -85.85 -25.13 54.28
C ASN L 246 -86.09 -24.36 55.57
N GLU L 247 -87.15 -23.55 55.56
CA GLU L 247 -87.62 -22.93 56.78
C GLU L 247 -88.16 -24.01 57.73
N GLY L 248 -88.00 -23.79 59.03
CA GLY L 248 -88.19 -24.87 59.98
C GLY L 248 -89.58 -25.49 59.91
N SER L 249 -90.62 -24.65 59.91
CA SER L 249 -91.98 -25.19 59.87
C SER L 249 -92.30 -25.77 58.50
N ARG L 250 -92.02 -25.02 57.44
CA ARG L 250 -92.42 -25.40 56.10
C ARG L 250 -91.44 -24.82 55.09
N THR L 251 -91.30 -25.48 53.95
CA THR L 251 -90.31 -25.11 52.95
C THR L 251 -90.92 -24.16 51.93
N ALA L 252 -90.42 -22.92 51.89
CA ALA L 252 -90.78 -21.99 50.84
C ALA L 252 -89.82 -22.12 49.67
N LEU L 253 -90.29 -21.75 48.48
CA LEU L 253 -89.56 -21.99 47.25
C LEU L 253 -89.45 -20.71 46.42
N SER L 254 -88.27 -20.51 45.83
CA SER L 254 -88.12 -19.48 44.79
C SER L 254 -88.96 -19.87 43.59
N VAL L 255 -89.85 -18.97 43.18
CA VAL L 255 -90.80 -19.24 42.12
C VAL L 255 -90.85 -18.06 41.16
N VAL L 256 -91.37 -18.33 39.97
CA VAL L 256 -91.60 -17.32 38.94
C VAL L 256 -93.09 -17.39 38.64
N MET L 257 -93.84 -16.38 39.11
CA MET L 257 -95.28 -16.32 38.91
C MET L 257 -95.60 -15.37 37.76
N TRP L 258 -96.88 -15.06 37.60
CA TRP L 258 -97.34 -14.11 36.58
C TRP L 258 -98.39 -13.21 37.22
N ASN L 259 -98.40 -11.93 36.84
CA ASN L 259 -99.39 -11.00 37.35
C ASN L 259 -100.33 -10.56 36.24
N GLU L 260 -101.25 -9.65 36.59
CA GLU L 260 -102.31 -9.26 35.67
C GLU L 260 -101.76 -8.58 34.43
N LYS L 261 -100.79 -7.68 34.60
CA LYS L 261 -100.19 -7.00 33.47
C LYS L 261 -99.14 -7.86 32.76
N GLY L 262 -98.71 -8.96 33.37
CA GLY L 262 -97.77 -9.86 32.75
C GLY L 262 -96.36 -9.30 32.64
N VAL L 263 -95.74 -9.01 33.78
CA VAL L 263 -94.37 -8.54 33.82
C VAL L 263 -93.44 -9.57 34.45
N THR L 264 -93.93 -10.78 34.68
CA THR L 264 -93.12 -11.90 35.17
C THR L 264 -92.44 -11.54 36.50
N VAL L 265 -93.27 -11.29 37.52
CA VAL L 265 -92.75 -11.02 38.85
C VAL L 265 -92.14 -12.29 39.42
N LYS L 266 -90.95 -12.16 40.02
CA LYS L 266 -90.21 -13.29 40.54
C LYS L 266 -89.91 -13.08 42.02
N TYR L 267 -90.05 -14.14 42.81
CA TYR L 267 -89.85 -14.08 44.25
C TYR L 267 -88.76 -15.07 44.66
N THR L 268 -87.87 -14.62 45.53
CA THR L 268 -86.82 -15.47 46.10
C THR L 268 -86.81 -15.29 47.60
N PRO L 269 -87.00 -16.34 48.39
CA PRO L 269 -86.83 -16.22 49.84
C PRO L 269 -85.39 -15.91 50.20
N GLU L 270 -85.22 -15.22 51.32
CA GLU L 270 -83.89 -14.82 51.76
C GLU L 270 -83.00 -16.04 51.97
N ASN L 271 -81.76 -15.94 51.49
CA ASN L 271 -80.77 -17.02 51.58
C ASN L 271 -81.30 -18.28 50.89
N CYS L 272 -81.51 -18.17 49.59
CA CYS L 272 -82.07 -19.24 48.78
C CYS L 272 -80.97 -20.07 48.15
N GLU L 273 -81.24 -21.37 48.03
CA GLU L 273 -80.32 -22.31 47.39
C GLU L 273 -80.93 -22.84 46.10
N GLN L 274 -80.08 -23.05 45.10
CA GLN L 274 -80.55 -23.56 43.82
C GLN L 274 -80.88 -25.04 43.93
N TRP L 275 -81.86 -25.47 43.14
CA TRP L 275 -82.29 -26.86 43.13
C TRP L 275 -81.93 -27.55 41.82
N GLN M 1 92.22 -29.05 38.72
CA GLN M 1 92.24 -28.74 37.30
C GLN M 1 93.36 -29.48 36.58
N VAL M 2 93.62 -29.10 35.34
CA VAL M 2 94.70 -29.69 34.57
C VAL M 2 96.02 -29.20 35.15
N GLN M 3 96.73 -30.09 35.83
CA GLN M 3 97.97 -29.76 36.51
C GLN M 3 99.11 -30.55 35.89
N LEU M 4 100.02 -29.85 35.19
CA LEU M 4 101.21 -30.43 34.61
C LEU M 4 102.41 -29.65 35.08
N VAL M 5 103.40 -30.35 35.63
CA VAL M 5 104.61 -29.72 36.17
C VAL M 5 105.85 -30.44 35.65
N GLN M 6 106.98 -29.75 35.74
CA GLN M 6 108.25 -30.27 35.25
C GLN M 6 109.30 -30.20 36.36
N SER M 7 110.55 -30.49 36.01
CA SER M 7 111.65 -30.38 36.94
C SER M 7 112.21 -28.95 36.92
N GLY M 8 113.26 -28.72 37.70
CA GLY M 8 113.90 -27.42 37.75
C GLY M 8 114.86 -27.20 36.61
N ALA M 9 115.57 -26.06 36.68
CA ALA M 9 116.57 -25.75 35.68
C ALA M 9 117.68 -26.79 35.68
N GLU M 10 118.05 -27.26 34.51
CA GLU M 10 119.01 -28.35 34.35
C GLU M 10 120.02 -27.97 33.28
N VAL M 11 121.31 -28.00 33.64
CA VAL M 11 122.39 -27.51 32.79
C VAL M 11 123.52 -28.52 32.76
N LYS M 12 123.96 -28.87 31.55
CA LYS M 12 125.21 -29.59 31.35
C LYS M 12 125.92 -29.04 30.12
N LYS M 13 127.18 -29.43 29.97
CA LYS M 13 127.98 -29.02 28.83
C LYS M 13 127.48 -29.70 27.56
N PRO M 14 127.74 -29.12 26.39
CA PRO M 14 127.32 -29.75 25.13
C PRO M 14 127.95 -31.12 24.95
N GLY M 15 127.20 -32.01 24.30
CA GLY M 15 127.62 -33.37 24.06
C GLY M 15 127.15 -34.37 25.09
N ALA M 16 126.55 -33.92 26.19
CA ALA M 16 126.05 -34.82 27.23
C ALA M 16 124.59 -35.16 26.93
N SER M 17 123.92 -35.78 27.90
CA SER M 17 122.52 -36.15 27.79
C SER M 17 121.72 -35.47 28.89
N VAL M 18 120.49 -35.09 28.57
CA VAL M 18 119.62 -34.37 29.48
C VAL M 18 118.28 -35.10 29.60
N LYS M 19 117.72 -35.10 30.81
CA LYS M 19 116.41 -35.70 31.07
C LYS M 19 115.49 -34.63 31.64
N VAL M 20 114.31 -34.48 31.04
CA VAL M 20 113.31 -33.52 31.47
C VAL M 20 112.04 -34.26 31.80
N SER M 21 111.48 -34.01 32.98
CA SER M 21 110.26 -34.64 33.44
C SER M 21 109.06 -33.75 33.14
N CYS M 22 107.92 -34.38 32.87
CA CYS M 22 106.67 -33.67 32.62
C CYS M 22 105.53 -34.55 33.13
N LYS M 23 105.11 -34.32 34.37
CA LYS M 23 104.07 -35.13 35.00
C LYS M 23 102.77 -34.33 35.07
N SER M 24 101.68 -34.95 34.62
CA SER M 24 100.39 -34.28 34.53
C SER M 24 99.31 -35.16 35.13
N SER M 25 98.29 -34.51 35.67
CA SER M 25 97.15 -35.17 36.28
C SER M 25 96.05 -34.12 36.49
N GLY M 26 94.91 -34.58 36.99
CA GLY M 26 93.81 -33.70 37.31
C GLY M 26 92.70 -33.62 36.29
N TYR M 27 92.70 -34.48 35.28
CA TYR M 27 91.67 -34.44 34.24
C TYR M 27 91.60 -35.81 33.57
N THR M 28 90.68 -35.94 32.61
CA THR M 28 90.46 -37.19 31.92
C THR M 28 91.60 -37.50 30.95
N PHE M 29 92.77 -37.80 31.51
CA PHE M 29 93.99 -38.01 30.73
C PHE M 29 94.19 -39.47 30.32
N THR M 30 93.11 -40.21 30.12
CA THR M 30 93.23 -41.61 29.74
C THR M 30 93.90 -41.77 28.38
N ASN M 31 93.58 -40.89 27.43
CA ASN M 31 94.06 -41.03 26.07
C ASN M 31 94.70 -39.78 25.48
N TYR M 32 94.55 -38.62 26.10
CA TYR M 32 95.02 -37.39 25.50
C TYR M 32 96.56 -37.37 25.46
N ILE M 33 97.11 -36.59 24.54
CA ILE M 33 98.53 -36.63 24.23
C ILE M 33 99.20 -35.34 24.65
N ILE M 34 100.48 -35.44 25.01
CA ILE M 34 101.30 -34.31 25.44
C ILE M 34 102.28 -33.97 24.32
N HIS M 35 102.29 -32.71 23.92
CA HIS M 35 103.25 -32.22 22.95
C HIS M 35 104.50 -31.69 23.65
N TRP M 36 105.60 -31.65 22.91
CA TRP M 36 106.87 -31.13 23.40
C TRP M 36 107.33 -30.03 22.46
N VAL M 37 107.78 -28.90 23.02
CA VAL M 37 108.28 -27.81 22.20
C VAL M 37 109.52 -27.21 22.86
N ARG M 38 110.42 -26.71 22.03
CA ARG M 38 111.66 -26.10 22.48
C ARG M 38 111.76 -24.70 21.88
N GLN M 39 112.05 -23.72 22.74
CA GLN M 39 112.15 -22.32 22.33
C GLN M 39 113.51 -21.78 22.78
N ALA M 40 114.36 -21.43 21.84
CA ALA M 40 115.54 -20.70 22.24
C ALA M 40 115.25 -19.20 22.22
N PRO M 41 115.86 -18.45 23.13
CA PRO M 41 115.59 -17.01 23.21
C PRO M 41 115.70 -16.27 21.89
N GLY M 42 114.58 -15.74 21.42
CA GLY M 42 114.58 -14.76 20.34
C GLY M 42 114.10 -15.20 18.98
N GLN M 43 113.53 -16.39 18.85
CA GLN M 43 113.01 -16.82 17.55
C GLN M 43 111.76 -17.67 17.79
N ARG M 44 111.31 -18.35 16.73
CA ARG M 44 110.04 -19.07 16.71
C ARG M 44 110.11 -20.33 17.57
N LEU M 45 108.96 -20.97 17.73
CA LEU M 45 108.86 -22.26 18.41
C LEU M 45 109.05 -23.38 17.39
N GLU M 46 109.81 -24.39 17.78
CA GLU M 46 110.07 -25.55 16.93
C GLU M 46 109.53 -26.82 17.60
N TRP M 47 108.81 -27.61 16.81
CA TRP M 47 108.09 -28.76 17.35
C TRP M 47 109.04 -29.93 17.58
N MET M 48 108.87 -30.59 18.74
CA MET M 48 109.75 -31.67 19.15
C MET M 48 109.12 -33.05 18.92
N GLY M 49 107.98 -33.31 19.55
CA GLY M 49 107.36 -34.62 19.46
C GLY M 49 106.06 -34.63 20.24
N TRP M 50 105.45 -35.80 20.30
CA TRP M 50 104.24 -35.96 21.10
C TRP M 50 104.16 -37.39 21.62
N ILE M 51 103.63 -37.52 22.84
CA ILE M 51 103.46 -38.80 23.52
C ILE M 51 102.00 -39.02 23.85
N ASN M 52 101.49 -40.20 23.52
CA ASN M 52 100.18 -40.62 24.01
C ASN M 52 100.29 -41.08 25.46
N ALA M 53 99.27 -40.75 26.25
CA ALA M 53 99.26 -41.17 27.65
C ALA M 53 99.00 -42.66 27.78
N GLY M 54 98.12 -43.22 26.95
CA GLY M 54 97.85 -44.64 26.99
C GLY M 54 98.56 -45.44 25.92
N ASN M 55 98.48 -44.98 24.67
CA ASN M 55 99.04 -45.76 23.56
C ASN M 55 100.56 -45.82 23.65
N GLY M 56 101.21 -44.68 23.82
CA GLY M 56 102.65 -44.63 23.95
C GLY M 56 103.42 -44.53 22.65
N ASN M 57 102.79 -44.76 21.51
CA ASN M 57 103.48 -44.66 20.23
C ASN M 57 103.85 -43.21 19.95
N THR M 58 105.02 -43.01 19.33
CA THR M 58 105.56 -41.69 19.11
C THR M 58 106.20 -41.60 17.73
N LYS M 59 105.96 -40.49 17.06
CA LYS M 59 106.68 -40.12 15.85
C LYS M 59 107.45 -38.83 16.10
N TYR M 60 108.60 -38.72 15.46
CA TYR M 60 109.50 -37.58 15.66
C TYR M 60 109.58 -36.75 14.39
N SER M 61 110.13 -35.54 14.55
CA SER M 61 110.29 -34.65 13.41
C SER M 61 111.28 -35.24 12.41
N GLN M 62 111.10 -34.87 11.14
CA GLN M 62 111.95 -35.41 10.09
C GLN M 62 113.41 -35.02 10.24
N LYS M 63 113.68 -33.91 10.95
CA LYS M 63 115.06 -33.47 11.15
C LYS M 63 115.75 -34.17 12.31
N PHE M 64 115.00 -34.86 13.16
CA PHE M 64 115.54 -35.49 14.36
C PHE M 64 115.34 -37.00 14.27
N GLN M 65 116.43 -37.74 14.25
CA GLN M 65 116.40 -39.20 14.21
C GLN M 65 117.48 -39.76 15.11
N GLY M 66 117.08 -40.61 16.04
CA GLY M 66 118.04 -41.22 16.96
C GLY M 66 118.42 -40.32 18.10
N ARG M 67 118.68 -39.04 17.79
CA ARG M 67 119.04 -38.07 18.83
C ARG M 67 117.90 -37.87 19.82
N ILE M 68 116.65 -37.96 19.36
CA ILE M 68 115.48 -37.77 20.21
C ILE M 68 114.92 -39.14 20.58
N SER M 69 114.63 -39.32 21.87
CA SER M 69 114.04 -40.55 22.37
C SER M 69 112.98 -40.19 23.40
N VAL M 70 111.97 -41.05 23.52
CA VAL M 70 110.82 -40.79 24.38
C VAL M 70 110.65 -41.97 25.31
N THR M 71 110.50 -41.68 26.61
CA THR M 71 110.24 -42.70 27.62
C THR M 71 109.02 -42.29 28.43
N ARG M 72 108.17 -43.26 28.73
CA ARG M 72 106.94 -43.00 29.48
C ARG M 72 106.66 -44.15 30.41
N ASP M 73 105.85 -43.88 31.44
CA ASP M 73 105.47 -44.89 32.41
C ASP M 73 104.13 -44.51 33.04
N THR M 74 103.48 -45.51 33.64
CA THR M 74 102.21 -45.31 34.32
C THR M 74 102.36 -45.03 35.81
N SER M 75 103.59 -45.04 36.33
CA SER M 75 103.79 -44.82 37.75
C SER M 75 103.34 -43.43 38.16
N ALA M 76 103.66 -42.42 37.36
CA ALA M 76 103.28 -41.04 37.65
C ALA M 76 102.73 -40.31 36.44
N SER M 77 102.50 -41.02 35.32
CA SER M 77 102.04 -40.42 34.07
C SER M 77 102.95 -39.25 33.67
N ALA M 78 104.25 -39.46 33.79
CA ALA M 78 105.24 -38.41 33.58
C ALA M 78 106.02 -38.67 32.30
N ALA M 79 106.32 -37.60 31.58
CA ALA M 79 107.15 -37.70 30.39
C ALA M 79 108.63 -37.73 30.79
N TYR M 80 109.39 -38.59 30.12
CA TYR M 80 110.79 -38.83 30.47
C TYR M 80 111.70 -38.57 29.27
N MET M 81 111.58 -37.39 28.67
CA MET M 81 112.34 -37.07 27.47
C MET M 81 113.83 -37.24 27.70
N GLU M 82 114.50 -37.89 26.75
CA GLU M 82 115.94 -38.07 26.77
C GLU M 82 116.51 -37.52 25.47
N LEU M 83 117.46 -36.58 25.59
CA LEU M 83 118.13 -36.01 24.44
C LEU M 83 119.63 -36.27 24.58
N SER M 84 120.23 -36.84 23.54
CA SER M 84 121.62 -37.27 23.57
C SER M 84 122.46 -36.42 22.62
N SER M 85 123.71 -36.20 23.00
CA SER M 85 124.69 -35.45 22.21
C SER M 85 124.18 -34.03 21.93
N LEU M 86 124.01 -33.27 23.01
CA LEU M 86 123.55 -31.89 22.90
C LEU M 86 124.59 -31.02 22.22
N LYS M 87 124.11 -30.02 21.49
CA LYS M 87 124.95 -29.07 20.79
C LYS M 87 124.77 -27.68 21.38
N SER M 88 125.45 -26.70 20.77
CA SER M 88 125.33 -25.31 21.22
C SER M 88 123.91 -24.78 21.03
N GLU M 89 123.28 -25.14 19.90
CA GLU M 89 121.94 -24.64 19.59
C GLU M 89 120.87 -25.21 20.52
N ASP M 90 121.17 -26.27 21.28
CA ASP M 90 120.18 -26.85 22.16
C ASP M 90 119.93 -26.03 23.43
N THR M 91 120.74 -25.00 23.67
CA THR M 91 120.50 -24.07 24.77
C THR M 91 119.16 -23.37 24.59
N ALA M 92 118.16 -23.73 25.40
CA ALA M 92 116.80 -23.25 25.18
C ALA M 92 115.92 -23.62 26.36
N LEU M 93 114.67 -23.17 26.30
CA LEU M 93 113.62 -23.54 27.24
C LEU M 93 112.76 -24.64 26.62
N TYR M 94 112.27 -25.53 27.47
CA TYR M 94 111.45 -26.66 27.04
C TYR M 94 110.08 -26.56 27.69
N TYR M 95 109.04 -26.78 26.88
CA TYR M 95 107.66 -26.73 27.34
C TYR M 95 106.93 -28.00 26.96
N CYS M 96 106.06 -28.46 27.85
CA CYS M 96 105.15 -29.57 27.60
C CYS M 96 103.74 -29.04 27.49
N ALA M 97 103.06 -29.40 26.40
CA ALA M 97 101.78 -28.81 26.02
C ALA M 97 100.66 -29.82 26.19
N THR M 98 99.59 -29.41 26.87
CA THR M 98 98.37 -30.18 27.00
C THR M 98 97.18 -29.26 26.77
N LEU M 99 95.97 -29.75 27.04
CA LEU M 99 94.75 -28.98 26.82
C LEU M 99 94.09 -28.67 28.15
N GLN M 100 93.84 -27.38 28.42
CA GLN M 100 93.18 -26.98 29.66
C GLN M 100 91.67 -27.09 29.55
N MET M 101 91.07 -26.32 28.64
CA MET M 101 89.62 -26.38 28.40
C MET M 101 89.36 -27.28 27.20
N ASP M 102 88.43 -28.22 27.36
CA ASP M 102 88.30 -29.34 26.45
C ASP M 102 87.08 -29.18 25.56
N TYR M 103 87.31 -28.85 24.28
CA TYR M 103 86.31 -28.99 23.23
C TYR M 103 86.69 -30.07 22.22
N GLY M 104 87.70 -30.88 22.51
CA GLY M 104 88.00 -32.04 21.70
C GLY M 104 89.36 -32.08 21.04
N GLY M 105 90.18 -33.03 21.48
CA GLY M 105 91.35 -33.46 20.72
C GLY M 105 92.54 -32.53 20.79
N ASN M 106 93.57 -32.92 20.04
CA ASN M 106 94.80 -32.15 19.93
C ASN M 106 94.59 -31.03 18.91
N GLY M 107 95.67 -30.37 18.52
CA GLY M 107 95.56 -29.15 17.75
C GLY M 107 95.27 -27.99 18.67
N ASP M 108 94.36 -28.22 19.62
CA ASP M 108 94.06 -27.27 20.69
C ASP M 108 94.93 -27.63 21.88
N LEU M 109 96.02 -26.90 22.06
CA LEU M 109 96.87 -27.00 23.24
C LEU M 109 96.75 -25.68 24.00
N ASP M 110 96.33 -25.75 25.26
CA ASP M 110 96.01 -24.56 26.02
C ASP M 110 96.97 -24.31 27.17
N TYR M 111 97.12 -25.26 28.09
CA TYR M 111 97.90 -25.06 29.29
C TYR M 111 99.26 -25.73 29.15
N TRP M 112 100.32 -25.02 29.54
CA TRP M 112 101.68 -25.47 29.39
C TRP M 112 102.37 -25.49 30.75
N GLY M 113 103.43 -26.31 30.84
CA GLY M 113 104.21 -26.39 32.06
C GLY M 113 105.09 -25.18 32.26
N GLN M 114 105.84 -25.20 33.37
CA GLN M 114 106.73 -24.09 33.68
C GLN M 114 107.93 -24.02 32.74
N GLY M 115 108.27 -25.13 32.08
CA GLY M 115 109.40 -25.14 31.17
C GLY M 115 110.72 -25.30 31.88
N THR M 116 111.65 -26.04 31.26
CA THR M 116 112.97 -26.27 31.83
C THR M 116 114.01 -25.59 30.95
N LEU M 117 114.91 -24.83 31.58
CA LEU M 117 115.92 -24.05 30.86
C LEU M 117 117.24 -24.81 30.87
N VAL M 118 117.81 -25.04 29.70
CA VAL M 118 119.10 -25.72 29.56
C VAL M 118 120.06 -24.77 28.87
N THR M 119 121.25 -24.62 29.47
CA THR M 119 122.27 -23.69 28.99
C THR M 119 123.62 -24.39 29.11
N VAL M 120 124.70 -23.61 29.00
CA VAL M 120 126.05 -24.09 29.22
C VAL M 120 126.64 -23.31 30.38
N SER M 121 127.09 -24.03 31.42
CA SER M 121 127.60 -23.39 32.62
C SER M 121 128.90 -22.65 32.32
N SER M 122 129.08 -21.50 32.96
CA SER M 122 130.28 -20.69 32.77
C SER M 122 131.43 -21.24 33.62
N TYR N 1 108.88 -27.55 4.64
CA TYR N 1 107.66 -26.80 4.93
C TYR N 1 107.94 -25.61 5.82
N GLU N 2 107.28 -24.49 5.54
CA GLU N 2 107.48 -23.27 6.31
C GLU N 2 106.22 -22.42 6.26
N LEU N 3 105.92 -21.77 7.37
CA LEU N 3 104.77 -20.88 7.48
C LEU N 3 105.25 -19.43 7.46
N THR N 4 104.76 -18.65 6.50
CA THR N 4 105.17 -17.27 6.36
C THR N 4 104.36 -16.39 7.32
N GLN N 5 105.06 -15.52 8.04
CA GLN N 5 104.43 -14.62 9.00
C GLN N 5 105.35 -13.43 9.22
N PRO N 6 104.83 -12.20 9.23
CA PRO N 6 105.69 -11.03 9.43
C PRO N 6 106.43 -11.10 10.75
N PRO N 7 107.70 -10.68 10.78
CA PRO N 7 108.46 -10.76 12.05
C PRO N 7 107.87 -9.94 13.17
N SER N 8 107.33 -8.76 12.89
CA SER N 8 106.80 -7.88 13.92
C SER N 8 105.95 -6.80 13.27
N VAL N 9 105.03 -6.25 14.05
CA VAL N 9 104.19 -5.13 13.61
C VAL N 9 104.14 -4.11 14.74
N SER N 10 104.11 -2.83 14.37
CA SER N 10 103.99 -1.73 15.31
C SER N 10 102.72 -0.97 15.00
N VAL N 11 101.76 -1.00 15.94
CA VAL N 11 100.46 -0.38 15.77
C VAL N 11 100.18 0.50 16.99
N SER N 12 99.72 1.73 16.72
CA SER N 12 99.38 2.64 17.81
C SER N 12 98.15 2.13 18.57
N PRO N 13 98.00 2.52 19.83
CA PRO N 13 96.84 2.09 20.61
C PRO N 13 95.53 2.60 20.00
N GLY N 14 94.47 1.82 20.19
CA GLY N 14 93.19 2.15 19.61
C GLY N 14 93.15 2.05 18.10
N GLN N 15 93.82 1.04 17.54
CA GLN N 15 93.86 0.85 16.10
C GLN N 15 93.88 -0.65 15.81
N THR N 16 93.18 -1.05 14.75
CA THR N 16 93.15 -2.47 14.37
C THR N 16 94.52 -2.92 13.91
N ALA N 17 94.94 -4.10 14.37
CA ALA N 17 96.23 -4.66 14.05
C ALA N 17 96.05 -5.97 13.29
N ARG N 18 96.72 -6.07 12.15
CA ARG N 18 96.70 -7.27 11.31
C ARG N 18 97.82 -8.21 11.72
N ILE N 19 97.53 -9.51 11.69
CA ILE N 19 98.57 -10.53 11.83
C ILE N 19 98.27 -11.62 10.80
N THR N 20 99.16 -11.76 9.80
CA THR N 20 98.90 -12.65 8.67
C THR N 20 99.76 -13.90 8.77
N CYS N 21 99.16 -15.04 8.41
CA CYS N 21 99.88 -16.31 8.34
C CYS N 21 99.47 -17.01 7.06
N SER N 22 100.44 -17.32 6.20
CA SER N 22 100.15 -17.87 4.88
C SER N 22 100.85 -19.22 4.70
N GLY N 23 100.22 -20.08 3.91
CA GLY N 23 100.77 -21.38 3.61
C GLY N 23 99.85 -22.13 2.68
N ASP N 24 100.37 -23.23 2.13
CA ASP N 24 99.61 -23.99 1.14
C ASP N 24 98.52 -24.85 1.77
N ALA N 25 98.77 -25.42 2.96
CA ALA N 25 97.86 -26.39 3.55
C ALA N 25 96.81 -25.76 4.47
N LEU N 26 96.88 -24.46 4.70
CA LEU N 26 95.88 -23.80 5.54
C LEU N 26 94.44 -23.96 5.06
N PRO N 27 94.12 -23.92 3.76
CA PRO N 27 92.71 -24.10 3.35
C PRO N 27 92.09 -25.39 3.85
N LYS N 28 92.88 -26.39 4.23
CA LYS N 28 92.35 -27.65 4.76
C LYS N 28 92.65 -27.85 6.24
N GLN N 29 93.28 -26.87 6.90
CA GLN N 29 93.69 -27.04 8.28
C GLN N 29 93.15 -25.89 9.13
N TYR N 30 93.01 -26.15 10.43
CA TYR N 30 92.65 -25.12 11.41
C TYR N 30 93.93 -24.57 12.02
N VAL N 31 94.17 -23.28 11.83
CA VAL N 31 95.32 -22.63 12.45
C VAL N 31 94.93 -22.17 13.85
N TYR N 32 95.87 -22.30 14.79
CA TYR N 32 95.66 -21.91 16.17
C TYR N 32 96.56 -20.73 16.49
N TRP N 33 95.95 -19.67 17.02
CA TRP N 33 96.65 -18.43 17.31
C TRP N 33 97.06 -18.40 18.77
N TYR N 34 98.37 -18.28 19.00
CA TYR N 34 99.00 -18.40 20.30
C TYR N 34 99.56 -17.03 20.71
N GLN N 35 99.26 -16.61 21.93
CA GLN N 35 99.77 -15.36 22.48
C GLN N 35 100.82 -15.66 23.52
N GLN N 36 102.00 -15.04 23.38
CA GLN N 36 103.11 -15.24 24.30
C GLN N 36 103.53 -13.89 24.85
N LYS N 37 103.49 -13.75 26.18
CA LYS N 37 104.00 -12.58 26.85
C LYS N 37 105.52 -12.68 26.99
N PRO N 38 106.21 -11.55 27.11
CA PRO N 38 107.67 -11.60 27.29
C PRO N 38 108.04 -12.33 28.57
N GLY N 39 108.82 -13.41 28.41
CA GLY N 39 109.23 -14.19 29.55
C GLY N 39 108.15 -15.06 30.16
N GLN N 40 107.11 -15.39 29.40
CA GLN N 40 106.02 -16.22 29.90
C GLN N 40 105.68 -17.28 28.87
N ALA N 41 105.11 -18.38 29.35
CA ALA N 41 104.72 -19.47 28.46
C ALA N 41 103.59 -19.02 27.54
N PRO N 42 103.57 -19.49 26.29
CA PRO N 42 102.51 -19.07 25.37
C PRO N 42 101.13 -19.49 25.88
N VAL N 43 100.15 -18.62 25.63
CA VAL N 43 98.76 -18.87 26.01
C VAL N 43 97.90 -18.73 24.75
N LEU N 44 97.05 -19.72 24.51
CA LEU N 44 96.23 -19.71 23.31
C LEU N 44 95.24 -18.54 23.34
N VAL N 45 95.11 -17.88 22.19
CA VAL N 45 94.13 -16.83 22.05
C VAL N 45 93.00 -17.19 21.08
N ILE N 46 93.28 -17.96 20.03
CA ILE N 46 92.25 -18.32 19.04
C ILE N 46 92.40 -19.78 18.66
N TYR N 47 91.27 -20.49 18.60
CA TYR N 47 91.23 -21.86 18.11
C TYR N 47 90.07 -22.02 17.15
N LYS N 48 90.19 -23.02 16.26
CA LYS N 48 89.19 -23.34 15.25
C LYS N 48 88.95 -22.19 14.28
N ASP N 49 89.93 -21.29 14.17
CA ASP N 49 89.94 -20.20 13.18
C ASP N 49 88.84 -19.17 13.39
N SER N 50 87.97 -19.38 14.37
CA SER N 50 86.83 -18.48 14.44
C SER N 50 86.62 -17.84 15.82
N GLU N 51 86.82 -18.58 16.90
CA GLU N 51 86.43 -18.12 18.22
C GLU N 51 87.58 -18.33 19.21
N ARG N 52 87.34 -17.93 20.45
CA ARG N 52 88.33 -17.89 21.52
C ARG N 52 87.80 -18.61 22.74
N PRO N 53 88.69 -19.11 23.61
CA PRO N 53 88.24 -19.81 24.81
C PRO N 53 87.55 -18.86 25.78
N SER N 54 86.96 -19.45 26.80
CA SER N 54 86.28 -18.66 27.83
C SER N 54 87.30 -17.85 28.63
N GLY N 55 86.95 -16.60 28.92
CA GLY N 55 87.81 -15.70 29.64
C GLY N 55 88.64 -14.79 28.78
N ILE N 56 88.82 -15.11 27.50
CA ILE N 56 89.57 -14.25 26.59
C ILE N 56 88.67 -13.08 26.16
N PRO N 57 89.13 -11.84 26.26
CA PRO N 57 88.31 -10.71 25.81
C PRO N 57 87.99 -10.81 24.34
N GLU N 58 86.80 -10.31 23.98
CA GLU N 58 86.26 -10.51 22.64
C GLU N 58 86.92 -9.66 21.57
N ARG N 59 87.79 -8.71 21.95
CA ARG N 59 88.38 -7.83 20.95
C ARG N 59 89.32 -8.56 19.99
N PHE N 60 89.79 -9.75 20.35
CA PHE N 60 90.58 -10.56 19.43
C PHE N 60 89.65 -11.24 18.42
N SER N 61 90.08 -11.29 17.16
CA SER N 61 89.28 -11.93 16.13
C SER N 61 90.20 -12.71 15.19
N GLY N 62 89.62 -13.69 14.51
CA GLY N 62 90.35 -14.48 13.54
C GLY N 62 89.49 -14.78 12.34
N SER N 63 90.15 -14.89 11.19
CA SER N 63 89.45 -15.17 9.93
C SER N 63 90.39 -15.90 8.99
N SER N 64 89.81 -16.55 7.99
CA SER N 64 90.56 -17.28 6.97
C SER N 64 90.05 -16.88 5.60
N SER N 65 90.97 -16.50 4.71
CA SER N 65 90.62 -16.13 3.35
C SER N 65 91.61 -16.78 2.39
N GLY N 66 91.09 -17.50 1.40
CA GLY N 66 91.95 -18.16 0.44
C GLY N 66 92.88 -19.14 1.12
N THR N 67 94.18 -18.99 0.84
CA THR N 67 95.21 -19.83 1.45
C THR N 67 95.89 -19.14 2.63
N THR N 68 95.35 -18.00 3.08
CA THR N 68 95.93 -17.24 4.18
C THR N 68 94.93 -17.12 5.31
N VAL N 69 95.44 -16.79 6.50
CA VAL N 69 94.61 -16.52 7.67
C VAL N 69 95.08 -15.22 8.29
N THR N 70 94.14 -14.52 8.93
CA THR N 70 94.40 -13.22 9.52
C THR N 70 93.86 -13.17 10.94
N LEU N 71 94.57 -12.41 11.78
CA LEU N 71 94.18 -12.15 13.15
C LEU N 71 94.00 -10.65 13.30
N THR N 72 92.90 -10.25 13.94
CA THR N 72 92.54 -8.86 14.16
C THR N 72 92.67 -8.53 15.63
N ILE N 73 93.46 -7.50 15.93
CA ILE N 73 93.52 -6.90 17.27
C ILE N 73 92.71 -5.61 17.20
N SER N 74 91.57 -5.59 17.88
CA SER N 74 90.74 -4.39 17.97
C SER N 74 91.03 -3.68 19.28
N GLY N 75 91.49 -2.42 19.19
CA GLY N 75 91.79 -1.67 20.39
C GLY N 75 93.01 -2.17 21.12
N VAL N 76 94.19 -2.00 20.54
CA VAL N 76 95.42 -2.46 21.17
C VAL N 76 95.58 -1.79 22.53
N GLN N 77 95.83 -2.60 23.54
CA GLN N 77 96.01 -2.13 24.91
C GLN N 77 97.41 -2.48 25.39
N ALA N 78 97.69 -2.14 26.65
CA ALA N 78 99.03 -2.37 27.20
C ALA N 78 99.35 -3.86 27.26
N GLU N 79 98.38 -4.69 27.64
CA GLU N 79 98.63 -6.13 27.73
C GLU N 79 98.84 -6.77 26.38
N ASP N 80 98.42 -6.13 25.30
CA ASP N 80 98.54 -6.70 23.96
C ASP N 80 99.99 -6.70 23.45
N ASP N 81 100.90 -6.01 24.13
CA ASP N 81 102.30 -5.98 23.71
C ASP N 81 102.90 -7.36 23.96
N ALA N 82 103.06 -8.15 22.90
CA ALA N 82 103.53 -9.53 23.05
C ALA N 82 103.71 -10.16 21.68
N ASP N 83 104.14 -11.42 21.64
CA ASP N 83 104.34 -12.10 20.36
C ASP N 83 103.15 -13.03 20.08
N TYR N 84 102.93 -13.31 18.81
CA TYR N 84 101.85 -14.17 18.38
C TYR N 84 102.36 -15.19 17.38
N TYR N 85 101.80 -16.40 17.44
CA TYR N 85 102.20 -17.50 16.57
C TYR N 85 100.98 -18.14 15.94
N CYS N 86 101.14 -18.65 14.72
CA CYS N 86 100.15 -19.46 14.04
C CYS N 86 100.65 -20.89 13.99
N GLN N 87 99.88 -21.81 14.57
CA GLN N 87 100.26 -23.22 14.64
C GLN N 87 99.30 -24.04 13.80
N ALA N 88 99.85 -24.87 12.92
CA ALA N 88 99.03 -25.69 12.03
C ALA N 88 99.76 -27.01 11.79
N ALA N 89 99.29 -27.75 10.78
CA ALA N 89 99.86 -29.04 10.45
C ALA N 89 100.40 -29.03 9.03
N ASP N 90 101.35 -29.93 8.78
CA ASP N 90 101.91 -30.09 7.45
C ASP N 90 100.86 -30.67 6.51
N SER N 91 101.13 -30.58 5.20
CA SER N 91 100.20 -31.10 4.20
C SER N 91 99.97 -32.59 4.36
N SER N 92 100.88 -33.31 5.02
CA SER N 92 100.68 -34.72 5.32
C SER N 92 99.82 -34.96 6.55
N ASN N 93 99.40 -33.89 7.24
CA ASN N 93 98.50 -33.92 8.39
C ASN N 93 99.10 -34.65 9.59
N THR N 94 100.39 -34.95 9.57
CA THR N 94 101.03 -35.65 10.67
C THR N 94 102.13 -34.84 11.35
N GLU N 95 102.56 -33.73 10.78
CA GLU N 95 103.63 -32.91 11.33
C GLU N 95 103.06 -31.56 11.78
N TYR N 96 103.34 -31.20 13.03
CA TYR N 96 102.90 -29.93 13.60
C TYR N 96 103.98 -28.87 13.36
N VAL N 97 103.56 -27.70 12.89
CA VAL N 97 104.47 -26.59 12.63
C VAL N 97 103.89 -25.32 13.24
N PHE N 98 104.77 -24.35 13.48
CA PHE N 98 104.42 -23.06 14.04
C PHE N 98 104.79 -21.95 13.06
N GLY N 99 104.33 -20.75 13.37
CA GLY N 99 104.67 -19.58 12.58
C GLY N 99 105.98 -18.95 13.04
N THR N 100 106.40 -17.92 12.28
CA THR N 100 107.62 -17.20 12.64
C THR N 100 107.45 -16.47 13.96
N GLY N 101 106.28 -15.86 14.18
CA GLY N 101 106.03 -15.11 15.40
C GLY N 101 106.08 -13.61 15.19
N THR N 102 104.90 -12.98 15.13
CA THR N 102 104.82 -11.54 14.95
C THR N 102 104.78 -10.87 16.32
N LYS N 103 105.73 -9.97 16.57
CA LYS N 103 105.89 -9.32 17.87
C LYS N 103 105.25 -7.95 17.81
N VAL N 104 104.07 -7.81 18.40
CA VAL N 104 103.25 -6.60 18.30
C VAL N 104 103.45 -5.75 19.55
N THR N 105 103.53 -4.43 19.35
CA THR N 105 103.84 -3.47 20.39
C THR N 105 102.71 -2.45 20.51
N VAL N 106 102.41 -2.06 21.75
CA VAL N 106 101.48 -0.98 22.02
C VAL N 106 102.28 0.31 22.25
N LEU N 107 101.82 1.39 21.63
CA LEU N 107 102.52 2.67 21.74
C LEU N 107 101.90 3.56 22.81
N GLN O 1 16.64 21.47 -77.42
CA GLN O 1 17.87 22.24 -77.27
C GLN O 1 17.57 23.72 -77.07
N VAL O 2 18.62 24.52 -76.87
CA VAL O 2 18.49 25.95 -76.65
C VAL O 2 19.26 26.66 -77.76
N GLN O 3 18.63 27.69 -78.33
CA GLN O 3 19.22 28.41 -79.45
C GLN O 3 19.45 29.88 -79.09
N LEU O 4 20.62 30.38 -79.49
CA LEU O 4 21.00 31.78 -79.38
C LEU O 4 21.46 32.23 -80.75
N VAL O 5 20.72 33.14 -81.37
CA VAL O 5 20.99 33.58 -82.74
C VAL O 5 21.23 35.09 -82.73
N GLN O 6 22.34 35.50 -83.34
CA GLN O 6 22.71 36.90 -83.43
C GLN O 6 22.71 37.34 -84.89
N SER O 7 22.86 38.65 -85.09
CA SER O 7 22.92 39.21 -86.43
C SER O 7 24.26 38.88 -87.08
N GLY O 8 24.30 39.02 -88.40
CA GLY O 8 25.50 38.75 -89.15
C GLY O 8 26.58 39.80 -88.91
N ALA O 9 27.80 39.43 -89.29
CA ALA O 9 28.93 40.34 -89.12
C ALA O 9 28.76 41.57 -90.01
N GLU O 10 29.15 42.73 -89.48
CA GLU O 10 29.01 43.97 -90.21
C GLU O 10 30.14 44.91 -89.81
N VAL O 11 30.36 45.94 -90.62
CA VAL O 11 31.48 46.85 -90.46
C VAL O 11 30.93 48.26 -90.23
N LYS O 12 31.47 48.94 -89.22
CA LYS O 12 31.11 50.32 -88.91
C LYS O 12 32.36 51.18 -88.79
N LYS O 13 32.27 52.40 -89.31
CA LYS O 13 33.36 53.36 -89.15
C LYS O 13 33.48 53.74 -87.68
N PRO O 14 34.69 53.85 -87.15
CA PRO O 14 34.85 54.28 -85.76
C PRO O 14 34.22 55.64 -85.51
N GLY O 15 33.63 55.80 -84.33
CA GLY O 15 32.88 56.98 -83.97
C GLY O 15 31.38 56.82 -84.01
N ALA O 16 30.89 55.74 -84.62
CA ALA O 16 29.46 55.47 -84.70
C ALA O 16 29.03 54.61 -83.51
N SER O 17 27.83 54.05 -83.59
CA SER O 17 27.31 53.13 -82.59
C SER O 17 26.94 51.81 -83.26
N VAL O 18 27.35 50.69 -82.66
CA VAL O 18 27.09 49.37 -83.21
C VAL O 18 25.94 48.73 -82.46
N LYS O 19 25.00 48.15 -83.20
CA LYS O 19 23.81 47.50 -82.66
C LYS O 19 23.90 46.02 -82.96
N VAL O 20 23.88 45.19 -81.91
CA VAL O 20 23.93 43.75 -82.05
C VAL O 20 22.75 43.13 -81.30
N SER O 21 21.97 42.32 -82.00
CA SER O 21 20.81 41.64 -81.43
C SER O 21 21.16 40.20 -81.10
N CYS O 22 20.44 39.63 -80.12
CA CYS O 22 20.70 38.29 -79.64
C CYS O 22 19.38 37.66 -79.20
N LYS O 23 18.76 36.90 -80.09
CA LYS O 23 17.55 36.16 -79.76
C LYS O 23 17.90 34.85 -79.06
N SER O 24 17.09 34.47 -78.08
CA SER O 24 17.39 33.34 -77.24
C SER O 24 16.11 32.58 -76.91
N SER O 25 16.20 31.25 -76.89
CA SER O 25 15.06 30.44 -76.47
C SER O 25 15.53 29.04 -76.10
N GLY O 26 14.66 28.33 -75.38
CA GLY O 26 14.88 26.92 -75.12
C GLY O 26 14.89 26.48 -73.67
N TYR O 27 14.60 27.38 -72.74
CA TYR O 27 14.65 27.03 -71.32
C TYR O 27 13.63 27.89 -70.58
N THR O 28 13.65 27.79 -69.24
CA THR O 28 12.71 28.53 -68.40
C THR O 28 13.15 29.99 -68.38
N PHE O 29 12.86 30.69 -69.47
CA PHE O 29 13.44 31.99 -69.78
C PHE O 29 12.91 33.10 -68.87
N THR O 30 12.11 32.75 -67.86
CA THR O 30 11.60 33.77 -66.95
C THR O 30 12.73 34.48 -66.23
N ASN O 31 13.73 33.75 -65.75
CA ASN O 31 14.87 34.34 -65.06
C ASN O 31 16.16 33.66 -65.53
N TYR O 32 16.77 34.21 -66.58
CA TYR O 32 18.11 33.85 -67.00
C TYR O 32 18.86 35.09 -67.46
N ILE O 33 20.09 35.23 -66.99
CA ILE O 33 20.92 36.39 -67.33
C ILE O 33 21.79 36.04 -68.53
N ILE O 34 21.82 36.96 -69.51
CA ILE O 34 22.57 36.79 -70.75
C ILE O 34 23.81 37.67 -70.67
N HIS O 35 24.98 37.09 -70.89
CA HIS O 35 26.23 37.82 -70.78
C HIS O 35 26.77 38.19 -72.16
N TRP O 36 27.21 39.43 -72.31
CA TRP O 36 27.88 39.87 -73.52
C TRP O 36 29.40 39.82 -73.30
N VAL O 37 30.10 39.05 -74.13
CA VAL O 37 31.54 38.90 -73.97
C VAL O 37 32.23 39.25 -75.29
N ARG O 38 33.32 39.98 -75.19
CA ARG O 38 34.08 40.45 -76.34
C ARG O 38 35.45 39.76 -76.37
N GLN O 39 35.86 39.29 -77.54
CA GLN O 39 37.13 38.60 -77.69
C GLN O 39 37.87 39.18 -78.89
N ALA O 40 39.05 39.75 -78.63
CA ALA O 40 39.90 40.19 -79.72
C ALA O 40 40.53 38.95 -80.38
N PRO O 41 40.89 39.04 -81.66
CA PRO O 41 41.47 37.88 -82.35
C PRO O 41 42.77 37.44 -81.70
N GLY O 42 42.75 36.23 -81.13
CA GLY O 42 43.93 35.70 -80.47
C GLY O 42 44.26 36.34 -79.14
N GLN O 43 43.28 36.92 -78.46
CA GLN O 43 43.50 37.60 -77.19
C GLN O 43 42.54 37.06 -76.14
N ARG O 44 42.58 37.70 -74.97
CA ARG O 44 41.77 37.28 -73.83
C ARG O 44 40.29 37.55 -74.08
N LEU O 45 39.45 36.70 -73.50
CA LEU O 45 38.03 36.99 -73.41
C LEU O 45 37.80 38.12 -72.41
N GLU O 46 36.93 39.06 -72.78
CA GLU O 46 36.62 40.20 -71.93
C GLU O 46 35.13 40.24 -71.67
N TRP O 47 34.73 40.16 -70.41
CA TRP O 47 33.34 40.22 -70.02
C TRP O 47 32.93 41.69 -69.90
N MET O 48 31.95 42.10 -70.71
CA MET O 48 31.50 43.48 -70.71
C MET O 48 30.36 43.70 -69.72
N GLY O 49 29.38 42.80 -69.71
CA GLY O 49 28.26 42.94 -68.80
C GLY O 49 27.26 41.84 -69.01
N TRP O 50 26.17 41.92 -68.24
CA TRP O 50 25.08 40.98 -68.36
C TRP O 50 23.76 41.71 -68.25
N ILE O 51 22.71 41.08 -68.77
CA ILE O 51 21.36 41.61 -68.72
C ILE O 51 20.43 40.53 -68.20
N ASN O 52 19.58 40.88 -67.24
CA ASN O 52 18.54 39.98 -66.77
C ASN O 52 17.34 40.11 -67.70
N ALA O 53 17.17 39.14 -68.59
CA ALA O 53 16.17 39.27 -69.65
C ALA O 53 14.76 39.32 -69.09
N GLY O 54 14.46 38.47 -68.11
CA GLY O 54 13.10 38.45 -67.56
C GLY O 54 12.75 39.71 -66.81
N ASN O 55 13.68 40.23 -66.00
CA ASN O 55 13.41 41.41 -65.18
C ASN O 55 13.73 42.70 -65.92
N GLY O 56 14.85 42.73 -66.64
CA GLY O 56 15.30 43.93 -67.31
C GLY O 56 16.49 44.61 -66.66
N ASN O 57 16.92 44.16 -65.49
CA ASN O 57 18.08 44.74 -64.83
C ASN O 57 19.34 44.46 -65.62
N THR O 58 20.26 45.42 -65.60
CA THR O 58 21.49 45.34 -66.37
C THR O 58 22.68 45.63 -65.46
N LYS O 59 23.83 45.04 -65.80
CA LYS O 59 25.07 45.32 -65.12
C LYS O 59 26.20 45.38 -66.14
N TYR O 60 27.08 46.36 -65.99
CA TYR O 60 28.18 46.58 -66.91
C TYR O 60 29.51 46.46 -66.17
N SER O 61 30.59 46.36 -66.95
CA SER O 61 31.93 46.26 -66.38
C SER O 61 32.35 47.59 -65.75
N GLN O 62 33.40 47.52 -64.94
CA GLN O 62 33.89 48.71 -64.25
C GLN O 62 34.40 49.76 -65.25
N LYS O 63 35.15 49.33 -66.26
CA LYS O 63 35.72 50.22 -67.25
C LYS O 63 34.83 50.35 -68.48
N PHE O 64 33.58 49.93 -68.39
CA PHE O 64 32.57 50.13 -69.43
C PHE O 64 31.47 51.00 -68.82
N GLN O 65 31.66 52.32 -68.90
CA GLN O 65 30.72 53.28 -68.32
C GLN O 65 30.23 54.22 -69.40
N GLY O 66 28.91 54.30 -69.56
CA GLY O 66 28.33 55.21 -70.56
C GLY O 66 28.47 54.77 -72.00
N ARG O 67 29.66 54.36 -72.41
CA ARG O 67 29.89 53.93 -73.78
C ARG O 67 29.08 52.68 -74.11
N ILE O 68 28.80 51.84 -73.11
CA ILE O 68 28.03 50.62 -73.28
C ILE O 68 26.59 50.86 -72.88
N SER O 69 25.66 50.23 -73.59
CA SER O 69 24.23 50.34 -73.26
C SER O 69 23.53 49.12 -73.83
N VAL O 70 23.03 48.25 -72.95
CA VAL O 70 22.33 47.04 -73.37
C VAL O 70 20.86 47.18 -73.01
N THR O 71 20.02 46.49 -73.77
CA THR O 71 18.58 46.50 -73.54
C THR O 71 17.97 45.28 -74.20
N ARG O 72 16.69 45.06 -73.93
CA ARG O 72 15.99 43.89 -74.42
C ARG O 72 14.53 44.23 -74.64
N ASP O 73 13.83 43.35 -75.34
CA ASP O 73 12.39 43.46 -75.51
C ASP O 73 11.73 42.12 -75.22
N THR O 74 10.53 42.18 -74.66
CA THR O 74 9.80 40.97 -74.30
C THR O 74 9.23 40.26 -75.52
N SER O 75 8.77 41.02 -76.51
CA SER O 75 8.10 40.43 -77.67
C SER O 75 9.04 39.53 -78.46
N ALA O 76 10.23 40.04 -78.78
CA ALA O 76 11.20 39.29 -79.57
C ALA O 76 12.10 38.40 -78.73
N SER O 77 12.07 38.54 -77.41
CA SER O 77 12.91 37.75 -76.51
C SER O 77 14.38 37.83 -76.90
N ALA O 78 14.83 39.05 -77.21
CA ALA O 78 16.16 39.26 -77.74
C ALA O 78 16.82 40.45 -77.05
N ALA O 79 18.09 40.28 -76.68
CA ALA O 79 18.90 41.40 -76.24
C ALA O 79 19.26 42.29 -77.41
N TYR O 80 19.45 43.57 -77.12
CA TYR O 80 19.62 44.62 -78.13
C TYR O 80 20.84 45.48 -77.82
N MET O 81 21.98 44.84 -77.62
CA MET O 81 23.17 45.53 -77.16
C MET O 81 23.56 46.67 -78.10
N GLU O 82 23.87 47.82 -77.51
CA GLU O 82 24.32 49.00 -78.24
C GLU O 82 25.65 49.46 -77.68
N LEU O 83 26.62 49.69 -78.55
CA LEU O 83 27.95 50.14 -78.14
C LEU O 83 28.32 51.36 -78.99
N SER O 84 28.23 52.55 -78.40
CA SER O 84 28.56 53.77 -79.12
C SER O 84 30.05 54.04 -79.09
N SER O 85 30.49 54.93 -79.98
CA SER O 85 31.88 55.39 -80.06
C SER O 85 32.83 54.21 -80.29
N LEU O 86 32.68 53.58 -81.46
CA LEU O 86 33.59 52.52 -81.85
C LEU O 86 35.00 53.07 -82.10
N LYS O 87 36.00 52.22 -81.88
CA LYS O 87 37.39 52.54 -82.14
C LYS O 87 38.01 51.42 -82.97
N SER O 88 39.26 51.63 -83.38
CA SER O 88 39.97 50.60 -84.12
C SER O 88 40.21 49.36 -83.25
N GLU O 89 40.52 49.57 -81.97
CA GLU O 89 40.73 48.44 -81.06
C GLU O 89 39.45 47.66 -80.79
N ASP O 90 38.28 48.23 -81.11
CA ASP O 90 37.02 47.54 -80.89
C ASP O 90 36.80 46.39 -81.86
N THR O 91 37.63 46.26 -82.89
CA THR O 91 37.54 45.15 -83.83
C THR O 91 37.69 43.82 -83.09
N ALA O 92 36.62 43.04 -83.00
CA ALA O 92 36.61 41.83 -82.19
C ALA O 92 35.35 41.04 -82.48
N LEU O 93 35.24 39.88 -81.85
CA LEU O 93 34.10 38.99 -81.97
C LEU O 93 33.28 39.03 -80.68
N TYR O 94 31.96 39.14 -80.82
CA TYR O 94 31.06 39.29 -79.69
C TYR O 94 30.20 38.05 -79.54
N TYR O 95 30.08 37.55 -78.30
CA TYR O 95 29.37 36.32 -78.00
C TYR O 95 28.34 36.56 -76.92
N CYS O 96 27.25 35.81 -77.01
CA CYS O 96 26.24 35.72 -75.95
C CYS O 96 26.49 34.48 -75.12
N ALA O 97 26.34 34.60 -73.81
CA ALA O 97 26.60 33.52 -72.87
C ALA O 97 25.36 33.26 -72.03
N THR O 98 24.93 31.99 -72.01
CA THR O 98 23.80 31.52 -71.21
C THR O 98 23.98 30.01 -71.04
N LEU O 99 23.32 29.46 -70.05
CA LEU O 99 23.52 28.08 -69.63
C LEU O 99 22.38 27.18 -70.10
N GLN O 100 22.75 26.06 -70.73
CA GLN O 100 21.77 25.02 -71.06
C GLN O 100 21.41 24.17 -69.84
N MET O 101 22.37 23.92 -68.96
CA MET O 101 22.18 23.01 -67.85
C MET O 101 21.21 23.60 -66.82
N ASP O 102 20.97 22.85 -65.75
CA ASP O 102 19.89 23.14 -64.81
C ASP O 102 20.42 23.52 -63.43
N TYR O 103 21.41 24.38 -63.37
CA TYR O 103 21.90 24.91 -62.10
C TYR O 103 21.95 26.43 -62.08
N GLY O 104 22.28 27.07 -63.20
CA GLY O 104 22.23 28.52 -63.33
C GLY O 104 23.27 29.26 -62.51
N GLY O 105 23.40 30.55 -62.77
CA GLY O 105 24.23 31.40 -61.96
C GLY O 105 25.58 31.70 -62.57
N ASN O 106 26.52 32.03 -61.68
CA ASN O 106 27.86 32.41 -62.09
C ASN O 106 28.58 31.25 -62.76
N GLY O 107 29.38 31.58 -63.77
CA GLY O 107 30.25 30.60 -64.40
C GLY O 107 29.54 29.60 -65.31
N ASP O 108 28.49 28.97 -64.79
CA ASP O 108 27.79 27.93 -65.54
C ASP O 108 27.07 28.57 -66.72
N LEU O 109 27.67 28.47 -67.90
CA LEU O 109 27.09 29.02 -69.14
C LEU O 109 27.48 28.06 -70.25
N ASP O 110 26.58 27.13 -70.58
CA ASP O 110 26.95 26.03 -71.47
C ASP O 110 26.98 26.45 -72.92
N TYR O 111 25.83 26.88 -73.46
CA TYR O 111 25.72 27.15 -74.89
C TYR O 111 25.94 28.63 -75.19
N TRP O 112 26.76 28.89 -76.20
CA TRP O 112 27.10 30.22 -76.66
C TRP O 112 26.53 30.45 -78.06
N GLY O 113 26.52 31.71 -78.48
CA GLY O 113 26.13 32.06 -79.83
C GLY O 113 27.30 31.96 -80.80
N GLN O 114 26.99 32.18 -82.08
CA GLN O 114 28.03 32.20 -83.10
C GLN O 114 28.82 33.49 -83.11
N GLY O 115 28.27 34.56 -82.52
CA GLY O 115 29.00 35.81 -82.38
C GLY O 115 28.87 36.71 -83.59
N THR O 116 29.17 37.99 -83.37
CA THR O 116 29.19 39.00 -84.43
C THR O 116 30.58 39.61 -84.49
N LEU O 117 31.13 39.71 -85.70
CA LEU O 117 32.45 40.26 -85.91
C LEU O 117 32.34 41.73 -86.28
N VAL O 118 33.10 42.58 -85.59
CA VAL O 118 33.11 44.01 -85.85
C VAL O 118 34.54 44.42 -86.20
N THR O 119 34.68 45.18 -87.29
CA THR O 119 35.98 45.59 -87.78
C THR O 119 35.83 46.93 -88.49
N VAL O 120 36.89 47.35 -89.18
CA VAL O 120 36.93 48.61 -89.91
C VAL O 120 37.17 48.30 -91.38
N SER O 121 36.48 49.04 -92.25
CA SER O 121 36.55 48.77 -93.69
C SER O 121 37.97 48.98 -94.20
N SER O 122 38.40 48.09 -95.08
CA SER O 122 39.74 48.16 -95.66
C SER O 122 39.79 49.22 -96.76
N TYR P 1 41.89 44.07 -59.96
CA TYR P 1 41.54 42.67 -59.81
C TYR P 1 41.73 41.92 -61.13
N GLU P 2 42.53 40.85 -61.09
CA GLU P 2 42.80 40.05 -62.27
C GLU P 2 43.28 38.68 -61.83
N LEU P 3 42.89 37.65 -62.59
CA LEU P 3 43.28 36.27 -62.33
C LEU P 3 44.50 35.94 -63.17
N THR P 4 45.66 35.85 -62.51
CA THR P 4 46.90 35.53 -63.21
C THR P 4 46.89 34.09 -63.71
N GLN P 5 47.51 33.88 -64.88
CA GLN P 5 47.56 32.57 -65.51
C GLN P 5 48.77 32.53 -66.43
N PRO P 6 49.49 31.43 -66.51
CA PRO P 6 50.67 31.38 -67.37
C PRO P 6 50.27 31.55 -68.83
N PRO P 7 51.16 32.10 -69.66
CA PRO P 7 50.79 32.32 -71.08
C PRO P 7 50.53 31.03 -71.83
N SER P 8 51.47 30.07 -71.78
CA SER P 8 51.31 28.84 -72.54
C SER P 8 52.13 27.73 -71.89
N VAL P 9 51.75 26.49 -72.20
CA VAL P 9 52.46 25.31 -71.73
C VAL P 9 52.62 24.34 -72.90
N SER P 10 53.61 23.46 -72.77
CA SER P 10 53.90 22.46 -73.77
C SER P 10 54.06 21.10 -73.10
N VAL P 11 53.24 20.13 -73.51
CA VAL P 11 53.27 18.79 -72.94
C VAL P 11 53.12 17.78 -74.08
N SER P 12 53.97 16.76 -74.08
CA SER P 12 53.94 15.75 -75.12
C SER P 12 52.64 14.93 -75.04
N PRO P 13 52.21 14.35 -76.15
CA PRO P 13 50.98 13.54 -76.13
C PRO P 13 51.13 12.34 -75.21
N GLY P 14 50.01 11.91 -74.65
CA GLY P 14 50.01 10.84 -73.68
C GLY P 14 50.72 11.19 -72.39
N GLN P 15 50.58 12.44 -71.94
CA GLN P 15 51.21 12.89 -70.71
C GLN P 15 50.30 13.94 -70.07
N THR P 16 50.13 13.83 -68.76
CA THR P 16 49.26 14.76 -68.04
C THR P 16 49.84 16.16 -68.06
N ALA P 17 48.94 17.16 -68.07
CA ALA P 17 49.30 18.56 -68.11
C ALA P 17 48.51 19.33 -67.06
N ARG P 18 49.16 20.34 -66.48
CA ARG P 18 48.56 21.21 -65.48
C ARG P 18 48.35 22.60 -66.05
N ILE P 19 47.21 23.20 -65.71
CA ILE P 19 46.92 24.60 -65.99
C ILE P 19 46.55 25.27 -64.68
N THR P 20 47.29 26.31 -64.31
CA THR P 20 47.18 26.94 -63.00
C THR P 20 46.60 28.33 -63.12
N CYS P 21 45.65 28.65 -62.23
CA CYS P 21 45.04 29.97 -62.16
C CYS P 21 45.04 30.43 -60.71
N SER P 22 45.19 31.74 -60.50
CA SER P 22 45.29 32.28 -59.15
C SER P 22 44.48 33.57 -59.05
N GLY P 23 44.06 33.89 -57.83
CA GLY P 23 43.31 35.11 -57.58
C GLY P 23 43.27 35.43 -56.11
N ASP P 24 42.97 36.70 -55.82
CA ASP P 24 42.94 37.14 -54.42
C ASP P 24 41.70 36.65 -53.70
N ALA P 25 40.54 36.71 -54.35
CA ALA P 25 39.28 36.24 -53.77
C ALA P 25 38.96 34.81 -54.20
N LEU P 26 39.94 34.09 -54.72
CA LEU P 26 39.68 32.74 -55.22
C LEU P 26 39.20 31.76 -54.16
N PRO P 27 39.76 31.70 -52.94
CA PRO P 27 39.31 30.67 -51.98
C PRO P 27 37.84 30.76 -51.61
N LYS P 28 37.17 31.88 -51.89
CA LYS P 28 35.75 32.03 -51.62
C LYS P 28 34.95 32.17 -52.91
N GLN P 29 35.44 31.58 -54.00
CA GLN P 29 34.80 31.67 -55.29
C GLN P 29 34.98 30.35 -56.04
N TYR P 30 34.12 30.14 -57.04
CA TYR P 30 34.12 28.93 -57.84
C TYR P 30 34.80 29.18 -59.17
N VAL P 31 35.70 28.27 -59.56
CA VAL P 31 36.41 28.36 -60.82
C VAL P 31 35.63 27.62 -61.89
N TYR P 32 35.46 28.25 -63.05
CA TYR P 32 34.86 27.58 -64.20
C TYR P 32 35.87 27.55 -65.32
N TRP P 33 36.25 26.35 -65.75
CA TRP P 33 37.26 26.18 -66.78
C TRP P 33 36.58 26.06 -68.12
N TYR P 34 36.96 26.94 -69.05
CA TYR P 34 36.35 27.03 -70.37
C TYR P 34 37.41 26.68 -71.41
N GLN P 35 37.05 25.79 -72.33
CA GLN P 35 37.91 25.43 -73.45
C GLN P 35 37.29 25.96 -74.73
N GLN P 36 38.12 26.56 -75.58
CA GLN P 36 37.67 27.22 -76.80
C GLN P 36 38.47 26.67 -77.96
N LYS P 37 37.77 26.12 -78.94
CA LYS P 37 38.41 25.70 -80.19
C LYS P 37 38.44 26.88 -81.16
N PRO P 38 39.57 27.16 -81.80
CA PRO P 38 39.64 28.33 -82.68
C PRO P 38 38.63 28.23 -83.82
N GLY P 39 38.03 29.37 -84.14
CA GLY P 39 37.06 29.47 -85.21
C GLY P 39 35.61 29.52 -84.76
N GLN P 40 35.32 29.11 -83.54
CA GLN P 40 33.95 29.13 -83.05
C GLN P 40 33.95 29.41 -81.54
N ALA P 41 32.76 29.32 -80.93
CA ALA P 41 32.57 29.73 -79.56
C ALA P 41 33.19 28.71 -78.59
N PRO P 42 33.55 29.15 -77.38
CA PRO P 42 34.08 28.22 -76.39
C PRO P 42 33.02 27.27 -75.87
N VAL P 43 33.49 26.19 -75.26
CA VAL P 43 32.62 25.17 -74.65
C VAL P 43 33.10 24.92 -73.23
N LEU P 44 32.15 24.90 -72.28
CA LEU P 44 32.49 24.64 -70.90
C LEU P 44 33.07 23.25 -70.74
N VAL P 45 34.18 23.15 -70.00
CA VAL P 45 34.82 21.85 -69.80
C VAL P 45 34.79 21.49 -68.31
N ILE P 46 34.81 22.50 -67.43
CA ILE P 46 34.75 22.24 -65.99
C ILE P 46 33.87 23.31 -65.35
N TYR P 47 32.89 22.86 -64.55
CA TYR P 47 32.06 23.75 -63.76
C TYR P 47 32.01 23.23 -62.34
N LYS P 48 31.45 24.04 -61.44
CA LYS P 48 31.37 23.77 -60.00
C LYS P 48 32.75 23.59 -59.37
N ASP P 49 33.82 23.98 -60.07
CA ASP P 49 35.18 24.06 -59.55
C ASP P 49 35.82 22.68 -59.36
N SER P 50 35.04 21.60 -59.48
CA SER P 50 35.62 20.28 -59.23
C SER P 50 35.23 19.19 -60.22
N GLU P 51 34.11 19.30 -60.93
CA GLU P 51 33.61 18.17 -61.70
C GLU P 51 33.07 18.62 -63.05
N ARG P 52 33.33 17.82 -64.07
CA ARG P 52 33.04 18.15 -65.46
C ARG P 52 31.57 17.88 -65.80
N PRO P 53 31.04 18.55 -66.82
CA PRO P 53 29.67 18.26 -67.26
C PRO P 53 29.54 16.91 -67.94
N SER P 54 28.35 16.59 -68.41
CA SER P 54 28.11 15.32 -69.08
C SER P 54 28.64 15.36 -70.50
N GLY P 55 29.30 14.28 -70.91
CA GLY P 55 29.87 14.17 -72.24
C GLY P 55 31.31 14.59 -72.36
N ILE P 56 31.82 15.36 -71.40
CA ILE P 56 33.23 15.76 -71.41
C ILE P 56 34.10 14.52 -71.16
N PRO P 57 35.20 14.36 -71.88
CA PRO P 57 36.06 13.19 -71.65
C PRO P 57 36.57 13.16 -70.21
N GLU P 58 36.72 11.94 -69.69
CA GLU P 58 37.05 11.72 -68.28
C GLU P 58 38.47 12.13 -67.93
N ARG P 59 39.31 12.42 -68.92
CA ARG P 59 40.69 12.80 -68.64
C ARG P 59 40.79 14.15 -67.91
N PHE P 60 39.76 14.98 -68.00
CA PHE P 60 39.78 16.28 -67.34
C PHE P 60 39.50 16.12 -65.84
N SER P 61 40.23 16.90 -65.05
CA SER P 61 39.97 16.96 -63.61
C SER P 61 40.37 18.35 -63.11
N GLY P 62 39.84 18.73 -61.97
CA GLY P 62 40.13 20.03 -61.40
C GLY P 62 40.18 19.98 -59.90
N SER P 63 40.99 20.86 -59.31
CA SER P 63 41.07 20.95 -57.87
C SER P 63 41.48 22.35 -57.48
N SER P 64 41.21 22.70 -56.22
CA SER P 64 41.52 24.02 -55.68
C SER P 64 42.27 23.86 -54.38
N SER P 65 43.41 24.55 -54.25
CA SER P 65 44.21 24.55 -53.04
C SER P 65 44.55 25.99 -52.70
N GLY P 66 44.09 26.45 -51.53
CA GLY P 66 44.39 27.81 -51.12
C GLY P 66 43.87 28.82 -52.12
N THR P 67 44.75 29.71 -52.55
CA THR P 67 44.43 30.73 -53.53
C THR P 67 44.75 30.32 -54.95
N THR P 68 44.98 29.02 -55.20
CA THR P 68 45.30 28.52 -56.52
C THR P 68 44.30 27.45 -56.93
N VAL P 69 44.11 27.31 -58.23
CA VAL P 69 43.26 26.27 -58.81
C VAL P 69 44.02 25.64 -59.98
N THR P 70 43.96 24.31 -60.06
CA THR P 70 44.67 23.58 -61.11
C THR P 70 43.70 22.69 -61.88
N LEU P 71 43.88 22.68 -63.20
CA LEU P 71 43.13 21.83 -64.11
C LEU P 71 44.12 20.84 -64.72
N THR P 72 43.86 19.55 -64.54
CA THR P 72 44.76 18.49 -64.94
C THR P 72 44.14 17.67 -66.06
N ILE P 73 44.91 17.44 -67.12
CA ILE P 73 44.49 16.62 -68.25
C ILE P 73 45.38 15.39 -68.30
N SER P 74 44.79 14.21 -68.14
CA SER P 74 45.53 12.96 -68.11
C SER P 74 45.59 12.37 -69.51
N GLY P 75 46.79 12.25 -70.06
CA GLY P 75 46.94 11.70 -71.39
C GLY P 75 46.40 12.63 -72.45
N VAL P 76 47.08 13.76 -72.67
CA VAL P 76 46.61 14.77 -73.62
C VAL P 76 46.71 14.23 -75.04
N GLN P 77 45.62 14.37 -75.80
CA GLN P 77 45.61 14.05 -77.22
C GLN P 77 45.77 15.32 -78.05
N ALA P 78 45.73 15.15 -79.38
CA ALA P 78 45.89 16.29 -80.27
C ALA P 78 44.68 17.21 -80.26
N GLU P 79 43.50 16.68 -79.96
CA GLU P 79 42.27 17.47 -79.98
C GLU P 79 42.09 18.32 -78.72
N ASP P 80 43.03 18.28 -77.79
CA ASP P 80 42.95 19.06 -76.56
C ASP P 80 43.58 20.44 -76.69
N ASP P 81 44.05 20.81 -77.87
CA ASP P 81 44.66 22.12 -78.08
C ASP P 81 43.58 23.17 -78.30
N ALA P 82 43.53 24.16 -77.41
CA ALA P 82 42.55 25.24 -77.52
C ALA P 82 42.81 26.22 -76.39
N ASP P 83 42.08 27.34 -76.42
CA ASP P 83 42.17 28.33 -75.35
C ASP P 83 41.58 27.74 -74.06
N TYR P 84 42.31 27.88 -72.96
CA TYR P 84 41.86 27.37 -71.66
C TYR P 84 41.81 28.54 -70.69
N TYR P 85 40.60 28.90 -70.25
CA TYR P 85 40.41 30.05 -69.38
C TYR P 85 39.81 29.64 -68.05
N CYS P 86 40.23 30.34 -67.00
CA CYS P 86 39.62 30.23 -65.68
C CYS P 86 38.70 31.42 -65.47
N GLN P 87 37.44 31.15 -65.12
CA GLN P 87 36.43 32.17 -64.96
C GLN P 87 35.99 32.22 -63.50
N ALA P 88 35.90 33.43 -62.97
CA ALA P 88 35.46 33.64 -61.59
C ALA P 88 34.81 35.03 -61.51
N ALA P 89 34.61 35.52 -60.30
CA ALA P 89 33.98 36.81 -60.09
C ALA P 89 34.88 37.69 -59.24
N ASP P 90 34.52 38.97 -59.17
CA ASP P 90 35.27 39.93 -58.38
C ASP P 90 35.09 39.64 -56.89
N SER P 91 35.99 40.20 -56.08
CA SER P 91 35.92 40.04 -54.64
C SER P 91 34.62 40.60 -54.07
N SER P 92 33.96 41.50 -54.79
CA SER P 92 32.64 42.01 -54.39
C SER P 92 31.50 41.20 -54.99
N ASN P 93 31.80 40.11 -55.68
CA ASN P 93 30.78 39.22 -56.26
C ASN P 93 29.86 39.98 -57.21
N THR P 94 30.42 40.89 -57.99
CA THR P 94 29.63 41.66 -58.95
C THR P 94 30.26 41.77 -60.34
N GLU P 95 31.55 41.48 -60.50
CA GLU P 95 32.23 41.62 -61.78
C GLU P 95 32.78 40.26 -62.20
N TYR P 96 32.41 39.81 -63.39
CA TYR P 96 32.89 38.54 -63.92
C TYR P 96 34.24 38.73 -64.58
N VAL P 97 35.20 37.88 -64.23
CA VAL P 97 36.57 38.00 -64.72
C VAL P 97 37.00 36.67 -65.32
N PHE P 98 37.54 36.73 -66.53
CA PHE P 98 38.11 35.57 -67.22
C PHE P 98 39.62 35.54 -67.06
N GLY P 99 40.19 34.35 -67.21
CA GLY P 99 41.63 34.20 -67.15
C GLY P 99 42.31 34.63 -68.44
N THR P 100 43.63 34.77 -68.37
CA THR P 100 44.39 35.16 -69.56
C THR P 100 44.32 34.09 -70.64
N GLY P 101 44.44 32.84 -70.26
CA GLY P 101 44.40 31.75 -71.21
C GLY P 101 45.75 31.07 -71.33
N THR P 102 45.72 29.75 -71.51
CA THR P 102 46.91 28.94 -71.67
C THR P 102 46.87 28.24 -73.02
N LYS P 103 47.93 28.42 -73.81
CA LYS P 103 48.08 27.72 -75.09
C LYS P 103 48.80 26.42 -74.83
N VAL P 104 48.02 25.37 -74.55
CA VAL P 104 48.60 24.05 -74.36
C VAL P 104 49.14 23.56 -75.70
N THR P 105 50.35 23.01 -75.70
CA THR P 105 51.01 22.56 -76.91
C THR P 105 51.10 21.04 -76.87
N VAL P 106 50.50 20.40 -77.88
CA VAL P 106 50.51 18.94 -78.01
C VAL P 106 51.22 18.59 -79.31
N LEU P 107 52.09 17.59 -79.24
CA LEU P 107 52.89 17.20 -80.41
C LEU P 107 52.21 16.07 -81.18
N GLN Q 1 -8.13 97.49 10.49
CA GLN Q 1 -7.45 97.97 9.29
C GLN Q 1 -5.97 98.16 9.56
N VAL Q 2 -5.17 98.15 8.49
CA VAL Q 2 -3.73 98.30 8.62
C VAL Q 2 -3.43 99.75 8.98
N GLN Q 3 -3.05 99.97 10.24
CA GLN Q 3 -2.71 101.29 10.76
C GLN Q 3 -1.20 101.36 10.89
N LEU Q 4 -0.57 102.17 10.04
CA LEU Q 4 0.88 102.37 10.02
C LEU Q 4 1.13 103.86 10.24
N VAL Q 5 1.51 104.24 11.45
CA VAL Q 5 1.72 105.65 11.79
C VAL Q 5 3.20 105.87 12.07
N GLN Q 6 3.81 106.81 11.36
CA GLN Q 6 5.22 107.11 11.52
C GLN Q 6 5.41 108.29 12.46
N SER Q 7 6.66 108.51 12.86
CA SER Q 7 6.98 109.60 13.76
C SER Q 7 6.86 110.94 13.04
N GLY Q 8 6.92 112.02 13.81
CA GLY Q 8 6.87 113.35 13.25
C GLY Q 8 8.15 113.71 12.52
N ALA Q 9 8.07 114.79 11.76
CA ALA Q 9 9.22 115.26 11.00
C ALA Q 9 10.36 115.65 11.95
N GLU Q 10 11.57 115.19 11.64
CA GLU Q 10 12.74 115.43 12.47
C GLU Q 10 13.66 116.39 11.73
N VAL Q 11 14.11 117.43 12.43
CA VAL Q 11 14.97 118.47 11.87
C VAL Q 11 16.37 118.31 12.45
N LYS Q 12 17.36 118.12 11.58
CA LYS Q 12 18.73 117.98 12.02
C LYS Q 12 19.66 118.23 10.84
N LYS Q 13 20.83 118.79 11.14
CA LYS Q 13 21.88 118.95 10.14
C LYS Q 13 22.61 117.62 9.94
N PRO Q 14 22.90 117.25 8.70
CA PRO Q 14 23.62 115.98 8.46
C PRO Q 14 24.96 115.96 9.18
N GLY Q 15 25.29 114.79 9.73
CA GLY Q 15 26.52 114.62 10.48
C GLY Q 15 26.33 113.77 11.72
N ALA Q 16 25.10 113.63 12.16
CA ALA Q 16 24.74 112.82 13.32
C ALA Q 16 23.77 111.72 12.90
N SER Q 17 23.24 111.01 13.89
CA SER Q 17 22.35 109.89 13.66
C SER Q 17 20.89 110.32 13.78
N VAL Q 18 20.00 109.49 13.23
CA VAL Q 18 18.56 109.74 13.25
C VAL Q 18 17.85 108.46 13.69
N LYS Q 19 16.78 108.61 14.46
CA LYS Q 19 15.94 107.50 14.88
C LYS Q 19 14.50 107.82 14.52
N VAL Q 20 13.87 106.94 13.74
CA VAL Q 20 12.51 107.11 13.28
C VAL Q 20 11.67 105.93 13.76
N SER Q 21 10.52 106.24 14.36
CA SER Q 21 9.62 105.23 14.89
C SER Q 21 8.45 104.99 13.94
N CYS Q 22 7.90 103.78 14.03
CA CYS Q 22 6.80 103.38 13.15
C CYS Q 22 5.91 102.41 13.92
N LYS Q 23 4.73 102.87 14.31
CA LYS Q 23 3.78 102.04 15.04
C LYS Q 23 2.86 101.32 14.06
N SER Q 24 2.66 100.03 14.31
CA SER Q 24 1.84 99.16 13.48
C SER Q 24 0.72 98.59 14.33
N SER Q 25 -0.50 98.60 13.81
CA SER Q 25 -1.63 98.06 14.55
C SER Q 25 -2.76 97.72 13.59
N GLY Q 26 -3.72 96.94 14.09
CA GLY Q 26 -4.97 96.73 13.39
C GLY Q 26 -5.04 95.53 12.48
N TYR Q 27 -4.11 94.58 12.59
CA TYR Q 27 -4.14 93.39 11.75
C TYR Q 27 -3.27 92.32 12.39
N THR Q 28 -3.15 91.18 11.70
CA THR Q 28 -2.41 90.02 12.21
C THR Q 28 -0.90 90.22 12.08
N PHE Q 29 -0.41 91.26 12.77
CA PHE Q 29 0.99 91.63 12.74
C PHE Q 29 1.85 90.76 13.66
N THR Q 30 1.35 89.59 14.05
CA THR Q 30 2.16 88.68 14.85
C THR Q 30 3.36 88.14 14.06
N ASN Q 31 3.26 88.11 12.74
CA ASN Q 31 4.35 87.59 11.91
C ASN Q 31 4.68 88.44 10.69
N TYR Q 32 3.77 89.28 10.19
CA TYR Q 32 4.00 89.91 8.90
C TYR Q 32 5.15 90.91 8.96
N ILE Q 33 5.77 91.12 7.81
CA ILE Q 33 6.98 91.92 7.69
C ILE Q 33 6.62 93.38 7.47
N ILE Q 34 7.45 94.28 7.99
CA ILE Q 34 7.33 95.71 7.75
C ILE Q 34 8.57 96.19 7.01
N HIS Q 35 8.38 96.89 5.91
CA HIS Q 35 9.48 97.25 5.01
C HIS Q 35 9.84 98.72 5.22
N TRP Q 36 11.11 98.98 5.52
CA TRP Q 36 11.64 100.34 5.59
C TRP Q 36 12.21 100.71 4.24
N VAL Q 37 11.62 101.73 3.60
CA VAL Q 37 12.05 102.15 2.27
C VAL Q 37 12.26 103.66 2.28
N ARG Q 38 13.38 104.11 1.70
CA ARG Q 38 13.74 105.52 1.67
C ARG Q 38 13.69 106.03 0.24
N GLN Q 39 12.96 107.12 0.03
CA GLN Q 39 12.81 107.74 -1.27
C GLN Q 39 13.26 109.20 -1.22
N ALA Q 40 14.15 109.57 -2.13
CA ALA Q 40 14.52 110.97 -2.26
C ALA Q 40 13.37 111.76 -2.88
N PRO Q 41 13.26 113.05 -2.58
CA PRO Q 41 12.14 113.84 -3.13
C PRO Q 41 12.23 113.98 -4.65
N GLY Q 42 11.29 113.35 -5.35
CA GLY Q 42 11.32 113.38 -6.80
C GLY Q 42 12.34 112.48 -7.44
N GLN Q 43 12.74 111.39 -6.76
CA GLN Q 43 13.70 110.46 -7.32
C GLN Q 43 13.22 109.02 -7.20
N ARG Q 44 14.10 108.07 -7.51
CA ARG Q 44 13.75 106.66 -7.49
C ARG Q 44 13.43 106.20 -6.07
N LEU Q 45 12.49 105.25 -5.97
CA LEU Q 45 12.30 104.53 -4.73
C LEU Q 45 13.51 103.62 -4.49
N GLU Q 46 14.00 103.61 -3.25
CA GLU Q 46 15.18 102.83 -2.90
C GLU Q 46 14.85 101.98 -1.68
N TRP Q 47 14.69 100.67 -1.88
CA TRP Q 47 14.41 99.78 -0.77
C TRP Q 47 15.61 99.72 0.17
N MET Q 48 15.34 99.76 1.47
CA MET Q 48 16.39 99.87 2.48
C MET Q 48 16.47 98.66 3.40
N GLY Q 49 15.35 98.12 3.84
CA GLY Q 49 15.40 96.92 4.67
C GLY Q 49 14.01 96.42 4.97
N TRP Q 50 13.97 95.26 5.65
CA TRP Q 50 12.71 94.71 6.13
C TRP Q 50 12.92 94.15 7.53
N ILE Q 51 11.86 94.20 8.33
CA ILE Q 51 11.89 93.79 9.73
C ILE Q 51 10.74 92.83 9.98
N ASN Q 52 11.03 91.70 10.63
CA ASN Q 52 10.01 90.77 11.06
C ASN Q 52 9.48 91.18 12.43
N ALA Q 53 8.16 91.13 12.59
CA ALA Q 53 7.53 91.58 13.83
C ALA Q 53 7.74 90.56 14.95
N GLY Q 54 7.27 89.33 14.74
CA GLY Q 54 7.35 88.31 15.77
C GLY Q 54 8.74 87.72 15.93
N ASN Q 55 9.23 87.06 14.88
CA ASN Q 55 10.55 86.43 14.95
C ASN Q 55 11.64 87.47 15.13
N GLY Q 56 11.55 88.58 14.41
CA GLY Q 56 12.54 89.63 14.50
C GLY Q 56 13.77 89.45 13.63
N ASN Q 57 13.77 88.46 12.74
CA ASN Q 57 14.88 88.33 11.81
C ASN Q 57 14.96 89.54 10.90
N THR Q 58 16.18 90.04 10.69
CA THR Q 58 16.41 91.25 9.92
C THR Q 58 17.38 90.99 8.79
N LYS Q 59 17.12 91.63 7.65
CA LYS Q 59 18.02 91.58 6.50
C LYS Q 59 18.27 93.00 6.03
N TYR Q 60 19.54 93.33 5.80
CA TYR Q 60 19.96 94.67 5.42
C TYR Q 60 20.32 94.72 3.95
N SER Q 61 20.18 95.90 3.36
CA SER Q 61 20.55 96.09 1.97
C SER Q 61 22.05 95.92 1.80
N GLN Q 62 22.45 95.43 0.61
CA GLN Q 62 23.86 95.19 0.34
C GLN Q 62 24.66 96.48 0.39
N LYS Q 63 24.13 97.56 -0.20
CA LYS Q 63 24.82 98.84 -0.17
C LYS Q 63 24.87 99.41 1.24
N PHE Q 64 23.80 99.24 2.01
CA PHE Q 64 23.74 99.76 3.38
C PHE Q 64 24.21 98.70 4.38
N GLN Q 65 25.48 98.34 4.26
CA GLN Q 65 26.09 97.34 5.11
C GLN Q 65 26.91 98.03 6.20
N GLY Q 66 26.50 97.84 7.46
CA GLY Q 66 27.16 98.44 8.59
C GLY Q 66 26.65 99.80 8.98
N ARG Q 67 25.95 100.51 8.08
CA ARG Q 67 25.39 101.82 8.37
C ARG Q 67 24.00 101.73 8.99
N ILE Q 68 23.46 100.53 9.16
CA ILE Q 68 22.07 100.33 9.54
C ILE Q 68 22.00 99.57 10.86
N SER Q 69 21.14 100.04 11.76
CA SER Q 69 20.81 99.36 13.00
C SER Q 69 19.30 99.41 13.20
N VAL Q 70 18.71 98.28 13.56
CA VAL Q 70 17.26 98.16 13.68
C VAL Q 70 16.93 97.51 15.02
N THR Q 71 15.84 97.97 15.64
CA THR Q 71 15.37 97.42 16.91
C THR Q 71 13.86 97.31 16.86
N ARG Q 72 13.29 96.69 17.91
CA ARG Q 72 11.85 96.53 18.02
C ARG Q 72 11.47 96.51 19.50
N ASP Q 73 10.17 96.44 19.75
CA ASP Q 73 9.65 96.14 21.08
C ASP Q 73 8.21 95.69 20.94
N THR Q 74 7.91 94.48 21.40
CA THR Q 74 6.55 93.97 21.31
C THR Q 74 5.58 94.72 22.22
N SER Q 75 6.09 95.38 23.26
CA SER Q 75 5.23 96.14 24.15
C SER Q 75 4.53 97.27 23.42
N ALA Q 76 5.28 98.02 22.61
CA ALA Q 76 4.72 99.10 21.82
C ALA Q 76 4.35 98.69 20.41
N SER Q 77 4.77 97.50 19.97
CA SER Q 77 4.48 97.01 18.63
C SER Q 77 4.92 98.00 17.57
N ALA Q 78 6.12 98.55 17.74
CA ALA Q 78 6.63 99.58 16.84
C ALA Q 78 8.08 99.29 16.49
N ALA Q 79 8.48 99.77 15.32
CA ALA Q 79 9.87 99.72 14.87
C ALA Q 79 10.57 101.03 15.18
N TYR Q 80 11.88 100.93 15.42
CA TYR Q 80 12.71 102.05 15.88
C TYR Q 80 13.94 102.18 14.99
N MET Q 81 13.69 102.32 13.68
CA MET Q 81 14.77 102.34 12.70
C MET Q 81 15.78 103.43 13.02
N GLU Q 82 17.06 103.06 13.00
CA GLU Q 82 18.14 103.97 13.34
C GLU Q 82 19.14 104.02 12.20
N LEU Q 83 19.52 105.23 11.78
CA LEU Q 83 20.52 105.43 10.74
C LEU Q 83 21.64 106.28 11.30
N SER Q 84 22.88 105.88 11.01
CA SER Q 84 24.07 106.56 11.50
C SER Q 84 24.88 107.11 10.34
N SER Q 85 25.61 108.20 10.61
CA SER Q 85 26.49 108.84 9.63
C SER Q 85 25.71 109.30 8.39
N LEU Q 86 24.73 110.18 8.63
CA LEU Q 86 23.95 110.73 7.54
C LEU Q 86 24.76 111.75 6.75
N LYS Q 87 24.44 111.86 5.47
CA LYS Q 87 25.07 112.81 4.56
C LYS Q 87 23.99 113.68 3.92
N SER Q 88 24.41 114.51 2.97
CA SER Q 88 23.50 115.48 2.37
C SER Q 88 22.39 114.80 1.57
N GLU Q 89 22.74 113.80 0.78
CA GLU Q 89 21.74 113.11 -0.05
C GLU Q 89 20.86 112.17 0.76
N ASP Q 90 21.32 111.74 1.95
CA ASP Q 90 20.54 110.83 2.76
C ASP Q 90 19.29 111.49 3.34
N THR Q 91 19.24 112.82 3.36
CA THR Q 91 18.04 113.54 3.77
C THR Q 91 16.94 113.29 2.76
N ALA Q 92 15.94 112.50 3.13
CA ALA Q 92 14.88 112.11 2.21
C ALA Q 92 13.68 111.64 3.01
N LEU Q 93 12.67 111.15 2.29
CA LEU Q 93 11.45 110.64 2.90
C LEU Q 93 11.59 109.16 3.21
N TYR Q 94 10.90 108.72 4.25
CA TYR Q 94 10.95 107.33 4.69
C TYR Q 94 9.54 106.77 4.78
N TYR Q 95 9.41 105.47 4.54
CA TYR Q 95 8.11 104.83 4.42
C TYR Q 95 8.14 103.44 5.03
N CYS Q 96 7.04 103.09 5.70
CA CYS Q 96 6.78 101.75 6.19
C CYS Q 96 5.78 101.06 5.26
N ALA Q 97 6.14 99.89 4.76
CA ALA Q 97 5.33 99.16 3.80
C ALA Q 97 4.82 97.86 4.41
N THR Q 98 3.54 97.57 4.19
CA THR Q 98 2.89 96.39 4.75
C THR Q 98 1.65 96.06 3.91
N LEU Q 99 1.28 94.78 3.90
CA LEU Q 99 0.10 94.32 3.17
C LEU Q 99 -1.18 94.85 3.82
N GLN Q 100 -2.05 95.44 3.00
CA GLN Q 100 -3.37 95.90 3.46
C GLN Q 100 -4.49 94.99 2.95
N MET Q 101 -4.60 94.83 1.64
CA MET Q 101 -5.62 93.96 1.08
C MET Q 101 -5.33 92.51 1.41
N ASP Q 102 -6.36 91.77 1.82
CA ASP Q 102 -6.18 90.48 2.47
C ASP Q 102 -6.50 89.35 1.50
N TYR Q 103 -5.57 89.12 0.56
CA TYR Q 103 -5.57 87.90 -0.25
C TYR Q 103 -4.34 87.03 0.02
N GLY Q 104 -3.53 87.39 1.01
CA GLY Q 104 -2.42 86.54 1.42
C GLY Q 104 -1.16 86.73 0.61
N GLY Q 105 -0.01 86.77 1.31
CA GLY Q 105 1.26 86.80 0.63
C GLY Q 105 2.21 87.88 1.07
N ASN Q 106 3.51 87.62 0.92
CA ASN Q 106 4.57 88.58 1.14
C ASN Q 106 5.04 89.08 -0.22
N GLY Q 107 5.75 90.21 -0.22
CA GLY Q 107 6.05 90.92 -1.44
C GLY Q 107 4.90 91.76 -1.93
N ASP Q 108 3.76 91.72 -1.25
CA ASP Q 108 2.58 92.51 -1.57
C ASP Q 108 2.45 93.58 -0.49
N LEU Q 109 3.15 94.69 -0.68
CA LEU Q 109 3.13 95.81 0.26
C LEU Q 109 2.09 96.82 -0.22
N ASP Q 110 1.13 97.15 0.63
CA ASP Q 110 0.00 97.98 0.23
C ASP Q 110 -0.03 99.31 0.97
N TYR Q 111 -0.07 99.31 2.29
CA TYR Q 111 -0.24 100.53 3.06
C TYR Q 111 1.13 101.11 3.40
N TRP Q 112 1.30 102.40 3.10
CA TRP Q 112 2.55 103.10 3.34
C TRP Q 112 2.30 104.25 4.32
N GLY Q 113 3.31 104.56 5.12
CA GLY Q 113 3.18 105.60 6.12
C GLY Q 113 3.11 106.98 5.51
N GLN Q 114 2.86 107.96 6.37
CA GLN Q 114 2.80 109.35 5.92
C GLN Q 114 4.18 109.85 5.48
N GLY Q 115 5.23 109.43 6.16
CA GLY Q 115 6.57 109.79 5.75
C GLY Q 115 7.25 110.71 6.75
N THR Q 116 8.56 110.53 6.88
CA THR Q 116 9.40 111.37 7.73
C THR Q 116 10.44 112.07 6.87
N LEU Q 117 10.52 113.40 6.99
CA LEU Q 117 11.41 114.20 6.18
C LEU Q 117 12.21 115.13 7.07
N VAL Q 118 13.44 115.44 6.63
CA VAL Q 118 14.33 116.35 7.34
C VAL Q 118 14.40 117.64 6.55
N THR Q 119 14.08 118.76 7.21
CA THR Q 119 14.06 120.07 6.57
C THR Q 119 14.76 121.08 7.47
N VAL Q 120 15.20 122.18 6.86
CA VAL Q 120 15.88 123.26 7.56
C VAL Q 120 14.97 124.48 7.54
N SER Q 121 14.67 125.02 8.72
CA SER Q 121 13.82 126.19 8.84
C SER Q 121 14.65 127.46 8.72
N SER Q 122 14.20 128.37 7.87
CA SER Q 122 14.90 129.64 7.67
C SER Q 122 14.11 130.80 8.28
N TYR R 1 21.62 94.05 -8.32
CA TYR R 1 21.10 94.19 -9.66
C TYR R 1 19.91 95.15 -9.66
N GLU R 2 19.88 96.05 -10.64
CA GLU R 2 18.82 97.05 -10.76
C GLU R 2 17.97 96.74 -11.99
N LEU R 3 16.65 96.80 -11.82
CA LEU R 3 15.71 96.52 -12.90
C LEU R 3 15.60 97.77 -13.77
N THR R 4 16.04 97.67 -15.02
CA THR R 4 16.00 98.81 -15.93
C THR R 4 14.56 99.19 -16.26
N GLN R 5 14.30 100.48 -16.33
CA GLN R 5 12.97 101.00 -16.62
C GLN R 5 13.14 102.38 -17.21
N PRO R 6 12.39 102.73 -18.27
CA PRO R 6 12.57 104.03 -18.92
C PRO R 6 12.31 105.17 -17.96
N PRO R 7 13.05 106.28 -18.08
CA PRO R 7 12.83 107.41 -17.17
C PRO R 7 11.42 107.99 -17.24
N SER R 8 10.83 108.06 -18.43
CA SER R 8 9.51 108.66 -18.59
C SER R 8 8.92 108.26 -19.93
N VAL R 9 7.60 108.27 -20.01
CA VAL R 9 6.86 107.99 -21.24
C VAL R 9 5.79 109.06 -21.39
N SER R 10 5.71 109.66 -22.58
CA SER R 10 4.74 110.72 -22.88
C SER R 10 3.67 110.17 -23.80
N VAL R 11 2.40 110.42 -23.46
CA VAL R 11 1.28 109.96 -24.26
C VAL R 11 0.12 110.94 -24.06
N SER R 12 -0.67 111.11 -25.10
CA SER R 12 -1.84 111.98 -25.06
C SER R 12 -3.02 111.27 -24.42
N PRO R 13 -3.98 112.01 -23.89
CA PRO R 13 -5.14 111.38 -23.25
C PRO R 13 -5.98 110.60 -24.26
N GLY R 14 -6.74 109.64 -23.72
CA GLY R 14 -7.59 108.80 -24.54
C GLY R 14 -6.84 107.84 -25.44
N GLN R 15 -5.73 107.28 -24.96
CA GLN R 15 -4.96 106.29 -25.72
C GLN R 15 -4.51 105.20 -24.76
N THR R 16 -3.59 104.36 -25.23
CA THR R 16 -3.03 103.27 -24.44
C THR R 16 -1.57 103.54 -24.14
N ALA R 17 -1.21 103.51 -22.86
CA ALA R 17 0.15 103.76 -22.42
C ALA R 17 0.76 102.47 -21.90
N ARG R 18 1.98 102.18 -22.33
CA ARG R 18 2.68 100.96 -21.96
C ARG R 18 3.97 101.30 -21.22
N ILE R 19 4.19 100.64 -20.09
CA ILE R 19 5.40 100.79 -19.28
C ILE R 19 6.08 99.44 -19.17
N THR R 20 7.38 99.41 -19.47
CA THR R 20 8.13 98.16 -19.52
C THR R 20 9.16 98.13 -18.41
N CYS R 21 9.24 97.00 -17.71
CA CYS R 21 10.26 96.75 -16.69
C CYS R 21 10.99 95.46 -17.04
N SER R 22 12.32 95.52 -17.06
CA SER R 22 13.13 94.41 -17.55
C SER R 22 14.21 94.05 -16.54
N GLY R 23 14.62 92.79 -16.56
CA GLY R 23 15.68 92.31 -15.70
C GLY R 23 16.03 90.87 -16.04
N ASP R 24 17.13 90.41 -15.43
CA ASP R 24 17.64 89.08 -15.74
C ASP R 24 16.80 87.96 -15.11
N ALA R 25 16.40 88.13 -13.85
CA ALA R 25 15.78 87.06 -13.08
C ALA R 25 14.26 87.18 -13.02
N LEU R 26 13.68 88.05 -13.83
CA LEU R 26 12.22 88.26 -13.85
C LEU R 26 11.43 87.06 -14.38
N PRO R 27 11.98 86.22 -15.27
CA PRO R 27 11.26 85.00 -15.63
C PRO R 27 10.99 84.07 -14.46
N LYS R 28 11.79 84.14 -13.39
CA LYS R 28 11.58 83.30 -12.22
C LYS R 28 10.98 84.06 -11.04
N GLN R 29 10.55 85.30 -11.25
CA GLN R 29 10.06 86.14 -10.16
C GLN R 29 8.80 86.88 -10.61
N TYR R 30 8.03 87.33 -9.64
CA TYR R 30 6.86 88.16 -9.89
C TYR R 30 7.24 89.64 -9.82
N VAL R 31 6.33 90.48 -10.31
CA VAL R 31 6.49 91.93 -10.26
C VAL R 31 5.33 92.51 -9.48
N TYR R 32 5.55 93.70 -8.93
CA TYR R 32 4.50 94.47 -8.29
C TYR R 32 4.57 95.90 -8.77
N TRP R 33 3.49 96.39 -9.35
CA TRP R 33 3.45 97.71 -9.96
C TRP R 33 2.80 98.70 -9.01
N TYR R 34 3.52 99.78 -8.71
CA TYR R 34 3.13 100.80 -7.75
C TYR R 34 2.96 102.14 -8.46
N GLN R 35 1.90 102.85 -8.11
CA GLN R 35 1.64 104.19 -8.59
C GLN R 35 1.82 105.17 -7.45
N GLN R 36 2.69 106.16 -7.65
CA GLN R 36 2.98 107.18 -6.65
C GLN R 36 2.52 108.53 -7.16
N LYS R 37 1.66 109.19 -6.39
CA LYS R 37 1.22 110.53 -6.69
C LYS R 37 2.24 111.54 -6.17
N PRO R 38 2.31 112.73 -6.79
CA PRO R 38 3.25 113.75 -6.31
C PRO R 38 2.92 114.18 -4.89
N GLY R 39 3.87 113.98 -3.98
CA GLY R 39 3.68 114.34 -2.60
C GLY R 39 2.87 113.37 -1.79
N GLN R 40 2.53 112.20 -2.34
CA GLN R 40 1.72 111.22 -1.64
C GLN R 40 2.35 109.84 -1.82
N ALA R 41 2.17 108.98 -0.81
CA ALA R 41 2.87 107.71 -0.76
C ALA R 41 2.44 106.80 -1.91
N PRO R 42 3.35 105.97 -2.41
CA PRO R 42 3.00 105.10 -3.53
C PRO R 42 1.86 104.14 -3.18
N VAL R 43 1.00 103.90 -4.15
CA VAL R 43 -0.17 103.05 -3.99
C VAL R 43 -0.06 101.90 -5.00
N LEU R 44 -0.25 100.68 -4.51
CA LEU R 44 -0.18 99.51 -5.38
C LEU R 44 -1.26 99.57 -6.45
N VAL R 45 -0.88 99.28 -7.69
CA VAL R 45 -1.84 99.27 -8.78
C VAL R 45 -1.94 97.86 -9.37
N ILE R 46 -0.86 97.09 -9.30
CA ILE R 46 -0.86 95.73 -9.84
C ILE R 46 -0.09 94.82 -8.91
N TYR R 47 -0.68 93.67 -8.56
CA TYR R 47 -0.02 92.65 -7.76
C TYR R 47 -0.17 91.31 -8.45
N LYS R 48 0.75 90.39 -8.13
CA LYS R 48 0.80 89.06 -8.75
C LYS R 48 0.99 89.13 -10.26
N ASP R 49 1.50 90.26 -10.75
CA ASP R 49 1.97 90.40 -12.13
C ASP R 49 0.78 90.45 -13.09
N SER R 50 -0.38 89.97 -12.67
CA SER R 50 -1.47 89.73 -13.61
C SER R 50 -2.74 90.53 -13.32
N GLU R 51 -3.14 90.67 -12.06
CA GLU R 51 -4.42 91.30 -11.75
C GLU R 51 -4.21 92.44 -10.76
N ARG R 52 -5.25 93.27 -10.65
CA ARG R 52 -5.23 94.49 -9.85
C ARG R 52 -6.03 94.31 -8.56
N PRO R 53 -5.71 95.05 -7.51
CA PRO R 53 -6.49 94.96 -6.27
C PRO R 53 -7.86 95.61 -6.44
N SER R 54 -8.75 95.31 -5.49
CA SER R 54 -10.09 95.87 -5.52
C SER R 54 -10.05 97.38 -5.34
N GLY R 55 -10.89 98.07 -6.10
CA GLY R 55 -10.93 99.52 -6.10
C GLY R 55 -10.07 100.18 -7.16
N ILE R 56 -9.10 99.47 -7.71
CA ILE R 56 -8.28 100.01 -8.80
C ILE R 56 -9.11 100.07 -10.07
N PRO R 57 -9.02 101.13 -10.86
CA PRO R 57 -9.78 101.20 -12.11
C PRO R 57 -9.42 100.05 -13.04
N GLU R 58 -10.42 99.56 -13.78
CA GLU R 58 -10.26 98.40 -14.64
C GLU R 58 -9.36 98.67 -15.85
N ARG R 59 -9.05 99.93 -16.14
CA ARG R 59 -8.22 100.22 -17.31
C ARG R 59 -6.81 99.65 -17.14
N PHE R 60 -6.30 99.59 -15.91
CA PHE R 60 -4.97 99.04 -15.67
C PHE R 60 -4.94 97.55 -15.97
N SER R 61 -3.86 97.11 -16.60
CA SER R 61 -3.66 95.69 -16.85
C SER R 61 -2.17 95.39 -16.85
N GLY R 62 -1.83 94.13 -16.65
CA GLY R 62 -0.44 93.71 -16.60
C GLY R 62 -0.21 92.46 -17.42
N SER R 63 0.98 92.37 -17.99
CA SER R 63 1.36 91.20 -18.78
C SER R 63 2.85 90.95 -18.59
N SER R 64 3.25 89.71 -18.85
CA SER R 64 4.65 89.30 -18.74
C SER R 64 5.05 88.55 -20.00
N SER R 65 6.27 88.79 -20.46
CA SER R 65 6.80 88.11 -21.65
C SER R 65 8.31 87.96 -21.46
N GLY R 66 8.76 86.72 -21.33
CA GLY R 66 10.18 86.48 -21.20
C GLY R 66 10.76 87.20 -20.01
N THR R 67 11.74 88.07 -20.26
CA THR R 67 12.42 88.82 -19.22
C THR R 67 11.79 90.17 -18.94
N THR R 68 10.70 90.53 -19.61
CA THR R 68 10.10 91.84 -19.45
C THR R 68 8.66 91.72 -18.96
N VAL R 69 8.19 92.80 -18.32
CA VAL R 69 6.81 92.91 -17.87
C VAL R 69 6.27 94.26 -18.30
N THR R 70 5.02 94.30 -18.75
CA THR R 70 4.41 95.49 -19.30
C THR R 70 3.13 95.83 -18.56
N LEU R 71 3.01 97.07 -18.12
CA LEU R 71 1.77 97.62 -17.60
C LEU R 71 1.10 98.41 -18.71
N THR R 72 -0.21 98.21 -18.85
CA THR R 72 -0.98 98.79 -19.95
C THR R 72 -2.16 99.57 -19.39
N ILE R 73 -2.33 100.80 -19.89
CA ILE R 73 -3.46 101.65 -19.54
C ILE R 73 -4.25 101.92 -20.81
N SER R 74 -5.55 101.67 -20.77
CA SER R 74 -6.45 101.94 -21.88
C SER R 74 -7.28 103.18 -21.54
N GLY R 75 -7.24 104.17 -22.44
CA GLY R 75 -7.95 105.41 -22.20
C GLY R 75 -7.34 106.23 -21.07
N VAL R 76 -6.15 106.76 -21.30
CA VAL R 76 -5.42 107.49 -20.27
C VAL R 76 -6.16 108.78 -19.94
N GLN R 77 -6.35 109.03 -18.64
CA GLN R 77 -6.96 110.27 -18.16
C GLN R 77 -5.89 111.16 -17.54
N ALA R 78 -6.33 112.32 -17.04
CA ALA R 78 -5.40 113.27 -16.43
C ALA R 78 -4.86 112.75 -15.11
N GLU R 79 -5.69 112.04 -14.34
CA GLU R 79 -5.27 111.54 -13.03
C GLU R 79 -4.23 110.44 -13.12
N ASP R 80 -3.97 109.90 -14.31
CA ASP R 80 -2.93 108.89 -14.48
C ASP R 80 -1.52 109.44 -14.33
N ASP R 81 -1.37 110.77 -14.26
CA ASP R 81 -0.07 111.38 -14.05
C ASP R 81 0.50 111.00 -12.69
N ALA R 82 1.56 110.19 -12.68
CA ALA R 82 2.20 109.74 -11.46
C ALA R 82 3.49 109.03 -11.84
N ASP R 83 4.15 108.46 -10.84
CA ASP R 83 5.38 107.69 -11.05
C ASP R 83 5.08 106.21 -10.87
N TYR R 84 5.48 105.40 -11.84
CA TYR R 84 5.19 103.97 -11.84
C TYR R 84 6.47 103.20 -11.55
N TYR R 85 6.41 102.31 -10.57
CA TYR R 85 7.57 101.54 -10.13
C TYR R 85 7.26 100.05 -10.20
N CYS R 86 8.28 99.27 -10.53
CA CYS R 86 8.19 97.81 -10.56
C CYS R 86 9.09 97.24 -9.48
N GLN R 87 8.50 96.52 -8.53
CA GLN R 87 9.22 95.91 -7.43
C GLN R 87 9.35 94.41 -7.68
N ALA R 88 10.56 93.89 -7.48
CA ALA R 88 10.81 92.46 -7.60
C ALA R 88 12.03 92.09 -6.79
N ALA R 89 12.18 90.80 -6.52
CA ALA R 89 13.35 90.32 -5.81
C ALA R 89 14.55 90.23 -6.76
N ASP R 90 15.72 89.96 -6.18
CA ASP R 90 16.95 89.83 -6.96
C ASP R 90 17.00 88.44 -7.59
N SER R 91 18.17 88.07 -8.13
CA SER R 91 18.36 86.73 -8.66
C SER R 91 18.42 85.68 -7.57
N SER R 92 18.73 86.07 -6.34
CA SER R 92 18.80 85.14 -5.21
C SER R 92 17.54 85.19 -4.33
N ASN R 93 16.53 85.95 -4.73
CA ASN R 93 15.26 86.06 -4.01
C ASN R 93 15.44 86.61 -2.60
N THR R 94 16.44 87.47 -2.40
CA THR R 94 16.66 88.12 -1.11
C THR R 94 16.50 89.63 -1.18
N GLU R 95 17.21 90.29 -2.10
CA GLU R 95 17.19 91.76 -2.18
C GLU R 95 15.95 92.22 -2.92
N TYR R 96 15.16 93.08 -2.30
CA TYR R 96 14.00 93.69 -2.95
C TYR R 96 14.48 94.95 -3.67
N VAL R 97 14.21 95.03 -4.97
CA VAL R 97 14.62 96.17 -5.78
C VAL R 97 13.42 96.73 -6.51
N PHE R 98 13.29 98.06 -6.48
CA PHE R 98 12.27 98.77 -7.21
C PHE R 98 12.79 99.18 -8.59
N GLY R 99 11.88 99.66 -9.43
CA GLY R 99 12.27 100.17 -10.72
C GLY R 99 12.78 101.60 -10.65
N THR R 100 13.36 102.05 -11.76
CA THR R 100 13.86 103.41 -11.83
C THR R 100 12.73 104.44 -11.81
N GLY R 101 11.52 104.04 -12.21
CA GLY R 101 10.38 104.94 -12.17
C GLY R 101 10.10 105.63 -13.48
N THR R 102 8.92 105.40 -14.04
CA THR R 102 8.48 106.07 -15.26
C THR R 102 7.61 107.27 -14.88
N LYS R 103 8.02 108.46 -15.30
CA LYS R 103 7.25 109.68 -15.07
C LYS R 103 6.31 109.87 -16.25
N VAL R 104 5.21 109.11 -16.23
CA VAL R 104 4.23 109.19 -17.31
C VAL R 104 3.58 110.56 -17.29
N THR R 105 3.49 111.19 -18.46
CA THR R 105 2.96 112.53 -18.60
C THR R 105 1.69 112.49 -19.45
N VAL R 106 0.64 113.14 -18.97
CA VAL R 106 -0.64 113.23 -19.68
C VAL R 106 -0.79 114.64 -20.22
N LEU R 107 -1.17 114.75 -21.48
CA LEU R 107 -1.31 116.04 -22.15
C LEU R 107 -2.78 116.42 -22.30
N GLN S 1 67.91 10.51 27.22
CA GLN S 1 68.58 11.79 27.44
C GLN S 1 69.44 12.15 26.23
N VAL S 2 69.37 13.42 25.83
CA VAL S 2 70.00 13.85 24.58
C VAL S 2 71.51 13.94 24.78
N GLN S 3 72.26 13.35 23.85
CA GLN S 3 73.71 13.40 23.85
C GLN S 3 74.23 13.63 22.44
N LEU S 4 75.29 14.42 22.34
CA LEU S 4 76.05 14.53 21.10
C LEU S 4 77.48 14.92 21.46
N VAL S 5 78.45 14.18 20.91
CA VAL S 5 79.86 14.44 21.14
C VAL S 5 80.57 14.49 19.79
N GLN S 6 81.55 15.38 19.68
CA GLN S 6 82.27 15.61 18.44
C GLN S 6 83.54 14.76 18.36
N SER S 7 84.32 15.00 17.31
CA SER S 7 85.64 14.43 17.18
C SER S 7 86.65 15.24 17.98
N GLY S 8 87.88 14.73 18.05
CA GLY S 8 88.93 15.39 18.79
C GLY S 8 89.47 16.62 18.08
N ALA S 9 90.34 17.34 18.77
CA ALA S 9 90.95 18.53 18.21
C ALA S 9 91.80 18.17 17.00
N GLU S 10 91.76 19.03 15.98
CA GLU S 10 92.48 18.80 14.74
C GLU S 10 93.35 20.01 14.42
N VAL S 11 94.59 19.75 14.00
CA VAL S 11 95.53 20.78 13.59
C VAL S 11 95.96 20.48 12.16
N LYS S 12 95.83 21.46 11.27
CA LYS S 12 96.15 21.27 9.86
C LYS S 12 96.52 22.61 9.24
N LYS S 13 97.52 22.58 8.37
CA LYS S 13 97.94 23.79 7.67
C LYS S 13 96.86 24.25 6.70
N PRO S 14 96.74 25.56 6.47
CA PRO S 14 95.73 26.04 5.52
C PRO S 14 95.98 25.52 4.11
N GLY S 15 94.88 25.29 3.38
CA GLY S 15 94.97 24.80 2.02
C GLY S 15 94.14 23.57 1.78
N ALA S 16 94.05 22.70 2.78
CA ALA S 16 93.30 21.46 2.68
C ALA S 16 91.95 21.61 3.38
N SER S 17 91.22 20.50 3.51
CA SER S 17 89.89 20.49 4.09
C SER S 17 89.95 20.01 5.54
N VAL S 18 89.11 20.60 6.38
CA VAL S 18 89.00 20.23 7.79
C VAL S 18 87.72 19.40 7.96
N LYS S 19 87.86 18.24 8.60
CA LYS S 19 86.75 17.32 8.80
C LYS S 19 86.46 17.22 10.29
N VAL S 20 85.22 17.52 10.68
CA VAL S 20 84.75 17.39 12.06
C VAL S 20 83.49 16.53 12.07
N SER S 21 83.49 15.51 12.91
CA SER S 21 82.37 14.58 13.03
C SER S 21 81.75 14.70 14.42
N CYS S 22 80.44 14.90 14.46
CA CYS S 22 79.71 14.92 15.72
C CYS S 22 78.55 13.93 15.65
N LYS S 23 78.50 13.02 16.61
CA LYS S 23 77.42 12.05 16.65
C LYS S 23 76.20 12.67 17.34
N SER S 24 75.11 11.91 17.36
CA SER S 24 73.89 12.35 18.02
C SER S 24 73.05 11.13 18.41
N SER S 25 72.52 11.14 19.63
CA SER S 25 71.66 10.06 20.10
C SER S 25 70.89 10.54 21.31
N GLY S 26 69.93 9.72 21.73
CA GLY S 26 69.21 9.95 22.97
C GLY S 26 67.84 10.60 22.84
N TYR S 27 67.27 10.65 21.64
CA TYR S 27 65.96 11.25 21.43
C TYR S 27 65.37 10.75 20.13
N THR S 28 64.05 10.85 20.02
CA THR S 28 63.34 10.48 18.80
C THR S 28 63.95 11.23 17.62
N PHE S 29 64.37 10.48 16.61
CA PHE S 29 65.31 10.98 15.61
C PHE S 29 64.62 11.22 14.27
N THR S 30 63.30 11.45 14.30
CA THR S 30 62.56 11.56 13.05
C THR S 30 62.91 12.82 12.27
N ASN S 31 62.78 14.00 12.89
CA ASN S 31 62.88 15.23 12.12
C ASN S 31 63.65 16.35 12.82
N TYR S 32 64.36 16.05 13.91
CA TYR S 32 65.15 17.10 14.56
C TYR S 32 66.35 17.49 13.70
N ILE S 33 66.90 18.66 14.00
CA ILE S 33 67.90 19.32 13.19
C ILE S 33 69.20 19.43 13.98
N ILE S 34 70.32 19.12 13.33
CA ILE S 34 71.65 19.29 13.90
C ILE S 34 72.25 20.56 13.33
N HIS S 35 72.77 21.43 14.18
CA HIS S 35 73.20 22.76 13.75
C HIS S 35 74.72 22.87 13.87
N TRP S 36 75.39 23.00 12.73
CA TRP S 36 76.80 23.36 12.75
C TRP S 36 76.92 24.87 12.91
N VAL S 37 77.82 25.30 13.80
CA VAL S 37 78.13 26.70 13.99
C VAL S 37 79.63 26.84 14.24
N ARG S 38 80.19 27.97 13.81
CA ARG S 38 81.60 28.26 13.98
C ARG S 38 81.76 29.60 14.69
N GLN S 39 82.60 29.63 15.73
CA GLN S 39 82.86 30.86 16.46
C GLN S 39 84.36 31.03 16.67
N ALA S 40 84.82 32.27 16.47
CA ALA S 40 86.21 32.59 16.75
C ALA S 40 86.44 32.67 18.26
N PRO S 41 87.66 32.43 18.72
CA PRO S 41 87.93 32.51 20.16
C PRO S 41 87.73 33.91 20.70
N GLY S 42 86.74 34.07 21.57
CA GLY S 42 86.44 35.36 22.15
C GLY S 42 85.73 36.32 21.24
N GLN S 43 85.07 35.82 20.19
CA GLN S 43 84.36 36.66 19.24
C GLN S 43 82.92 36.16 19.10
N ARG S 44 82.18 36.80 18.20
CA ARG S 44 80.78 36.46 18.00
C ARG S 44 80.64 35.11 17.32
N LEU S 45 79.49 34.48 17.54
CA LEU S 45 79.18 33.23 16.85
C LEU S 45 78.82 33.51 15.39
N GLU S 46 79.07 32.51 14.54
CA GLU S 46 78.81 32.61 13.11
C GLU S 46 78.10 31.33 12.69
N TRP S 47 76.80 31.42 12.42
CA TRP S 47 76.02 30.23 12.10
C TRP S 47 76.53 29.62 10.81
N MET S 48 76.71 28.29 10.83
CA MET S 48 77.25 27.55 9.69
C MET S 48 76.16 26.92 8.84
N GLY S 49 75.34 26.06 9.44
CA GLY S 49 74.28 25.41 8.68
C GLY S 49 73.47 24.49 9.56
N TRP S 50 72.41 23.93 8.96
CA TRP S 50 71.54 23.00 9.65
C TRP S 50 71.28 21.79 8.76
N ILE S 51 71.31 20.60 9.37
CA ILE S 51 71.12 19.34 8.65
C ILE S 51 69.97 18.57 9.30
N ASN S 52 69.07 18.06 8.47
CA ASN S 52 67.89 17.34 8.93
C ASN S 52 68.21 15.86 9.08
N ALA S 53 67.69 15.25 10.15
CA ALA S 53 68.04 13.86 10.45
C ALA S 53 67.56 12.91 9.36
N GLY S 54 66.27 12.94 9.05
CA GLY S 54 65.72 12.04 8.05
C GLY S 54 65.91 12.51 6.63
N ASN S 55 65.36 13.71 6.34
CA ASN S 55 65.39 14.24 4.98
C ASN S 55 66.81 14.40 4.46
N GLY S 56 67.62 15.21 5.14
CA GLY S 56 69.00 15.40 4.76
C GLY S 56 69.31 16.67 4.02
N ASN S 57 68.33 17.55 3.80
CA ASN S 57 68.63 18.82 3.16
C ASN S 57 69.35 19.76 4.11
N THR S 58 70.01 20.76 3.52
CA THR S 58 70.76 21.75 4.29
C THR S 58 70.70 23.09 3.57
N LYS S 59 70.46 24.16 4.34
CA LYS S 59 70.51 25.52 3.83
C LYS S 59 71.85 26.13 4.25
N TYR S 60 72.78 26.22 3.31
CA TYR S 60 74.08 26.78 3.59
C TYR S 60 73.97 28.29 3.83
N SER S 61 75.00 28.84 4.49
CA SER S 61 75.02 30.26 4.76
C SER S 61 75.16 31.06 3.47
N GLN S 62 74.77 32.33 3.55
CA GLN S 62 74.76 33.18 2.36
C GLN S 62 76.16 33.40 1.80
N LYS S 63 77.18 33.44 2.66
CA LYS S 63 78.54 33.70 2.24
C LYS S 63 79.33 32.43 1.97
N PHE S 64 78.74 31.26 2.21
CA PHE S 64 79.45 29.98 2.18
C PHE S 64 78.76 29.07 1.17
N GLN S 65 79.28 29.02 -0.05
CA GLN S 65 78.71 28.19 -1.11
C GLN S 65 79.83 27.39 -1.77
N GLY S 66 79.56 26.11 -2.01
CA GLY S 66 80.54 25.25 -2.66
C GLY S 66 81.65 24.74 -1.79
N ARG S 67 82.28 25.63 -1.01
CA ARG S 67 83.36 25.23 -0.11
C ARG S 67 82.87 24.40 1.07
N ILE S 68 81.55 24.32 1.28
CA ILE S 68 80.98 23.57 2.39
C ILE S 68 80.04 22.50 1.83
N SER S 69 80.17 21.28 2.36
CA SER S 69 79.32 20.17 1.96
C SER S 69 78.90 19.40 3.20
N VAL S 70 77.79 18.68 3.07
CA VAL S 70 77.18 17.96 4.18
C VAL S 70 77.33 16.47 3.93
N THR S 71 77.85 15.75 4.93
CA THR S 71 77.95 14.30 4.88
C THR S 71 77.29 13.73 6.12
N ARG S 72 76.37 12.78 5.92
CA ARG S 72 75.62 12.20 7.02
C ARG S 72 75.24 10.77 6.65
N ASP S 73 75.29 9.89 7.65
CA ASP S 73 74.92 8.49 7.47
C ASP S 73 74.01 8.04 8.60
N THR S 74 73.13 7.09 8.28
CA THR S 74 72.23 6.54 9.28
C THR S 74 72.89 5.47 10.15
N SER S 75 73.97 4.85 9.67
CA SER S 75 74.64 3.81 10.45
C SER S 75 75.21 4.38 11.74
N ALA S 76 75.80 5.58 11.67
CA ALA S 76 76.38 6.22 12.84
C ALA S 76 75.50 7.33 13.41
N SER S 77 74.48 7.78 12.67
CA SER S 77 73.61 8.87 13.10
C SER S 77 74.44 10.10 13.48
N ALA S 78 75.39 10.42 12.61
CA ALA S 78 76.37 11.47 12.91
C ALA S 78 76.50 12.40 11.71
N ALA S 79 76.99 13.60 11.99
CA ALA S 79 77.31 14.58 10.96
C ALA S 79 78.82 14.59 10.73
N TYR S 80 79.21 14.74 9.46
CA TYR S 80 80.58 14.57 8.99
C TYR S 80 81.03 15.83 8.25
N MET S 81 80.89 16.98 8.91
CA MET S 81 81.18 18.26 8.29
C MET S 81 82.59 18.30 7.71
N GLU S 82 82.70 18.76 6.47
CA GLU S 82 83.99 18.97 5.82
C GLU S 82 84.02 20.36 5.20
N LEU S 83 85.17 21.03 5.33
CA LEU S 83 85.35 22.38 4.82
C LEU S 83 86.62 22.42 3.98
N SER S 84 86.46 22.57 2.67
CA SER S 84 87.58 22.64 1.76
C SER S 84 88.11 24.08 1.66
N SER S 85 89.36 24.20 1.21
CA SER S 85 90.04 25.49 1.05
C SER S 85 90.04 26.27 2.35
N LEU S 86 90.71 25.70 3.35
CA LEU S 86 90.79 26.34 4.66
C LEU S 86 91.57 27.64 4.58
N LYS S 87 91.09 28.66 5.29
CA LYS S 87 91.76 29.95 5.37
C LYS S 87 92.43 30.09 6.73
N SER S 88 93.32 31.09 6.83
CA SER S 88 94.00 31.36 8.09
C SER S 88 93.01 31.81 9.16
N GLU S 89 92.06 32.65 8.80
CA GLU S 89 91.07 33.14 9.75
C GLU S 89 89.99 32.12 10.06
N ASP S 90 89.84 31.08 9.23
CA ASP S 90 88.81 30.07 9.44
C ASP S 90 89.15 29.11 10.58
N THR S 91 90.38 29.13 11.08
CA THR S 91 90.76 28.27 12.20
C THR S 91 90.12 28.81 13.47
N ALA S 92 89.04 28.18 13.91
CA ALA S 92 88.30 28.64 15.07
C ALA S 92 87.52 27.47 15.66
N LEU S 93 86.78 27.73 16.73
CA LEU S 93 86.02 26.70 17.41
C LEU S 93 84.78 26.32 16.63
N TYR S 94 84.42 25.04 16.67
CA TYR S 94 83.26 24.50 15.98
C TYR S 94 82.33 23.84 16.98
N TYR S 95 81.03 23.99 16.77
CA TYR S 95 80.03 23.43 17.68
C TYR S 95 78.90 22.79 16.90
N CYS S 96 78.43 21.64 17.41
CA CYS S 96 77.23 20.98 16.94
C CYS S 96 76.15 21.18 17.99
N ALA S 97 75.02 21.76 17.59
CA ALA S 97 73.96 22.19 18.49
C ALA S 97 72.69 21.39 18.23
N THR S 98 72.00 21.04 19.31
CA THR S 98 70.77 20.27 19.24
C THR S 98 69.95 20.58 20.49
N LEU S 99 68.64 20.35 20.40
CA LEU S 99 67.76 20.59 21.53
C LEU S 99 68.02 19.57 22.64
N GLN S 100 67.80 20.02 23.88
CA GLN S 100 67.89 19.17 25.07
C GLN S 100 66.52 18.93 25.69
N MET S 101 65.82 20.00 26.04
CA MET S 101 64.46 19.93 26.57
C MET S 101 63.50 20.44 25.49
N ASP S 102 62.46 19.67 25.21
CA ASP S 102 61.69 19.81 23.98
C ASP S 102 60.38 20.54 24.23
N TYR S 103 60.34 21.82 23.86
CA TYR S 103 59.08 22.56 23.73
C TYR S 103 58.83 23.01 22.29
N GLY S 104 59.40 22.32 21.31
CA GLY S 104 58.99 22.51 19.93
C GLY S 104 59.98 23.12 18.96
N GLY S 105 60.60 22.26 18.16
CA GLY S 105 61.26 22.66 16.93
C GLY S 105 62.48 23.56 17.06
N ASN S 106 62.75 24.27 15.97
CA ASN S 106 63.93 25.12 15.88
C ASN S 106 63.74 26.37 16.74
N GLY S 107 64.79 27.19 16.78
CA GLY S 107 64.82 28.32 17.69
C GLY S 107 65.24 27.89 19.08
N ASP S 108 64.92 26.65 19.43
CA ASP S 108 65.22 26.08 20.73
C ASP S 108 66.35 25.06 20.53
N LEU S 109 67.57 25.45 20.89
CA LEU S 109 68.74 24.58 20.81
C LEU S 109 69.49 24.71 22.13
N ASP S 110 69.46 23.66 22.94
CA ASP S 110 69.97 23.74 24.31
C ASP S 110 71.25 22.96 24.55
N TYR S 111 71.34 21.72 24.10
CA TYR S 111 72.46 20.84 24.44
C TYR S 111 73.45 20.83 23.29
N TRP S 112 74.68 21.26 23.58
CA TRP S 112 75.73 21.38 22.58
C TRP S 112 76.84 20.36 22.84
N GLY S 113 77.68 20.15 21.84
CA GLY S 113 78.81 19.27 21.98
C GLY S 113 79.94 19.91 22.77
N GLN S 114 80.97 19.10 23.04
CA GLN S 114 82.12 19.60 23.78
C GLN S 114 82.94 20.59 22.96
N GLY S 115 82.86 20.50 21.63
CA GLY S 115 83.57 21.43 20.77
C GLY S 115 84.87 20.89 20.22
N THR S 116 85.15 21.17 18.95
CA THR S 116 86.38 20.77 18.29
C THR S 116 87.18 22.01 17.96
N LEU S 117 88.44 22.06 18.40
CA LEU S 117 89.29 23.23 18.23
C LEU S 117 90.19 23.03 17.02
N VAL S 118 90.22 24.05 16.15
CA VAL S 118 91.07 24.05 14.97
C VAL S 118 92.01 25.24 15.08
N THR S 119 93.31 24.98 15.03
CA THR S 119 94.32 26.04 15.17
C THR S 119 95.63 25.50 14.59
N VAL S 120 96.69 26.31 14.73
CA VAL S 120 98.03 25.96 14.27
C VAL S 120 98.98 26.01 15.45
N SER S 121 99.74 24.94 15.65
CA SER S 121 100.68 24.83 16.75
C SER S 121 102.11 24.82 16.23
N SER S 122 103.01 25.44 17.00
CA SER S 122 104.42 25.51 16.63
C SER S 122 105.07 24.14 16.67
N TYR T 1 71.13 42.30 6.75
CA TYR T 1 70.43 42.08 8.02
C TYR T 1 71.40 41.56 9.07
N GLU T 2 71.44 42.23 10.22
CA GLU T 2 72.27 41.79 11.32
C GLU T 2 71.65 42.29 12.62
N LEU T 3 71.80 41.50 13.68
CA LEU T 3 71.26 41.84 14.99
C LEU T 3 72.27 42.71 15.73
N THR T 4 71.95 44.00 15.85
CA THR T 4 72.82 44.91 16.58
C THR T 4 72.74 44.65 18.07
N GLN T 5 73.91 44.55 18.72
CA GLN T 5 73.99 44.27 20.14
C GLN T 5 75.22 44.96 20.70
N PRO T 6 75.11 45.62 21.85
CA PRO T 6 76.27 46.32 22.43
C PRO T 6 77.40 45.35 22.71
N PRO T 7 78.64 45.77 22.46
CA PRO T 7 79.78 44.86 22.71
C PRO T 7 79.91 44.43 24.16
N SER T 8 79.60 45.30 25.11
CA SER T 8 79.75 44.98 26.52
C SER T 8 78.93 45.96 27.35
N VAL T 9 78.75 45.63 28.62
CA VAL T 9 78.04 46.48 29.56
C VAL T 9 78.62 46.26 30.95
N SER T 10 78.69 47.33 31.73
CA SER T 10 79.20 47.28 33.09
C SER T 10 78.06 47.57 34.06
N VAL T 11 77.85 46.66 35.01
CA VAL T 11 76.76 46.77 35.98
C VAL T 11 77.28 46.37 37.35
N SER T 12 76.87 47.11 38.38
CA SER T 12 77.24 46.79 39.74
C SER T 12 76.40 45.63 40.26
N PRO T 13 76.90 44.91 41.26
CA PRO T 13 76.13 43.77 41.80
C PRO T 13 74.83 44.22 42.43
N GLY T 14 73.85 43.32 42.39
CA GLY T 14 72.56 43.56 43.03
C GLY T 14 71.71 44.66 42.40
N GLN T 15 71.68 44.74 41.08
CA GLN T 15 70.78 45.67 40.40
C GLN T 15 70.49 45.14 39.01
N THR T 16 69.46 45.71 38.39
CA THR T 16 69.02 45.27 37.08
C THR T 16 69.95 45.79 35.99
N ALA T 17 70.11 44.99 34.94
CA ALA T 17 70.89 45.34 33.77
C ALA T 17 70.10 44.98 32.52
N ARG T 18 70.21 45.83 31.50
CA ARG T 18 69.46 45.68 30.25
C ARG T 18 70.42 45.36 29.12
N ILE T 19 70.04 44.39 28.29
CA ILE T 19 70.76 44.03 27.09
C ILE T 19 69.82 44.16 25.91
N THR T 20 70.23 44.89 24.88
CA THR T 20 69.36 45.25 23.75
C THR T 20 69.80 44.50 22.50
N CYS T 21 68.82 43.94 21.79
CA CYS T 21 69.03 43.34 20.47
C CYS T 21 68.09 44.03 19.49
N SER T 22 68.62 44.42 18.34
CA SER T 22 67.88 45.23 17.37
C SER T 22 67.86 44.55 16.00
N GLY T 23 66.77 44.79 15.27
CA GLY T 23 66.57 44.20 13.97
C GLY T 23 65.20 44.52 13.40
N ASP T 24 65.10 44.69 12.09
CA ASP T 24 63.84 45.12 11.49
C ASP T 24 62.81 44.01 11.45
N ALA T 25 63.24 42.76 11.26
CA ALA T 25 62.33 41.64 11.15
C ALA T 25 61.95 41.03 12.49
N LEU T 26 62.53 41.52 13.59
CA LEU T 26 62.25 40.96 14.91
C LEU T 26 60.77 40.96 15.27
N PRO T 27 59.97 41.98 14.96
CA PRO T 27 58.54 41.90 15.29
C PRO T 27 57.83 40.71 14.65
N LYS T 28 58.39 40.11 13.60
CA LYS T 28 57.78 38.96 12.95
C LYS T 28 58.46 37.64 13.30
N GLN T 29 59.39 37.63 14.25
CA GLN T 29 60.14 36.44 14.58
C GLN T 29 60.38 36.37 16.08
N TYR T 30 60.81 35.20 16.54
CA TYR T 30 61.11 34.94 17.94
C TYR T 30 62.60 35.08 18.19
N VAL T 31 62.94 35.65 19.34
CA VAL T 31 64.33 35.91 19.72
C VAL T 31 64.67 35.02 20.91
N TYR T 32 65.80 34.33 20.83
CA TYR T 32 66.22 33.41 21.89
C TYR T 32 67.53 33.90 22.49
N TRP T 33 67.59 33.98 23.82
CA TRP T 33 68.75 34.50 24.52
C TRP T 33 69.63 33.35 24.98
N TYR T 34 70.92 33.45 24.64
CA TYR T 34 71.90 32.40 24.83
C TYR T 34 72.99 32.86 25.77
N GLN T 35 73.25 32.05 26.81
CA GLN T 35 74.35 32.22 27.73
C GLN T 35 75.60 31.54 27.18
N GLN T 36 76.76 32.16 27.38
CA GLN T 36 78.04 31.52 27.04
C GLN T 36 79.04 31.83 28.14
N LYS T 37 79.26 30.88 29.04
CA LYS T 37 80.27 31.04 30.06
C LYS T 37 81.67 30.96 29.43
N PRO T 38 82.66 31.65 30.01
CA PRO T 38 84.00 31.66 29.39
C PRO T 38 84.65 30.29 29.36
N GLY T 39 84.83 29.73 28.17
CA GLY T 39 85.43 28.44 28.01
C GLY T 39 84.47 27.27 27.90
N GLN T 40 83.18 27.54 27.74
CA GLN T 40 82.16 26.49 27.65
C GLN T 40 81.24 26.77 26.47
N ALA T 41 80.48 25.75 26.10
CA ALA T 41 79.57 25.87 24.98
C ALA T 41 78.42 26.83 25.31
N PRO T 42 77.88 27.50 24.30
CA PRO T 42 76.72 28.37 24.54
C PRO T 42 75.54 27.59 25.09
N VAL T 43 74.82 28.21 26.02
CA VAL T 43 73.67 27.59 26.69
C VAL T 43 72.48 28.51 26.53
N LEU T 44 71.35 27.96 26.08
CA LEU T 44 70.13 28.75 25.95
C LEU T 44 69.61 29.12 27.34
N VAL T 45 69.27 30.39 27.53
CA VAL T 45 68.86 30.86 28.84
C VAL T 45 67.44 31.40 28.77
N ILE T 46 67.02 31.89 27.60
CA ILE T 46 65.67 32.40 27.42
C ILE T 46 65.14 31.90 26.08
N TYR T 47 63.96 31.26 26.11
CA TYR T 47 63.30 30.78 24.92
C TYR T 47 61.90 31.39 24.83
N LYS T 48 61.38 31.46 23.60
CA LYS T 48 60.07 32.02 23.31
C LYS T 48 59.96 33.49 23.70
N ASP T 49 61.10 34.15 23.89
CA ASP T 49 61.20 35.60 23.98
C ASP T 49 60.63 36.09 25.31
N SER T 50 60.02 35.21 26.09
CA SER T 50 59.42 35.68 27.33
C SER T 50 59.79 34.85 28.55
N GLU T 51 59.89 33.54 28.42
CA GLU T 51 60.07 32.66 29.56
C GLU T 51 61.46 32.01 29.52
N ARG T 52 61.74 31.22 30.56
CA ARG T 52 63.03 30.58 30.72
C ARG T 52 62.84 29.08 30.96
N PRO T 53 63.81 28.26 30.54
CA PRO T 53 63.70 26.81 30.75
C PRO T 53 63.87 26.42 32.21
N SER T 54 63.74 25.13 32.49
CA SER T 54 63.92 24.65 33.85
C SER T 54 65.38 24.79 34.29
N GLY T 55 65.57 25.22 35.54
CA GLY T 55 66.89 25.40 36.09
C GLY T 55 67.45 26.81 35.95
N ILE T 56 66.91 27.61 35.05
CA ILE T 56 67.38 28.98 34.89
C ILE T 56 66.90 29.82 36.08
N PRO T 57 67.75 30.64 36.70
CA PRO T 57 67.28 31.47 37.81
C PRO T 57 66.19 32.44 37.39
N GLU T 58 65.26 32.68 38.31
CA GLU T 58 64.09 33.52 38.02
C GLU T 58 64.48 34.96 37.71
N ARG T 59 65.66 35.42 38.17
CA ARG T 59 66.03 36.81 38.01
C ARG T 59 66.09 37.26 36.55
N PHE T 60 66.33 36.34 35.62
CA PHE T 60 66.39 36.69 34.22
C PHE T 60 65.00 36.86 33.64
N SER T 61 64.83 37.86 32.76
CA SER T 61 63.55 38.07 32.11
C SER T 61 63.79 38.62 30.72
N GLY T 62 62.79 38.44 29.85
CA GLY T 62 62.88 38.92 28.49
C GLY T 62 61.61 39.59 28.01
N SER T 63 61.77 40.68 27.26
CA SER T 63 60.63 41.43 26.75
C SER T 63 60.91 41.86 25.31
N SER T 64 59.84 42.12 24.58
CA SER T 64 59.93 42.58 23.19
C SER T 64 59.11 43.85 23.04
N SER T 65 59.73 44.88 22.45
CA SER T 65 59.07 46.14 22.18
C SER T 65 59.38 46.50 20.73
N GLY T 66 58.47 46.15 19.83
CA GLY T 66 58.66 46.46 18.42
C GLY T 66 59.89 45.79 17.87
N THR T 67 60.82 46.60 17.38
CA THR T 67 62.07 46.11 16.81
C THR T 67 63.17 45.91 17.84
N THR T 68 62.87 46.11 19.12
CA THR T 68 63.86 45.97 20.19
C THR T 68 63.52 44.76 21.05
N VAL T 69 64.55 44.02 21.46
CA VAL T 69 64.39 42.91 22.38
C VAL T 69 65.28 43.19 23.59
N THR T 70 64.69 43.18 24.78
CA THR T 70 65.39 43.55 26.00
C THR T 70 65.50 42.36 26.93
N LEU T 71 66.73 42.05 27.35
CA LEU T 71 67.01 41.05 28.36
C LEU T 71 67.31 41.78 29.67
N THR T 72 66.56 41.48 30.71
CA THR T 72 66.65 42.18 31.99
C THR T 72 67.15 41.23 33.07
N ILE T 73 68.14 41.69 33.82
CA ILE T 73 68.72 40.92 34.92
C ILE T 73 68.44 41.66 36.22
N SER T 74 67.73 41.02 37.14
CA SER T 74 67.44 41.62 38.43
C SER T 74 68.41 41.08 39.47
N GLY T 75 69.21 41.96 40.06
CA GLY T 75 70.14 41.55 41.10
C GLY T 75 71.28 40.70 40.60
N VAL T 76 72.20 41.29 39.83
CA VAL T 76 73.32 40.55 39.28
C VAL T 76 74.21 40.03 40.41
N GLN T 77 74.59 38.75 40.31
CA GLN T 77 75.56 38.15 41.21
C GLN T 77 76.88 37.91 40.48
N ALA T 78 77.82 37.28 41.18
CA ALA T 78 79.12 36.99 40.59
C ALA T 78 79.00 35.96 39.47
N GLU T 79 78.19 34.93 39.66
CA GLU T 79 78.08 33.87 38.67
C GLU T 79 77.34 34.30 37.40
N ASP T 80 76.74 35.49 37.40
CA ASP T 80 76.02 35.96 36.22
C ASP T 80 76.95 36.38 35.08
N ASP T 81 78.26 36.40 35.31
CA ASP T 81 79.21 36.81 34.28
C ASP T 81 79.18 35.82 33.13
N ALA T 82 78.98 36.34 31.91
CA ALA T 82 78.99 35.50 30.72
C ALA T 82 78.78 36.34 29.47
N ASP T 83 78.80 35.70 28.31
CA ASP T 83 78.50 36.35 27.04
C ASP T 83 77.04 36.11 26.68
N TYR T 84 76.38 37.15 26.18
CA TYR T 84 74.95 37.13 25.91
C TYR T 84 74.72 37.26 24.41
N TYR T 85 73.91 36.35 23.85
CA TYR T 85 73.62 36.39 22.43
C TYR T 85 72.13 36.33 22.18
N CYS T 86 71.68 37.03 21.15
CA CYS T 86 70.30 36.96 20.69
C CYS T 86 70.26 36.25 19.34
N GLN T 87 69.52 35.15 19.27
CA GLN T 87 69.41 34.35 18.07
C GLN T 87 68.04 34.56 17.44
N ALA T 88 68.03 34.76 16.13
CA ALA T 88 66.80 34.94 15.37
C ALA T 88 67.02 34.40 13.96
N ALA T 89 66.07 34.63 13.07
CA ALA T 89 66.15 34.20 11.69
C ALA T 89 66.10 35.42 10.77
N ASP T 90 66.47 35.20 9.52
CA ASP T 90 66.46 36.26 8.52
C ASP T 90 65.03 36.53 8.06
N SER T 91 64.89 37.48 7.12
CA SER T 91 63.57 37.80 6.57
C SER T 91 62.96 36.61 5.83
N SER T 92 63.79 35.68 5.35
CA SER T 92 63.29 34.48 4.69
C SER T 92 63.09 33.32 5.66
N ASN T 93 63.43 33.50 6.93
CA ASN T 93 63.28 32.47 7.97
C ASN T 93 64.03 31.19 7.64
N THR T 94 65.06 31.27 6.80
CA THR T 94 65.85 30.12 6.40
C THR T 94 67.22 30.10 7.06
N GLU T 95 67.96 31.20 7.00
CA GLU T 95 69.26 31.31 7.62
C GLU T 95 69.14 32.00 8.97
N TYR T 96 69.84 31.48 9.97
CA TYR T 96 69.77 31.98 11.32
C TYR T 96 70.92 32.93 11.59
N VAL T 97 70.66 33.93 12.45
CA VAL T 97 71.65 34.93 12.81
C VAL T 97 71.74 35.03 14.33
N PHE T 98 72.91 35.42 14.81
CA PHE T 98 73.19 35.59 16.22
C PHE T 98 73.58 37.04 16.50
N GLY T 99 73.52 37.39 17.78
CA GLY T 99 73.92 38.73 18.20
C GLY T 99 75.43 38.90 18.21
N THR T 100 75.85 40.16 18.32
CA THR T 100 77.27 40.46 18.35
C THR T 100 77.94 39.91 19.62
N GLY T 101 77.21 39.88 20.72
CA GLY T 101 77.75 39.38 21.97
C GLY T 101 77.97 40.47 23.00
N THR T 102 77.23 40.41 24.10
CA THR T 102 77.32 41.40 25.16
C THR T 102 78.09 40.80 26.34
N LYS T 103 79.14 41.49 26.77
CA LYS T 103 79.97 41.05 27.88
C LYS T 103 79.51 41.79 29.13
N VAL T 104 78.82 41.07 30.02
CA VAL T 104 78.36 41.66 31.27
C VAL T 104 79.53 41.70 32.26
N THR T 105 79.73 42.85 32.89
CA THR T 105 80.86 43.09 33.79
C THR T 105 80.31 43.46 35.16
N VAL T 106 80.38 42.52 36.10
CA VAL T 106 79.94 42.78 37.47
C VAL T 106 81.07 43.47 38.23
N LEU T 107 80.70 44.40 39.10
CA LEU T 107 81.69 45.14 39.87
C LEU T 107 81.62 44.80 41.36
#